data_7ZSS
#
_entry.id   7ZSS
#
_cell.length_a   1.00
_cell.length_b   1.00
_cell.length_c   1.00
_cell.angle_alpha   90.00
_cell.angle_beta   90.00
_cell.angle_gamma   90.00
#
_symmetry.space_group_name_H-M   'P 1'
#
loop_
_entity.id
_entity.type
_entity.pdbx_description
1 polymer 'Spike glycoprotein'
2 polymer 'de novo designed binder'
3 branched 2-acetamido-2-deoxy-beta-D-glucopyranose-(1-4)-2-acetamido-2-deoxy-beta-D-glucopyranose
4 non-polymer 2-acetamido-2-deoxy-beta-D-glucopyranose
#
loop_
_entity_poly.entity_id
_entity_poly.type
_entity_poly.pdbx_seq_one_letter_code
_entity_poly.pdbx_strand_id
1 'polypeptide(L)'
;MFVFLVLLPLVSSQCVNLTTRTQLPPAYTNSFTRGVYYPDKVFRSSVLHSTQDLFLPFFSNVTWFHAIHVSGTNGTKRFD
NPVLPFNDGVYFASTEKSNIIRGWIFGTTLDSKTQSLLIVNNATNVVIKVCEFQFCNDPFLGVYYHKNNKSWMESEFRVY
SSANNCTFEYVSQPFLMDLEGKQGNFKNLREFVFKNIDGYFKIYSKHTPINLVRDLPQGFSALEPLVDLPIGINITRFQT
LLALHRSYLTPGDSSSGWTAGAAAYYVGYLQPRTFLLKYNENGTITDAVDCALDPLSETKCTLKSFTVEKGIYQTSNFRV
QPTESIVRFPNITNLCPFGEVFNATRFASVYAWNRKRISNCVADYSVLYNSASFSTFKCYGVSPTKLNDLCFTNVYADSF
VIRGDEVRQIAPGQTGKIADYNYKLPDDFTGCVIAWNSNNLDSKVGGNYNYLYRLFRKSNLKPFERDISTEIYQAGSTPC
NGVEGFNCYFPLQSYGFQPTNGVGYQPYRVVVLSFELLHAPATVCGPKKSTNLVKNKCVNFNFNGLTGTGVLTESNKKFL
PFQQFGRDIADTTDAVRDPQTLEILDITPCSFGGVSVITPGTNTSNQVAVLYQGVNCTEVPVAIHADQLTPTWRVYSTGS
NVFQTRAGCLIGAEHVNNSYECDIPIGAGICASYQTQTNSPGSASSVASQSIIAYTMSLGAENSVAYSNNSIAIPTNFTI
SVTTEILPVSMTKTSVDCTMYICGDSTECSNLLLQYGSFCTQLNRALTGIAVEQDKNTQEVFAQVKQIYKTPPIKDFGGF
NFSQILPDPSKPSKRSFIEDLLFNKVTLADAGFIKQYGDCLGDIAARDLICAQKFNGLTVLPPLLTDEMIAQYTSALLAG
TITSGWTFGAGAALQIPFAMQMAYRFNGIGVTQNVLYENQKLIANQFNSAIGKIQDSLSSTASALGKLQDVVNQNAQALN
TLVKQLSSNFGAISSVLNDILSRLDPPEAEVQIDRLITGRLQSLQTYVTQQLIRAAEIRASANLAATKMSECVLGQSKRV
DFCGKGYHLMSFPQSAPHGVVFLHVTYVPAQEKNFTTAPAICHDGKAHFPREGVFVSNGTHWFVTQRNFYEPQIITTDNT
FVSGNCDVVIGIVNNTVYDPLQPELD
;
A,B,C
2 'polypeptide(L)' ETGASSTNMLEALQQRLQFYHGQVARAALENNSGKARRFGRIVKQYEDAIKLYKAGKPVPYDELPVPPGFGGSENLYFQ D,P,h
#
# COMPACT_ATOMS: atom_id res chain seq x y z
N ALA A 27 11.43 46.29 35.13
CA ALA A 27 12.36 45.22 35.51
C ALA A 27 12.01 43.93 34.78
N TYR A 28 13.03 43.15 34.44
CA TYR A 28 12.87 41.89 33.74
C TYR A 28 13.64 40.80 34.45
N THR A 29 13.16 39.56 34.31
CA THR A 29 13.78 38.41 34.93
C THR A 29 13.59 37.21 34.03
N ASN A 30 14.48 36.22 34.15
CA ASN A 30 14.44 35.01 33.35
C ASN A 30 13.74 33.91 34.12
N SER A 31 12.64 33.40 33.57
CA SER A 31 11.93 32.27 34.15
C SER A 31 12.64 31.00 33.70
N PHE A 32 13.40 30.40 34.61
CA PHE A 32 14.31 29.31 34.26
C PHE A 32 13.58 28.11 33.68
N THR A 33 12.78 27.43 34.49
CA THR A 33 12.04 26.26 34.01
C THR A 33 10.63 26.18 34.59
N ARG A 34 10.12 27.26 35.18
CA ARG A 34 8.82 27.23 35.82
C ARG A 34 7.71 27.32 34.76
N GLY A 35 6.48 27.10 35.20
CA GLY A 35 5.34 27.21 34.31
C GLY A 35 4.95 25.89 33.65
N VAL A 36 5.04 24.80 34.40
CA VAL A 36 4.66 23.48 33.92
C VAL A 36 3.61 22.90 34.87
N TYR A 37 2.55 22.33 34.30
CA TYR A 37 1.43 21.83 35.08
C TYR A 37 1.04 20.46 34.53
N TYR A 38 -0.10 19.95 34.99
CA TYR A 38 -0.62 18.69 34.52
C TYR A 38 -1.66 18.95 33.43
N PRO A 39 -1.37 18.64 32.16
CA PRO A 39 -2.29 19.01 31.08
C PRO A 39 -3.59 18.24 31.09
N ASP A 40 -3.64 17.08 31.72
CA ASP A 40 -4.83 16.24 31.74
C ASP A 40 -5.04 15.69 33.14
N LYS A 41 -6.17 14.99 33.31
CA LYS A 41 -6.54 14.38 34.58
C LYS A 41 -6.41 12.86 34.49
N VAL A 42 -5.36 12.39 33.84
CA VAL A 42 -5.11 10.96 33.64
C VAL A 42 -3.82 10.61 34.35
N PHE A 43 -3.88 9.61 35.22
CA PHE A 43 -2.69 9.16 35.95
C PHE A 43 -1.71 8.49 35.01
N ARG A 44 -0.42 8.69 35.27
CA ARG A 44 0.64 8.05 34.53
C ARG A 44 1.79 7.77 35.49
N SER A 45 2.61 6.78 35.13
CA SER A 45 3.72 6.39 35.99
C SER A 45 4.84 5.79 35.15
N SER A 46 6.05 6.35 35.28
CA SER A 46 7.23 5.87 34.58
C SER A 46 7.01 5.86 33.06
N VAL A 47 6.37 6.91 32.58
CA VAL A 47 6.07 7.05 31.16
C VAL A 47 6.57 8.40 30.69
N LEU A 48 7.31 8.40 29.58
CA LEU A 48 7.75 9.62 28.91
C LEU A 48 6.68 10.01 27.90
N HIS A 49 5.98 11.10 28.16
CA HIS A 49 4.84 11.50 27.34
C HIS A 49 5.08 12.89 26.78
N SER A 50 4.74 13.06 25.49
CA SER A 50 4.85 14.33 24.81
C SER A 50 3.45 14.92 24.64
N THR A 51 3.27 16.16 25.08
CA THR A 51 1.97 16.82 25.05
C THR A 51 2.12 18.16 24.34
N GLN A 52 1.14 18.49 23.50
CA GLN A 52 1.09 19.77 22.80
C GLN A 52 -0.04 20.59 23.41
N ASP A 53 0.33 21.64 24.14
CA ASP A 53 -0.64 22.50 24.81
C ASP A 53 0.04 23.83 25.11
N LEU A 54 -0.69 24.75 25.74
CA LEU A 54 -0.15 26.04 26.11
C LEU A 54 0.77 25.88 27.32
N PHE A 55 1.97 26.45 27.23
CA PHE A 55 2.93 26.36 28.31
C PHE A 55 3.78 27.63 28.32
N LEU A 56 4.41 27.87 29.46
CA LEU A 56 5.35 28.98 29.58
C LEU A 56 6.71 28.54 29.08
N PRO A 57 7.26 29.18 28.05
CA PRO A 57 8.54 28.73 27.48
C PRO A 57 9.67 28.79 28.50
N PHE A 58 10.57 27.82 28.40
CA PHE A 58 11.75 27.81 29.25
C PHE A 58 12.66 28.97 28.92
N PHE A 59 13.24 29.58 29.96
CA PHE A 59 14.15 30.70 29.81
C PHE A 59 13.50 31.84 29.02
N SER A 60 12.37 32.31 29.54
CA SER A 60 11.60 33.39 28.94
C SER A 60 11.73 34.65 29.79
N ASN A 61 11.35 35.77 29.20
CA ASN A 61 11.42 37.06 29.88
C ASN A 61 10.10 37.32 30.59
N VAL A 62 10.16 37.44 31.92
CA VAL A 62 8.99 37.68 32.75
C VAL A 62 9.17 39.03 33.44
N THR A 63 8.16 39.88 33.36
CA THR A 63 8.24 41.22 33.94
C THR A 63 8.20 41.14 35.45
N TRP A 64 8.77 42.15 36.10
CA TRP A 64 8.84 42.23 37.56
C TRP A 64 8.19 43.54 37.98
N PHE A 65 6.94 43.44 38.45
CA PHE A 65 6.21 44.61 38.90
C PHE A 65 6.41 44.81 40.40
N HIS A 66 6.39 46.07 40.82
CA HIS A 66 6.58 46.44 42.21
C HIS A 66 5.31 47.11 42.74
N ALA A 67 4.82 46.60 43.87
CA ALA A 67 3.61 47.13 44.50
C ALA A 67 4.02 48.08 45.63
N ILE A 68 4.63 49.19 45.24
CA ILE A 68 5.08 50.23 46.16
C ILE A 68 4.67 51.58 45.60
N HIS A 69 5.01 52.64 46.33
CA HIS A 69 4.69 54.00 45.92
C HIS A 69 5.52 54.41 44.70
N ASP A 80 2.21 49.72 41.77
CA ASP A 80 1.89 49.66 40.35
C ASP A 80 0.79 48.63 40.09
N ASN A 81 -0.37 49.11 39.64
CA ASN A 81 -1.51 48.27 39.33
C ASN A 81 -2.01 48.60 37.93
N PRO A 82 -1.25 48.22 36.90
CA PRO A 82 -1.67 48.56 35.53
C PRO A 82 -2.64 47.54 34.97
N VAL A 83 -3.22 47.84 33.81
CA VAL A 83 -4.13 46.93 33.14
C VAL A 83 -3.32 46.07 32.18
N LEU A 84 -3.16 44.79 32.51
CA LEU A 84 -2.33 43.88 31.74
C LEU A 84 -3.20 43.02 30.83
N PRO A 85 -2.87 42.91 29.54
CA PRO A 85 -3.65 42.06 28.65
C PRO A 85 -3.56 40.60 29.05
N PHE A 86 -4.66 39.87 28.81
CA PHE A 86 -4.67 38.44 29.09
C PHE A 86 -3.90 37.68 28.02
N ASN A 87 -4.37 37.74 26.78
CA ASN A 87 -3.65 37.23 25.61
C ASN A 87 -3.31 35.74 25.76
N ASP A 88 -4.38 34.93 25.77
CA ASP A 88 -4.26 33.47 25.74
C ASP A 88 -3.44 32.95 26.92
N GLY A 89 -3.94 33.19 28.13
CA GLY A 89 -3.34 32.64 29.33
C GLY A 89 -2.16 33.43 29.85
N VAL A 90 -2.02 33.49 31.17
CA VAL A 90 -0.96 34.23 31.83
C VAL A 90 -0.34 33.35 32.92
N TYR A 91 0.85 33.74 33.34
CA TYR A 91 1.54 33.12 34.47
C TYR A 91 1.69 34.14 35.58
N PHE A 92 1.42 33.71 36.81
CA PHE A 92 1.42 34.60 37.96
C PHE A 92 2.21 33.97 39.10
N ALA A 93 2.78 34.83 39.95
CA ALA A 93 3.51 34.39 41.12
C ALA A 93 3.42 35.48 42.18
N SER A 94 3.91 35.16 43.38
CA SER A 94 3.88 36.12 44.48
C SER A 94 4.90 35.70 45.53
N THR A 95 5.45 36.68 46.24
CA THR A 95 6.43 36.44 47.29
C THR A 95 6.21 37.35 48.49
N GLU A 96 4.97 37.76 48.72
CA GLU A 96 4.66 38.72 49.77
C GLU A 96 4.07 37.99 50.98
N LYS A 97 4.75 38.10 52.13
CA LYS A 97 4.23 37.47 53.34
C LYS A 97 3.09 38.26 53.94
N SER A 98 3.13 39.59 53.84
CA SER A 98 2.03 40.40 54.32
C SER A 98 0.78 40.16 53.47
N ASN A 99 -0.36 40.14 54.14
CA ASN A 99 -1.64 39.81 53.51
C ASN A 99 -2.14 41.06 52.80
N ILE A 100 -1.60 41.33 51.61
CA ILE A 100 -2.03 42.44 50.77
C ILE A 100 -2.50 41.96 49.40
N ILE A 101 -1.74 41.06 48.79
CA ILE A 101 -2.15 40.48 47.52
C ILE A 101 -3.33 39.54 47.79
N ARG A 102 -4.49 39.85 47.21
CA ARG A 102 -5.71 39.11 47.49
C ARG A 102 -6.26 38.41 46.25
N GLY A 103 -6.57 39.15 45.19
CA GLY A 103 -7.25 38.59 44.04
C GLY A 103 -6.92 39.35 42.77
N TRP A 104 -7.71 39.05 41.73
CA TRP A 104 -7.51 39.62 40.41
C TRP A 104 -8.85 39.99 39.81
N ILE A 105 -8.86 41.01 38.98
CA ILE A 105 -10.06 41.44 38.26
C ILE A 105 -9.81 41.27 36.78
N PHE A 106 -10.80 40.76 36.05
CA PHE A 106 -10.68 40.47 34.64
C PHE A 106 -11.70 41.28 33.85
N GLY A 107 -11.80 40.97 32.57
CA GLY A 107 -12.82 41.59 31.73
C GLY A 107 -12.22 42.09 30.43
N THR A 108 -13.10 42.64 29.60
CA THR A 108 -12.70 43.26 28.35
C THR A 108 -12.99 44.75 28.28
N THR A 109 -13.92 45.26 29.09
CA THR A 109 -14.23 46.68 29.12
C THR A 109 -14.10 47.31 30.49
N LEU A 110 -13.99 46.52 31.56
CA LEU A 110 -13.87 47.04 32.93
C LEU A 110 -15.03 47.97 33.27
N ASP A 111 -16.23 47.58 32.86
CA ASP A 111 -17.43 48.36 33.10
C ASP A 111 -18.62 47.43 33.27
N SER A 112 -19.70 47.97 33.83
CA SER A 112 -20.91 47.18 34.01
C SER A 112 -21.59 46.84 32.70
N LYS A 113 -21.16 47.43 31.58
CA LYS A 113 -21.74 47.11 30.29
C LYS A 113 -21.49 45.65 29.92
N THR A 114 -20.31 45.12 30.26
CA THR A 114 -19.93 43.76 29.92
C THR A 114 -19.50 43.03 31.19
N GLN A 115 -19.76 41.72 31.22
CA GLN A 115 -19.41 40.91 32.37
C GLN A 115 -17.90 40.91 32.60
N SER A 116 -17.51 40.84 33.87
CA SER A 116 -16.09 40.85 34.24
C SER A 116 -15.89 39.95 35.45
N LEU A 117 -15.06 38.93 35.30
CA LEU A 117 -14.79 38.02 36.40
C LEU A 117 -14.02 38.76 37.51
N LEU A 118 -14.28 38.36 38.75
CA LEU A 118 -13.69 39.00 39.91
C LEU A 118 -13.49 37.98 41.02
N ILE A 119 -12.35 38.08 41.69
CA ILE A 119 -11.99 37.18 42.79
C ILE A 119 -11.59 38.03 43.98
N VAL A 120 -12.16 37.71 45.14
CA VAL A 120 -11.81 38.37 46.40
C VAL A 120 -11.59 37.30 47.46
N ASN A 121 -10.50 37.45 48.22
CA ASN A 121 -10.17 36.55 49.32
C ASN A 121 -10.41 37.25 50.64
N ASN A 122 -11.14 36.58 51.54
CA ASN A 122 -11.44 37.12 52.85
C ASN A 122 -10.53 36.55 53.94
N ALA A 123 -9.35 36.06 53.56
CA ALA A 123 -8.32 35.49 54.43
C ALA A 123 -8.73 34.15 55.03
N THR A 124 -9.97 33.71 54.85
CA THR A 124 -10.42 32.39 55.28
C THR A 124 -11.27 31.67 54.24
N ASN A 125 -11.73 32.36 53.20
CA ASN A 125 -12.68 31.81 52.23
C ASN A 125 -12.75 32.76 51.04
N VAL A 126 -12.74 32.16 49.84
CA VAL A 126 -12.67 32.92 48.59
C VAL A 126 -14.06 33.01 48.00
N VAL A 127 -14.31 34.08 47.24
CA VAL A 127 -15.59 34.30 46.57
C VAL A 127 -15.32 34.64 45.12
N ILE A 128 -16.12 34.05 44.22
CA ILE A 128 -15.99 34.27 42.78
C ILE A 128 -17.30 34.88 42.31
N LYS A 129 -17.21 36.05 41.67
CA LYS A 129 -18.38 36.72 41.11
C LYS A 129 -18.07 37.14 39.68
N VAL A 130 -18.98 36.82 38.76
CA VAL A 130 -18.89 37.25 37.38
C VAL A 130 -19.88 38.38 37.08
N CYS A 131 -20.56 38.88 38.10
CA CYS A 131 -21.55 39.93 37.91
C CYS A 131 -20.91 41.21 37.40
N GLU A 132 -21.68 41.97 36.63
CA GLU A 132 -21.17 43.21 36.06
C GLU A 132 -20.92 44.24 37.16
N PHE A 133 -19.72 44.83 37.16
CA PHE A 133 -19.37 45.91 38.07
C PHE A 133 -19.04 47.15 37.26
N GLN A 134 -19.48 48.30 37.75
CA GLN A 134 -19.17 49.56 37.10
C GLN A 134 -17.69 49.87 37.23
N PHE A 135 -17.21 50.76 36.36
CA PHE A 135 -15.79 51.07 36.30
C PHE A 135 -15.33 51.78 37.58
N CYS A 136 -14.15 51.40 38.05
CA CYS A 136 -13.53 52.04 39.20
C CYS A 136 -12.08 52.35 38.84
N ASN A 137 -11.65 53.58 39.14
CA ASN A 137 -10.29 54.00 38.80
C ASN A 137 -9.26 53.21 39.60
N ASP A 138 -9.31 53.31 40.92
CA ASP A 138 -8.40 52.59 41.81
C ASP A 138 -9.20 51.69 42.73
N PRO A 139 -9.27 50.38 42.47
CA PRO A 139 -10.00 49.48 43.37
C PRO A 139 -9.40 49.47 44.76
N PHE A 140 -10.27 49.38 45.75
CA PHE A 140 -9.87 49.38 47.15
C PHE A 140 -10.30 48.08 47.82
N LEU A 141 -9.64 47.75 48.92
CA LEU A 141 -9.97 46.56 49.70
C LEU A 141 -9.85 46.90 51.17
N GLY A 142 -10.81 46.42 51.96
CA GLY A 142 -10.81 46.67 53.39
C GLY A 142 -11.41 45.53 54.19
N VAL A 143 -10.66 45.06 55.18
CA VAL A 143 -11.11 43.95 56.01
C VAL A 143 -11.00 44.33 57.48
N VAL A 159 -15.31 49.81 44.12
CA VAL A 159 -15.28 48.44 43.63
C VAL A 159 -16.70 47.92 43.42
N TYR A 160 -17.38 47.59 44.52
CA TYR A 160 -18.76 47.11 44.45
C TYR A 160 -19.69 48.30 44.29
N SER A 161 -20.19 48.50 43.07
CA SER A 161 -21.10 49.61 42.77
C SER A 161 -22.32 49.20 41.97
N SER A 162 -22.30 48.07 41.28
CA SER A 162 -23.47 47.61 40.53
C SER A 162 -23.55 46.09 40.66
N ALA A 163 -24.78 45.58 40.53
CA ALA A 163 -25.04 44.15 40.60
C ALA A 163 -26.03 43.74 39.52
N ASN A 164 -25.89 44.32 38.34
CA ASN A 164 -26.79 44.01 37.22
C ASN A 164 -26.44 42.66 36.61
N ASN A 165 -27.45 41.80 36.49
CA ASN A 165 -27.32 40.50 35.84
C ASN A 165 -26.19 39.67 36.46
N CYS A 166 -26.34 39.36 37.75
CA CYS A 166 -25.39 38.50 38.42
C CYS A 166 -25.65 37.05 38.05
N THR A 167 -25.01 36.58 36.98
CA THR A 167 -25.32 35.27 36.41
C THR A 167 -24.67 34.11 37.14
N PHE A 168 -23.67 34.35 37.98
CA PHE A 168 -23.00 33.26 38.66
C PHE A 168 -22.36 33.78 39.94
N GLU A 169 -22.20 32.86 40.90
CA GLU A 169 -21.52 33.15 42.15
C GLU A 169 -20.93 31.84 42.67
N TYR A 170 -19.76 31.94 43.28
CA TYR A 170 -19.04 30.78 43.78
C TYR A 170 -18.38 31.12 45.11
N VAL A 171 -18.48 30.19 46.06
CA VAL A 171 -17.86 30.33 47.38
C VAL A 171 -17.07 29.06 47.66
N SER A 172 -15.82 29.22 48.09
CA SER A 172 -14.98 28.09 48.43
C SER A 172 -13.97 28.55 49.49
N GLN A 173 -12.98 27.71 49.75
CA GLN A 173 -11.96 28.00 50.75
C GLN A 173 -10.98 29.04 50.24
N PHE A 186 13.92 31.89 53.66
CA PHE A 186 13.09 31.55 52.51
C PHE A 186 11.61 31.72 52.83
N LYS A 187 10.83 32.08 51.82
CA LYS A 187 9.40 32.29 51.97
C LYS A 187 8.68 31.59 50.83
N ASN A 188 7.42 31.23 51.08
CA ASN A 188 6.63 30.50 50.10
C ASN A 188 6.29 31.39 48.91
N LEU A 189 6.29 30.79 47.72
CA LEU A 189 5.89 31.45 46.49
C LEU A 189 4.56 30.87 46.04
N ARG A 190 3.55 31.73 45.91
CA ARG A 190 2.23 31.32 45.44
C ARG A 190 2.18 31.49 43.93
N GLU A 191 2.42 30.41 43.21
CA GLU A 191 2.42 30.41 41.76
C GLU A 191 1.04 30.05 41.22
N PHE A 192 0.63 30.75 40.16
CA PHE A 192 -0.69 30.52 39.58
C PHE A 192 -0.59 30.58 38.06
N VAL A 193 -1.30 29.68 37.39
CA VAL A 193 -1.42 29.67 35.94
C VAL A 193 -2.90 29.79 35.59
N PHE A 194 -3.24 30.73 34.72
CA PHE A 194 -4.61 30.96 34.33
C PHE A 194 -4.80 30.63 32.85
N LYS A 195 -5.99 30.14 32.53
CA LYS A 195 -6.31 29.77 31.15
C LYS A 195 -7.81 29.94 30.92
N ASN A 196 -8.16 30.28 29.69
CA ASN A 196 -9.56 30.48 29.32
C ASN A 196 -9.75 29.85 27.94
N ILE A 197 -10.19 28.59 27.92
CA ILE A 197 -10.34 27.84 26.68
C ILE A 197 -11.77 27.32 26.60
N ASP A 198 -12.38 27.47 25.42
CA ASP A 198 -13.76 27.03 25.13
C ASP A 198 -14.73 27.40 26.26
N GLY A 199 -14.56 28.59 26.80
CA GLY A 199 -15.45 29.09 27.83
C GLY A 199 -15.16 28.58 29.23
N TYR A 200 -14.11 27.80 29.42
CA TYR A 200 -13.75 27.27 30.73
C TYR A 200 -12.51 28.00 31.23
N PHE A 201 -12.59 28.52 32.45
CA PHE A 201 -11.49 29.25 33.08
C PHE A 201 -10.84 28.34 34.09
N LYS A 202 -9.61 27.92 33.82
CA LYS A 202 -8.91 26.94 34.64
C LYS A 202 -7.89 27.64 35.53
N ILE A 203 -7.79 27.17 36.77
CA ILE A 203 -6.89 27.73 37.76
C ILE A 203 -5.93 26.65 38.22
N TYR A 204 -4.63 26.95 38.16
CA TYR A 204 -3.58 26.10 38.69
C TYR A 204 -2.90 26.82 39.84
N SER A 205 -2.24 26.06 40.72
CA SER A 205 -1.68 26.66 41.91
C SER A 205 -0.54 25.79 42.44
N LYS A 206 0.29 26.41 43.27
CA LYS A 206 1.40 25.76 43.96
C LYS A 206 1.90 26.73 45.02
N HIS A 207 2.39 26.18 46.13
CA HIS A 207 2.76 27.03 47.25
C HIS A 207 4.21 26.90 47.67
N THR A 208 4.79 25.70 47.62
CA THR A 208 6.13 25.45 48.15
C THR A 208 7.10 25.14 47.02
N PRO A 209 7.90 26.11 46.57
CA PRO A 209 8.92 25.81 45.56
C PRO A 209 10.25 25.40 46.20
N ILE A 210 11.26 25.18 45.37
CA ILE A 210 12.60 24.85 45.83
C ILE A 210 13.42 26.13 45.91
N ASN A 211 14.08 26.36 47.05
CA ASN A 211 14.85 27.58 47.27
C ASN A 211 16.28 27.38 46.78
N LEU A 212 16.48 27.60 45.48
CA LEU A 212 17.83 27.62 44.93
C LEU A 212 18.56 28.89 45.37
N VAL A 213 18.03 30.05 44.98
CA VAL A 213 18.53 31.35 45.44
C VAL A 213 17.32 32.20 45.81
N ARG A 214 17.60 33.36 46.39
CA ARG A 214 16.55 34.27 46.83
C ARG A 214 16.25 35.30 45.75
N ASP A 215 15.06 35.90 45.85
CA ASP A 215 14.56 36.96 44.99
C ASP A 215 14.29 36.52 43.56
N LEU A 216 14.53 35.25 43.23
CA LEU A 216 14.29 34.75 41.89
C LEU A 216 13.57 33.41 41.95
N PRO A 217 12.69 33.13 40.99
CA PRO A 217 11.93 31.86 40.98
C PRO A 217 12.62 30.70 40.26
N GLN A 218 13.57 30.07 40.95
CA GLN A 218 14.26 28.90 40.41
C GLN A 218 13.54 27.63 40.85
N GLY A 219 14.16 26.48 40.60
CA GLY A 219 13.59 25.20 40.96
C GLY A 219 12.62 24.67 39.93
N PHE A 220 12.19 23.43 40.16
CA PHE A 220 11.23 22.76 39.29
C PHE A 220 10.05 22.26 40.12
N SER A 221 8.84 22.54 39.66
CA SER A 221 7.64 22.07 40.34
C SER A 221 6.48 22.08 39.35
N ALA A 222 5.47 21.27 39.65
CA ALA A 222 4.26 21.18 38.84
C ALA A 222 3.11 21.90 39.54
N LEU A 223 2.08 22.22 38.76
CA LEU A 223 0.94 22.99 39.24
C LEU A 223 -0.32 22.17 39.03
N GLU A 224 -0.85 21.59 40.12
CA GLU A 224 -2.05 20.79 40.02
C GLU A 224 -3.27 21.66 39.70
N PRO A 225 -4.25 21.12 38.98
CA PRO A 225 -5.45 21.90 38.66
C PRO A 225 -6.30 22.15 39.90
N LEU A 226 -6.47 23.42 40.24
CA LEU A 226 -7.18 23.77 41.48
C LEU A 226 -8.69 23.76 41.27
N VAL A 227 -9.19 24.67 40.44
CA VAL A 227 -10.63 24.84 40.24
C VAL A 227 -10.87 25.15 38.76
N ASP A 228 -11.99 24.65 38.24
CA ASP A 228 -12.42 24.95 36.88
C ASP A 228 -13.75 25.70 36.93
N LEU A 229 -13.88 26.73 36.09
CA LEU A 229 -15.08 27.55 36.05
C LEU A 229 -15.71 27.49 34.67
N PRO A 230 -16.94 26.99 34.54
CA PRO A 230 -17.67 27.05 33.25
C PRO A 230 -18.40 28.38 33.07
N ILE A 231 -17.64 29.40 32.66
CA ILE A 231 -18.16 30.76 32.60
C ILE A 231 -18.60 31.11 31.18
N GLY A 232 -17.65 31.10 30.24
CA GLY A 232 -17.94 31.53 28.89
C GLY A 232 -17.89 33.04 28.74
N ILE A 233 -16.72 33.62 28.99
CA ILE A 233 -16.52 35.06 28.93
C ILE A 233 -15.28 35.35 28.09
N ASN A 234 -15.26 36.53 27.46
CA ASN A 234 -14.21 36.85 26.50
C ASN A 234 -12.86 37.01 27.19
N ILE A 235 -12.74 38.02 28.06
CA ILE A 235 -11.53 38.35 28.81
C ILE A 235 -10.40 38.71 27.86
N THR A 236 -10.02 40.00 27.85
CA THR A 236 -8.87 40.46 27.09
C THR A 236 -7.85 41.23 27.92
N ARG A 237 -8.22 41.68 29.12
CA ARG A 237 -7.30 42.40 29.99
C ARG A 237 -7.59 41.98 31.44
N PHE A 238 -6.58 42.14 32.28
CA PHE A 238 -6.74 41.79 33.69
C PHE A 238 -5.87 42.69 34.54
N GLN A 239 -6.25 42.83 35.81
CA GLN A 239 -5.54 43.67 36.76
C GLN A 239 -5.58 43.01 38.12
N THR A 240 -4.47 43.09 38.85
CA THR A 240 -4.40 42.48 40.17
C THR A 240 -5.13 43.35 41.20
N LEU A 241 -5.16 42.87 42.45
CA LEU A 241 -5.82 43.57 43.55
C LEU A 241 -4.90 43.65 44.75
N LEU A 242 -5.03 44.73 45.50
CA LEU A 242 -4.19 45.00 46.66
C LEU A 242 -5.03 45.70 47.74
N ALA A 243 -4.52 45.66 48.97
CA ALA A 243 -5.20 46.28 50.10
C ALA A 243 -4.40 47.51 50.54
N LEU A 244 -4.76 48.65 49.94
CA LEU A 244 -4.12 49.91 50.29
C LEU A 244 -4.66 50.42 51.63
N HIS A 245 -4.03 51.49 52.13
CA HIS A 245 -4.41 52.05 53.41
C HIS A 245 -4.73 53.54 53.29
N ALA A 264 5.65 42.67 45.29
CA ALA A 264 6.36 42.30 44.08
C ALA A 264 5.84 40.97 43.52
N TYR A 265 5.47 40.97 42.24
CA TYR A 265 4.96 39.77 41.60
C TYR A 265 5.43 39.72 40.15
N TYR A 266 5.47 38.52 39.60
CA TYR A 266 5.95 38.28 38.24
C TYR A 266 4.80 37.84 37.36
N VAL A 267 4.80 38.31 36.12
CA VAL A 267 3.74 38.02 35.16
C VAL A 267 4.36 37.52 33.85
N GLY A 268 4.03 36.28 33.48
CA GLY A 268 4.50 35.72 32.23
C GLY A 268 3.38 35.42 31.27
N TYR A 269 3.69 34.86 30.10
CA TYR A 269 2.69 34.63 29.07
C TYR A 269 2.84 33.21 28.53
N LEU A 270 1.75 32.70 27.95
CA LEU A 270 1.70 31.34 27.44
C LEU A 270 1.54 31.34 25.93
N GLN A 271 2.23 30.42 25.27
CA GLN A 271 2.18 30.28 23.82
C GLN A 271 2.01 28.80 23.47
N PRO A 272 1.50 28.50 22.26
CA PRO A 272 1.27 27.09 21.89
C PRO A 272 2.55 26.33 21.56
N ARG A 273 3.22 25.82 22.59
CA ARG A 273 4.43 25.05 22.43
C ARG A 273 4.15 23.56 22.62
N THR A 274 5.20 22.75 22.57
CA THR A 274 5.11 21.31 22.81
C THR A 274 6.12 20.95 23.88
N PHE A 275 5.73 20.03 24.76
CA PHE A 275 6.56 19.67 25.91
C PHE A 275 6.66 18.15 26.02
N LEU A 276 7.80 17.68 26.51
CA LEU A 276 8.01 16.28 26.83
C LEU A 276 8.14 16.15 28.34
N LEU A 277 7.26 15.36 28.95
CA LEU A 277 7.14 15.28 30.39
C LEU A 277 7.58 13.89 30.86
N LYS A 278 8.35 13.86 31.94
CA LYS A 278 8.85 12.62 32.52
C LYS A 278 8.09 12.36 33.81
N TYR A 279 7.16 11.42 33.78
CA TYR A 279 6.36 11.08 34.95
C TYR A 279 7.15 10.17 35.89
N ASN A 280 7.09 10.49 37.18
CA ASN A 280 7.76 9.67 38.18
C ASN A 280 6.96 8.40 38.44
N GLU A 281 7.56 7.47 39.17
CA GLU A 281 6.89 6.22 39.49
C GLU A 281 5.66 6.46 40.35
N ASN A 282 5.73 7.41 41.28
CA ASN A 282 4.57 7.73 42.11
C ASN A 282 3.50 8.43 41.31
N GLY A 283 3.87 9.03 40.18
CA GLY A 283 2.89 9.67 39.32
C GLY A 283 3.12 11.15 39.11
N THR A 284 4.02 11.74 39.90
CA THR A 284 4.31 13.16 39.79
C THR A 284 5.24 13.42 38.61
N ILE A 285 5.25 14.68 38.17
CA ILE A 285 6.13 15.12 37.09
C ILE A 285 7.43 15.59 37.71
N THR A 286 8.55 14.98 37.29
CA THR A 286 9.85 15.29 37.87
C THR A 286 10.77 16.05 36.93
N ASP A 287 10.52 16.05 35.63
CA ASP A 287 11.36 16.77 34.69
C ASP A 287 10.58 16.98 33.40
N ALA A 288 10.84 18.10 32.73
CA ALA A 288 10.22 18.43 31.46
C ALA A 288 11.24 19.08 30.54
N VAL A 289 11.00 18.98 29.23
CA VAL A 289 11.90 19.51 28.22
C VAL A 289 11.06 20.26 27.19
N ASP A 290 11.40 21.53 26.97
CA ASP A 290 10.79 22.29 25.89
C ASP A 290 11.24 21.72 24.55
N CYS A 291 10.39 21.86 23.54
CA CYS A 291 10.59 21.15 22.28
C CYS A 291 11.05 22.05 21.14
N ALA A 292 11.03 23.37 21.32
CA ALA A 292 11.50 24.30 20.29
C ALA A 292 12.36 25.37 20.92
N LEU A 293 13.21 24.96 21.86
CA LEU A 293 14.15 25.87 22.53
C LEU A 293 15.54 25.79 21.94
N ASP A 294 16.07 24.58 21.73
CA ASP A 294 17.43 24.38 21.25
C ASP A 294 17.42 23.19 20.29
N PRO A 295 18.44 23.06 19.43
CA PRO A 295 18.54 21.87 18.59
C PRO A 295 18.62 20.59 19.41
N LEU A 296 19.27 20.67 20.57
CA LEU A 296 19.28 19.54 21.48
C LEU A 296 17.87 19.19 21.94
N SER A 297 17.03 20.20 22.16
CA SER A 297 15.65 19.94 22.54
C SER A 297 14.90 19.20 21.43
N GLU A 298 15.09 19.61 20.18
CA GLU A 298 14.46 18.90 19.07
C GLU A 298 14.98 17.48 18.96
N THR A 299 16.28 17.28 19.20
CA THR A 299 16.84 15.93 19.19
C THR A 299 16.19 15.06 20.27
N LYS A 300 16.02 15.61 21.47
CA LYS A 300 15.38 14.87 22.54
C LYS A 300 13.92 14.55 22.20
N CYS A 301 13.22 15.51 21.58
CA CYS A 301 11.84 15.27 21.18
C CYS A 301 11.76 14.14 20.16
N THR A 302 12.56 14.21 19.10
CA THR A 302 12.51 13.20 18.05
C THR A 302 12.92 11.83 18.59
N LEU A 303 13.94 11.79 19.44
CA LEU A 303 14.36 10.54 20.05
C LEU A 303 13.40 10.10 21.15
N LYS A 304 12.52 10.99 21.61
CA LYS A 304 11.57 10.70 22.68
C LYS A 304 12.28 10.17 23.93
N SER A 305 13.37 10.83 24.29
CA SER A 305 14.13 10.45 25.47
C SER A 305 14.81 11.70 26.04
N PHE A 306 15.17 11.62 27.32
CA PHE A 306 15.82 12.71 28.02
C PHE A 306 17.33 12.66 27.93
N THR A 307 17.90 11.61 27.34
CA THR A 307 19.33 11.48 27.17
C THR A 307 19.65 11.10 25.73
N VAL A 308 20.74 11.66 25.22
CA VAL A 308 21.17 11.44 23.84
C VAL A 308 22.62 10.99 23.85
N GLU A 309 22.92 9.97 23.06
CA GLU A 309 24.27 9.46 22.91
C GLU A 309 24.92 10.09 21.69
N LYS A 310 26.23 9.83 21.54
CA LYS A 310 26.99 10.42 20.45
C LYS A 310 26.46 9.94 19.10
N GLY A 311 26.46 10.85 18.13
CA GLY A 311 26.04 10.52 16.79
C GLY A 311 25.40 11.72 16.11
N ILE A 312 24.78 11.45 14.97
CA ILE A 312 24.08 12.45 14.18
C ILE A 312 22.65 11.96 13.96
N TYR A 313 21.69 12.85 14.16
CA TYR A 313 20.27 12.51 14.09
C TYR A 313 19.54 13.53 13.23
N GLN A 314 18.63 13.05 12.39
CA GLN A 314 17.78 13.94 11.61
C GLN A 314 16.57 14.31 12.46
N THR A 315 16.37 15.62 12.65
CA THR A 315 15.31 16.09 13.54
C THR A 315 14.11 16.67 12.81
N SER A 316 14.31 17.41 11.73
CA SER A 316 13.21 18.06 11.04
C SER A 316 13.65 18.33 9.60
N ASN A 317 12.87 19.13 8.88
CA ASN A 317 13.15 19.47 7.50
C ASN A 317 13.10 20.98 7.34
N PHE A 318 13.88 21.49 6.39
CA PHE A 318 13.99 22.92 6.12
C PHE A 318 13.39 23.19 4.75
N ARG A 319 12.43 24.10 4.69
CA ARG A 319 11.74 24.44 3.45
C ARG A 319 11.70 25.96 3.30
N VAL A 320 12.10 26.45 2.13
CA VAL A 320 11.98 27.87 1.85
C VAL A 320 10.56 28.17 1.39
N GLN A 321 9.90 29.09 2.06
CA GLN A 321 8.53 29.40 1.71
C GLN A 321 8.46 30.51 0.67
N PRO A 322 7.42 30.51 -0.16
CA PRO A 322 7.30 31.56 -1.18
C PRO A 322 7.10 32.93 -0.57
N THR A 323 7.58 33.95 -1.27
CA THR A 323 7.53 35.33 -0.80
C THR A 323 6.32 36.07 -1.32
N GLU A 324 6.14 36.14 -2.63
CA GLU A 324 5.01 36.83 -3.24
C GLU A 324 4.50 36.00 -4.41
N SER A 325 3.59 36.60 -5.18
CA SER A 325 2.99 35.94 -6.34
C SER A 325 3.05 36.86 -7.55
N ILE A 326 3.18 36.27 -8.73
CA ILE A 326 3.21 37.00 -9.99
C ILE A 326 2.31 36.32 -10.98
N VAL A 327 1.59 37.10 -11.78
CA VAL A 327 0.75 36.60 -12.86
C VAL A 327 1.07 37.38 -14.12
N ARG A 328 1.21 36.68 -15.24
CA ARG A 328 1.52 37.31 -16.52
C ARG A 328 0.58 36.78 -17.60
N PHE A 329 0.39 37.59 -18.63
CA PHE A 329 -0.57 37.30 -19.69
C PHE A 329 -0.12 37.99 -20.97
N PRO A 330 -0.72 37.69 -22.12
CA PRO A 330 -0.26 38.27 -23.40
C PRO A 330 -0.03 39.78 -23.32
N ASN A 331 0.97 40.22 -24.10
CA ASN A 331 1.45 41.60 -23.99
C ASN A 331 0.36 42.61 -24.30
N ILE A 332 -0.35 42.42 -25.40
CA ILE A 332 -1.33 43.38 -25.85
C ILE A 332 -2.72 42.88 -25.53
N THR A 333 -3.71 43.78 -25.59
CA THR A 333 -5.11 43.41 -25.42
C THR A 333 -5.82 43.82 -26.71
N ASN A 334 -6.44 42.85 -27.38
CA ASN A 334 -7.07 43.11 -28.66
C ASN A 334 -8.31 43.98 -28.49
N LEU A 335 -8.20 45.25 -28.83
CA LEU A 335 -9.34 46.17 -28.73
C LEU A 335 -9.75 46.67 -30.11
N CYS A 336 -15.21 45.72 -27.72
CA CYS A 336 -14.16 46.53 -28.32
C CYS A 336 -14.73 47.69 -29.13
N PRO A 337 -15.75 47.44 -29.97
CA PRO A 337 -16.39 48.56 -30.68
C PRO A 337 -17.35 49.36 -29.82
N PHE A 338 -17.33 49.18 -28.50
CA PHE A 338 -18.23 49.93 -27.63
C PHE A 338 -18.08 51.43 -27.83
N GLY A 339 -16.87 51.88 -28.19
CA GLY A 339 -16.65 53.30 -28.46
C GLY A 339 -17.41 53.83 -29.65
N GLU A 340 -17.67 53.00 -30.66
CA GLU A 340 -18.45 53.43 -31.82
C GLU A 340 -19.90 52.98 -31.75
N VAL A 341 -20.24 52.08 -30.84
CA VAL A 341 -21.63 51.68 -30.61
C VAL A 341 -22.33 52.64 -29.67
N PHE A 342 -21.65 53.08 -28.61
CA PHE A 342 -22.23 54.03 -27.67
C PHE A 342 -22.13 55.45 -28.21
N ASN A 343 -20.92 55.88 -28.59
CA ASN A 343 -20.68 57.22 -29.11
C ASN A 343 -20.82 57.29 -30.63
N ALA A 344 -21.96 56.90 -31.17
CA ALA A 344 -22.18 56.98 -32.61
C ALA A 344 -22.96 58.25 -32.96
N THR A 345 -22.91 58.62 -34.23
CA THR A 345 -23.58 59.85 -34.68
C THR A 345 -25.10 59.73 -34.57
N ARG A 346 -25.66 58.65 -35.11
CA ARG A 346 -27.11 58.50 -35.16
C ARG A 346 -27.49 57.07 -34.80
N PHE A 347 -28.64 56.90 -34.16
CA PHE A 347 -29.19 55.60 -33.84
C PHE A 347 -30.49 55.40 -34.61
N ALA A 348 -30.96 54.16 -34.64
CA ALA A 348 -32.24 53.85 -35.24
C ALA A 348 -33.40 54.22 -34.31
N SER A 349 -34.61 54.17 -34.84
CA SER A 349 -35.79 54.49 -34.06
C SER A 349 -36.20 53.29 -33.20
N VAL A 350 -37.39 53.39 -32.61
CA VAL A 350 -37.87 52.34 -31.73
C VAL A 350 -38.25 51.09 -32.51
N TYR A 351 -38.93 51.27 -33.65
CA TYR A 351 -39.46 50.12 -34.38
C TYR A 351 -38.35 49.22 -34.93
N ALA A 352 -37.18 49.79 -35.15
CA ALA A 352 -36.02 49.03 -35.60
C ALA A 352 -34.93 49.08 -34.53
N TRP A 353 -33.83 48.37 -34.78
CA TRP A 353 -32.65 48.45 -33.91
C TRP A 353 -31.44 47.83 -34.59
N ASN A 354 -30.29 48.49 -34.46
CA ASN A 354 -29.05 48.03 -35.09
C ASN A 354 -28.40 47.00 -34.18
N ARG A 355 -28.50 45.74 -34.56
CA ARG A 355 -27.81 44.68 -33.83
C ARG A 355 -26.47 44.39 -34.48
N LYS A 356 -25.43 44.36 -33.65
CA LYS A 356 -24.05 44.29 -34.13
C LYS A 356 -23.36 43.10 -33.49
N ARG A 357 -22.34 42.60 -34.18
CA ARG A 357 -21.59 41.43 -33.75
C ARG A 357 -20.39 41.89 -32.92
N ILE A 358 -20.45 41.66 -31.61
CA ILE A 358 -19.29 41.93 -30.76
C ILE A 358 -18.63 40.61 -30.42
N SER A 359 -17.64 40.21 -31.22
CA SER A 359 -16.89 38.98 -31.02
C SER A 359 -15.41 39.19 -31.30
N ASN A 360 -14.60 38.20 -30.90
CA ASN A 360 -13.14 38.24 -31.06
C ASN A 360 -12.58 39.49 -30.39
N CYS A 361 -13.03 39.76 -29.17
CA CYS A 361 -12.76 41.03 -28.51
C CYS A 361 -12.25 40.79 -27.09
N VAL A 362 -11.34 41.65 -26.67
CA VAL A 362 -10.99 41.78 -25.26
C VAL A 362 -11.82 42.94 -24.71
N ALA A 363 -13.03 42.66 -24.26
CA ALA A 363 -13.92 43.72 -23.81
C ALA A 363 -13.66 44.03 -22.34
N ASP A 364 -13.36 45.29 -22.06
CA ASP A 364 -12.93 45.68 -20.71
C ASP A 364 -14.08 45.67 -19.72
N TYR A 365 -15.22 46.25 -20.11
CA TYR A 365 -16.32 46.59 -19.21
C TYR A 365 -15.86 47.44 -18.03
N SER A 366 -14.71 48.12 -18.15
CA SER A 366 -14.16 48.88 -17.04
C SER A 366 -14.53 50.35 -17.14
N VAL A 367 -14.34 50.94 -18.32
CA VAL A 367 -14.79 52.32 -18.52
C VAL A 367 -16.30 52.41 -18.39
N LEU A 368 -17.01 51.37 -18.81
CA LEU A 368 -18.44 51.27 -18.55
C LEU A 368 -18.69 51.08 -17.07
N TYR A 369 -19.82 51.61 -16.60
CA TYR A 369 -20.29 51.45 -15.22
C TYR A 369 -19.42 52.23 -14.25
N ASN A 370 -18.34 52.82 -14.75
CA ASN A 370 -17.51 53.71 -13.94
C ASN A 370 -17.72 55.17 -14.27
N SER A 371 -18.18 55.49 -15.48
CA SER A 371 -18.49 56.86 -15.84
C SER A 371 -19.92 57.21 -15.45
N ALA A 372 -20.14 58.47 -15.11
CA ALA A 372 -21.44 58.96 -14.68
C ALA A 372 -22.31 59.44 -15.82
N SER A 373 -21.84 59.33 -17.06
CA SER A 373 -22.68 59.72 -18.21
C SER A 373 -23.88 58.80 -18.34
N PHE A 374 -23.72 57.53 -18.00
CA PHE A 374 -24.80 56.56 -18.14
C PHE A 374 -25.80 56.76 -17.00
N SER A 375 -27.03 57.16 -17.34
CA SER A 375 -28.02 57.44 -16.32
C SER A 375 -28.48 56.18 -15.61
N THR A 376 -28.71 55.11 -16.37
CA THR A 376 -29.16 53.85 -15.80
C THR A 376 -28.25 52.72 -16.27
N PHE A 377 -27.64 52.01 -15.32
CA PHE A 377 -26.80 50.85 -15.60
C PHE A 377 -27.29 49.71 -14.70
N LYS A 378 -28.30 48.99 -15.17
CA LYS A 378 -28.93 47.93 -14.40
C LYS A 378 -28.72 46.60 -15.10
N CYS A 379 -28.23 45.61 -14.37
CA CYS A 379 -27.92 44.30 -14.92
C CYS A 379 -28.71 43.23 -14.17
N TYR A 380 -29.12 42.20 -14.90
CA TYR A 380 -30.00 41.16 -14.36
C TYR A 380 -29.30 39.80 -14.27
N GLY A 381 -28.77 39.31 -15.39
CA GLY A 381 -28.17 37.98 -15.39
C GLY A 381 -26.92 37.90 -14.52
N VAL A 382 -26.11 38.96 -14.52
CA VAL A 382 -24.85 38.97 -13.79
C VAL A 382 -24.83 40.20 -12.88
N SER A 383 -24.02 40.11 -11.83
CA SER A 383 -23.88 41.22 -10.91
C SER A 383 -22.92 42.25 -11.50
N PRO A 384 -23.32 43.53 -11.57
CA PRO A 384 -22.45 44.56 -12.16
C PRO A 384 -21.33 44.94 -11.21
N THR A 385 -20.12 44.43 -11.47
CA THR A 385 -18.89 44.37 -10.67
C THR A 385 -18.04 43.22 -11.20
N LYS A 386 -18.68 42.27 -11.88
CA LYS A 386 -17.97 41.12 -12.44
C LYS A 386 -17.49 41.47 -13.85
N LEU A 387 -16.39 42.23 -13.89
CA LEU A 387 -15.86 42.71 -15.16
C LEU A 387 -15.43 41.54 -16.05
N ASN A 388 -14.60 40.65 -15.51
CA ASN A 388 -14.16 39.45 -16.22
C ASN A 388 -14.94 38.27 -15.63
N ASP A 389 -16.21 38.14 -16.03
CA ASP A 389 -17.12 37.25 -15.32
C ASP A 389 -16.95 35.79 -15.72
N LEU A 390 -17.27 35.45 -16.97
CA LEU A 390 -17.31 34.05 -17.39
C LEU A 390 -16.73 33.82 -18.78
N CYS A 391 -16.26 34.87 -19.47
CA CYS A 391 -15.80 34.76 -20.85
C CYS A 391 -16.90 34.18 -21.74
N PHE A 392 -17.98 34.95 -21.88
CA PHE A 392 -19.18 34.47 -22.54
C PHE A 392 -18.97 34.35 -24.05
N THR A 393 -19.89 33.65 -24.70
CA THR A 393 -19.81 33.41 -26.14
C THR A 393 -20.67 34.42 -26.88
N ASN A 394 -20.02 35.38 -27.54
CA ASN A 394 -20.66 36.40 -28.37
C ASN A 394 -21.51 37.37 -27.55
N VAL A 395 -21.73 38.58 -28.09
CA VAL A 395 -22.52 39.62 -27.44
C VAL A 395 -23.51 40.17 -28.43
N TYR A 396 -24.74 40.41 -27.97
CA TYR A 396 -25.75 41.14 -28.75
C TYR A 396 -25.80 42.57 -28.24
N ALA A 397 -25.91 43.53 -29.15
CA ALA A 397 -26.06 44.94 -28.80
C ALA A 397 -27.24 45.51 -29.58
N ASP A 398 -28.19 46.11 -28.87
CA ASP A 398 -29.37 46.70 -29.48
C ASP A 398 -29.43 48.17 -29.10
N SER A 399 -29.53 49.04 -30.09
CA SER A 399 -29.53 50.48 -29.87
C SER A 399 -30.79 51.12 -30.45
N PHE A 400 -31.43 51.98 -29.66
CA PHE A 400 -32.57 52.75 -30.11
C PHE A 400 -32.77 53.93 -29.17
N VAL A 401 -33.61 54.87 -29.59
CA VAL A 401 -33.89 56.10 -28.86
C VAL A 401 -35.36 56.13 -28.50
N ILE A 402 -35.67 56.34 -27.22
CA ILE A 402 -37.05 56.34 -26.73
C ILE A 402 -37.26 57.58 -25.87
N ARG A 403 -38.45 57.66 -25.28
CA ARG A 403 -38.78 58.74 -24.36
C ARG A 403 -38.22 58.46 -22.97
N GLY A 404 -38.38 59.44 -22.08
CA GLY A 404 -37.88 59.28 -20.72
C GLY A 404 -38.64 58.24 -19.93
N ASP A 405 -39.97 58.22 -20.05
CA ASP A 405 -40.77 57.33 -19.23
C ASP A 405 -40.65 55.87 -19.70
N GLU A 406 -40.46 55.67 -20.99
CA GLU A 406 -40.46 54.32 -21.57
C GLU A 406 -39.22 53.49 -21.18
N VAL A 407 -38.30 54.05 -20.38
CA VAL A 407 -37.11 53.30 -19.98
C VAL A 407 -37.47 52.09 -19.14
N ARG A 408 -38.42 52.24 -18.20
CA ARG A 408 -38.78 51.13 -17.32
C ARG A 408 -39.40 49.97 -18.08
N GLN A 409 -39.97 50.24 -19.26
CA GLN A 409 -40.62 49.20 -20.04
C GLN A 409 -39.64 48.29 -20.77
N ILE A 410 -38.40 48.73 -20.99
CA ILE A 410 -37.44 47.91 -21.72
C ILE A 410 -37.03 46.69 -20.90
N ALA A 411 -37.01 46.83 -19.58
CA ALA A 411 -36.59 45.74 -18.72
C ALA A 411 -37.59 44.58 -18.81
N PRO A 412 -37.17 43.36 -18.49
CA PRO A 412 -38.13 42.24 -18.46
C PRO A 412 -39.27 42.53 -17.50
N GLY A 413 -40.47 42.14 -17.91
CA GLY A 413 -41.67 42.57 -17.23
C GLY A 413 -41.95 44.03 -17.50
N GLN A 414 -42.89 44.58 -16.73
CA GLN A 414 -43.27 45.98 -16.82
C GLN A 414 -43.65 46.36 -18.26
N THR A 415 -44.36 45.44 -18.90
CA THR A 415 -44.71 45.56 -20.32
C THR A 415 -45.60 46.76 -20.54
N GLY A 416 -45.28 47.56 -21.55
CA GLY A 416 -46.05 48.75 -21.88
C GLY A 416 -46.25 48.83 -23.37
N LYS A 417 -46.62 50.01 -23.85
CA LYS A 417 -46.86 50.19 -25.28
C LYS A 417 -45.59 49.95 -26.09
N ILE A 418 -44.46 50.46 -25.60
CA ILE A 418 -43.19 50.23 -26.29
C ILE A 418 -42.82 48.75 -26.25
N ALA A 419 -43.02 48.11 -25.09
CA ALA A 419 -42.60 46.73 -24.94
C ALA A 419 -43.50 45.78 -25.73
N ASP A 420 -44.80 46.09 -25.82
CA ASP A 420 -45.74 45.16 -26.43
C ASP A 420 -45.52 45.05 -27.93
N TYR A 421 -45.39 46.18 -28.61
CA TYR A 421 -45.44 46.21 -30.07
C TYR A 421 -44.14 46.60 -30.75
N ASN A 422 -43.12 47.04 -29.99
CA ASN A 422 -41.87 47.46 -30.60
C ASN A 422 -40.70 46.56 -30.21
N TYR A 423 -40.44 46.36 -28.92
CA TYR A 423 -39.27 45.62 -28.46
C TYR A 423 -39.68 44.71 -27.32
N LYS A 424 -39.55 43.40 -27.54
CA LYS A 424 -39.88 42.40 -26.54
C LYS A 424 -38.60 41.77 -25.99
N LEU A 425 -38.41 41.89 -24.68
CA LEU A 425 -37.24 41.32 -24.01
C LEU A 425 -37.70 40.15 -23.15
N PRO A 426 -37.24 38.93 -23.44
CA PRO A 426 -37.68 37.77 -22.66
C PRO A 426 -37.10 37.80 -21.25
N ASP A 427 -37.76 37.06 -20.36
CA ASP A 427 -37.34 36.94 -18.97
C ASP A 427 -36.21 35.91 -18.91
N ASP A 428 -34.99 36.39 -19.18
CA ASP A 428 -33.80 35.55 -19.18
C ASP A 428 -32.64 36.38 -18.66
N PHE A 429 -31.43 35.85 -18.82
CA PHE A 429 -30.24 36.54 -18.34
C PHE A 429 -29.82 37.66 -19.28
N THR A 430 -30.65 38.70 -19.39
CA THR A 430 -30.25 39.91 -20.11
C THR A 430 -29.05 40.53 -19.40
N GLY A 431 -28.03 40.89 -20.18
CA GLY A 431 -26.79 41.33 -19.59
C GLY A 431 -26.94 42.60 -18.77
N CYS A 432 -27.17 43.73 -19.44
CA CYS A 432 -27.31 45.00 -18.77
C CYS A 432 -28.14 45.93 -19.63
N VAL A 433 -28.69 46.97 -19.00
CA VAL A 433 -29.46 48.01 -19.67
C VAL A 433 -28.77 49.34 -19.43
N ILE A 434 -28.41 50.03 -20.52
CA ILE A 434 -27.70 51.30 -20.47
C ILE A 434 -28.54 52.37 -21.16
N ALA A 435 -28.78 53.47 -20.45
CA ALA A 435 -29.57 54.57 -21.00
C ALA A 435 -29.02 55.89 -20.48
N TRP A 436 -29.04 56.90 -21.35
CA TRP A 436 -28.64 58.25 -21.01
C TRP A 436 -29.52 59.26 -21.72
N ASN A 437 -29.29 60.54 -21.44
CA ASN A 437 -30.07 61.63 -22.00
C ASN A 437 -29.32 62.24 -23.17
N SER A 438 -30.00 62.35 -24.31
CA SER A 438 -29.43 62.95 -25.52
C SER A 438 -30.13 64.24 -25.90
N ASN A 439 -30.57 65.02 -24.91
CA ASN A 439 -31.23 66.29 -25.20
C ASN A 439 -30.30 67.29 -25.87
N ASN A 440 -28.99 67.20 -25.60
CA ASN A 440 -28.05 68.13 -26.22
C ASN A 440 -27.84 67.79 -27.69
N LEU A 441 -27.64 66.51 -28.01
CA LEU A 441 -27.39 66.08 -29.38
C LEU A 441 -28.65 66.03 -30.22
N ASP A 442 -29.67 65.30 -29.76
CA ASP A 442 -30.97 65.34 -30.39
C ASP A 442 -31.76 66.56 -29.92
N SER A 443 -33.05 66.56 -30.22
CA SER A 443 -33.97 67.60 -29.77
C SER A 443 -33.60 68.98 -30.32
N LYS A 444 -33.72 69.15 -31.63
CA LYS A 444 -33.57 70.45 -32.27
C LYS A 444 -34.74 71.34 -31.88
N VAL A 445 -34.57 72.65 -32.09
CA VAL A 445 -35.58 73.62 -31.68
C VAL A 445 -36.91 73.32 -32.38
N GLY A 446 -36.86 72.94 -33.66
CA GLY A 446 -38.07 72.51 -34.32
C GLY A 446 -38.62 71.21 -33.75
N GLY A 447 -37.73 70.31 -33.34
CA GLY A 447 -38.13 69.03 -32.80
C GLY A 447 -37.87 67.89 -33.75
N ASN A 448 -37.11 66.89 -33.30
CA ASN A 448 -36.82 65.74 -34.15
C ASN A 448 -38.09 64.96 -34.44
N TYR A 449 -38.33 64.70 -35.72
CA TYR A 449 -39.51 63.95 -36.16
C TYR A 449 -39.12 62.61 -36.77
N ASN A 450 -37.81 62.34 -36.91
CA ASN A 450 -37.33 61.11 -37.52
C ASN A 450 -37.57 59.89 -36.64
N TYR A 451 -37.54 60.04 -35.33
CA TYR A 451 -37.76 58.92 -34.43
C TYR A 451 -39.24 58.55 -34.40
N LEU A 452 -39.53 57.29 -34.67
CA LEU A 452 -40.90 56.81 -34.80
C LEU A 452 -41.12 55.61 -33.90
N TYR A 453 -42.40 55.39 -33.56
CA TYR A 453 -42.81 54.24 -32.78
C TYR A 453 -44.14 53.72 -33.31
N ARG A 454 -44.35 52.42 -33.14
CA ARG A 454 -45.53 51.75 -33.67
C ARG A 454 -46.56 51.63 -32.55
N LEU A 455 -47.76 52.16 -32.78
CA LEU A 455 -48.81 52.10 -31.77
C LEU A 455 -49.79 50.97 -32.04
N PHE A 456 -49.87 50.50 -33.28
CA PHE A 456 -50.85 49.49 -33.68
C PHE A 456 -50.13 48.33 -34.35
N ARG A 457 -50.43 47.10 -33.89
CA ARG A 457 -49.85 45.91 -34.48
C ARG A 457 -50.78 44.74 -34.19
N LYS A 458 -50.62 43.67 -34.98
CA LYS A 458 -51.48 42.50 -34.86
C LYS A 458 -51.35 41.85 -33.49
N SER A 459 -50.15 41.38 -33.16
CA SER A 459 -49.88 40.72 -31.89
C SER A 459 -48.52 41.19 -31.37
N ASN A 460 -48.28 40.93 -30.09
CA ASN A 460 -47.00 41.30 -29.49
C ASN A 460 -45.86 40.61 -30.23
N LEU A 461 -44.83 41.39 -30.55
CA LEU A 461 -43.68 40.85 -31.26
C LEU A 461 -42.97 39.79 -30.42
N LYS A 462 -42.53 38.74 -31.09
CA LYS A 462 -41.74 37.72 -30.42
C LYS A 462 -40.41 38.30 -29.98
N PRO A 463 -39.82 37.76 -28.91
CA PRO A 463 -38.55 38.32 -28.40
C PRO A 463 -37.49 38.36 -29.49
N PHE A 464 -36.82 39.51 -29.59
CA PHE A 464 -35.74 39.74 -30.53
C PHE A 464 -36.19 39.50 -31.98
N GLU A 465 -37.35 40.06 -32.32
CA GLU A 465 -37.86 40.04 -33.69
C GLU A 465 -38.07 41.46 -34.16
N ARG A 466 -37.48 41.80 -35.30
CA ARG A 466 -37.52 43.14 -35.85
C ARG A 466 -38.53 43.23 -36.99
N ASP A 467 -39.38 44.26 -36.95
CA ASP A 467 -40.40 44.48 -37.97
C ASP A 467 -40.14 45.84 -38.61
N ILE A 468 -39.47 45.83 -39.76
CA ILE A 468 -39.19 47.06 -40.50
C ILE A 468 -40.35 47.45 -41.41
N SER A 469 -41.24 46.52 -41.73
CA SER A 469 -42.30 46.78 -42.70
C SER A 469 -43.29 47.82 -42.17
N THR A 470 -43.74 48.69 -43.07
CA THR A 470 -44.77 49.69 -42.79
C THR A 470 -45.97 49.39 -43.68
N GLU A 471 -47.14 49.22 -43.07
CA GLU A 471 -48.34 48.87 -43.82
C GLU A 471 -49.57 49.29 -43.02
N ILE A 472 -50.71 49.34 -43.72
CA ILE A 472 -51.97 49.66 -43.07
C ILE A 472 -52.46 48.43 -42.29
N TYR A 473 -53.00 48.68 -41.10
CA TYR A 473 -53.28 47.61 -40.14
C TYR A 473 -54.76 47.35 -39.88
N GLN A 474 -55.51 48.35 -39.42
CA GLN A 474 -56.80 48.09 -38.80
C GLN A 474 -57.77 47.38 -39.74
N ALA A 475 -58.09 48.01 -40.87
CA ALA A 475 -59.09 47.50 -41.82
C ALA A 475 -60.39 47.31 -41.04
N GLY A 476 -60.93 46.10 -40.93
CA GLY A 476 -62.17 45.88 -40.20
C GLY A 476 -63.39 46.07 -41.07
N SER A 477 -63.64 47.32 -41.47
CA SER A 477 -64.66 47.63 -42.46
C SER A 477 -64.09 47.64 -43.87
N THR A 478 -62.81 47.33 -44.02
CA THR A 478 -62.11 47.36 -45.30
C THR A 478 -62.28 48.68 -46.08
N PRO A 479 -61.96 49.83 -45.47
CA PRO A 479 -61.86 51.07 -46.25
C PRO A 479 -60.42 51.36 -46.61
N CYS A 480 -59.55 50.39 -46.33
CA CYS A 480 -58.11 50.59 -46.29
C CYS A 480 -57.52 50.41 -47.69
N ASN A 481 -56.19 50.23 -47.76
CA ASN A 481 -55.35 50.35 -48.95
C ASN A 481 -55.12 51.83 -49.25
N GLY A 482 -55.60 52.67 -48.34
CA GLY A 482 -55.34 54.10 -48.41
C GLY A 482 -55.29 54.68 -47.01
N VAL A 483 -54.61 55.83 -46.90
CA VAL A 483 -54.48 56.48 -45.60
C VAL A 483 -55.82 57.01 -45.10
N GLU A 484 -56.69 57.44 -46.01
CA GLU A 484 -58.00 57.97 -45.63
C GLU A 484 -58.94 56.80 -45.33
N GLY A 485 -59.48 56.78 -44.11
CA GLY A 485 -60.40 55.73 -43.71
C GLY A 485 -60.80 55.84 -42.26
N PHE A 486 -62.06 55.50 -41.95
CA PHE A 486 -62.51 55.58 -40.56
C PHE A 486 -61.77 54.57 -39.69
N ASN A 487 -61.41 53.42 -40.23
CA ASN A 487 -60.53 52.47 -39.54
C ASN A 487 -59.42 52.03 -40.48
N CYS A 488 -58.36 52.84 -40.57
CA CYS A 488 -57.11 52.38 -41.17
C CYS A 488 -55.93 52.68 -40.25
N TYR A 489 -55.93 53.86 -39.62
CA TYR A 489 -55.02 54.18 -38.53
C TYR A 489 -53.56 53.87 -38.86
N PHE A 490 -52.97 54.62 -39.79
CA PHE A 490 -51.57 54.46 -40.15
C PHE A 490 -50.72 54.24 -38.89
N PRO A 491 -49.92 53.18 -38.86
CA PRO A 491 -49.39 52.70 -37.58
C PRO A 491 -48.36 53.62 -36.93
N LEU A 492 -47.39 54.13 -37.68
CA LEU A 492 -46.28 54.87 -37.11
C LEU A 492 -46.70 56.30 -36.80
N GLN A 493 -46.16 56.80 -35.68
CA GLN A 493 -46.41 58.17 -35.24
C GLN A 493 -45.12 58.74 -34.68
N SER A 494 -44.88 60.03 -34.91
CA SER A 494 -43.64 60.65 -34.49
C SER A 494 -43.64 60.90 -32.98
N TYR A 495 -42.52 61.45 -32.50
CA TYR A 495 -42.36 61.63 -31.06
C TYR A 495 -42.53 63.09 -30.64
N GLY A 496 -41.98 64.03 -31.41
CA GLY A 496 -42.04 65.42 -31.00
C GLY A 496 -41.14 65.71 -29.82
N PHE A 497 -39.82 65.68 -30.06
CA PHE A 497 -38.83 65.74 -28.99
C PHE A 497 -38.26 67.15 -28.83
N GLN A 498 -39.12 68.16 -28.93
CA GLN A 498 -38.67 69.53 -28.79
C GLN A 498 -38.05 69.76 -27.41
N PRO A 499 -37.07 70.66 -27.31
CA PRO A 499 -36.37 70.86 -26.03
C PRO A 499 -37.28 71.29 -24.89
N THR A 500 -38.37 72.00 -25.19
CA THR A 500 -39.26 72.48 -24.13
C THR A 500 -39.99 71.35 -23.42
N ASN A 501 -39.97 70.14 -23.97
CA ASN A 501 -40.61 69.01 -23.30
C ASN A 501 -39.88 68.66 -22.01
N GLY A 502 -40.63 68.17 -21.03
CA GLY A 502 -40.04 67.81 -19.76
C GLY A 502 -39.21 66.54 -19.84
N VAL A 503 -38.51 66.25 -18.75
CA VAL A 503 -37.58 65.14 -18.67
C VAL A 503 -38.32 63.82 -18.93
N GLY A 504 -39.61 63.78 -18.59
CA GLY A 504 -40.42 62.62 -18.91
C GLY A 504 -40.50 62.36 -20.41
N TYR A 505 -40.62 63.44 -21.19
CA TYR A 505 -40.69 63.35 -22.64
C TYR A 505 -39.37 63.72 -23.32
N GLN A 506 -38.32 63.99 -22.54
CA GLN A 506 -37.06 64.23 -23.24
C GLN A 506 -36.52 62.91 -23.80
N PRO A 507 -35.92 62.95 -24.98
CA PRO A 507 -35.42 61.71 -25.59
C PRO A 507 -34.27 61.11 -24.80
N TYR A 508 -34.32 59.80 -24.62
CA TYR A 508 -33.23 59.07 -23.99
C TYR A 508 -32.64 58.06 -24.98
N ARG A 509 -31.32 58.00 -25.02
CA ARG A 509 -30.59 57.10 -25.90
C ARG A 509 -30.26 55.84 -25.12
N VAL A 510 -30.87 54.72 -25.51
CA VAL A 510 -30.82 53.49 -24.74
C VAL A 510 -30.16 52.40 -25.58
N VAL A 511 -29.20 51.70 -24.98
CA VAL A 511 -28.54 50.56 -25.61
C VAL A 511 -28.73 49.36 -24.70
N VAL A 512 -29.22 48.26 -25.26
CA VAL A 512 -29.47 47.04 -24.50
C VAL A 512 -28.37 46.03 -24.78
N LEU A 513 -27.42 45.91 -23.85
CA LEU A 513 -26.37 44.92 -23.98
C LEU A 513 -26.84 43.59 -23.37
N SER A 514 -27.20 42.64 -24.23
CA SER A 514 -27.65 41.32 -23.80
C SER A 514 -26.81 40.27 -24.52
N PHE A 515 -25.67 39.93 -23.90
CA PHE A 515 -24.74 38.98 -24.47
C PHE A 515 -25.35 37.58 -24.57
N GLU A 516 -24.86 36.81 -25.55
CA GLU A 516 -25.28 35.43 -25.71
C GLU A 516 -24.61 34.54 -24.66
N LEU A 517 -25.31 33.50 -24.22
CA LEU A 517 -24.88 32.69 -23.10
C LEU A 517 -24.68 31.24 -23.50
N LEU A 518 -23.48 30.72 -23.20
CA LEU A 518 -23.23 29.28 -23.08
C LEU A 518 -23.69 28.44 -24.27
N HIS A 519 -23.12 28.63 -25.49
CA HIS A 519 -23.69 28.00 -26.70
C HIS A 519 -22.61 27.52 -27.66
N ALA A 520 -21.35 27.80 -27.32
CA ALA A 520 -20.19 27.49 -28.17
C ALA A 520 -18.93 27.74 -27.35
N PRO A 521 -17.76 27.29 -27.82
CA PRO A 521 -16.52 27.63 -27.10
C PRO A 521 -16.33 29.14 -27.02
N ALA A 522 -15.77 29.58 -25.89
CA ALA A 522 -15.65 31.00 -25.61
C ALA A 522 -14.78 31.70 -26.66
N THR A 523 -15.23 32.89 -27.08
CA THR A 523 -14.52 33.70 -28.06
C THR A 523 -14.23 35.11 -27.58
N VAL A 524 -15.10 35.69 -26.76
CA VAL A 524 -14.94 37.06 -26.26
C VAL A 524 -14.89 37.00 -24.74
N CYS A 525 -13.92 37.71 -24.14
CA CYS A 525 -13.78 37.73 -22.70
C CYS A 525 -13.07 39.00 -22.29
N GLY A 526 -13.12 39.30 -21.00
CA GLY A 526 -12.51 40.48 -20.45
C GLY A 526 -11.00 40.36 -20.33
N PRO A 527 -10.33 41.47 -20.11
CA PRO A 527 -8.86 41.45 -20.01
C PRO A 527 -8.40 40.74 -18.75
N LYS A 528 -7.20 40.19 -18.82
CA LYS A 528 -6.57 39.51 -17.68
C LYS A 528 -5.50 40.41 -17.10
N LYS A 529 -5.58 40.67 -15.80
CA LYS A 529 -4.61 41.51 -15.13
C LYS A 529 -3.23 40.84 -15.12
N SER A 530 -2.20 41.66 -15.21
CA SER A 530 -0.82 41.18 -15.21
C SER A 530 -0.02 42.00 -14.21
N THR A 531 1.23 41.61 -14.01
CA THR A 531 2.12 42.30 -13.09
C THR A 531 3.56 42.05 -13.53
N ASN A 532 4.48 42.78 -12.90
CA ASN A 532 5.89 42.62 -13.22
C ASN A 532 6.39 41.29 -12.70
N LEU A 533 7.54 40.87 -13.21
CA LEU A 533 8.15 39.58 -12.86
C LEU A 533 9.36 39.82 -11.97
N VAL A 534 9.73 38.77 -11.24
CA VAL A 534 10.86 38.82 -10.33
C VAL A 534 11.78 37.64 -10.64
N LYS A 535 13.03 37.76 -10.19
CA LYS A 535 14.03 36.74 -10.43
C LYS A 535 14.78 36.43 -9.14
N ASN A 536 15.29 35.20 -9.06
CA ASN A 536 16.13 34.75 -7.95
C ASN A 536 15.40 34.83 -6.60
N LYS A 537 14.09 34.58 -6.60
CA LYS A 537 13.32 34.53 -5.36
C LYS A 537 12.29 33.42 -5.45
N CYS A 538 11.98 32.82 -4.31
CA CYS A 538 10.96 31.79 -4.21
C CYS A 538 9.59 32.43 -4.40
N VAL A 539 9.07 32.37 -5.62
CA VAL A 539 7.79 33.01 -5.96
C VAL A 539 6.96 32.04 -6.79
N ASN A 540 5.71 31.86 -6.37
CA ASN A 540 4.76 31.05 -7.13
C ASN A 540 4.20 31.85 -8.30
N PHE A 541 4.00 31.19 -9.43
CA PHE A 541 3.75 31.85 -10.70
C PHE A 541 2.51 31.27 -11.36
N ASN A 542 1.92 32.06 -12.24
CA ASN A 542 0.70 31.72 -12.97
C ASN A 542 0.82 32.10 -14.44
N PHE A 543 1.91 31.68 -15.08
CA PHE A 543 2.16 32.02 -16.49
C PHE A 543 1.08 31.42 -17.37
N ASN A 544 0.18 32.29 -17.88
CA ASN A 544 -0.87 31.90 -18.82
C ASN A 544 -1.67 30.70 -18.31
N GLY A 545 -1.96 30.69 -17.02
CA GLY A 545 -2.71 29.62 -16.40
C GLY A 545 -1.86 28.46 -15.93
N LEU A 546 -0.57 28.44 -16.26
CA LEU A 546 0.33 27.39 -15.80
C LEU A 546 0.81 27.75 -14.40
N THR A 547 0.24 27.10 -13.39
CA THR A 547 0.55 27.40 -12.01
C THR A 547 1.71 26.56 -11.52
N GLY A 548 2.45 27.10 -10.56
CA GLY A 548 3.58 26.40 -9.99
C GLY A 548 4.38 27.32 -9.11
N THR A 549 5.24 26.71 -8.30
CA THR A 549 6.10 27.42 -7.36
C THR A 549 7.55 27.08 -7.63
N GLY A 550 8.40 28.10 -7.58
CA GLY A 550 9.81 27.91 -7.79
C GLY A 550 10.54 29.23 -7.87
N VAL A 551 11.82 29.16 -8.20
CA VAL A 551 12.67 30.34 -8.35
C VAL A 551 12.94 30.56 -9.83
N LEU A 552 12.78 31.79 -10.28
CA LEU A 552 12.87 32.14 -11.70
C LEU A 552 14.27 32.64 -12.01
N THR A 553 14.89 32.06 -13.04
CA THR A 553 16.20 32.48 -13.50
C THR A 553 16.20 32.50 -15.03
N GLU A 554 17.10 33.31 -15.58
CA GLU A 554 17.29 33.35 -17.02
C GLU A 554 18.04 32.12 -17.48
N SER A 555 17.66 31.63 -18.67
CA SER A 555 18.23 30.41 -19.22
C SER A 555 18.69 30.64 -20.65
N ASN A 556 19.66 29.83 -21.08
CA ASN A 556 20.19 29.90 -22.43
C ASN A 556 19.45 29.00 -23.41
N LYS A 557 18.45 28.25 -22.95
CA LYS A 557 17.69 27.39 -23.84
C LYS A 557 16.92 28.23 -24.86
N LYS A 558 16.92 27.76 -26.11
CA LYS A 558 16.27 28.46 -27.21
C LYS A 558 15.12 27.61 -27.72
N PHE A 559 13.91 28.18 -27.71
CA PHE A 559 12.72 27.48 -28.18
C PHE A 559 12.55 27.72 -29.68
N LEU A 560 11.68 26.93 -30.29
CA LEU A 560 11.18 27.30 -31.61
C LEU A 560 10.08 28.34 -31.44
N PRO A 561 9.76 29.09 -32.48
CA PRO A 561 8.86 30.24 -32.30
C PRO A 561 7.42 29.88 -31.96
N PHE A 562 7.11 28.61 -31.71
CA PHE A 562 5.72 28.23 -31.45
C PHE A 562 5.49 27.49 -30.15
N GLN A 563 6.53 27.06 -29.42
CA GLN A 563 6.26 26.45 -28.12
C GLN A 563 5.88 27.52 -27.10
N GLN A 564 5.32 27.06 -25.99
CA GLN A 564 4.93 27.94 -24.88
C GLN A 564 5.75 27.68 -23.63
N PHE A 565 6.03 26.42 -23.31
CA PHE A 565 6.80 26.09 -22.11
C PHE A 565 7.46 24.74 -22.32
N GLY A 566 8.67 24.59 -21.77
CA GLY A 566 9.42 23.37 -21.93
C GLY A 566 9.34 22.45 -20.71
N ARG A 567 9.90 21.26 -20.88
CA ARG A 567 9.98 20.28 -19.82
C ARG A 567 11.05 19.26 -20.18
N ASP A 568 11.42 18.43 -19.21
CA ASP A 568 12.47 17.45 -19.41
C ASP A 568 11.95 16.02 -19.37
N ILE A 569 11.30 15.62 -18.29
CA ILE A 569 10.82 14.25 -18.12
C ILE A 569 9.84 14.20 -16.96
N ALA A 570 8.96 13.20 -16.97
CA ALA A 570 8.02 12.96 -15.87
C ALA A 570 7.11 14.15 -15.62
N ASP A 571 6.75 14.85 -16.71
CA ASP A 571 5.81 15.97 -16.65
C ASP A 571 6.25 17.03 -15.66
N THR A 572 7.56 17.31 -15.64
CA THR A 572 8.12 18.34 -14.78
C THR A 572 8.51 19.54 -15.65
N THR A 573 7.75 20.63 -15.52
CA THR A 573 8.06 21.83 -16.29
C THR A 573 9.39 22.40 -15.84
N ASP A 574 10.19 22.85 -16.80
CA ASP A 574 11.53 23.34 -16.51
C ASP A 574 11.85 24.67 -17.16
N ALA A 575 10.96 25.23 -17.98
CA ALA A 575 11.23 26.48 -18.67
C ALA A 575 9.94 27.09 -19.21
N VAL A 576 9.76 28.39 -19.02
CA VAL A 576 8.61 29.12 -19.51
C VAL A 576 9.11 30.37 -20.22
N ARG A 577 8.36 30.81 -21.23
CA ARG A 577 8.63 32.09 -21.88
C ARG A 577 7.50 33.06 -21.53
N ASP A 578 7.88 34.24 -21.05
CA ASP A 578 6.88 35.22 -20.67
C ASP A 578 6.22 35.81 -21.91
N PRO A 579 4.89 35.88 -21.95
CA PRO A 579 4.23 36.43 -23.15
C PRO A 579 4.61 37.87 -23.46
N GLN A 580 4.88 38.68 -22.44
CA GLN A 580 5.22 40.09 -22.69
C GLN A 580 6.56 40.21 -23.40
N THR A 581 7.59 39.55 -22.90
CA THR A 581 8.94 39.74 -23.41
C THR A 581 9.35 38.67 -24.43
N LEU A 582 8.71 37.49 -24.39
CA LEU A 582 9.04 36.38 -25.27
C LEU A 582 10.50 35.95 -25.09
N GLU A 583 10.96 35.96 -23.85
CA GLU A 583 12.28 35.48 -23.48
C GLU A 583 12.15 34.20 -22.67
N ILE A 584 13.13 33.31 -22.82
CA ILE A 584 13.07 32.00 -22.19
C ILE A 584 13.56 32.11 -20.75
N LEU A 585 12.72 31.67 -19.81
CA LEU A 585 13.05 31.65 -18.40
C LEU A 585 13.33 30.21 -17.98
N ASP A 586 13.69 30.03 -16.71
CA ASP A 586 14.00 28.71 -16.18
C ASP A 586 13.29 28.54 -14.85
N ILE A 587 12.90 27.29 -14.55
CA ILE A 587 12.17 26.96 -13.35
C ILE A 587 13.02 26.02 -12.50
N THR A 588 13.24 26.39 -11.25
CA THR A 588 13.99 25.58 -10.31
C THR A 588 13.20 25.50 -9.01
N PRO A 589 13.00 24.31 -8.45
CA PRO A 589 12.26 24.21 -7.19
C PRO A 589 12.98 24.94 -6.06
N CYS A 590 12.20 25.50 -5.15
CA CYS A 590 12.76 26.22 -4.02
C CYS A 590 13.52 25.27 -3.11
N SER A 591 14.64 25.75 -2.58
CA SER A 591 15.56 24.89 -1.85
C SER A 591 14.91 24.29 -0.62
N PHE A 592 15.22 23.01 -0.38
CA PHE A 592 14.68 22.28 0.75
C PHE A 592 15.66 21.17 1.10
N GLY A 593 15.50 20.63 2.31
CA GLY A 593 16.34 19.54 2.76
C GLY A 593 16.23 19.31 4.25
N GLY A 594 16.66 18.14 4.71
CA GLY A 594 16.59 17.84 6.12
C GLY A 594 17.69 18.50 6.92
N VAL A 595 17.48 18.57 8.23
CA VAL A 595 18.47 19.11 9.14
C VAL A 595 18.92 18.02 10.09
N SER A 596 20.19 18.08 10.50
CA SER A 596 20.76 17.07 11.37
C SER A 596 21.50 17.76 12.50
N VAL A 597 21.53 17.12 13.66
CA VAL A 597 22.16 17.66 14.85
C VAL A 597 23.32 16.74 15.25
N ILE A 598 24.52 17.30 15.31
CA ILE A 598 25.71 16.58 15.72
C ILE A 598 25.93 16.85 17.20
N THR A 599 25.91 15.80 18.02
CA THR A 599 26.08 15.96 19.45
C THR A 599 27.10 14.94 19.97
N PRO A 600 28.08 15.38 20.76
CA PRO A 600 29.00 14.42 21.39
C PRO A 600 28.31 13.55 22.43
N GLY A 601 27.15 13.98 22.94
CA GLY A 601 26.45 13.23 23.96
C GLY A 601 26.08 14.11 25.13
N THR A 602 24.83 14.00 25.59
CA THR A 602 24.39 14.83 26.71
C THR A 602 25.17 14.52 27.97
N ASN A 603 25.75 13.32 28.05
CA ASN A 603 26.63 12.98 29.17
C ASN A 603 27.88 13.85 29.16
N THR A 604 28.43 14.11 27.97
CA THR A 604 29.67 14.88 27.89
C THR A 604 29.42 16.38 27.93
N SER A 605 28.66 16.90 26.96
CA SER A 605 28.39 18.33 26.87
C SER A 605 26.97 18.56 26.39
N ASN A 606 26.59 19.82 26.27
CA ASN A 606 25.24 20.21 25.87
C ASN A 606 25.26 21.09 24.63
N GLN A 607 26.40 21.18 23.95
CA GLN A 607 26.54 21.99 22.75
C GLN A 607 26.53 21.09 21.53
N VAL A 608 25.85 21.54 20.47
CA VAL A 608 25.64 20.75 19.27
C VAL A 608 25.99 21.57 18.04
N ALA A 609 26.10 20.88 16.91
CA ALA A 609 26.30 21.51 15.61
C ALA A 609 25.17 21.05 14.69
N VAL A 610 24.64 21.98 13.90
CA VAL A 610 23.49 21.72 13.04
C VAL A 610 23.97 21.69 11.59
N LEU A 611 23.54 20.68 10.85
CA LEU A 611 23.90 20.52 9.45
C LEU A 611 22.65 20.63 8.59
N TYR A 612 22.69 21.52 7.60
CA TYR A 612 21.61 21.68 6.64
C TYR A 612 22.00 20.97 5.35
N GLN A 613 21.21 19.97 4.98
CA GLN A 613 21.61 19.01 3.95
C GLN A 613 21.38 19.58 2.56
N GLY A 614 22.46 19.69 1.78
CA GLY A 614 22.36 20.13 0.40
C GLY A 614 21.84 21.54 0.24
N VAL A 615 22.26 22.45 1.10
CA VAL A 615 21.79 23.84 1.07
C VAL A 615 23.00 24.75 1.11
N ASN A 616 23.14 25.61 0.10
CA ASN A 616 24.20 26.61 0.11
C ASN A 616 23.99 27.56 1.28
N CYS A 617 25.10 27.98 1.89
CA CYS A 617 25.05 28.83 3.08
C CYS A 617 24.86 30.30 2.69
N THR A 618 23.86 30.54 1.84
CA THR A 618 23.49 31.88 1.44
C THR A 618 22.20 32.36 2.10
N GLU A 619 21.18 31.51 2.19
CA GLU A 619 19.97 31.83 2.94
C GLU A 619 19.60 30.61 3.81
N VAL A 620 20.28 30.51 4.96
CA VAL A 620 19.95 29.52 5.97
C VAL A 620 18.75 30.00 6.79
N PRO A 621 18.73 31.26 7.28
CA PRO A 621 17.51 31.66 7.96
C PRO A 621 16.40 32.08 6.99
N VAL A 635 17.94 30.04 16.91
CA VAL A 635 18.65 31.30 17.02
C VAL A 635 19.89 31.26 16.13
N TYR A 636 20.04 30.16 15.39
CA TYR A 636 21.22 29.94 14.55
C TYR A 636 21.07 30.65 13.20
N SER A 637 20.75 31.94 13.28
CA SER A 637 20.71 32.78 12.09
C SER A 637 22.11 33.22 11.68
N THR A 638 22.91 33.70 12.63
CA THR A 638 24.32 33.97 12.45
C THR A 638 25.19 32.93 13.14
N GLY A 639 24.89 32.63 14.41
CA GLY A 639 25.56 31.57 15.13
C GLY A 639 27.05 31.78 15.31
N SER A 640 27.84 31.00 14.60
CA SER A 640 29.29 31.02 14.71
C SER A 640 29.86 30.91 13.31
N ASN A 641 31.15 30.58 13.22
CA ASN A 641 31.82 30.38 11.93
C ASN A 641 31.08 29.37 11.07
N VAL A 642 30.62 29.81 9.90
CA VAL A 642 29.86 28.95 9.00
C VAL A 642 30.82 28.23 8.07
N PHE A 643 30.70 26.90 8.00
CA PHE A 643 31.52 26.06 7.15
C PHE A 643 30.63 25.41 6.10
N GLN A 644 30.88 25.72 4.83
CA GLN A 644 30.12 25.14 3.73
C GLN A 644 30.88 23.94 3.17
N THR A 645 30.19 22.82 3.05
CA THR A 645 30.78 21.56 2.62
C THR A 645 30.03 21.03 1.40
N ARG A 646 30.46 19.87 0.92
CA ARG A 646 29.79 19.26 -0.23
C ARG A 646 28.54 18.51 0.18
N ALA A 647 28.36 18.23 1.48
CA ALA A 647 27.16 17.59 1.99
C ALA A 647 26.15 18.61 2.52
N GLY A 648 26.44 19.90 2.35
CA GLY A 648 25.58 20.95 2.88
C GLY A 648 26.37 22.00 3.62
N CYS A 649 25.72 22.77 4.48
CA CYS A 649 26.39 23.78 5.28
C CYS A 649 26.33 23.37 6.75
N LEU A 650 27.48 23.40 7.41
CA LEU A 650 27.60 23.02 8.81
C LEU A 650 27.90 24.26 9.63
N ILE A 651 27.05 24.56 10.60
CA ILE A 651 27.21 25.74 11.44
C ILE A 651 27.32 25.30 12.89
N GLY A 652 28.05 26.08 13.68
CA GLY A 652 28.31 25.77 15.07
C GLY A 652 29.48 24.85 15.30
N ALA A 653 30.20 24.45 14.24
CA ALA A 653 31.36 23.59 14.37
C ALA A 653 32.57 24.29 13.76
N GLU A 654 33.66 24.32 14.52
CA GLU A 654 34.89 24.96 14.09
C GLU A 654 35.62 24.06 13.10
N HIS A 655 36.24 24.69 12.11
CA HIS A 655 36.93 23.98 11.04
C HIS A 655 38.43 24.04 11.25
N VAL A 656 39.07 22.87 11.26
CA VAL A 656 40.51 22.75 11.40
C VAL A 656 41.04 21.97 10.21
N ASN A 657 42.20 22.37 9.70
CA ASN A 657 42.68 21.79 8.45
C ASN A 657 43.62 20.61 8.72
N ASN A 658 43.73 20.18 9.98
CA ASN A 658 44.43 18.96 10.30
C ASN A 658 43.57 17.75 9.95
N SER A 659 44.06 16.54 10.19
CA SER A 659 43.30 15.34 9.89
C SER A 659 43.44 14.37 11.05
N TYR A 660 42.32 13.73 11.41
CA TYR A 660 42.30 12.79 12.52
C TYR A 660 41.48 11.58 12.07
N GLU A 661 41.29 10.63 12.99
CA GLU A 661 40.40 9.52 12.71
C GLU A 661 38.95 10.02 12.73
N CYS A 662 38.06 9.22 12.14
CA CYS A 662 36.67 9.61 11.95
C CYS A 662 35.85 9.17 13.15
N ASP A 663 35.06 10.10 13.69
CA ASP A 663 34.26 9.81 14.88
C ASP A 663 32.76 9.85 14.55
N ILE A 664 32.28 10.99 14.04
CA ILE A 664 30.87 11.16 13.72
C ILE A 664 30.76 11.43 12.22
N PRO A 665 30.38 10.46 11.40
CA PRO A 665 30.37 10.66 9.95
C PRO A 665 29.42 11.78 9.54
N ILE A 666 29.84 12.55 8.54
CA ILE A 666 29.06 13.65 7.99
C ILE A 666 28.80 13.46 6.50
N GLY A 667 29.84 13.12 5.74
CA GLY A 667 29.71 12.84 4.33
C GLY A 667 30.77 13.56 3.53
N ALA A 668 30.96 13.06 2.30
CA ALA A 668 31.87 13.67 1.33
C ALA A 668 33.31 13.73 1.84
N GLY A 669 33.68 12.75 2.68
CA GLY A 669 35.04 12.63 3.13
C GLY A 669 35.39 13.41 4.38
N ILE A 670 34.44 14.08 5.02
CA ILE A 670 34.70 14.80 6.25
C ILE A 670 33.78 14.26 7.34
N CYS A 671 34.22 14.44 8.58
CA CYS A 671 33.40 14.06 9.73
C CYS A 671 33.88 14.82 10.95
N ALA A 672 32.95 15.13 11.85
CA ALA A 672 33.22 15.98 13.00
C ALA A 672 33.48 15.15 14.25
N SER A 673 34.09 15.81 15.24
CA SER A 673 34.39 15.19 16.51
C SER A 673 34.51 16.26 17.57
N TYR A 674 34.41 15.85 18.84
CA TYR A 674 34.48 16.74 19.98
C TYR A 674 35.84 16.57 20.64
N GLN A 675 36.62 17.64 20.67
CA GLN A 675 37.97 17.58 21.22
C GLN A 675 37.95 17.32 22.72
N SER A 691 34.96 22.10 22.42
CA SER A 691 34.61 22.57 21.09
C SER A 691 34.40 21.42 20.12
N ILE A 692 33.59 21.65 19.09
CA ILE A 692 33.31 20.67 18.06
C ILE A 692 34.09 21.07 16.81
N ILE A 693 34.93 20.16 16.32
CA ILE A 693 35.80 20.43 15.18
C ILE A 693 35.35 19.59 14.00
N ALA A 694 35.43 20.17 12.81
CA ALA A 694 35.15 19.47 11.55
C ALA A 694 36.45 19.35 10.77
N TYR A 695 36.73 18.14 10.28
CA TYR A 695 38.01 17.86 9.64
C TYR A 695 37.82 16.82 8.54
N THR A 696 38.81 16.74 7.67
CA THR A 696 38.83 15.68 6.67
C THR A 696 39.31 14.39 7.29
N MET A 697 38.72 13.27 6.88
CA MET A 697 39.09 11.97 7.43
C MET A 697 40.52 11.62 7.06
N SER A 698 41.18 10.88 7.95
CA SER A 698 42.50 10.34 7.70
C SER A 698 42.39 8.84 7.52
N LEU A 699 42.86 8.35 6.38
CA LEU A 699 42.77 6.91 6.09
C LEU A 699 43.67 6.10 7.00
N GLY A 700 44.82 6.65 7.37
CA GLY A 700 45.73 5.97 8.27
C GLY A 700 47.13 6.53 8.12
N ALA A 701 48.00 6.07 9.01
CA ALA A 701 49.40 6.44 8.93
C ALA A 701 50.03 5.80 7.70
N GLU A 702 50.92 6.55 7.05
CA GLU A 702 51.57 6.11 5.83
C GLU A 702 53.02 5.74 6.13
N ASN A 703 53.48 4.64 5.53
CA ASN A 703 54.87 4.24 5.64
C ASN A 703 55.36 3.73 4.29
N SER A 704 56.61 3.99 4.00
CA SER A 704 57.25 3.53 2.77
C SER A 704 58.16 2.37 3.13
N VAL A 705 57.67 1.16 2.88
CA VAL A 705 58.43 -0.05 3.19
C VAL A 705 59.65 -0.14 2.28
N ALA A 706 60.79 -0.51 2.89
CA ALA A 706 62.08 -0.46 2.21
C ALA A 706 62.23 -1.69 1.32
N TYR A 707 61.85 -1.53 0.06
CA TYR A 707 61.97 -2.60 -0.92
C TYR A 707 63.33 -2.56 -1.59
N SER A 708 64.00 -3.71 -1.63
CA SER A 708 65.22 -3.91 -2.41
C SER A 708 65.11 -5.26 -3.10
N ASN A 709 66.01 -5.49 -4.05
CA ASN A 709 66.04 -6.78 -4.75
C ASN A 709 66.92 -7.81 -4.07
N ASN A 710 67.54 -7.47 -2.93
CA ASN A 710 68.34 -8.44 -2.20
C ASN A 710 68.16 -8.34 -0.69
N SER A 711 67.11 -7.71 -0.20
CA SER A 711 66.90 -7.55 1.23
C SER A 711 65.58 -8.18 1.65
N ILE A 712 65.60 -8.83 2.81
CA ILE A 712 64.43 -9.52 3.37
C ILE A 712 64.33 -9.16 4.85
N ALA A 713 63.13 -9.28 5.39
CA ALA A 713 62.88 -9.07 6.81
C ALA A 713 62.25 -10.33 7.38
N ILE A 714 62.81 -10.83 8.47
CA ILE A 714 62.39 -12.09 9.08
C ILE A 714 62.06 -11.82 10.54
N PRO A 715 60.89 -12.25 11.04
CA PRO A 715 60.56 -12.03 12.45
C PRO A 715 61.47 -12.82 13.38
N THR A 716 61.71 -12.27 14.56
CA THR A 716 62.54 -12.92 15.56
C THR A 716 61.79 -13.31 16.83
N ASN A 717 60.54 -12.89 16.97
CA ASN A 717 59.74 -13.19 18.15
C ASN A 717 58.29 -13.34 17.71
N PHE A 718 57.37 -13.43 18.67
CA PHE A 718 55.96 -13.58 18.36
C PHE A 718 55.12 -13.14 19.54
N THR A 719 53.84 -12.88 19.26
CA THR A 719 52.85 -12.58 20.29
C THR A 719 51.60 -13.41 20.04
N ILE A 720 50.90 -13.75 21.11
CA ILE A 720 49.65 -14.49 21.05
C ILE A 720 48.50 -13.51 21.25
N SER A 721 47.57 -13.50 20.30
CA SER A 721 46.48 -12.54 20.29
C SER A 721 45.15 -13.28 20.34
N VAL A 722 44.25 -12.81 21.20
CA VAL A 722 42.90 -13.35 21.31
C VAL A 722 41.92 -12.23 21.01
N THR A 723 41.10 -12.41 19.98
CA THR A 723 40.09 -11.44 19.59
C THR A 723 38.70 -12.06 19.70
N THR A 724 37.68 -11.22 19.68
CA THR A 724 36.30 -11.64 19.83
C THR A 724 35.50 -11.29 18.58
N GLU A 725 34.65 -12.21 18.16
CA GLU A 725 33.72 -11.99 17.06
C GLU A 725 32.31 -12.32 17.53
N ILE A 726 31.39 -11.38 17.33
CA ILE A 726 30.03 -11.50 17.83
C ILE A 726 29.08 -11.59 16.65
N LEU A 727 28.26 -12.63 16.62
CA LEU A 727 27.35 -12.88 15.52
C LEU A 727 25.97 -13.21 16.07
N PRO A 728 24.91 -12.55 15.60
CA PRO A 728 23.55 -12.93 16.02
C PRO A 728 23.08 -14.17 15.28
N VAL A 729 22.42 -15.07 16.00
CA VAL A 729 21.97 -16.34 15.43
C VAL A 729 20.45 -16.38 15.28
N SER A 730 19.72 -15.75 16.17
CA SER A 730 18.26 -15.84 16.14
C SER A 730 17.65 -14.61 16.79
N MET A 731 16.35 -14.44 16.58
CA MET A 731 15.58 -13.35 17.15
C MET A 731 14.32 -13.91 17.81
N THR A 732 13.59 -13.01 18.49
CA THR A 732 12.45 -13.45 19.28
C THR A 732 11.33 -13.98 18.39
N LYS A 733 10.60 -14.97 18.89
CA LYS A 733 9.50 -15.57 18.17
C LYS A 733 8.20 -14.94 18.64
N THR A 734 7.50 -14.26 17.73
CA THR A 734 6.25 -13.59 18.04
C THR A 734 5.16 -14.07 17.08
N SER A 735 3.94 -14.14 17.60
CA SER A 735 2.78 -14.52 16.82
C SER A 735 1.68 -13.48 17.02
N VAL A 736 0.91 -13.25 15.97
CA VAL A 736 -0.12 -12.22 15.96
C VAL A 736 -1.42 -12.83 15.47
N ASP A 737 -2.51 -12.52 16.16
CA ASP A 737 -3.85 -12.96 15.78
C ASP A 737 -4.61 -11.74 15.27
N CYS A 738 -5.11 -11.83 14.03
CA CYS A 738 -5.82 -10.69 13.45
C CYS A 738 -7.12 -10.41 14.19
N THR A 739 -7.96 -11.43 14.36
CA THR A 739 -9.34 -11.19 14.78
C THR A 739 -9.40 -10.59 16.17
N MET A 740 -8.30 -10.62 16.92
CA MET A 740 -8.24 -9.87 18.16
C MET A 740 -7.53 -8.54 17.96
N TYR A 741 -6.52 -8.50 17.09
CA TYR A 741 -5.81 -7.24 16.84
C TYR A 741 -6.69 -6.25 16.12
N ILE A 742 -7.35 -6.68 15.05
CA ILE A 742 -8.14 -5.77 14.23
C ILE A 742 -9.51 -5.53 14.86
N CYS A 743 -10.15 -6.61 15.32
CA CYS A 743 -11.52 -6.54 15.83
C CYS A 743 -11.58 -6.45 17.34
N GLY A 744 -10.99 -7.41 18.06
CA GLY A 744 -10.98 -7.37 19.50
C GLY A 744 -12.33 -7.66 20.14
N ASP A 745 -12.81 -8.89 19.99
CA ASP A 745 -14.01 -9.36 20.68
C ASP A 745 -15.26 -8.63 20.19
N SER A 746 -15.31 -8.34 18.90
CA SER A 746 -16.49 -7.74 18.28
C SER A 746 -16.95 -8.64 17.14
N THR A 747 -18.21 -9.11 17.21
CA THR A 747 -18.72 -9.97 16.15
C THR A 747 -19.10 -9.18 14.91
N GLU A 748 -19.57 -7.94 15.09
CA GLU A 748 -19.88 -7.09 13.94
C GLU A 748 -18.63 -6.80 13.13
N CYS A 749 -17.51 -6.56 13.81
CA CYS A 749 -16.25 -6.37 13.12
C CYS A 749 -15.81 -7.64 12.39
N SER A 750 -15.97 -8.80 13.02
CA SER A 750 -15.49 -10.04 12.42
C SER A 750 -16.31 -10.41 11.18
N ASN A 751 -17.62 -10.17 11.22
CA ASN A 751 -18.44 -10.47 10.05
C ASN A 751 -18.02 -9.63 8.85
N LEU A 752 -17.68 -8.35 9.09
CA LEU A 752 -17.19 -7.51 8.01
C LEU A 752 -15.80 -7.93 7.57
N LEU A 753 -14.96 -8.38 8.52
CA LEU A 753 -13.62 -8.81 8.16
C LEU A 753 -13.64 -10.07 7.31
N LEU A 754 -14.67 -10.90 7.45
CA LEU A 754 -14.75 -12.11 6.64
C LEU A 754 -14.81 -11.83 5.15
N GLN A 755 -15.17 -10.61 4.75
CA GLN A 755 -15.28 -10.28 3.33
C GLN A 755 -13.93 -10.10 2.65
N TYR A 756 -12.83 -10.09 3.40
CA TYR A 756 -11.52 -9.79 2.83
C TYR A 756 -10.74 -11.04 2.45
N GLY A 757 -11.35 -12.21 2.52
CA GLY A 757 -10.65 -13.42 2.13
C GLY A 757 -9.69 -13.90 3.20
N SER A 758 -8.78 -14.77 2.79
CA SER A 758 -7.82 -15.40 3.70
C SER A 758 -6.48 -14.67 3.73
N PHE A 759 -6.50 -13.38 4.09
CA PHE A 759 -5.26 -12.66 4.30
C PHE A 759 -4.55 -13.11 5.58
N CYS A 760 -5.33 -13.30 6.65
CA CYS A 760 -4.72 -13.53 7.95
C CYS A 760 -4.23 -14.96 8.09
N THR A 761 -4.77 -15.88 7.30
CA THR A 761 -4.16 -17.19 7.18
C THR A 761 -2.73 -17.05 6.66
N GLN A 762 -2.52 -16.23 5.63
CA GLN A 762 -1.18 -15.98 5.12
C GLN A 762 -0.30 -15.32 6.18
N LEU A 763 -0.85 -14.34 6.90
CA LEU A 763 -0.06 -13.66 7.93
C LEU A 763 0.40 -14.63 9.01
N ASN A 764 -0.51 -15.43 9.55
CA ASN A 764 -0.15 -16.40 10.57
C ASN A 764 0.84 -17.43 10.04
N ARG A 765 0.65 -17.87 8.78
CA ARG A 765 1.56 -18.84 8.20
C ARG A 765 2.98 -18.27 8.10
N ALA A 766 3.10 -17.01 7.66
CA ALA A 766 4.42 -16.39 7.56
C ALA A 766 5.08 -16.27 8.93
N LEU A 767 4.32 -15.83 9.93
CA LEU A 767 4.91 -15.69 11.27
C LEU A 767 5.32 -17.03 11.85
N THR A 768 4.51 -18.08 11.63
CA THR A 768 4.91 -19.40 12.12
C THR A 768 6.15 -19.91 11.39
N GLY A 769 6.25 -19.64 10.10
CA GLY A 769 7.47 -20.00 9.38
C GLY A 769 8.70 -19.33 9.96
N ILE A 770 8.59 -18.04 10.29
CA ILE A 770 9.71 -17.34 10.92
C ILE A 770 10.04 -17.96 12.27
N ALA A 771 9.02 -18.28 13.06
CA ALA A 771 9.24 -18.85 14.39
C ALA A 771 9.96 -20.19 14.30
N VAL A 772 9.59 -21.03 13.33
CA VAL A 772 10.28 -22.30 13.14
C VAL A 772 11.70 -22.08 12.66
N GLU A 773 11.88 -21.07 11.79
CA GLU A 773 13.21 -20.78 11.24
C GLU A 773 14.19 -20.38 12.33
N GLN A 774 13.73 -19.66 13.35
CA GLN A 774 14.63 -19.26 14.43
C GLN A 774 15.19 -20.46 15.17
N ASP A 775 14.32 -21.43 15.51
CA ASP A 775 14.78 -22.64 16.17
C ASP A 775 15.72 -23.43 15.27
N LYS A 776 15.42 -23.49 13.98
CA LYS A 776 16.33 -24.16 13.05
C LYS A 776 17.71 -23.50 13.04
N ASN A 777 17.75 -22.17 13.04
CA ASN A 777 19.02 -21.46 13.06
C ASN A 777 19.82 -21.80 14.29
N THR A 778 19.19 -21.73 15.47
CA THR A 778 19.90 -22.05 16.71
C THR A 778 20.42 -23.48 16.70
N GLN A 779 19.57 -24.43 16.27
CA GLN A 779 19.97 -25.82 16.27
C GLN A 779 21.13 -26.08 15.32
N GLU A 780 21.12 -25.46 14.15
CA GLU A 780 22.23 -25.63 13.22
C GLU A 780 23.51 -25.02 13.78
N VAL A 781 23.42 -23.86 14.42
CA VAL A 781 24.63 -23.19 14.89
C VAL A 781 25.28 -23.98 16.03
N PHE A 782 24.48 -24.39 17.02
CA PHE A 782 25.08 -24.93 18.24
C PHE A 782 25.17 -26.45 18.28
N ALA A 783 24.16 -27.17 17.82
CA ALA A 783 24.12 -28.62 17.94
C ALA A 783 24.99 -29.26 16.86
N GLN A 784 26.29 -29.36 17.16
CA GLN A 784 27.26 -29.97 16.25
C GLN A 784 28.08 -31.07 16.90
N VAL A 785 27.65 -31.60 18.04
CA VAL A 785 28.38 -32.65 18.75
C VAL A 785 27.48 -33.88 18.85
N LYS A 786 28.05 -35.05 18.55
CA LYS A 786 27.34 -36.30 18.78
C LYS A 786 27.19 -36.58 20.28
N GLN A 787 28.23 -36.32 21.05
CA GLN A 787 28.27 -36.65 22.47
C GLN A 787 28.65 -35.41 23.29
N ILE A 788 28.24 -35.43 24.56
CA ILE A 788 28.53 -34.32 25.48
C ILE A 788 29.85 -34.66 26.17
N TYR A 789 30.94 -34.14 25.62
CA TYR A 789 32.25 -34.37 26.22
C TYR A 789 32.41 -33.56 27.50
N LYS A 790 33.13 -34.13 28.46
CA LYS A 790 33.39 -33.49 29.73
C LYS A 790 34.89 -33.39 29.97
N THR A 791 35.33 -32.25 30.48
CA THR A 791 36.72 -32.04 30.79
C THR A 791 37.12 -32.86 32.02
N PRO A 792 38.37 -33.35 32.07
CA PRO A 792 38.79 -34.14 33.21
C PRO A 792 38.85 -33.29 34.47
N PRO A 793 38.68 -33.91 35.64
CA PRO A 793 38.77 -33.13 36.89
C PRO A 793 40.11 -32.45 37.10
N ILE A 794 41.19 -33.07 36.64
CA ILE A 794 42.54 -32.53 36.83
C ILE A 794 42.90 -31.66 35.63
N LYS A 795 43.19 -30.39 35.89
CA LYS A 795 43.51 -29.44 34.83
C LYS A 795 45.02 -29.31 34.73
N ASP A 796 45.63 -30.10 33.83
CA ASP A 796 47.06 -30.03 33.54
C ASP A 796 47.23 -29.91 32.03
N PHE A 797 47.15 -28.69 31.53
CA PHE A 797 47.20 -28.42 30.09
C PHE A 797 48.50 -27.76 29.65
N GLY A 798 49.59 -28.01 30.37
CA GLY A 798 50.87 -27.45 30.00
C GLY A 798 51.11 -26.03 30.46
N GLY A 799 50.28 -25.51 31.35
CA GLY A 799 50.38 -24.13 31.80
C GLY A 799 49.27 -23.24 31.31
N PHE A 800 48.48 -23.69 30.35
CA PHE A 800 47.36 -22.91 29.84
C PHE A 800 46.21 -22.98 30.83
N ASN A 801 45.56 -21.83 31.07
CA ASN A 801 44.55 -21.69 32.09
C ASN A 801 43.21 -21.37 31.44
N PHE A 802 42.29 -22.33 31.47
CA PHE A 802 40.98 -22.20 30.84
C PHE A 802 39.87 -21.98 31.86
N SER A 803 40.21 -21.62 33.10
CA SER A 803 39.21 -21.53 34.14
C SER A 803 38.20 -20.43 33.86
N GLN A 804 38.58 -19.44 33.05
CA GLN A 804 37.68 -18.33 32.78
C GLN A 804 36.58 -18.72 31.79
N ILE A 805 36.88 -19.62 30.85
CA ILE A 805 35.89 -20.00 29.84
C ILE A 805 35.26 -21.36 30.11
N LEU A 806 35.68 -22.07 31.13
CA LEU A 806 35.11 -23.34 31.53
C LEU A 806 33.88 -23.12 32.40
N PRO A 807 32.93 -24.06 32.41
CA PRO A 807 31.72 -23.88 33.22
C PRO A 807 32.04 -23.81 34.70
N ASP A 808 31.23 -23.05 35.43
CA ASP A 808 31.39 -22.86 36.87
C ASP A 808 30.26 -23.56 37.61
N PRO A 809 30.52 -24.66 38.31
CA PRO A 809 29.43 -25.40 38.95
C PRO A 809 28.69 -24.63 40.03
N SER A 810 29.33 -23.64 40.65
CA SER A 810 28.68 -22.90 41.73
C SER A 810 27.45 -22.17 41.25
N LYS A 811 27.52 -21.58 40.06
CA LYS A 811 26.35 -20.91 39.49
C LYS A 811 25.27 -21.93 39.16
N PRO A 812 23.99 -21.55 39.22
CA PRO A 812 22.94 -22.51 38.88
C PRO A 812 22.65 -22.66 37.39
N SER A 813 22.96 -21.66 36.57
CA SER A 813 22.79 -21.82 35.12
C SER A 813 23.98 -22.58 34.52
N LYS A 814 25.05 -22.76 35.31
CA LYS A 814 26.27 -23.45 34.92
C LYS A 814 26.98 -22.77 33.76
N ARG A 815 26.81 -21.46 33.60
CA ARG A 815 27.57 -20.72 32.60
C ARG A 815 28.96 -20.42 33.11
N SER A 816 29.83 -20.02 32.18
CA SER A 816 31.18 -19.63 32.53
C SER A 816 31.21 -18.17 32.99
N PHE A 817 32.40 -17.68 33.32
CA PHE A 817 32.54 -16.28 33.73
C PHE A 817 32.27 -15.34 32.58
N ILE A 818 32.90 -15.61 31.43
CA ILE A 818 32.70 -14.75 30.26
C ILE A 818 31.25 -14.79 29.81
N GLU A 819 30.62 -15.96 29.87
CA GLU A 819 29.23 -16.08 29.46
C GLU A 819 28.33 -15.25 30.36
N ASP A 820 28.58 -15.25 31.67
CA ASP A 820 27.79 -14.42 32.58
C ASP A 820 28.03 -12.94 32.31
N LEU A 821 29.27 -12.55 32.03
CA LEU A 821 29.53 -11.16 31.67
C LEU A 821 28.73 -10.76 30.43
N LEU A 822 28.71 -11.63 29.42
CA LEU A 822 27.95 -11.34 28.21
C LEU A 822 26.46 -11.24 28.50
N PHE A 823 25.94 -12.16 29.31
CA PHE A 823 24.50 -12.16 29.58
C PHE A 823 24.07 -10.94 30.39
N ASN A 824 24.91 -10.51 31.33
CA ASN A 824 24.57 -9.33 32.12
C ASN A 824 24.76 -8.06 31.31
N LYS A 825 25.71 -8.06 30.37
CA LYS A 825 26.00 -6.84 29.62
C LYS A 825 24.83 -6.43 28.74
N VAL A 826 24.18 -7.39 28.07
CA VAL A 826 23.05 -7.11 27.20
C VAL A 826 21.79 -7.69 27.82
N THR A 827 20.80 -6.83 28.03
CA THR A 827 19.53 -7.24 28.63
C THR A 827 18.35 -6.61 27.90
N PHE A 855 -1.60 -6.22 25.86
CA PHE A 855 -1.44 -6.47 24.43
C PHE A 855 -2.72 -6.98 23.80
N ASN A 856 -2.77 -6.99 22.46
CA ASN A 856 -3.96 -7.37 21.70
C ASN A 856 -3.56 -8.43 20.67
N GLY A 857 -3.62 -9.70 21.08
CA GLY A 857 -3.24 -10.79 20.21
C GLY A 857 -1.75 -10.98 20.05
N LEU A 858 -0.94 -10.25 20.82
CA LEU A 858 0.51 -10.31 20.72
C LEU A 858 1.06 -11.31 21.72
N THR A 859 1.50 -12.46 21.23
CA THR A 859 2.09 -13.49 22.08
C THR A 859 3.53 -13.73 21.66
N VAL A 860 4.35 -14.11 22.64
CA VAL A 860 5.76 -14.42 22.42
C VAL A 860 5.98 -15.88 22.79
N LEU A 861 6.50 -16.65 21.84
CA LEU A 861 6.76 -18.07 21.94
C LEU A 861 8.16 -18.33 22.50
N PRO A 862 8.27 -19.10 23.59
CA PRO A 862 9.59 -19.38 24.15
C PRO A 862 10.43 -20.21 23.21
N PRO A 863 11.75 -20.03 23.21
CA PRO A 863 12.60 -20.83 22.32
C PRO A 863 12.60 -22.30 22.73
N LEU A 864 12.84 -23.16 21.74
CA LEU A 864 12.84 -24.59 21.98
C LEU A 864 14.02 -25.02 22.84
N LEU A 865 15.20 -24.47 22.58
CA LEU A 865 16.41 -24.78 23.34
C LEU A 865 16.59 -23.75 24.44
N THR A 866 16.47 -24.19 25.69
CA THR A 866 16.68 -23.28 26.81
C THR A 866 18.15 -22.92 26.92
N ASP A 867 18.42 -21.83 27.65
CA ASP A 867 19.79 -21.33 27.74
C ASP A 867 20.73 -22.32 28.39
N GLU A 868 20.22 -23.15 29.30
CA GLU A 868 21.06 -24.17 29.91
C GLU A 868 21.55 -25.17 28.88
N MET A 869 20.67 -25.57 27.94
CA MET A 869 21.09 -26.51 26.91
C MET A 869 22.14 -25.90 25.99
N ILE A 870 21.98 -24.62 25.63
CA ILE A 870 22.98 -23.97 24.78
C ILE A 870 24.31 -23.86 25.51
N ALA A 871 24.28 -23.54 26.81
CA ALA A 871 25.52 -23.51 27.58
C ALA A 871 26.16 -24.89 27.64
N GLN A 872 25.34 -25.94 27.77
CA GLN A 872 25.86 -27.30 27.77
C GLN A 872 26.52 -27.64 26.43
N TYR A 873 25.90 -27.21 25.33
CA TYR A 873 26.49 -27.45 24.02
C TYR A 873 27.83 -26.75 23.88
N THR A 874 27.92 -25.49 24.31
CA THR A 874 29.19 -24.78 24.23
C THR A 874 30.24 -25.44 25.12
N SER A 875 29.83 -25.93 26.30
CA SER A 875 30.75 -26.63 27.17
C SER A 875 31.27 -27.91 26.53
N ALA A 876 30.38 -28.65 25.84
CA ALA A 876 30.82 -29.85 25.14
C ALA A 876 31.81 -29.51 24.03
N LEU A 877 31.51 -28.47 23.24
CA LEU A 877 32.44 -28.01 22.21
C LEU A 877 33.80 -27.69 22.79
N LEU A 878 33.81 -26.92 23.89
CA LEU A 878 35.07 -26.42 24.43
C LEU A 878 35.88 -27.53 25.09
N ALA A 879 35.22 -28.44 25.82
CA ALA A 879 35.92 -29.57 26.40
C ALA A 879 36.48 -30.49 25.32
N GLY A 880 35.70 -30.72 24.25
CA GLY A 880 36.19 -31.55 23.17
C GLY A 880 37.40 -30.95 22.47
N THR A 881 37.38 -29.63 22.25
CA THR A 881 38.52 -29.03 21.56
C THR A 881 39.75 -28.94 22.46
N ILE A 882 39.55 -28.82 23.77
CA ILE A 882 40.72 -28.85 24.67
C ILE A 882 41.32 -30.25 24.74
N THR A 883 40.49 -31.27 24.88
CA THR A 883 41.01 -32.60 25.17
C THR A 883 41.28 -33.46 23.95
N SER A 884 40.88 -33.03 22.75
CA SER A 884 41.03 -33.84 21.56
C SER A 884 41.56 -33.11 20.33
N GLY A 885 41.57 -31.78 20.32
CA GLY A 885 41.97 -31.09 19.11
C GLY A 885 40.85 -31.13 18.09
N TRP A 886 41.19 -31.40 16.84
CA TRP A 886 40.21 -31.48 15.77
C TRP A 886 39.74 -32.91 15.50
N THR A 887 40.21 -33.89 16.26
CA THR A 887 39.86 -35.27 15.96
C THR A 887 38.41 -35.59 16.26
N PHE A 888 37.82 -34.94 17.26
CA PHE A 888 36.44 -35.24 17.63
C PHE A 888 35.46 -34.77 16.55
N GLY A 889 35.87 -33.78 15.75
CA GLY A 889 35.02 -33.34 14.66
C GLY A 889 34.87 -34.39 13.58
N ALA A 890 35.98 -35.03 13.20
CA ALA A 890 35.95 -36.00 12.10
C ALA A 890 35.27 -37.30 12.53
N GLY A 891 35.63 -37.83 13.68
CA GLY A 891 35.10 -39.11 14.16
C GLY A 891 35.07 -39.17 15.65
N ALA A 892 35.55 -40.29 16.20
CA ALA A 892 35.65 -40.42 17.65
C ALA A 892 36.74 -39.50 18.19
N ALA A 893 36.55 -39.05 19.43
CA ALA A 893 37.47 -38.12 20.07
C ALA A 893 38.72 -38.88 20.51
N LEU A 894 39.86 -38.45 19.98
CA LEU A 894 41.16 -39.06 20.30
C LEU A 894 41.92 -38.10 21.21
N GLN A 895 42.28 -38.56 22.40
CA GLN A 895 42.94 -37.69 23.34
C GLN A 895 44.36 -37.36 22.89
N ILE A 896 44.84 -36.21 23.32
CA ILE A 896 46.15 -35.67 22.96
C ILE A 896 46.60 -34.71 24.04
N PRO A 897 47.86 -34.76 24.49
CA PRO A 897 48.34 -33.71 25.39
C PRO A 897 48.25 -32.35 24.73
N PHE A 898 47.90 -31.34 25.52
CA PHE A 898 47.60 -30.03 24.94
C PHE A 898 48.84 -29.40 24.32
N ALA A 899 50.02 -29.70 24.87
CA ALA A 899 51.25 -29.18 24.26
C ALA A 899 51.45 -29.73 22.86
N MET A 900 51.19 -31.02 22.67
CA MET A 900 51.39 -31.63 21.36
C MET A 900 50.38 -31.09 20.34
N GLN A 901 49.16 -30.79 20.79
CA GLN A 901 48.19 -30.17 19.91
C GLN A 901 48.67 -28.79 19.46
N MET A 902 49.25 -28.02 20.38
CA MET A 902 49.80 -26.73 20.02
C MET A 902 50.95 -26.87 19.04
N ALA A 903 51.78 -27.91 19.22
CA ALA A 903 52.87 -28.14 18.27
C ALA A 903 52.33 -28.49 16.89
N TYR A 904 51.27 -29.30 16.84
CA TYR A 904 50.63 -29.62 15.57
C TYR A 904 50.10 -28.36 14.90
N ARG A 905 49.50 -27.46 15.67
CA ARG A 905 48.93 -26.25 15.10
C ARG A 905 50.02 -25.29 14.63
N PHE A 906 51.15 -25.23 15.36
CA PHE A 906 52.29 -24.47 14.87
C PHE A 906 52.80 -25.03 13.55
N ASN A 907 52.88 -26.35 13.45
CA ASN A 907 53.22 -26.96 12.16
C ASN A 907 52.20 -26.57 11.09
N GLY A 908 50.94 -26.46 11.47
CA GLY A 908 49.91 -26.08 10.53
C GLY A 908 50.08 -24.66 10.00
N ILE A 909 50.52 -23.73 10.86
CA ILE A 909 50.71 -22.35 10.41
C ILE A 909 52.06 -22.12 9.75
N GLY A 910 52.98 -23.08 9.82
CA GLY A 910 54.24 -22.98 9.10
C GLY A 910 55.47 -22.84 9.96
N VAL A 911 55.35 -22.92 11.29
CA VAL A 911 56.48 -22.82 12.20
C VAL A 911 56.75 -24.20 12.78
N THR A 912 58.02 -24.58 12.83
CA THR A 912 58.36 -25.91 13.31
C THR A 912 57.98 -26.06 14.78
N GLN A 913 57.64 -27.29 15.16
CA GLN A 913 57.19 -27.58 16.52
C GLN A 913 58.30 -27.41 17.54
N ASN A 914 59.55 -27.23 17.09
CA ASN A 914 60.64 -26.86 17.97
C ASN A 914 60.32 -25.60 18.74
N VAL A 915 59.77 -24.59 18.05
CA VAL A 915 59.60 -23.26 18.63
C VAL A 915 58.64 -23.30 19.80
N LEU A 916 57.60 -24.12 19.71
CA LEU A 916 56.66 -24.24 20.82
C LEU A 916 57.34 -24.79 22.07
N TYR A 917 58.08 -25.90 21.92
CA TYR A 917 58.65 -26.55 23.09
C TYR A 917 59.77 -25.72 23.70
N GLU A 918 60.52 -25.00 22.87
CA GLU A 918 61.58 -24.14 23.41
C GLU A 918 60.99 -22.92 24.12
N ASN A 919 59.74 -22.56 23.81
CA ASN A 919 59.11 -21.37 24.35
C ASN A 919 57.72 -21.65 24.92
N GLN A 920 57.56 -22.72 25.68
CA GLN A 920 56.23 -23.11 26.13
C GLN A 920 55.70 -22.17 27.22
N LYS A 921 56.55 -21.84 28.20
CA LYS A 921 56.10 -21.00 29.31
C LYS A 921 55.71 -19.62 28.83
N LEU A 922 56.49 -19.04 27.92
CA LEU A 922 56.19 -17.72 27.40
C LEU A 922 54.87 -17.71 26.65
N ILE A 923 54.62 -18.75 25.84
CA ILE A 923 53.36 -18.84 25.10
C ILE A 923 52.19 -18.99 26.06
N ALA A 924 52.34 -19.80 27.10
CA ALA A 924 51.26 -19.95 28.07
C ALA A 924 50.97 -18.64 28.78
N ASN A 925 52.01 -17.91 29.18
CA ASN A 925 51.80 -16.63 29.84
C ASN A 925 51.13 -15.62 28.92
N GLN A 926 51.54 -15.58 27.66
CA GLN A 926 50.93 -14.67 26.70
C GLN A 926 49.46 -14.99 26.49
N PHE A 927 49.12 -16.27 26.37
CA PHE A 927 47.73 -16.67 26.21
C PHE A 927 46.90 -16.29 27.43
N ASN A 928 47.44 -16.53 28.63
CA ASN A 928 46.72 -16.16 29.84
C ASN A 928 46.50 -14.66 29.94
N SER A 929 47.53 -13.86 29.61
CA SER A 929 47.38 -12.41 29.65
C SER A 929 46.34 -11.94 28.65
N ALA A 930 46.34 -12.49 27.43
CA ALA A 930 45.36 -12.08 26.44
C ALA A 930 43.95 -12.42 26.87
N ILE A 931 43.75 -13.62 27.43
CA ILE A 931 42.40 -14.00 27.84
C ILE A 931 41.95 -13.19 29.05
N GLY A 932 42.89 -12.75 29.90
CA GLY A 932 42.53 -11.84 30.97
C GLY A 932 42.13 -10.46 30.46
N LYS A 933 42.85 -9.96 29.46
CA LYS A 933 42.48 -8.69 28.85
C LYS A 933 41.12 -8.78 28.18
N ILE A 934 40.75 -9.96 27.68
CA ILE A 934 39.40 -10.13 27.14
C ILE A 934 38.36 -9.86 28.22
N GLN A 935 38.55 -10.44 29.40
CA GLN A 935 37.65 -10.20 30.53
C GLN A 935 37.62 -8.72 30.88
N ASP A 936 38.78 -8.08 30.97
CA ASP A 936 38.82 -6.67 31.34
C ASP A 936 38.07 -5.81 30.33
N SER A 937 38.28 -6.08 29.03
CA SER A 937 37.59 -5.30 28.01
C SER A 937 36.09 -5.52 28.06
N LEU A 938 35.65 -6.76 28.25
CA LEU A 938 34.22 -7.04 28.30
C LEU A 938 33.57 -6.36 29.51
N SER A 939 34.21 -6.47 30.68
CA SER A 939 33.63 -5.94 31.90
C SER A 939 33.63 -4.41 31.90
N SER A 940 34.76 -3.80 31.56
CA SER A 940 34.88 -2.35 31.67
C SER A 940 34.20 -1.65 30.50
N THR A 941 34.59 -1.97 29.28
CA THR A 941 34.08 -1.26 28.12
C THR A 941 32.66 -1.70 27.78
N ALA A 942 31.87 -0.73 27.34
CA ALA A 942 30.49 -0.99 26.92
C ALA A 942 30.39 -0.84 25.41
N SER A 943 29.20 -1.12 24.89
CA SER A 943 28.82 -1.06 23.47
C SER A 943 29.57 -2.09 22.64
N ALA A 944 30.27 -3.05 23.27
CA ALA A 944 30.94 -4.09 22.51
C ALA A 944 29.94 -5.03 21.85
N LEU A 945 28.77 -5.20 22.47
CA LEU A 945 27.72 -6.09 21.95
C LEU A 945 26.63 -5.33 21.20
N GLY A 946 27.00 -4.27 20.47
CA GLY A 946 26.00 -3.48 19.77
C GLY A 946 25.26 -4.27 18.70
N LYS A 947 25.95 -5.23 18.08
CA LYS A 947 25.32 -6.03 17.04
C LYS A 947 24.16 -6.84 17.61
N LEU A 948 24.34 -7.41 18.79
CA LEU A 948 23.26 -8.17 19.44
C LEU A 948 22.14 -7.24 19.90
N GLN A 949 22.51 -6.04 20.35
CA GLN A 949 21.50 -5.11 20.86
C GLN A 949 20.65 -4.52 19.74
N ASP A 950 21.20 -4.42 18.54
CA ASP A 950 20.47 -3.84 17.42
C ASP A 950 19.23 -4.67 17.08
N VAL A 951 19.37 -6.00 17.10
CA VAL A 951 18.23 -6.87 16.78
C VAL A 951 17.11 -6.66 17.78
N VAL A 952 17.46 -6.63 19.07
CA VAL A 952 16.45 -6.44 20.12
C VAL A 952 15.77 -5.08 19.96
N ASN A 953 16.57 -4.04 19.72
CA ASN A 953 16.00 -2.70 19.57
C ASN A 953 15.07 -2.62 18.37
N GLN A 954 15.48 -3.22 17.23
CA GLN A 954 14.65 -3.18 16.04
C GLN A 954 13.34 -3.92 16.24
N ASN A 955 13.40 -5.11 16.85
CA ASN A 955 12.17 -5.87 17.09
C ASN A 955 11.25 -5.14 18.05
N ALA A 956 11.80 -4.56 19.12
CA ALA A 956 10.98 -3.82 20.07
C ALA A 956 10.34 -2.60 19.41
N GLN A 957 11.09 -1.88 18.58
CA GLN A 957 10.54 -0.71 17.92
C GLN A 957 9.44 -1.08 16.95
N ALA A 958 9.63 -2.16 16.18
CA ALA A 958 8.59 -2.60 15.26
C ALA A 958 7.34 -3.01 16.01
N LEU A 959 7.49 -3.75 17.11
CA LEU A 959 6.33 -4.16 17.89
C LEU A 959 5.62 -2.95 18.49
N ASN A 960 6.39 -1.97 18.96
CA ASN A 960 5.80 -0.78 19.55
C ASN A 960 5.01 0.03 18.52
N THR A 961 5.55 0.19 17.31
CA THR A 961 4.80 0.95 16.30
C THR A 961 3.57 0.16 15.85
N LEU A 962 3.66 -1.16 15.83
CA LEU A 962 2.48 -1.97 15.54
C LEU A 962 1.40 -1.74 16.59
N VAL A 963 1.80 -1.69 17.87
CA VAL A 963 0.83 -1.41 18.92
C VAL A 963 0.24 -0.02 18.78
N LYS A 964 1.08 0.98 18.53
CA LYS A 964 0.64 2.37 18.47
C LYS A 964 -0.21 2.68 17.25
N GLN A 965 -0.15 1.86 16.21
CA GLN A 965 -1.04 2.02 15.06
C GLN A 965 -2.49 1.70 15.38
N LEU A 966 -2.77 1.18 16.58
CA LEU A 966 -4.14 0.92 17.00
C LEU A 966 -4.83 2.15 17.57
N SER A 967 -4.11 3.27 17.67
CA SER A 967 -4.65 4.50 18.24
C SER A 967 -4.95 5.55 17.19
N SER A 968 -5.01 5.18 15.92
CA SER A 968 -5.21 6.12 14.82
C SER A 968 -6.62 5.97 14.27
N ASN A 969 -7.25 7.10 13.97
CA ASN A 969 -8.63 7.07 13.49
C ASN A 969 -8.74 6.43 12.11
N PHE A 970 -7.74 6.66 11.25
CA PHE A 970 -7.77 6.22 9.85
C PHE A 970 -8.98 6.78 9.11
N GLY A 971 -9.40 7.99 9.47
CA GLY A 971 -10.52 8.65 8.83
C GLY A 971 -11.87 8.35 9.45
N ALA A 972 -11.93 7.51 10.47
CA ALA A 972 -13.19 7.19 11.13
C ALA A 972 -13.54 8.29 12.13
N ILE A 973 -14.62 8.07 12.89
CA ILE A 973 -15.01 9.03 13.91
C ILE A 973 -14.28 8.81 15.22
N SER A 974 -13.73 7.61 15.43
CA SER A 974 -12.97 7.31 16.64
C SER A 974 -12.07 6.13 16.36
N SER A 975 -11.08 5.94 17.23
CA SER A 975 -10.19 4.79 17.17
C SER A 975 -10.64 3.66 18.07
N VAL A 976 -11.69 3.86 18.86
CA VAL A 976 -12.22 2.82 19.74
C VAL A 976 -13.43 2.20 19.05
N LEU A 977 -13.34 0.91 18.75
CA LEU A 977 -14.42 0.26 18.00
C LEU A 977 -15.67 0.10 18.84
N ASN A 978 -15.51 -0.21 20.14
CA ASN A 978 -16.66 -0.29 21.03
C ASN A 978 -17.38 1.04 21.14
N ASP A 979 -16.63 2.13 21.16
CA ASP A 979 -17.24 3.46 21.20
C ASP A 979 -18.05 3.72 19.94
N ILE A 980 -17.54 3.32 18.77
CA ILE A 980 -18.29 3.48 17.54
C ILE A 980 -19.57 2.67 17.59
N LEU A 981 -19.48 1.42 18.09
CA LEU A 981 -20.67 0.59 18.17
C LEU A 981 -21.72 1.17 19.11
N SER A 982 -21.29 1.69 20.26
CA SER A 982 -22.25 2.16 21.26
C SER A 982 -22.90 3.47 20.84
N ARG A 983 -22.18 4.32 20.12
CA ARG A 983 -22.67 5.64 19.75
C ARG A 983 -23.48 5.65 18.47
N LEU A 984 -23.42 4.60 17.64
CA LEU A 984 -23.94 4.67 16.29
C LEU A 984 -24.74 3.41 15.97
N ASP A 985 -25.74 3.57 15.12
CA ASP A 985 -26.59 2.47 14.69
C ASP A 985 -25.85 1.56 13.71
N PRO A 986 -26.27 0.30 13.61
CA PRO A 986 -25.54 -0.68 12.79
C PRO A 986 -25.38 -0.26 11.34
N PRO A 987 -26.40 0.32 10.68
CA PRO A 987 -26.20 0.68 9.26
C PRO A 987 -25.09 1.68 9.03
N GLU A 988 -24.87 2.62 9.97
CA GLU A 988 -23.85 3.63 9.76
C GLU A 988 -22.51 3.21 10.36
N ALA A 989 -22.53 2.27 11.31
CA ALA A 989 -21.29 1.87 11.97
C ALA A 989 -20.36 1.14 11.01
N GLU A 990 -20.92 0.46 10.01
CA GLU A 990 -20.10 -0.31 9.07
C GLU A 990 -19.17 0.59 8.28
N VAL A 991 -19.60 1.82 8.00
CA VAL A 991 -18.77 2.74 7.23
C VAL A 991 -17.48 3.06 7.98
N GLN A 992 -17.58 3.33 9.29
CA GLN A 992 -16.38 3.58 10.08
C GLN A 992 -15.58 2.31 10.29
N ILE A 993 -16.27 1.19 10.52
CA ILE A 993 -15.57 -0.07 10.79
C ILE A 993 -14.74 -0.49 9.58
N ASP A 994 -15.24 -0.24 8.37
CA ASP A 994 -14.48 -0.60 7.17
C ASP A 994 -13.18 0.19 7.08
N ARG A 995 -13.22 1.48 7.39
CA ARG A 995 -11.98 2.27 7.41
C ARG A 995 -11.01 1.75 8.46
N LEU A 996 -11.52 1.41 9.64
CA LEU A 996 -10.65 0.84 10.67
C LEU A 996 -10.02 -0.46 10.20
N ILE A 997 -10.81 -1.33 9.56
CA ILE A 997 -10.30 -2.59 9.04
C ILE A 997 -9.20 -2.35 8.02
N THR A 998 -9.42 -1.41 7.10
CA THR A 998 -8.42 -1.15 6.07
C THR A 998 -7.11 -0.68 6.69
N GLY A 999 -7.19 0.28 7.61
CA GLY A 999 -5.97 0.78 8.24
C GLY A 999 -5.22 -0.30 9.01
N ARG A 1000 -5.94 -1.08 9.81
CA ARG A 1000 -5.27 -2.09 10.62
C ARG A 1000 -4.70 -3.22 9.77
N LEU A 1001 -5.41 -3.63 8.71
CA LEU A 1001 -4.87 -4.62 7.80
C LEU A 1001 -3.59 -4.13 7.15
N GLN A 1002 -3.57 -2.88 6.69
CA GLN A 1002 -2.37 -2.36 6.05
C GLN A 1002 -1.20 -2.31 7.02
N SER A 1003 -1.44 -1.88 8.26
CA SER A 1003 -0.36 -1.84 9.25
C SER A 1003 0.17 -3.24 9.53
N LEU A 1004 -0.72 -4.22 9.69
CA LEU A 1004 -0.28 -5.58 9.98
C LEU A 1004 0.51 -6.16 8.81
N GLN A 1005 0.07 -5.91 7.58
CA GLN A 1005 0.81 -6.39 6.41
C GLN A 1005 2.19 -5.79 6.35
N THR A 1006 2.31 -4.50 6.64
CA THR A 1006 3.63 -3.86 6.66
C THR A 1006 4.52 -4.51 7.71
N TYR A 1007 3.97 -4.76 8.91
CA TYR A 1007 4.76 -5.40 9.96
C TYR A 1007 5.26 -6.78 9.52
N VAL A 1008 4.38 -7.57 8.91
CA VAL A 1008 4.77 -8.92 8.52
C VAL A 1008 5.86 -8.88 7.44
N THR A 1009 5.72 -7.98 6.46
CA THR A 1009 6.72 -7.87 5.41
C THR A 1009 8.08 -7.49 5.98
N GLN A 1010 8.10 -6.50 6.89
CA GLN A 1010 9.37 -6.12 7.50
C GLN A 1010 9.99 -7.27 8.29
N GLN A 1011 9.14 -8.03 9.01
CA GLN A 1011 9.67 -9.16 9.77
C GLN A 1011 10.28 -10.21 8.87
N LEU A 1012 9.64 -10.50 7.74
CA LEU A 1012 10.22 -11.47 6.80
C LEU A 1012 11.57 -10.99 6.27
N ILE A 1013 11.64 -9.73 5.87
CA ILE A 1013 12.90 -9.20 5.33
C ILE A 1013 14.00 -9.25 6.38
N ARG A 1014 13.66 -8.98 7.65
CA ARG A 1014 14.67 -9.06 8.70
C ARG A 1014 15.08 -10.50 9.00
N ALA A 1015 14.12 -11.43 8.95
CA ALA A 1015 14.43 -12.83 9.22
C ALA A 1015 15.39 -13.39 8.18
N ALA A 1016 15.29 -12.92 6.93
CA ALA A 1016 16.24 -13.36 5.92
C ALA A 1016 17.68 -13.02 6.32
N GLU A 1017 17.91 -11.78 6.77
CA GLU A 1017 19.24 -11.38 7.20
C GLU A 1017 19.70 -12.15 8.43
N ILE A 1018 18.79 -12.40 9.37
CA ILE A 1018 19.16 -13.19 10.54
C ILE A 1018 19.57 -14.60 10.14
N ARG A 1019 18.88 -15.18 9.14
CA ARG A 1019 19.27 -16.49 8.66
C ARG A 1019 20.64 -16.48 8.01
N ALA A 1020 20.94 -15.43 7.24
CA ALA A 1020 22.28 -15.32 6.65
C ALA A 1020 23.35 -15.26 7.74
N SER A 1021 23.10 -14.46 8.78
CA SER A 1021 24.07 -14.39 9.88
C SER A 1021 24.22 -15.72 10.59
N ALA A 1022 23.11 -16.44 10.78
CA ALA A 1022 23.17 -17.74 11.43
C ALA A 1022 23.96 -18.74 10.61
N ASN A 1023 23.80 -18.71 9.28
CA ASN A 1023 24.59 -19.59 8.42
C ASN A 1023 26.07 -19.26 8.51
N LEU A 1024 26.41 -17.97 8.54
CA LEU A 1024 27.82 -17.61 8.70
C LEU A 1024 28.37 -18.09 10.04
N ALA A 1025 27.57 -17.95 11.11
CA ALA A 1025 28.01 -18.40 12.42
C ALA A 1025 28.21 -19.91 12.45
N ALA A 1026 27.32 -20.66 11.79
CA ALA A 1026 27.47 -22.12 11.73
C ALA A 1026 28.72 -22.51 10.96
N THR A 1027 28.99 -21.84 9.85
CA THR A 1027 30.21 -22.13 9.10
C THR A 1027 31.45 -21.82 9.92
N LYS A 1028 31.44 -20.71 10.66
CA LYS A 1028 32.58 -20.38 11.50
C LYS A 1028 32.75 -21.39 12.63
N MET A 1029 31.65 -21.89 13.19
CA MET A 1029 31.77 -22.94 14.20
C MET A 1029 32.36 -24.20 13.60
N SER A 1030 31.94 -24.57 12.40
CA SER A 1030 32.47 -25.78 11.77
C SER A 1030 33.95 -25.65 11.45
N GLU A 1031 34.39 -24.48 10.97
CA GLU A 1031 35.75 -24.38 10.46
C GLU A 1031 36.74 -23.84 11.48
N CYS A 1032 36.41 -22.74 12.17
CA CYS A 1032 37.33 -22.18 13.16
C CYS A 1032 37.45 -23.07 14.40
N VAL A 1033 36.34 -23.63 14.87
CA VAL A 1033 36.34 -24.34 16.14
C VAL A 1033 36.66 -25.82 16.00
N LEU A 1034 36.07 -26.52 15.05
CA LEU A 1034 36.30 -27.95 14.88
C LEU A 1034 37.54 -28.25 14.05
N GLY A 1035 38.28 -27.23 13.64
CA GLY A 1035 39.49 -27.44 12.88
C GLY A 1035 40.35 -26.20 12.86
N GLN A 1036 41.40 -26.25 12.05
CA GLN A 1036 42.30 -25.13 11.84
C GLN A 1036 42.17 -24.66 10.40
N SER A 1037 41.85 -23.39 10.20
CA SER A 1037 41.56 -22.86 8.88
C SER A 1037 42.75 -22.09 8.32
N LYS A 1038 42.96 -22.23 7.02
CA LYS A 1038 43.98 -21.49 6.30
C LYS A 1038 43.40 -20.31 5.52
N ARG A 1039 42.12 -20.01 5.71
CA ARG A 1039 41.49 -18.88 5.04
C ARG A 1039 41.84 -17.60 5.76
N VAL A 1040 42.33 -16.61 5.00
CA VAL A 1040 42.86 -15.39 5.60
C VAL A 1040 41.71 -14.54 6.13
N ASP A 1041 41.83 -14.12 7.39
CA ASP A 1041 40.91 -13.26 8.12
C ASP A 1041 39.56 -13.92 8.37
N PHE A 1042 39.37 -15.19 8.04
CA PHE A 1042 38.12 -15.87 8.37
C PHE A 1042 38.00 -16.12 9.87
N CYS A 1043 39.09 -16.52 10.50
CA CYS A 1043 39.11 -16.82 11.93
C CYS A 1043 40.06 -15.84 12.60
N GLY A 1044 39.56 -14.65 12.93
CA GLY A 1044 40.39 -13.62 13.52
C GLY A 1044 41.39 -13.04 12.54
N LYS A 1045 42.30 -12.22 13.08
CA LYS A 1045 43.36 -11.60 12.31
C LYS A 1045 44.70 -12.19 12.69
N GLY A 1046 45.48 -12.57 11.70
CA GLY A 1046 46.75 -13.24 11.89
C GLY A 1046 46.71 -14.67 11.40
N TYR A 1047 47.65 -15.47 11.89
CA TYR A 1047 47.69 -16.89 11.55
C TYR A 1047 46.87 -17.66 12.59
N HIS A 1048 45.78 -18.26 12.14
CA HIS A 1048 44.83 -18.89 13.06
C HIS A 1048 45.44 -20.11 13.74
N LEU A 1049 45.19 -20.22 15.05
CA LEU A 1049 45.61 -21.38 15.83
C LEU A 1049 44.42 -22.19 16.32
N MET A 1050 43.50 -21.56 17.06
CA MET A 1050 42.28 -22.24 17.48
C MET A 1050 41.27 -21.19 17.93
N SER A 1051 40.01 -21.63 18.07
CA SER A 1051 38.94 -20.76 18.50
C SER A 1051 38.12 -21.46 19.56
N PHE A 1052 37.49 -20.67 20.43
CA PHE A 1052 36.63 -21.16 21.49
C PHE A 1052 35.27 -20.48 21.39
N PRO A 1053 34.18 -21.23 21.45
CA PRO A 1053 32.85 -20.60 21.40
C PRO A 1053 32.31 -20.27 22.79
N GLN A 1054 31.56 -19.19 22.86
CA GLN A 1054 30.86 -18.78 24.07
C GLN A 1054 29.46 -18.34 23.70
N SER A 1055 28.46 -18.88 24.40
CA SER A 1055 27.08 -18.55 24.09
C SER A 1055 26.75 -17.13 24.53
N ALA A 1056 25.86 -16.50 23.78
CA ALA A 1056 25.36 -15.16 24.02
C ALA A 1056 23.84 -15.22 24.07
N PRO A 1057 23.19 -14.18 24.62
CA PRO A 1057 21.73 -14.25 24.78
C PRO A 1057 20.96 -14.57 23.50
N HIS A 1058 21.36 -14.02 22.37
CA HIS A 1058 20.73 -14.33 21.09
C HIS A 1058 21.76 -14.49 19.99
N GLY A 1059 22.95 -14.94 20.36
CA GLY A 1059 24.02 -15.08 19.40
C GLY A 1059 25.11 -15.98 19.92
N VAL A 1060 26.31 -15.78 19.39
CA VAL A 1060 27.49 -16.55 19.77
C VAL A 1060 28.71 -15.64 19.73
N VAL A 1061 29.61 -15.84 20.68
CA VAL A 1061 30.85 -15.07 20.77
C VAL A 1061 32.00 -16.04 20.53
N PHE A 1062 32.85 -15.72 19.56
CA PHE A 1062 34.01 -16.54 19.22
C PHE A 1062 35.27 -15.87 19.75
N LEU A 1063 36.11 -16.64 20.43
CA LEU A 1063 37.41 -16.18 20.88
C LEU A 1063 38.47 -16.77 19.96
N HIS A 1064 39.01 -15.95 19.08
CA HIS A 1064 39.95 -16.39 18.05
C HIS A 1064 41.38 -16.21 18.55
N VAL A 1065 42.11 -17.31 18.68
CA VAL A 1065 43.51 -17.28 19.05
C VAL A 1065 44.35 -17.33 17.77
N THR A 1066 45.23 -16.35 17.60
CA THR A 1066 46.02 -16.22 16.39
C THR A 1066 47.48 -15.99 16.73
N TYR A 1067 48.35 -16.27 15.76
CA TYR A 1067 49.79 -16.11 15.90
C TYR A 1067 50.21 -14.87 15.11
N VAL A 1068 50.82 -13.91 15.79
CA VAL A 1068 51.24 -12.65 15.17
C VAL A 1068 52.76 -12.52 15.36
N PRO A 1069 53.54 -12.57 14.29
CA PRO A 1069 54.99 -12.38 14.43
C PRO A 1069 55.34 -10.96 14.80
N ALA A 1070 56.48 -10.81 15.47
CA ALA A 1070 56.91 -9.51 15.98
C ALA A 1070 58.43 -9.44 15.95
N GLN A 1071 58.94 -8.21 16.05
CA GLN A 1071 60.37 -7.93 16.17
C GLN A 1071 61.14 -8.46 14.95
N GLU A 1072 60.81 -7.91 13.78
CA GLU A 1072 61.49 -8.29 12.56
C GLU A 1072 62.85 -7.61 12.46
N LYS A 1073 63.73 -8.20 11.66
CA LYS A 1073 65.08 -7.70 11.47
C LYS A 1073 65.43 -7.71 9.99
N ASN A 1074 66.24 -6.75 9.56
CA ASN A 1074 66.71 -6.68 8.19
C ASN A 1074 67.71 -7.79 7.90
N PHE A 1075 67.78 -8.23 6.65
CA PHE A 1075 68.70 -9.29 6.24
C PHE A 1075 68.99 -9.19 4.75
N THR A 1076 70.12 -9.73 4.31
CA THR A 1076 70.46 -9.84 2.90
C THR A 1076 70.22 -11.27 2.44
N THR A 1077 69.58 -11.40 1.28
CA THR A 1077 69.09 -12.70 0.84
C THR A 1077 69.47 -12.94 -0.62
N ALA A 1078 69.47 -14.23 -0.99
CA ALA A 1078 69.78 -14.66 -2.34
C ALA A 1078 68.85 -15.79 -2.74
N PRO A 1079 68.55 -15.93 -4.04
CA PRO A 1079 67.69 -17.04 -4.46
C PRO A 1079 68.36 -18.40 -4.41
N ALA A 1080 69.64 -18.48 -4.78
CA ALA A 1080 70.33 -19.76 -4.84
C ALA A 1080 71.79 -19.55 -4.47
N ILE A 1081 72.54 -20.65 -4.39
CA ILE A 1081 73.94 -20.65 -3.98
C ILE A 1081 74.74 -21.49 -4.98
N CYS A 1082 75.85 -20.95 -5.46
CA CYS A 1082 76.75 -21.67 -6.35
C CYS A 1082 77.74 -22.49 -5.53
N HIS A 1083 77.88 -23.76 -5.88
CA HIS A 1083 78.91 -24.62 -5.29
C HIS A 1083 79.27 -25.71 -6.29
N ASP A 1084 80.55 -25.80 -6.62
CA ASP A 1084 81.05 -26.79 -7.59
C ASP A 1084 80.32 -26.67 -8.93
N GLY A 1085 80.05 -25.43 -9.34
CA GLY A 1085 79.34 -25.21 -10.60
C GLY A 1085 77.95 -25.76 -10.61
N LYS A 1086 77.24 -25.69 -9.48
CA LYS A 1086 75.88 -26.18 -9.39
C LYS A 1086 75.05 -25.17 -8.58
N ALA A 1087 73.75 -25.17 -8.85
CA ALA A 1087 72.83 -24.25 -8.18
C ALA A 1087 72.05 -24.99 -7.11
N HIS A 1088 72.10 -24.49 -5.88
CA HIS A 1088 71.45 -25.11 -4.74
C HIS A 1088 70.28 -24.24 -4.29
N PHE A 1089 69.15 -24.87 -4.00
CA PHE A 1089 67.96 -24.15 -3.61
C PHE A 1089 67.51 -24.57 -2.21
N PRO A 1090 66.89 -23.68 -1.44
CA PRO A 1090 66.44 -24.05 -0.10
C PRO A 1090 65.36 -25.13 -0.18
N ARG A 1091 65.38 -26.04 0.80
CA ARG A 1091 64.37 -27.09 0.81
C ARG A 1091 63.06 -26.60 1.42
N GLU A 1092 63.12 -26.08 2.66
CA GLU A 1092 61.94 -25.57 3.34
C GLU A 1092 62.30 -24.27 4.07
N GLY A 1093 63.06 -23.41 3.41
CA GLY A 1093 63.49 -22.18 4.05
C GLY A 1093 63.89 -21.13 3.05
N VAL A 1094 64.76 -20.23 3.51
CA VAL A 1094 65.24 -19.11 2.72
C VAL A 1094 66.69 -18.82 3.11
N PHE A 1095 67.48 -18.36 2.14
CA PHE A 1095 68.88 -18.03 2.37
C PHE A 1095 69.00 -16.61 2.88
N VAL A 1096 69.67 -16.43 4.01
CA VAL A 1096 69.92 -15.11 4.58
C VAL A 1096 71.38 -15.00 4.97
N SER A 1097 71.88 -13.77 5.06
CA SER A 1097 73.24 -13.49 5.48
C SER A 1097 73.25 -12.33 6.46
N ASN A 1098 73.99 -12.48 7.55
CA ASN A 1098 74.08 -11.43 8.55
C ASN A 1098 75.16 -10.40 8.23
N GLY A 1099 75.84 -10.56 7.10
CA GLY A 1099 76.85 -9.59 6.69
C GLY A 1099 78.12 -10.25 6.17
N THR A 1100 78.49 -11.39 6.75
CA THR A 1100 79.67 -12.12 6.33
C THR A 1100 79.46 -13.61 6.18
N HIS A 1101 78.36 -14.16 6.67
CA HIS A 1101 78.12 -15.60 6.62
C HIS A 1101 76.68 -15.86 6.19
N TRP A 1102 76.47 -17.01 5.56
CA TRP A 1102 75.18 -17.37 5.00
C TRP A 1102 74.55 -18.51 5.80
N PHE A 1103 73.23 -18.48 5.94
CA PHE A 1103 72.50 -19.47 6.71
C PHE A 1103 71.20 -19.80 6.01
N VAL A 1104 70.49 -20.80 6.55
CA VAL A 1104 69.15 -21.16 6.11
C VAL A 1104 68.21 -21.03 7.30
N THR A 1105 67.12 -20.31 7.11
CA THR A 1105 66.12 -20.11 8.16
C THR A 1105 64.75 -20.49 7.65
N GLN A 1106 63.88 -20.86 8.57
CA GLN A 1106 62.46 -20.94 8.24
C GLN A 1106 61.90 -19.54 8.05
N ARG A 1107 60.81 -19.45 7.30
CA ARG A 1107 60.36 -18.15 6.80
C ARG A 1107 59.72 -17.30 7.89
N ASN A 1108 59.00 -17.92 8.83
CA ASN A 1108 58.24 -17.18 9.83
C ASN A 1108 58.96 -17.02 11.16
N PHE A 1109 60.19 -17.51 11.28
CA PHE A 1109 60.93 -17.41 12.53
C PHE A 1109 62.41 -17.48 12.20
N TYR A 1110 63.23 -16.70 12.91
CA TYR A 1110 64.65 -16.62 12.62
C TYR A 1110 65.38 -17.70 13.41
N GLU A 1111 65.73 -18.79 12.73
CA GLU A 1111 66.47 -19.90 13.32
C GLU A 1111 67.56 -20.32 12.35
N PRO A 1112 68.69 -19.61 12.35
CA PRO A 1112 69.72 -19.87 11.33
C PRO A 1112 70.37 -21.23 11.50
N GLN A 1113 70.71 -21.85 10.37
CA GLN A 1113 71.41 -23.12 10.34
C GLN A 1113 72.45 -23.11 9.23
N ILE A 1114 73.45 -23.97 9.37
CA ILE A 1114 74.51 -24.07 8.36
C ILE A 1114 73.94 -24.71 7.10
N ILE A 1115 74.32 -24.15 5.95
CA ILE A 1115 73.85 -24.66 4.67
C ILE A 1115 74.57 -25.98 4.39
N THR A 1116 73.80 -27.07 4.37
CA THR A 1116 74.35 -28.40 4.14
C THR A 1116 73.65 -29.04 2.96
N THR A 1117 74.07 -30.26 2.63
CA THR A 1117 73.49 -30.99 1.51
C THR A 1117 72.10 -31.52 1.85
N ASP A 1118 71.81 -31.75 3.13
CA ASP A 1118 70.56 -32.38 3.53
C ASP A 1118 69.42 -31.41 3.75
N ASN A 1119 69.65 -30.10 3.64
CA ASN A 1119 68.56 -29.12 3.68
C ASN A 1119 68.49 -28.27 2.42
N THR A 1120 69.17 -28.68 1.35
CA THR A 1120 69.09 -28.01 0.06
C THR A 1120 69.01 -29.08 -1.02
N PHE A 1121 68.53 -28.67 -2.20
CA PHE A 1121 68.51 -29.54 -3.36
C PHE A 1121 69.11 -28.80 -4.55
N VAL A 1122 69.71 -29.55 -5.46
CA VAL A 1122 70.51 -29.00 -6.55
C VAL A 1122 69.75 -29.22 -7.86
N SER A 1123 69.85 -28.25 -8.76
CA SER A 1123 69.19 -28.35 -10.06
C SER A 1123 69.96 -27.50 -11.07
N GLY A 1124 70.79 -28.14 -11.88
CA GLY A 1124 71.44 -27.50 -13.00
C GLY A 1124 72.60 -26.62 -12.57
N ASN A 1125 73.37 -26.17 -13.56
CA ASN A 1125 74.45 -25.24 -13.30
C ASN A 1125 73.90 -23.86 -12.95
N CYS A 1126 74.72 -23.07 -12.26
CA CYS A 1126 74.29 -21.75 -11.81
C CYS A 1126 74.80 -20.66 -12.76
N ASP A 1127 74.14 -20.58 -13.91
CA ASP A 1127 74.37 -19.50 -14.87
C ASP A 1127 73.09 -18.95 -15.47
N VAL A 1128 71.93 -19.49 -15.13
CA VAL A 1128 70.65 -19.00 -15.62
C VAL A 1128 69.88 -18.25 -14.54
N VAL A 1129 70.10 -18.61 -13.27
CA VAL A 1129 69.39 -17.95 -12.19
C VAL A 1129 69.94 -16.55 -11.98
N ILE A 1130 69.04 -15.58 -11.84
CA ILE A 1130 69.41 -14.19 -11.63
C ILE A 1130 69.48 -13.93 -10.13
N GLY A 1131 70.68 -13.69 -9.63
CA GLY A 1131 70.89 -13.47 -8.21
C GLY A 1131 71.72 -14.52 -7.51
N ILE A 1132 72.38 -15.42 -8.25
CA ILE A 1132 73.23 -16.43 -7.62
C ILE A 1132 74.33 -15.78 -6.79
N VAL A 1133 74.69 -16.43 -5.69
CA VAL A 1133 75.74 -15.97 -4.80
C VAL A 1133 76.68 -17.12 -4.54
N ASN A 1134 77.98 -16.87 -4.66
CA ASN A 1134 78.98 -17.89 -4.38
C ASN A 1134 79.09 -18.13 -2.88
N ASN A 1135 79.04 -19.39 -2.49
CA ASN A 1135 79.19 -19.79 -1.10
C ASN A 1135 79.47 -21.29 -1.08
N THR A 1136 79.68 -21.83 0.12
CA THR A 1136 80.04 -23.23 0.27
C THR A 1136 78.90 -24.02 0.91
N VAL A 1137 78.74 -25.26 0.45
CA VAL A 1137 77.75 -26.20 0.97
C VAL A 1137 78.50 -27.40 1.53
N TYR A 1138 78.22 -27.74 2.77
CA TYR A 1138 78.98 -28.76 3.49
C TYR A 1138 78.29 -30.10 3.39
N ASP A 1139 79.03 -31.12 2.99
CA ASP A 1139 78.52 -32.48 2.97
C ASP A 1139 78.79 -33.13 4.32
N PRO A 1140 77.75 -33.52 5.08
CA PRO A 1140 77.99 -34.08 6.42
C PRO A 1140 78.80 -35.36 6.41
N LEU A 1141 78.71 -36.16 5.34
CA LEU A 1141 79.34 -37.48 5.33
C LEU A 1141 80.86 -37.38 5.31
N GLN A 1142 81.39 -36.37 4.62
CA GLN A 1142 82.85 -36.29 4.47
C GLN A 1142 83.60 -36.14 5.78
N PRO A 1143 83.23 -35.25 6.71
CA PRO A 1143 83.96 -35.22 7.99
C PRO A 1143 83.91 -36.54 8.75
N GLU A 1144 82.78 -37.24 8.69
CA GLU A 1144 82.68 -38.52 9.38
C GLU A 1144 83.52 -39.59 8.70
N LEU A 1145 83.73 -39.46 7.39
CA LEU A 1145 84.62 -40.39 6.70
C LEU A 1145 86.05 -40.24 7.17
N ASP A 1146 86.45 -39.02 7.55
CA ASP A 1146 87.79 -38.77 8.05
C ASP A 1146 87.85 -38.98 9.56
N ALA B 27 -6.76 6.31 -58.65
CA ALA B 27 -5.38 5.89 -58.43
C ALA B 27 -5.05 5.89 -56.95
N TYR B 28 -4.11 5.03 -56.56
CA TYR B 28 -3.67 4.91 -55.18
C TYR B 28 -2.16 5.11 -55.09
N THR B 29 -1.71 5.64 -53.96
CA THR B 29 -0.30 5.90 -53.74
C THR B 29 0.04 5.60 -52.29
N ASN B 30 1.30 5.25 -52.07
CA ASN B 30 1.79 4.89 -50.73
C ASN B 30 2.46 6.10 -50.10
N SER B 31 1.95 6.52 -48.94
CA SER B 31 2.56 7.56 -48.14
C SER B 31 3.56 6.91 -47.19
N PHE B 32 4.85 7.04 -47.51
CA PHE B 32 5.89 6.26 -46.83
C PHE B 32 5.93 6.57 -45.34
N THR B 33 6.38 7.78 -44.98
CA THR B 33 6.42 8.14 -43.57
C THR B 33 6.03 9.60 -43.33
N ARG B 34 5.22 10.20 -44.21
CA ARG B 34 4.89 11.60 -44.10
C ARG B 34 3.67 11.80 -43.21
N GLY B 35 3.52 13.02 -42.70
CA GLY B 35 2.35 13.37 -41.92
C GLY B 35 2.54 13.26 -40.42
N VAL B 36 3.67 13.76 -39.91
CA VAL B 36 3.95 13.79 -38.49
C VAL B 36 4.04 15.24 -38.05
N TYR B 37 3.31 15.59 -37.00
CA TYR B 37 3.21 16.97 -36.55
C TYR B 37 3.51 17.06 -35.07
N TYR B 38 3.78 18.27 -34.61
CA TYR B 38 3.96 18.51 -33.19
C TYR B 38 2.62 18.42 -32.48
N PRO B 39 2.44 17.48 -31.55
CA PRO B 39 1.11 17.26 -30.96
C PRO B 39 0.73 18.34 -29.95
N ASP B 40 1.70 19.03 -29.38
CA ASP B 40 1.43 20.05 -28.37
C ASP B 40 2.46 21.16 -28.53
N LYS B 41 2.42 22.13 -27.61
CA LYS B 41 3.29 23.30 -27.63
C LYS B 41 4.37 23.21 -26.57
N VAL B 42 4.86 22.00 -26.31
CA VAL B 42 5.81 21.75 -25.24
C VAL B 42 7.19 21.56 -25.85
N PHE B 43 8.17 22.31 -25.34
CA PHE B 43 9.54 22.16 -25.79
C PHE B 43 10.19 20.95 -25.14
N ARG B 44 10.97 20.22 -25.93
CA ARG B 44 11.69 19.06 -25.45
C ARG B 44 13.05 19.02 -26.15
N SER B 45 14.01 18.33 -25.54
CA SER B 45 15.36 18.31 -26.08
C SER B 45 16.03 16.99 -25.73
N SER B 46 16.50 16.27 -26.75
CA SER B 46 17.26 15.05 -26.58
C SER B 46 16.52 14.03 -25.71
N VAL B 47 15.22 13.88 -25.96
CA VAL B 47 14.38 12.95 -25.23
C VAL B 47 13.47 12.24 -26.21
N LEU B 48 13.22 10.95 -25.96
CA LEU B 48 12.30 10.16 -26.76
C LEU B 48 10.95 10.13 -26.05
N HIS B 49 9.96 10.81 -26.62
CA HIS B 49 8.64 10.93 -26.02
C HIS B 49 7.63 10.15 -26.85
N SER B 50 6.87 9.28 -26.19
CA SER B 50 5.82 8.52 -26.82
C SER B 50 4.47 9.14 -26.48
N THR B 51 3.67 9.41 -27.50
CA THR B 51 2.35 10.01 -27.31
C THR B 51 1.30 9.23 -28.09
N GLN B 52 0.08 9.26 -27.58
CA GLN B 52 -1.06 8.63 -28.22
C GLN B 52 -1.98 9.74 -28.71
N ASP B 53 -2.09 9.87 -30.03
CA ASP B 53 -2.86 10.95 -30.62
C ASP B 53 -3.31 10.52 -32.01
N LEU B 54 -4.06 11.40 -32.67
CA LEU B 54 -4.58 11.11 -34.00
C LEU B 54 -3.48 11.34 -35.03
N PHE B 55 -3.03 10.25 -35.65
CA PHE B 55 -1.89 10.30 -36.56
C PHE B 55 -2.22 9.55 -37.84
N LEU B 56 -1.47 9.87 -38.89
CA LEU B 56 -1.59 9.14 -40.14
C LEU B 56 -0.61 7.97 -40.14
N PRO B 57 -1.10 6.73 -40.21
CA PRO B 57 -0.19 5.57 -40.09
C PRO B 57 0.80 5.52 -41.24
N PHE B 58 1.98 4.99 -40.94
CA PHE B 58 3.03 4.87 -41.94
C PHE B 58 2.65 3.84 -43.00
N PHE B 59 3.10 4.10 -44.23
CA PHE B 59 2.87 3.19 -45.35
C PHE B 59 1.39 2.91 -45.55
N SER B 60 0.62 3.98 -45.71
CA SER B 60 -0.81 3.89 -45.94
C SER B 60 -1.13 4.25 -47.39
N ASN B 61 -2.40 4.12 -47.74
CA ASN B 61 -2.87 4.39 -49.09
C ASN B 61 -3.55 5.76 -49.16
N VAL B 62 -3.14 6.57 -50.12
CA VAL B 62 -3.70 7.89 -50.34
C VAL B 62 -4.27 7.96 -51.75
N THR B 63 -5.47 8.51 -51.87
CA THR B 63 -6.20 8.55 -53.13
C THR B 63 -5.59 9.66 -53.99
N TRP B 64 -4.68 9.27 -54.88
CA TRP B 64 -4.05 10.24 -55.78
C TRP B 64 -5.08 10.83 -56.72
N PHE B 65 -5.20 12.15 -56.71
CA PHE B 65 -6.10 12.88 -57.59
C PHE B 65 -5.28 13.73 -58.55
N HIS B 66 -5.67 13.68 -59.83
CA HIS B 66 -4.90 14.28 -60.92
C HIS B 66 -5.84 15.07 -61.83
N ALA B 67 -6.68 15.90 -61.22
CA ALA B 67 -7.82 16.54 -61.89
C ALA B 67 -7.37 17.71 -62.76
N ILE B 68 -7.15 17.42 -64.05
CA ILE B 68 -6.88 18.44 -65.06
C ILE B 68 -7.61 18.06 -66.34
N HIS B 69 -7.41 18.87 -67.38
CA HIS B 69 -7.98 18.58 -68.69
C HIS B 69 -7.25 17.41 -69.36
N ASP B 80 -12.83 18.39 -61.68
CA ASP B 80 -13.03 17.08 -61.07
C ASP B 80 -12.60 17.09 -59.61
N ASN B 81 -13.43 17.71 -58.77
CA ASN B 81 -13.15 17.83 -57.33
C ASN B 81 -14.35 17.29 -56.57
N PRO B 82 -14.39 15.98 -56.32
CA PRO B 82 -15.53 15.38 -55.64
C PRO B 82 -15.58 15.77 -54.18
N VAL B 83 -16.75 15.59 -53.58
CA VAL B 83 -16.92 15.83 -52.16
C VAL B 83 -16.45 14.61 -51.39
N LEU B 84 -15.52 14.82 -50.47
CA LEU B 84 -14.95 13.73 -49.69
C LEU B 84 -15.36 13.84 -48.23
N PRO B 85 -15.57 12.72 -47.55
CA PRO B 85 -15.88 12.77 -46.12
C PRO B 85 -14.69 13.27 -45.30
N PHE B 86 -15.01 13.93 -44.19
CA PHE B 86 -13.95 14.42 -43.30
C PHE B 86 -13.36 13.28 -42.49
N ASN B 87 -14.22 12.55 -41.76
CA ASN B 87 -13.85 11.30 -41.09
C ASN B 87 -12.72 11.53 -40.08
N ASP B 88 -12.96 12.42 -39.13
CA ASP B 88 -12.04 12.70 -38.03
C ASP B 88 -10.67 13.14 -38.54
N GLY B 89 -10.68 14.28 -39.23
CA GLY B 89 -9.43 14.86 -39.71
C GLY B 89 -8.97 14.27 -41.02
N VAL B 90 -8.24 15.06 -41.83
CA VAL B 90 -7.72 14.60 -43.10
C VAL B 90 -6.27 15.04 -43.25
N TYR B 91 -5.57 14.33 -44.13
CA TYR B 91 -4.27 14.74 -44.62
C TYR B 91 -4.42 15.41 -45.99
N PHE B 92 -3.39 16.13 -46.40
CA PHE B 92 -3.44 16.82 -47.69
C PHE B 92 -2.02 17.14 -48.13
N ALA B 93 -1.83 17.17 -49.45
CA ALA B 93 -0.54 17.51 -50.05
C ALA B 93 -0.78 18.03 -51.45
N SER B 94 0.25 18.65 -52.02
CA SER B 94 0.17 19.18 -53.37
C SER B 94 1.60 19.34 -53.88
N THR B 95 1.72 19.52 -55.20
CA THR B 95 3.03 19.63 -55.82
C THR B 95 3.15 20.73 -56.86
N GLU B 96 2.09 21.48 -57.14
CA GLU B 96 2.14 22.51 -58.17
C GLU B 96 2.50 23.86 -57.54
N LYS B 97 3.51 24.52 -58.10
CA LYS B 97 4.06 25.75 -57.55
C LYS B 97 3.42 27.01 -58.16
N SER B 98 2.09 27.03 -58.19
CA SER B 98 1.37 28.20 -58.69
C SER B 98 -0.04 28.17 -58.11
N ASN B 99 -0.75 29.29 -58.25
CA ASN B 99 -2.07 29.46 -57.65
C ASN B 99 -3.13 28.88 -58.57
N ILE B 100 -3.31 27.56 -58.47
CA ILE B 100 -4.42 26.86 -59.10
C ILE B 100 -5.30 26.16 -58.07
N ILE B 101 -4.69 25.43 -57.14
CA ILE B 101 -5.43 24.86 -56.01
C ILE B 101 -5.47 25.93 -54.91
N ARG B 102 -6.66 26.43 -54.60
CA ARG B 102 -6.81 27.62 -53.78
C ARG B 102 -7.51 27.34 -52.46
N GLY B 103 -8.71 26.76 -52.49
CA GLY B 103 -9.59 26.79 -51.34
C GLY B 103 -9.94 25.41 -50.83
N TRP B 104 -10.55 25.40 -49.64
CA TRP B 104 -11.05 24.20 -49.00
C TRP B 104 -12.35 24.56 -48.30
N ILE B 105 -13.47 24.09 -48.83
CA ILE B 105 -14.77 24.33 -48.21
C ILE B 105 -15.10 23.15 -47.31
N PHE B 106 -15.58 23.45 -46.11
CA PHE B 106 -15.97 22.43 -45.14
C PHE B 106 -17.41 22.66 -44.73
N GLY B 107 -18.06 21.59 -44.31
CA GLY B 107 -19.45 21.70 -43.90
C GLY B 107 -20.08 20.34 -43.70
N THR B 108 -21.41 20.36 -43.58
CA THR B 108 -22.18 19.14 -43.41
C THR B 108 -23.28 18.96 -44.45
N THR B 109 -23.92 20.03 -44.91
CA THR B 109 -24.95 19.92 -45.94
C THR B 109 -24.63 20.72 -47.20
N LEU B 110 -23.62 21.58 -47.19
CA LEU B 110 -23.21 22.37 -48.35
C LEU B 110 -24.36 23.22 -48.88
N ASP B 111 -25.09 23.85 -47.96
CA ASP B 111 -26.21 24.72 -48.33
C ASP B 111 -26.29 25.85 -47.32
N SER B 112 -27.12 26.83 -47.63
CA SER B 112 -27.32 27.98 -46.76
C SER B 112 -28.00 27.62 -45.45
N LYS B 113 -28.56 26.40 -45.34
CA LYS B 113 -29.22 26.01 -44.11
C LYS B 113 -28.23 25.88 -42.94
N THR B 114 -27.05 25.32 -43.19
CA THR B 114 -26.12 24.95 -42.13
C THR B 114 -24.83 25.75 -42.26
N GLN B 115 -24.22 26.05 -41.12
CA GLN B 115 -22.99 26.83 -41.10
C GLN B 115 -21.88 26.09 -41.84
N SER B 116 -21.17 26.81 -42.71
CA SER B 116 -20.17 26.23 -43.61
C SER B 116 -18.90 27.04 -43.55
N LEU B 117 -17.76 26.34 -43.46
CA LEU B 117 -16.46 26.97 -43.35
C LEU B 117 -15.81 27.09 -44.73
N LEU B 118 -15.15 28.22 -44.97
CA LEU B 118 -14.50 28.50 -46.25
C LEU B 118 -13.14 29.14 -46.01
N ILE B 119 -12.12 28.63 -46.69
CA ILE B 119 -10.76 29.18 -46.63
C ILE B 119 -10.27 29.38 -48.06
N VAL B 120 -9.94 30.61 -48.41
CA VAL B 120 -9.49 30.95 -49.76
C VAL B 120 -8.29 31.88 -49.69
N ASN B 121 -7.32 31.63 -50.57
CA ASN B 121 -6.09 32.40 -50.66
C ASN B 121 -6.24 33.52 -51.68
N ASN B 122 -5.82 34.72 -51.29
CA ASN B 122 -5.85 35.90 -52.16
C ASN B 122 -4.43 36.39 -52.45
N ALA B 123 -3.41 35.62 -52.02
CA ALA B 123 -2.00 35.89 -52.27
C ALA B 123 -1.50 37.09 -51.47
N THR B 124 -2.40 37.80 -50.81
CA THR B 124 -2.05 38.89 -49.91
C THR B 124 -2.74 38.77 -48.56
N ASN B 125 -3.94 38.22 -48.52
CA ASN B 125 -4.64 37.94 -47.27
C ASN B 125 -5.36 36.61 -47.42
N VAL B 126 -5.28 35.78 -46.39
CA VAL B 126 -6.02 34.52 -46.35
C VAL B 126 -7.35 34.81 -45.70
N VAL B 127 -8.43 34.63 -46.46
CA VAL B 127 -9.77 34.94 -45.99
C VAL B 127 -10.41 33.66 -45.48
N ILE B 128 -11.00 33.73 -44.29
CA ILE B 128 -11.67 32.61 -43.67
C ILE B 128 -13.08 33.04 -43.32
N LYS B 129 -14.08 32.42 -43.94
CA LYS B 129 -15.47 32.76 -43.74
C LYS B 129 -16.21 31.50 -43.34
N VAL B 130 -16.85 31.53 -42.18
CA VAL B 130 -17.61 30.40 -41.68
C VAL B 130 -19.11 30.60 -41.91
N CYS B 131 -19.50 31.71 -42.53
CA CYS B 131 -20.89 32.10 -42.74
C CYS B 131 -21.56 31.20 -43.77
N GLU B 132 -22.89 31.18 -43.73
CA GLU B 132 -23.69 30.28 -44.56
C GLU B 132 -23.66 30.73 -46.02
N PHE B 133 -23.39 29.79 -46.92
CA PHE B 133 -23.45 29.98 -48.36
C PHE B 133 -24.29 28.88 -49.00
N GLN B 134 -24.95 29.23 -50.11
CA GLN B 134 -25.74 28.26 -50.84
C GLN B 134 -24.82 27.40 -51.71
N PHE B 135 -25.41 26.40 -52.37
CA PHE B 135 -24.63 25.45 -53.14
C PHE B 135 -23.92 26.14 -54.30
N CYS B 136 -22.65 25.78 -54.50
CA CYS B 136 -21.86 26.28 -55.62
C CYS B 136 -21.71 25.14 -56.63
N ASN B 137 -22.19 25.38 -57.86
CA ASN B 137 -22.21 24.31 -58.86
C ASN B 137 -20.81 24.06 -59.41
N ASP B 138 -20.22 25.08 -60.04
CA ASP B 138 -18.89 24.99 -60.62
C ASP B 138 -18.08 26.19 -60.15
N PRO B 139 -17.63 26.19 -58.89
CA PRO B 139 -16.92 27.35 -58.35
C PRO B 139 -15.57 27.54 -59.02
N PHE B 140 -15.32 28.76 -59.48
CA PHE B 140 -14.05 29.14 -60.07
C PHE B 140 -13.41 30.20 -59.20
N LEU B 141 -12.17 29.96 -58.78
CA LEU B 141 -11.48 30.89 -57.91
C LEU B 141 -10.01 30.96 -58.32
N GLY B 142 -9.38 32.09 -58.00
CA GLY B 142 -8.00 32.31 -58.35
C GLY B 142 -7.66 33.78 -58.40
N VAL B 143 -6.47 34.14 -57.92
CA VAL B 143 -6.06 35.53 -57.87
C VAL B 143 -4.78 35.75 -58.66
N VAL B 159 -19.62 32.21 -57.66
CA VAL B 159 -19.40 31.37 -56.50
C VAL B 159 -20.16 31.92 -55.31
N TYR B 160 -20.00 33.21 -55.05
CA TYR B 160 -20.69 33.86 -53.94
C TYR B 160 -22.19 33.88 -54.21
N SER B 161 -22.96 33.24 -53.33
CA SER B 161 -24.40 33.20 -53.46
C SER B 161 -25.10 34.16 -52.52
N SER B 162 -24.89 34.01 -51.21
CA SER B 162 -25.47 34.89 -50.21
C SER B 162 -24.87 34.54 -48.85
N ALA B 163 -24.64 35.56 -48.03
CA ALA B 163 -24.13 35.39 -46.68
C ALA B 163 -25.27 35.52 -45.68
N ASN B 164 -26.08 34.46 -45.59
CA ASN B 164 -27.19 34.46 -44.64
C ASN B 164 -26.67 34.21 -43.23
N ASN B 165 -27.13 35.06 -42.30
CA ASN B 165 -26.74 34.97 -40.89
C ASN B 165 -25.24 34.88 -40.71
N CYS B 166 -24.51 35.86 -41.25
CA CYS B 166 -23.06 35.85 -41.13
C CYS B 166 -22.66 36.15 -39.69
N THR B 167 -21.78 35.32 -39.14
CA THR B 167 -21.45 35.38 -37.73
C THR B 167 -19.98 35.60 -37.44
N PHE B 168 -19.08 34.92 -38.15
CA PHE B 168 -17.66 35.00 -37.84
C PHE B 168 -16.86 35.23 -39.10
N GLU B 169 -15.74 35.93 -38.95
CA GLU B 169 -14.80 36.18 -40.04
C GLU B 169 -13.40 36.23 -39.47
N TYR B 170 -12.42 35.97 -40.34
CA TYR B 170 -11.03 35.97 -39.93
C TYR B 170 -10.15 36.33 -41.13
N VAL B 171 -9.12 37.14 -40.88
CA VAL B 171 -8.16 37.53 -41.90
C VAL B 171 -6.76 37.33 -41.33
N SER B 172 -5.88 36.76 -42.14
CA SER B 172 -4.49 36.51 -41.75
C SER B 172 -3.59 36.93 -42.90
N GLN B 173 -2.32 36.56 -42.81
CA GLN B 173 -1.35 36.89 -43.85
C GLN B 173 -1.74 36.26 -45.18
N PHE B 186 12.15 20.23 -59.70
CA PHE B 186 11.49 20.07 -58.42
C PHE B 186 10.65 21.30 -58.07
N LYS B 187 9.52 21.07 -57.43
CA LYS B 187 8.57 22.13 -57.10
C LYS B 187 8.35 22.17 -55.58
N ASN B 188 7.38 22.97 -55.15
CA ASN B 188 7.06 23.12 -53.75
C ASN B 188 5.98 22.14 -53.32
N LEU B 189 6.02 21.74 -52.06
CA LEU B 189 5.02 20.85 -51.47
C LEU B 189 4.27 21.60 -50.37
N ARG B 190 2.95 21.58 -50.44
CA ARG B 190 2.09 22.20 -49.45
C ARG B 190 1.31 21.08 -48.75
N GLU B 191 1.91 20.54 -47.69
CA GLU B 191 1.28 19.46 -46.93
C GLU B 191 0.54 20.05 -45.73
N PHE B 192 -0.76 19.80 -45.66
CA PHE B 192 -1.60 20.36 -44.61
C PHE B 192 -2.28 19.23 -43.83
N VAL B 193 -2.54 19.50 -42.56
CA VAL B 193 -3.26 18.57 -41.69
C VAL B 193 -4.41 19.34 -41.05
N PHE B 194 -5.62 18.83 -41.23
CA PHE B 194 -6.83 19.47 -40.71
C PHE B 194 -7.41 18.59 -39.60
N LYS B 195 -7.71 19.21 -38.47
CA LYS B 195 -8.23 18.50 -37.31
C LYS B 195 -9.27 19.36 -36.60
N ASN B 196 -10.31 18.72 -36.10
CA ASN B 196 -11.40 19.40 -35.41
C ASN B 196 -11.75 18.64 -34.15
N ILE B 197 -11.33 19.18 -33.00
CA ILE B 197 -11.59 18.53 -31.71
C ILE B 197 -12.17 19.53 -30.72
N ASP B 198 -13.26 19.14 -30.07
CA ASP B 198 -13.89 19.90 -28.99
C ASP B 198 -14.13 21.35 -29.39
N GLY B 199 -14.66 21.52 -30.60
CA GLY B 199 -15.01 22.84 -31.08
C GLY B 199 -13.86 23.68 -31.58
N TYR B 200 -12.64 23.13 -31.60
CA TYR B 200 -11.46 23.85 -32.08
C TYR B 200 -10.99 23.22 -33.38
N PHE B 201 -10.80 24.04 -34.40
CA PHE B 201 -10.37 23.59 -35.72
C PHE B 201 -8.90 23.97 -35.89
N LYS B 202 -8.03 22.95 -35.96
CA LYS B 202 -6.60 23.16 -36.02
C LYS B 202 -6.08 22.86 -37.43
N ILE B 203 -5.21 23.75 -37.93
CA ILE B 203 -4.62 23.62 -39.25
C ILE B 203 -3.10 23.62 -39.09
N TYR B 204 -2.45 22.56 -39.59
CA TYR B 204 -1.00 22.44 -39.56
C TYR B 204 -0.47 22.55 -40.98
N SER B 205 0.79 22.95 -41.10
CA SER B 205 1.34 23.21 -42.42
C SER B 205 2.85 23.10 -42.42
N LYS B 206 3.40 22.92 -43.62
CA LYS B 206 4.83 22.94 -43.86
C LYS B 206 5.04 23.19 -45.35
N HIS B 207 5.63 24.33 -45.69
CA HIS B 207 5.75 24.79 -47.07
C HIS B 207 7.18 24.65 -47.58
N THR B 208 7.98 23.80 -46.95
CA THR B 208 9.37 23.60 -47.34
C THR B 208 9.50 22.27 -48.05
N PRO B 209 9.83 22.24 -49.34
CA PRO B 209 9.95 20.97 -50.05
C PRO B 209 11.36 20.40 -49.99
N ILE B 210 11.43 19.07 -49.88
CA ILE B 210 12.69 18.34 -49.85
C ILE B 210 12.70 17.35 -51.01
N ASN B 211 13.73 17.43 -51.85
CA ASN B 211 13.82 16.58 -53.03
C ASN B 211 14.70 15.36 -52.74
N LEU B 212 14.21 14.53 -51.82
CA LEU B 212 14.86 13.25 -51.58
C LEU B 212 14.77 12.36 -52.81
N VAL B 213 13.57 12.28 -53.40
CA VAL B 213 13.36 11.62 -54.68
C VAL B 213 12.51 12.54 -55.54
N ARG B 214 12.58 12.33 -56.85
CA ARG B 214 11.88 13.16 -57.81
C ARG B 214 10.53 12.54 -58.16
N ASP B 215 9.52 13.39 -58.29
CA ASP B 215 8.14 13.05 -58.67
C ASP B 215 7.42 12.22 -57.61
N LEU B 216 8.02 11.98 -56.45
CA LEU B 216 7.38 11.22 -55.40
C LEU B 216 7.66 11.88 -54.05
N PRO B 217 6.69 11.84 -53.13
CA PRO B 217 6.87 12.42 -51.78
C PRO B 217 7.50 11.45 -50.77
N GLN B 218 8.82 11.32 -50.82
CA GLN B 218 9.56 10.50 -49.88
C GLN B 218 10.48 11.36 -49.03
N GLY B 219 10.64 10.98 -47.77
CA GLY B 219 11.42 11.74 -46.81
C GLY B 219 10.69 11.87 -45.48
N PHE B 220 11.30 12.65 -44.60
CA PHE B 220 10.71 12.96 -43.30
C PHE B 220 10.64 14.46 -43.12
N SER B 221 9.49 14.95 -42.68
CA SER B 221 9.31 16.36 -42.38
C SER B 221 8.24 16.50 -41.31
N ALA B 222 8.46 17.43 -40.38
CA ALA B 222 7.53 17.69 -39.29
C ALA B 222 6.64 18.88 -39.65
N LEU B 223 5.45 18.88 -39.06
CA LEU B 223 4.44 19.90 -39.34
C LEU B 223 4.19 20.71 -38.08
N GLU B 224 4.31 22.03 -38.20
CA GLU B 224 4.13 22.92 -37.06
C GLU B 224 2.85 23.72 -37.20
N PRO B 225 2.13 23.95 -36.10
CA PRO B 225 0.80 24.55 -36.19
C PRO B 225 0.84 25.99 -36.68
N LEU B 226 -0.21 26.39 -37.38
CA LEU B 226 -0.34 27.75 -37.91
C LEU B 226 -1.47 28.54 -37.29
N VAL B 227 -2.70 28.03 -37.35
CA VAL B 227 -3.87 28.78 -36.87
C VAL B 227 -4.73 27.85 -36.05
N ASP B 228 -5.52 28.43 -35.15
CA ASP B 228 -6.52 27.73 -34.37
C ASP B 228 -7.81 28.54 -34.38
N LEU B 229 -8.92 27.89 -34.70
CA LEU B 229 -10.21 28.56 -34.85
C LEU B 229 -11.21 28.03 -33.84
N PRO B 230 -11.72 28.86 -32.92
CA PRO B 230 -12.75 28.43 -31.97
C PRO B 230 -14.16 28.54 -32.55
N ILE B 231 -14.35 28.05 -33.77
CA ILE B 231 -15.63 28.18 -34.45
C ILE B 231 -16.68 27.29 -33.79
N GLY B 232 -16.32 26.05 -33.47
CA GLY B 232 -17.24 25.13 -32.83
C GLY B 232 -18.42 24.74 -33.69
N ILE B 233 -18.15 24.12 -34.83
CA ILE B 233 -19.19 23.68 -35.75
C ILE B 233 -18.95 22.22 -36.09
N ASN B 234 -20.01 21.57 -36.58
CA ASN B 234 -19.96 20.18 -36.98
C ASN B 234 -19.76 20.08 -38.48
N ILE B 235 -18.70 19.40 -38.90
CA ILE B 235 -18.39 19.23 -40.31
C ILE B 235 -18.12 17.76 -40.59
N THR B 236 -18.64 17.29 -41.74
CA THR B 236 -18.48 15.90 -42.13
C THR B 236 -17.93 15.73 -43.54
N ARG B 237 -18.12 16.70 -44.43
CA ARG B 237 -17.66 16.61 -45.81
C ARG B 237 -16.82 17.84 -46.13
N PHE B 238 -15.82 17.66 -46.99
CA PHE B 238 -14.98 18.77 -47.42
C PHE B 238 -14.67 18.61 -48.91
N GLN B 239 -14.38 19.73 -49.57
CA GLN B 239 -14.12 19.76 -50.99
C GLN B 239 -13.03 20.80 -51.29
N THR B 240 -12.35 20.61 -52.41
CA THR B 240 -11.28 21.51 -52.84
C THR B 240 -11.78 22.39 -53.98
N LEU B 241 -11.34 23.65 -53.97
CA LEU B 241 -11.77 24.64 -54.96
C LEU B 241 -10.65 24.87 -55.98
N LEU B 242 -11.05 24.94 -57.26
CA LEU B 242 -10.10 25.17 -58.34
C LEU B 242 -10.52 26.36 -59.18
N ALA B 243 -9.84 26.59 -60.30
CA ALA B 243 -10.10 27.72 -61.18
C ALA B 243 -10.89 27.26 -62.40
N LEU B 244 -11.06 28.19 -63.35
CA LEU B 244 -11.78 27.94 -64.60
C LEU B 244 -10.80 28.03 -65.76
N HIS B 245 -10.86 27.06 -66.67
CA HIS B 245 -10.02 27.05 -67.86
C HIS B 245 -10.72 26.37 -69.02
N ALA B 264 -3.10 18.21 -58.85
CA ALA B 264 -2.55 17.01 -58.26
C ALA B 264 -2.46 17.14 -56.75
N TYR B 265 -3.48 16.65 -56.03
CA TYR B 265 -3.54 16.75 -54.59
C TYR B 265 -3.89 15.40 -53.99
N TYR B 266 -3.24 15.07 -52.87
CA TYR B 266 -3.42 13.79 -52.20
C TYR B 266 -4.40 13.95 -51.03
N VAL B 267 -5.00 12.83 -50.63
CA VAL B 267 -5.90 12.80 -49.49
C VAL B 267 -5.57 11.56 -48.66
N GLY B 268 -5.43 11.76 -47.35
CA GLY B 268 -5.19 10.65 -46.44
C GLY B 268 -5.97 10.84 -45.16
N TYR B 269 -6.47 9.74 -44.63
CA TYR B 269 -7.25 9.75 -43.40
C TYR B 269 -6.40 9.20 -42.26
N LEU B 270 -6.58 9.79 -41.07
CA LEU B 270 -5.73 9.47 -39.94
C LEU B 270 -6.57 8.92 -38.78
N GLN B 271 -6.00 7.93 -38.10
CA GLN B 271 -6.64 7.15 -37.05
C GLN B 271 -5.88 7.33 -35.75
N PRO B 272 -6.49 7.02 -34.59
CA PRO B 272 -5.79 7.24 -33.32
C PRO B 272 -4.70 6.20 -33.08
N ARG B 273 -3.53 6.43 -33.67
CA ARG B 273 -2.38 5.57 -33.52
C ARG B 273 -1.53 6.02 -32.33
N THR B 274 -0.44 5.31 -32.09
CA THR B 274 0.52 5.67 -31.05
C THR B 274 1.92 5.72 -31.66
N PHE B 275 2.62 6.83 -31.44
CA PHE B 275 3.92 7.06 -32.05
C PHE B 275 4.97 7.26 -30.97
N LEU B 276 6.21 6.99 -31.34
CA LEU B 276 7.38 7.32 -30.53
C LEU B 276 8.22 8.32 -31.30
N LEU B 277 8.33 9.54 -30.76
CA LEU B 277 8.96 10.65 -31.46
C LEU B 277 10.29 10.98 -30.82
N LYS B 278 11.25 11.40 -31.64
CA LYS B 278 12.61 11.71 -31.19
C LYS B 278 12.84 13.20 -31.36
N TYR B 279 13.32 13.84 -30.30
CA TYR B 279 13.62 15.27 -30.32
C TYR B 279 15.11 15.50 -30.41
N ASN B 280 15.48 16.59 -31.09
CA ASN B 280 16.87 16.97 -31.27
C ASN B 280 17.33 17.81 -30.07
N GLU B 281 18.53 18.38 -30.20
CA GLU B 281 18.97 19.38 -29.23
C GLU B 281 18.02 20.57 -29.22
N ASN B 282 17.71 21.08 -30.41
CA ASN B 282 16.59 22.00 -30.56
C ASN B 282 15.28 21.24 -30.41
N GLY B 283 14.19 21.97 -30.19
CA GLY B 283 12.91 21.30 -30.01
C GLY B 283 12.30 20.81 -31.30
N THR B 284 13.10 20.21 -32.16
CA THR B 284 12.64 19.72 -33.45
C THR B 284 12.50 18.21 -33.44
N ILE B 285 11.45 17.73 -34.09
CA ILE B 285 11.24 16.29 -34.25
C ILE B 285 12.01 15.82 -35.47
N THR B 286 12.98 14.94 -35.25
CA THR B 286 13.84 14.46 -36.32
C THR B 286 13.54 13.04 -36.78
N ASP B 287 12.82 12.27 -35.98
CA ASP B 287 12.46 10.91 -36.37
C ASP B 287 11.31 10.43 -35.50
N ALA B 288 10.41 9.65 -36.09
CA ALA B 288 9.27 9.09 -35.39
C ALA B 288 9.12 7.62 -35.77
N VAL B 289 8.51 6.85 -34.87
CA VAL B 289 8.34 5.42 -35.07
C VAL B 289 6.89 5.06 -34.77
N ASP B 290 6.16 4.61 -35.79
CA ASP B 290 4.86 4.01 -35.58
C ASP B 290 5.02 2.67 -34.88
N CYS B 291 4.04 2.31 -34.05
CA CYS B 291 4.14 1.08 -33.27
C CYS B 291 2.86 0.25 -33.30
N ALA B 292 2.10 0.32 -34.40
CA ALA B 292 1.08 -0.68 -34.67
C ALA B 292 1.29 -1.33 -36.03
N LEU B 293 2.50 -1.25 -36.57
CA LEU B 293 2.79 -1.63 -37.95
C LEU B 293 3.72 -2.85 -38.05
N ASP B 294 4.57 -3.08 -37.05
CA ASP B 294 5.69 -3.99 -37.20
C ASP B 294 6.12 -4.46 -35.82
N PRO B 295 6.32 -5.76 -35.60
CA PRO B 295 6.80 -6.23 -34.29
C PRO B 295 8.12 -5.60 -33.86
N LEU B 296 9.01 -5.29 -34.81
CA LEU B 296 10.21 -4.54 -34.48
C LEU B 296 9.85 -3.16 -33.94
N SER B 297 8.89 -2.50 -34.57
CA SER B 297 8.45 -1.19 -34.11
C SER B 297 7.80 -1.27 -32.73
N GLU B 298 6.98 -2.30 -32.51
CA GLU B 298 6.38 -2.49 -31.19
C GLU B 298 7.46 -2.72 -30.14
N THR B 299 8.51 -3.45 -30.51
CA THR B 299 9.66 -3.65 -29.63
C THR B 299 10.31 -2.32 -29.29
N LYS B 300 10.47 -1.48 -30.30
CA LYS B 300 11.10 -0.18 -30.10
C LYS B 300 10.29 0.69 -29.14
N CYS B 301 8.96 0.71 -29.29
CA CYS B 301 8.15 1.42 -28.31
C CYS B 301 8.20 0.80 -26.92
N THR B 302 8.20 -0.53 -26.81
CA THR B 302 8.25 -1.15 -25.49
C THR B 302 9.57 -0.90 -24.80
N LEU B 303 10.67 -0.73 -25.55
CA LEU B 303 11.96 -0.40 -24.97
C LEU B 303 12.24 1.10 -24.94
N LYS B 304 11.37 1.91 -25.54
CA LYS B 304 11.54 3.37 -25.58
C LYS B 304 12.90 3.76 -26.17
N SER B 305 13.29 3.08 -27.26
CA SER B 305 14.55 3.37 -27.91
C SER B 305 14.42 3.08 -29.40
N PHE B 306 15.25 3.78 -30.18
CA PHE B 306 15.28 3.61 -31.63
C PHE B 306 16.22 2.50 -32.09
N THR B 307 17.02 1.95 -31.18
CA THR B 307 17.91 0.83 -31.50
C THR B 307 17.73 -0.26 -30.46
N VAL B 308 17.71 -1.51 -30.91
CA VAL B 308 17.57 -2.66 -30.04
C VAL B 308 18.75 -3.60 -30.31
N GLU B 309 19.07 -4.40 -29.29
CA GLU B 309 20.20 -5.31 -29.35
C GLU B 309 19.71 -6.74 -29.45
N LYS B 310 20.66 -7.65 -29.63
CA LYS B 310 20.33 -9.07 -29.73
C LYS B 310 19.64 -9.55 -28.47
N GLY B 311 18.55 -10.30 -28.64
CA GLY B 311 17.84 -10.84 -27.51
C GLY B 311 16.39 -11.11 -27.86
N ILE B 312 15.63 -11.47 -26.83
CA ILE B 312 14.21 -11.75 -26.95
C ILE B 312 13.47 -10.91 -25.92
N TYR B 313 12.42 -10.22 -26.35
CA TYR B 313 11.70 -9.26 -25.52
C TYR B 313 10.21 -9.57 -25.53
N GLN B 314 9.56 -9.33 -24.39
CA GLN B 314 8.11 -9.41 -24.32
C GLN B 314 7.51 -8.06 -24.69
N THR B 315 6.59 -8.06 -25.66
CA THR B 315 6.02 -6.83 -26.16
C THR B 315 4.51 -6.71 -25.98
N SER B 316 3.80 -7.81 -25.84
CA SER B 316 2.34 -7.76 -25.74
C SER B 316 1.76 -9.06 -25.23
N ASN B 317 0.44 -9.20 -25.29
CA ASN B 317 -0.25 -10.43 -24.95
C ASN B 317 -1.18 -10.82 -26.09
N PHE B 318 -1.22 -12.11 -26.39
CA PHE B 318 -2.08 -12.65 -27.44
C PHE B 318 -3.35 -13.18 -26.80
N ARG B 319 -4.48 -12.57 -27.15
CA ARG B 319 -5.79 -13.02 -26.69
C ARG B 319 -6.66 -13.28 -27.92
N VAL B 320 -7.32 -14.44 -27.94
CA VAL B 320 -8.18 -14.78 -29.06
C VAL B 320 -9.54 -14.13 -28.86
N GLN B 321 -9.94 -13.29 -29.80
CA GLN B 321 -11.23 -12.62 -29.70
C GLN B 321 -12.37 -13.58 -30.02
N PRO B 322 -13.50 -13.45 -29.33
CA PRO B 322 -14.64 -14.33 -29.63
C PRO B 322 -15.23 -14.06 -31.00
N THR B 323 -15.70 -15.12 -31.65
CA THR B 323 -16.40 -15.02 -32.92
C THR B 323 -17.80 -15.59 -32.72
N GLU B 324 -18.81 -14.77 -33.04
CA GLU B 324 -20.22 -15.15 -32.91
C GLU B 324 -20.65 -15.20 -31.46
N SER B 325 -21.93 -14.93 -31.19
CA SER B 325 -22.50 -14.98 -29.86
C SER B 325 -23.72 -15.88 -29.87
N ILE B 326 -23.83 -16.74 -28.87
CA ILE B 326 -24.95 -17.66 -28.75
C ILE B 326 -25.73 -17.30 -27.49
N VAL B 327 -27.05 -17.31 -27.61
CA VAL B 327 -27.95 -16.95 -26.51
C VAL B 327 -28.96 -18.07 -26.34
N ARG B 328 -29.12 -18.56 -25.11
CA ARG B 328 -30.00 -19.68 -24.83
C ARG B 328 -31.06 -19.27 -23.82
N PHE B 329 -32.30 -19.71 -24.07
CA PHE B 329 -33.46 -19.44 -23.24
C PHE B 329 -34.44 -20.59 -23.43
N PRO B 330 -35.16 -20.99 -22.40
CA PRO B 330 -36.11 -22.10 -22.53
C PRO B 330 -37.26 -21.76 -23.45
N ASN B 331 -38.04 -22.80 -23.79
CA ASN B 331 -39.19 -22.64 -24.68
C ASN B 331 -40.33 -21.86 -24.05
N ILE B 332 -40.27 -21.60 -22.75
CA ILE B 332 -41.38 -20.99 -22.00
C ILE B 332 -41.80 -19.67 -22.66
N THR B 333 -43.06 -19.61 -23.11
CA THR B 333 -43.61 -18.41 -23.73
C THR B 333 -45.03 -18.24 -23.19
N ASN B 334 -45.15 -17.47 -22.10
CA ASN B 334 -46.44 -17.25 -21.47
C ASN B 334 -46.52 -15.79 -21.05
N LEU B 335 -47.66 -15.16 -21.27
CA LEU B 335 -47.85 -13.76 -20.92
C LEU B 335 -49.03 -13.59 -19.97
N CYS B 336 -46.06 -11.77 -15.67
CA CYS B 336 -47.02 -12.08 -16.72
C CYS B 336 -48.47 -11.92 -16.23
N PRO B 337 -48.77 -12.33 -14.99
CA PRO B 337 -50.03 -11.91 -14.36
C PRO B 337 -50.00 -10.47 -13.85
N PHE B 338 -49.02 -9.67 -14.26
CA PHE B 338 -48.97 -8.27 -13.83
C PHE B 338 -50.24 -7.54 -14.22
N GLY B 339 -50.83 -7.89 -15.36
CA GLY B 339 -52.13 -7.34 -15.72
C GLY B 339 -53.25 -7.75 -14.80
N GLU B 340 -53.08 -8.83 -14.04
CA GLU B 340 -54.04 -9.24 -13.02
C GLU B 340 -53.69 -8.74 -11.63
N VAL B 341 -52.46 -8.30 -11.43
CA VAL B 341 -52.02 -7.77 -10.14
C VAL B 341 -52.08 -6.25 -10.10
N PHE B 342 -51.53 -5.58 -11.11
CA PHE B 342 -51.56 -4.13 -11.16
C PHE B 342 -52.93 -3.58 -11.48
N ASN B 343 -53.72 -4.28 -12.30
CA ASN B 343 -55.05 -3.84 -12.68
C ASN B 343 -56.14 -4.53 -11.87
N ALA B 344 -55.78 -5.18 -10.76
CA ALA B 344 -56.76 -5.86 -9.95
C ALA B 344 -57.76 -4.87 -9.37
N THR B 345 -59.02 -5.32 -9.26
CA THR B 345 -60.09 -4.44 -8.77
C THR B 345 -59.95 -4.17 -7.29
N ARG B 346 -59.60 -5.18 -6.49
CA ARG B 346 -59.59 -5.06 -5.05
C ARG B 346 -58.18 -5.29 -4.53
N PHE B 347 -57.77 -4.46 -3.57
CA PHE B 347 -56.47 -4.57 -2.91
C PHE B 347 -56.69 -4.75 -1.42
N ALA B 348 -55.76 -5.46 -0.78
CA ALA B 348 -55.86 -5.74 0.65
C ALA B 348 -55.32 -4.57 1.48
N SER B 349 -55.46 -4.70 2.79
CA SER B 349 -54.95 -3.72 3.72
C SER B 349 -53.45 -3.92 3.94
N VAL B 350 -52.91 -3.26 4.97
CA VAL B 350 -51.47 -3.36 5.23
C VAL B 350 -51.19 -4.47 6.24
N TYR B 351 -52.10 -4.69 7.18
CA TYR B 351 -51.88 -5.73 8.19
C TYR B 351 -51.75 -7.10 7.55
N ALA B 352 -52.39 -7.30 6.40
CA ALA B 352 -52.20 -8.47 5.56
C ALA B 352 -51.73 -8.02 4.19
N TRP B 353 -51.50 -8.99 3.29
CA TRP B 353 -51.22 -8.71 1.89
C TRP B 353 -51.27 -9.99 1.07
N ASN B 354 -51.70 -9.91 -0.17
CA ASN B 354 -51.79 -11.08 -1.04
C ASN B 354 -50.44 -11.27 -1.75
N ARG B 355 -49.79 -12.38 -1.48
CA ARG B 355 -48.58 -12.74 -2.20
C ARG B 355 -48.89 -13.70 -3.33
N LYS B 356 -48.33 -13.41 -4.50
CA LYS B 356 -48.62 -14.19 -5.70
C LYS B 356 -47.30 -14.65 -6.31
N ARG B 357 -47.34 -15.83 -6.92
CA ARG B 357 -46.16 -16.46 -7.50
C ARG B 357 -46.21 -16.30 -9.01
N ILE B 358 -45.38 -15.40 -9.54
CA ILE B 358 -45.23 -15.24 -10.98
C ILE B 358 -44.09 -16.14 -11.45
N SER B 359 -44.43 -17.33 -11.93
CA SER B 359 -43.44 -18.32 -12.33
C SER B 359 -43.88 -19.03 -13.60
N ASN B 360 -42.91 -19.63 -14.29
CA ASN B 360 -43.14 -20.42 -15.50
C ASN B 360 -43.78 -19.57 -16.60
N CYS B 361 -43.17 -18.42 -16.89
CA CYS B 361 -43.66 -17.54 -17.94
C CYS B 361 -42.54 -16.61 -18.37
N VAL B 362 -42.80 -15.82 -19.40
CA VAL B 362 -41.82 -14.85 -19.88
C VAL B 362 -42.28 -13.42 -19.56
N ALA B 363 -41.73 -12.85 -18.48
CA ALA B 363 -42.09 -11.49 -18.10
C ALA B 363 -41.33 -10.50 -18.95
N ASP B 364 -42.07 -9.58 -19.58
CA ASP B 364 -41.43 -8.60 -20.45
C ASP B 364 -40.68 -7.53 -19.67
N TYR B 365 -41.25 -7.07 -18.56
CA TYR B 365 -40.68 -6.03 -17.69
C TYR B 365 -40.43 -4.72 -18.41
N SER B 366 -40.91 -4.57 -19.65
CA SER B 366 -40.71 -3.36 -20.42
C SER B 366 -41.93 -2.46 -20.47
N VAL B 367 -43.14 -3.02 -20.43
CA VAL B 367 -44.34 -2.19 -20.35
C VAL B 367 -44.35 -1.43 -19.03
N LEU B 368 -43.89 -2.07 -17.96
CA LEU B 368 -43.66 -1.35 -16.71
C LEU B 368 -42.48 -0.40 -16.86
N TYR B 369 -42.47 0.64 -16.04
CA TYR B 369 -41.42 1.66 -16.02
C TYR B 369 -41.53 2.55 -17.28
N ASN B 370 -42.37 2.16 -18.22
CA ASN B 370 -42.65 2.98 -19.39
C ASN B 370 -43.90 3.83 -19.21
N SER B 371 -44.87 3.36 -18.46
CA SER B 371 -46.07 4.14 -18.20
C SER B 371 -45.85 5.11 -17.06
N ALA B 372 -46.50 6.26 -17.15
CA ALA B 372 -46.38 7.30 -16.14
C ALA B 372 -47.44 7.19 -15.04
N SER B 373 -48.27 6.14 -15.07
CA SER B 373 -49.30 5.98 -14.06
C SER B 373 -48.69 5.77 -12.68
N PHE B 374 -47.56 5.05 -12.61
CA PHE B 374 -46.92 4.77 -11.34
C PHE B 374 -46.15 5.99 -10.87
N SER B 375 -46.44 6.45 -9.64
CA SER B 375 -45.79 7.65 -9.12
C SER B 375 -44.29 7.43 -8.94
N THR B 376 -43.91 6.30 -8.36
CA THR B 376 -42.50 5.99 -8.12
C THR B 376 -42.18 4.60 -8.66
N PHE B 377 -41.02 4.48 -9.30
CA PHE B 377 -40.52 3.20 -9.81
C PHE B 377 -39.06 3.08 -9.36
N LYS B 378 -38.85 2.60 -8.14
CA LYS B 378 -37.53 2.56 -7.52
C LYS B 378 -37.07 1.12 -7.41
N CYS B 379 -35.89 0.84 -7.97
CA CYS B 379 -35.27 -0.48 -7.90
C CYS B 379 -33.89 -0.38 -7.30
N TYR B 380 -33.59 -1.31 -6.39
CA TYR B 380 -32.36 -1.28 -5.62
C TYR B 380 -31.36 -2.35 -6.05
N GLY B 381 -31.79 -3.61 -6.10
CA GLY B 381 -30.87 -4.68 -6.41
C GLY B 381 -30.34 -4.61 -7.84
N VAL B 382 -31.19 -4.22 -8.78
CA VAL B 382 -30.83 -4.19 -10.19
C VAL B 382 -31.20 -2.83 -10.77
N SER B 383 -30.56 -2.50 -11.89
CA SER B 383 -30.87 -1.26 -12.57
C SER B 383 -32.11 -1.46 -13.44
N PRO B 384 -33.16 -0.65 -13.25
CA PRO B 384 -34.39 -0.81 -14.04
C PRO B 384 -34.19 -0.29 -15.46
N THR B 385 -34.05 -1.22 -16.41
CA THR B 385 -33.71 -1.13 -17.83
C THR B 385 -33.00 -2.41 -18.25
N LYS B 386 -32.42 -3.12 -17.29
CA LYS B 386 -31.75 -4.38 -17.54
C LYS B 386 -32.51 -5.57 -16.99
N LEU B 387 -33.78 -5.38 -16.63
CA LEU B 387 -34.60 -6.47 -16.11
C LEU B 387 -34.91 -7.51 -17.18
N ASN B 388 -34.63 -7.21 -18.44
CA ASN B 388 -35.11 -8.03 -19.55
C ASN B 388 -34.19 -9.20 -19.88
N ASP B 389 -33.01 -9.28 -19.26
CA ASP B 389 -32.00 -10.26 -19.65
C ASP B 389 -31.40 -10.94 -18.41
N LEU B 390 -32.25 -11.37 -17.48
CA LEU B 390 -31.75 -11.90 -16.22
C LEU B 390 -32.28 -13.27 -15.80
N CYS B 391 -33.46 -13.67 -16.24
CA CYS B 391 -34.05 -14.96 -15.85
C CYS B 391 -34.24 -15.07 -14.35
N PHE B 392 -35.21 -14.31 -13.85
CA PHE B 392 -35.54 -14.30 -12.45
C PHE B 392 -36.15 -15.64 -12.04
N THR B 393 -36.08 -15.95 -10.76
CA THR B 393 -36.79 -17.10 -10.22
C THR B 393 -37.29 -16.79 -8.81
N ASN B 394 -38.44 -17.37 -8.47
CA ASN B 394 -39.09 -17.05 -7.21
C ASN B 394 -39.34 -15.56 -7.08
N VAL B 395 -40.21 -15.03 -7.94
CA VAL B 395 -40.62 -13.63 -7.89
C VAL B 395 -41.79 -13.51 -6.93
N TYR B 396 -41.67 -12.63 -5.94
CA TYR B 396 -42.73 -12.35 -4.98
C TYR B 396 -43.39 -11.01 -5.32
N ALA B 397 -44.72 -10.98 -5.28
CA ALA B 397 -45.47 -9.75 -5.50
C ALA B 397 -46.41 -9.54 -4.33
N ASP B 398 -46.30 -8.38 -3.68
CA ASP B 398 -47.10 -8.02 -2.52
C ASP B 398 -47.90 -6.77 -2.84
N SER B 399 -49.21 -6.81 -2.62
CA SER B 399 -50.10 -5.70 -2.90
C SER B 399 -50.81 -5.24 -1.63
N PHE B 400 -50.76 -3.93 -1.39
CA PHE B 400 -51.43 -3.32 -0.25
C PHE B 400 -51.62 -1.84 -0.52
N VAL B 401 -52.50 -1.22 0.27
CA VAL B 401 -52.85 0.19 0.12
C VAL B 401 -52.39 0.93 1.36
N ILE B 402 -51.55 1.96 1.17
CA ILE B 402 -51.02 2.77 2.26
C ILE B 402 -51.31 4.23 1.97
N ARG B 403 -50.97 5.08 2.93
CA ARG B 403 -51.09 6.52 2.75
C ARG B 403 -49.96 7.03 1.85
N GLY B 404 -50.15 8.26 1.35
CA GLY B 404 -49.15 8.85 0.47
C GLY B 404 -47.83 9.09 1.15
N ASP B 405 -47.86 9.58 2.40
CA ASP B 405 -46.63 9.89 3.11
C ASP B 405 -45.88 8.61 3.50
N GLU B 406 -46.60 7.54 3.78
CA GLU B 406 -45.99 6.29 4.23
C GLU B 406 -45.34 5.49 3.10
N VAL B 407 -45.23 6.05 1.89
CA VAL B 407 -44.50 5.37 0.83
C VAL B 407 -43.02 5.23 1.17
N ARG B 408 -42.46 6.20 1.89
CA ARG B 408 -41.05 6.17 2.23
C ARG B 408 -40.70 4.96 3.08
N GLN B 409 -41.56 4.60 4.03
CA GLN B 409 -41.27 3.51 4.95
C GLN B 409 -41.25 2.15 4.28
N ILE B 410 -41.83 2.01 3.09
CA ILE B 410 -41.87 0.70 2.42
C ILE B 410 -40.45 0.28 2.02
N ALA B 411 -39.61 1.22 1.63
CA ALA B 411 -38.27 0.90 1.17
C ALA B 411 -37.45 0.26 2.30
N PRO B 412 -36.45 -0.55 1.97
CA PRO B 412 -35.60 -1.13 3.01
C PRO B 412 -34.93 -0.05 3.85
N GLY B 413 -34.83 -0.31 5.14
CA GLY B 413 -34.43 0.72 6.07
C GLY B 413 -35.53 1.75 6.23
N GLN B 414 -35.14 2.90 6.78
CA GLN B 414 -36.05 4.04 6.95
C GLN B 414 -37.32 3.63 7.68
N THR B 415 -37.13 2.84 8.73
CA THR B 415 -38.22 2.17 9.44
C THR B 415 -39.13 3.20 10.10
N GLY B 416 -40.43 2.93 10.08
CA GLY B 416 -41.42 3.79 10.69
C GLY B 416 -42.50 2.96 11.34
N LYS B 417 -43.68 3.58 11.52
CA LYS B 417 -44.80 2.89 12.13
C LYS B 417 -45.25 1.71 11.29
N ILE B 418 -45.36 1.90 9.97
CA ILE B 418 -45.78 0.81 9.10
C ILE B 418 -44.69 -0.24 9.00
N ALA B 419 -43.42 0.18 8.96
CA ALA B 419 -42.33 -0.77 8.79
C ALA B 419 -42.16 -1.66 10.01
N ASP B 420 -42.37 -1.12 11.21
CA ASP B 420 -42.08 -1.87 12.43
C ASP B 420 -43.09 -3.00 12.64
N TYR B 421 -44.38 -2.71 12.49
CA TYR B 421 -45.42 -3.64 12.94
C TYR B 421 -46.28 -4.18 11.80
N ASN B 422 -46.13 -3.67 10.58
CA ASN B 422 -47.00 -4.07 9.48
C ASN B 422 -46.24 -4.79 8.36
N TYR B 423 -45.23 -4.15 7.78
CA TYR B 423 -44.51 -4.71 6.64
C TYR B 423 -43.02 -4.40 6.78
N LYS B 424 -42.21 -5.45 6.88
CA LYS B 424 -40.77 -5.31 7.06
C LYS B 424 -40.05 -5.78 5.82
N LEU B 425 -39.25 -4.90 5.23
CA LEU B 425 -38.43 -5.24 4.07
C LEU B 425 -36.97 -5.30 4.48
N PRO B 426 -36.33 -6.46 4.42
CA PRO B 426 -34.94 -6.55 4.88
C PRO B 426 -33.99 -5.84 3.94
N ASP B 427 -32.81 -5.53 4.46
CA ASP B 427 -31.74 -4.90 3.68
C ASP B 427 -31.15 -5.98 2.77
N ASP B 428 -31.89 -6.31 1.72
CA ASP B 428 -31.56 -7.41 0.83
C ASP B 428 -32.03 -7.05 -0.57
N PHE B 429 -32.12 -8.06 -1.43
CA PHE B 429 -32.42 -7.83 -2.84
C PHE B 429 -33.87 -7.44 -3.06
N THR B 430 -34.30 -6.35 -2.42
CA THR B 430 -35.61 -5.78 -2.72
C THR B 430 -35.64 -5.25 -4.14
N GLY B 431 -36.40 -5.92 -5.00
CA GLY B 431 -36.30 -5.63 -6.42
C GLY B 431 -36.76 -4.25 -6.80
N CYS B 432 -38.06 -4.00 -6.72
CA CYS B 432 -38.62 -2.72 -7.12
C CYS B 432 -39.88 -2.47 -6.31
N VAL B 433 -40.12 -1.19 -6.01
CA VAL B 433 -41.33 -0.75 -5.33
C VAL B 433 -42.15 0.09 -6.31
N ILE B 434 -43.42 -0.27 -6.48
CA ILE B 434 -44.32 0.39 -7.43
C ILE B 434 -45.47 0.99 -6.65
N ALA B 435 -45.73 2.27 -6.87
CA ALA B 435 -46.78 2.98 -6.15
C ALA B 435 -47.42 4.01 -7.07
N TRP B 436 -48.73 4.19 -6.91
CA TRP B 436 -49.50 5.19 -7.63
C TRP B 436 -50.63 5.69 -6.76
N ASN B 437 -51.16 6.86 -7.11
CA ASN B 437 -52.26 7.48 -6.39
C ASN B 437 -53.57 6.90 -6.87
N SER B 438 -54.35 6.34 -5.95
CA SER B 438 -55.58 5.63 -6.28
C SER B 438 -56.81 6.26 -5.64
N ASN B 439 -56.83 7.58 -5.50
CA ASN B 439 -57.99 8.24 -4.91
C ASN B 439 -59.19 8.24 -5.86
N ASN B 440 -59.00 7.94 -7.14
CA ASN B 440 -60.11 7.91 -8.08
C ASN B 440 -61.00 6.69 -7.84
N LEU B 441 -60.39 5.52 -7.67
CA LEU B 441 -61.14 4.29 -7.42
C LEU B 441 -61.52 4.14 -5.95
N ASP B 442 -60.54 4.25 -5.06
CA ASP B 442 -60.80 4.26 -3.63
C ASP B 442 -61.25 5.66 -3.19
N SER B 443 -61.25 5.87 -1.88
CA SER B 443 -61.55 7.18 -1.30
C SER B 443 -62.95 7.65 -1.65
N LYS B 444 -63.97 6.95 -1.13
CA LYS B 444 -65.36 7.36 -1.29
C LYS B 444 -65.60 8.68 -0.59
N VAL B 445 -66.71 9.34 -0.96
CA VAL B 445 -66.97 10.69 -0.49
C VAL B 445 -67.04 10.73 1.03
N GLY B 446 -67.71 9.76 1.65
CA GLY B 446 -67.78 9.73 3.09
C GLY B 446 -66.50 9.19 3.72
N GLY B 447 -65.69 8.50 2.93
CA GLY B 447 -64.43 7.97 3.43
C GLY B 447 -64.43 6.47 3.57
N ASN B 448 -63.55 5.79 2.83
CA ASN B 448 -63.45 4.35 2.96
C ASN B 448 -62.86 3.97 4.31
N TYR B 449 -63.49 2.99 4.97
CA TYR B 449 -63.08 2.58 6.30
C TYR B 449 -62.62 1.12 6.34
N ASN B 450 -62.67 0.42 5.21
CA ASN B 450 -62.37 -1.00 5.19
C ASN B 450 -60.91 -1.32 5.46
N TYR B 451 -60.00 -0.40 5.14
CA TYR B 451 -58.58 -0.62 5.34
C TYR B 451 -58.21 -0.46 6.81
N LEU B 452 -57.25 -1.25 7.27
CA LEU B 452 -56.78 -1.20 8.66
C LEU B 452 -55.27 -1.25 8.70
N TYR B 453 -54.68 -0.46 9.61
CA TYR B 453 -53.25 -0.51 9.87
C TYR B 453 -53.02 -0.48 11.38
N ARG B 454 -52.01 -1.22 11.81
CA ARG B 454 -51.78 -1.51 13.23
C ARG B 454 -50.75 -0.54 13.79
N LEU B 455 -51.19 0.34 14.69
CA LEU B 455 -50.27 1.26 15.35
C LEU B 455 -49.46 0.56 16.44
N PHE B 456 -50.04 -0.44 17.08
CA PHE B 456 -49.49 -0.99 18.33
C PHE B 456 -49.30 -2.49 18.19
N ARG B 457 -48.13 -2.98 18.57
CA ARG B 457 -47.84 -4.41 18.55
C ARG B 457 -46.78 -4.71 19.60
N LYS B 458 -46.77 -5.96 20.06
CA LYS B 458 -45.82 -6.38 21.08
C LYS B 458 -44.38 -6.24 20.59
N SER B 459 -44.03 -6.96 19.53
CA SER B 459 -42.68 -6.95 18.98
C SER B 459 -42.76 -6.74 17.48
N ASN B 460 -41.68 -6.16 16.93
CA ASN B 460 -41.64 -5.90 15.50
C ASN B 460 -41.64 -7.19 14.70
N LEU B 461 -42.39 -7.19 13.60
CA LEU B 461 -42.46 -8.36 12.72
C LEU B 461 -41.10 -8.65 12.09
N LYS B 462 -40.77 -9.93 12.02
CA LYS B 462 -39.68 -10.38 11.18
C LYS B 462 -40.06 -10.20 9.71
N PRO B 463 -39.07 -10.00 8.84
CA PRO B 463 -39.39 -9.70 7.43
C PRO B 463 -40.23 -10.81 6.79
N PHE B 464 -41.19 -10.40 5.97
CA PHE B 464 -42.06 -11.30 5.21
C PHE B 464 -42.82 -12.25 6.13
N GLU B 465 -43.47 -11.68 7.15
CA GLU B 465 -44.29 -12.44 8.08
C GLU B 465 -45.63 -11.73 8.27
N ARG B 466 -46.68 -12.50 8.48
CA ARG B 466 -48.04 -11.99 8.54
C ARG B 466 -48.58 -12.07 9.96
N ASP B 467 -49.35 -11.06 10.37
CA ASP B 467 -50.12 -11.11 11.61
C ASP B 467 -51.54 -10.67 11.29
N ILE B 468 -52.36 -11.62 10.84
CA ILE B 468 -53.76 -11.33 10.54
C ILE B 468 -54.67 -11.49 11.74
N SER B 469 -54.16 -12.03 12.84
CA SER B 469 -54.97 -12.24 14.03
C SER B 469 -55.35 -10.91 14.67
N THR B 470 -56.55 -10.85 15.23
CA THR B 470 -57.07 -9.66 15.90
C THR B 470 -57.28 -10.01 17.37
N GLU B 471 -56.46 -9.40 18.25
CA GLU B 471 -56.52 -9.70 19.66
C GLU B 471 -55.98 -8.51 20.44
N ILE B 472 -56.53 -8.31 21.65
CA ILE B 472 -56.03 -7.26 22.53
C ILE B 472 -54.63 -7.62 23.01
N TYR B 473 -53.76 -6.61 23.09
CA TYR B 473 -52.33 -6.86 23.29
C TYR B 473 -51.79 -6.32 24.60
N GLN B 474 -52.30 -5.19 25.09
CA GLN B 474 -51.65 -4.47 26.18
C GLN B 474 -51.56 -5.31 27.45
N ALA B 475 -52.72 -5.67 28.02
CA ALA B 475 -52.80 -6.33 29.32
C ALA B 475 -52.09 -5.42 30.33
N GLY B 476 -51.03 -5.87 31.00
CA GLY B 476 -50.32 -5.04 31.95
C GLY B 476 -50.97 -5.05 33.32
N SER B 477 -52.04 -4.28 33.48
CA SER B 477 -52.89 -4.38 34.65
C SER B 477 -53.94 -5.48 34.50
N THR B 478 -53.96 -6.13 33.35
CA THR B 478 -54.95 -7.16 33.02
C THR B 478 -56.38 -6.67 33.29
N PRO B 479 -56.84 -5.61 32.61
CA PRO B 479 -58.28 -5.32 32.58
C PRO B 479 -58.91 -5.88 31.32
N CYS B 480 -58.11 -6.60 30.55
CA CYS B 480 -58.43 -6.98 29.18
C CYS B 480 -59.18 -8.31 29.16
N ASN B 481 -59.24 -8.95 27.99
CA ASN B 481 -60.20 -9.99 27.60
C ASN B 481 -61.50 -9.30 27.21
N GLY B 482 -61.50 -7.97 27.24
CA GLY B 482 -62.61 -7.18 26.77
C GLY B 482 -62.12 -5.84 26.28
N VAL B 483 -62.93 -5.22 25.41
CA VAL B 483 -62.55 -3.94 24.84
C VAL B 483 -62.51 -2.84 25.90
N GLU B 484 -63.37 -2.92 26.91
CA GLU B 484 -63.47 -1.86 27.93
C GLU B 484 -62.28 -1.98 28.87
N GLY B 485 -61.55 -0.88 29.03
CA GLY B 485 -60.41 -0.85 29.92
C GLY B 485 -59.50 0.35 29.68
N PHE B 486 -58.94 0.91 30.75
CA PHE B 486 -58.01 2.03 30.58
C PHE B 486 -56.73 1.60 29.89
N ASN B 487 -56.35 0.33 29.99
CA ASN B 487 -55.22 -0.19 29.23
C ASN B 487 -55.63 -1.49 28.55
N CYS B 488 -56.33 -1.38 27.41
CA CYS B 488 -56.47 -2.50 26.49
C CYS B 488 -56.02 -2.11 25.08
N TYR B 489 -56.55 -0.99 24.58
CA TYR B 489 -56.14 -0.42 23.28
C TYR B 489 -56.21 -1.44 22.15
N PHE B 490 -57.43 -1.83 21.78
CA PHE B 490 -57.67 -2.73 20.66
C PHE B 490 -56.74 -2.38 19.48
N PRO B 491 -56.16 -3.40 18.83
CA PRO B 491 -55.01 -3.13 17.95
C PRO B 491 -55.32 -2.34 16.70
N LEU B 492 -56.34 -2.71 15.94
CA LEU B 492 -56.55 -2.21 14.58
C LEU B 492 -57.23 -0.85 14.57
N GLN B 493 -56.92 -0.07 13.54
CA GLN B 493 -57.50 1.26 13.33
C GLN B 493 -57.84 1.41 11.86
N SER B 494 -58.84 2.23 11.55
CA SER B 494 -59.22 2.48 10.17
C SER B 494 -58.42 3.64 9.59
N TYR B 495 -58.74 4.01 8.34
CA TYR B 495 -57.95 5.03 7.67
C TYR B 495 -58.69 6.36 7.56
N GLY B 496 -59.89 6.37 6.98
CA GLY B 496 -60.60 7.62 6.77
C GLY B 496 -60.08 8.46 5.62
N PHE B 497 -60.28 7.98 4.39
CA PHE B 497 -59.75 8.62 3.18
C PHE B 497 -60.78 9.42 2.39
N GLN B 498 -61.61 10.21 3.07
CA GLN B 498 -62.44 11.19 2.37
C GLN B 498 -61.63 11.93 1.32
N PRO B 499 -62.21 12.22 0.15
CA PRO B 499 -61.42 12.80 -0.95
C PRO B 499 -60.83 14.16 -0.61
N THR B 500 -61.41 14.89 0.35
CA THR B 500 -60.91 16.21 0.68
C THR B 500 -59.55 16.17 1.36
N ASN B 501 -59.08 15.00 1.78
CA ASN B 501 -57.80 14.90 2.46
C ASN B 501 -56.66 15.25 1.51
N GLY B 502 -55.54 15.66 2.09
CA GLY B 502 -54.40 16.06 1.29
C GLY B 502 -53.68 14.88 0.67
N VAL B 503 -52.83 15.18 -0.31
CA VAL B 503 -52.16 14.18 -1.12
C VAL B 503 -51.28 13.29 -0.24
N GLY B 504 -50.66 13.89 0.78
CA GLY B 504 -49.84 13.11 1.69
C GLY B 504 -50.64 12.05 2.43
N TYR B 505 -51.91 12.34 2.68
CA TYR B 505 -52.79 11.44 3.42
C TYR B 505 -53.76 10.71 2.49
N GLN B 506 -53.69 10.96 1.18
CA GLN B 506 -54.52 10.31 0.18
C GLN B 506 -54.14 8.84 0.03
N PRO B 507 -55.08 7.99 -0.38
CA PRO B 507 -54.76 6.58 -0.59
C PRO B 507 -53.72 6.39 -1.69
N TYR B 508 -52.82 5.44 -1.46
CA TYR B 508 -51.84 5.02 -2.45
C TYR B 508 -51.85 3.51 -2.55
N ARG B 509 -51.77 3.00 -3.77
CA ARG B 509 -51.69 1.57 -4.03
C ARG B 509 -50.25 1.21 -4.32
N VAL B 510 -49.70 0.27 -3.56
CA VAL B 510 -48.29 -0.09 -3.62
C VAL B 510 -48.17 -1.57 -3.97
N VAL B 511 -47.37 -1.86 -4.97
CA VAL B 511 -46.99 -3.23 -5.33
C VAL B 511 -45.47 -3.30 -5.27
N VAL B 512 -44.95 -4.21 -4.46
CA VAL B 512 -43.50 -4.38 -4.36
C VAL B 512 -43.12 -5.74 -4.96
N LEU B 513 -42.25 -5.70 -5.96
CA LEU B 513 -41.77 -6.93 -6.58
C LEU B 513 -40.52 -7.39 -5.84
N SER B 514 -40.53 -8.65 -5.40
CA SER B 514 -39.45 -9.19 -4.58
C SER B 514 -38.90 -10.44 -5.25
N PHE B 515 -37.59 -10.46 -5.47
CA PHE B 515 -36.93 -11.58 -6.13
C PHE B 515 -35.55 -11.78 -5.54
N GLU B 516 -35.02 -12.98 -5.74
CA GLU B 516 -33.67 -13.38 -5.32
C GLU B 516 -32.91 -13.87 -6.55
N LEU B 517 -31.59 -13.65 -6.58
CA LEU B 517 -30.75 -14.12 -7.67
C LEU B 517 -30.13 -15.47 -7.36
N LEU B 518 -30.18 -16.38 -8.34
CA LEU B 518 -29.40 -17.60 -8.37
C LEU B 518 -29.54 -18.45 -7.11
N HIS B 519 -30.72 -19.05 -6.79
CA HIS B 519 -30.79 -20.10 -5.75
C HIS B 519 -31.35 -21.41 -6.29
N ALA B 520 -31.91 -21.39 -7.48
CA ALA B 520 -32.55 -22.56 -8.07
C ALA B 520 -32.69 -22.32 -9.56
N PRO B 521 -33.00 -23.33 -10.38
CA PRO B 521 -33.16 -23.08 -11.82
C PRO B 521 -34.22 -22.03 -12.08
N ALA B 522 -33.96 -21.19 -13.08
CA ALA B 522 -34.86 -20.09 -13.40
C ALA B 522 -36.16 -20.60 -14.01
N THR B 523 -37.25 -19.91 -13.69
CA THR B 523 -38.55 -20.21 -14.26
C THR B 523 -39.08 -19.07 -15.13
N VAL B 524 -38.92 -17.83 -14.70
CA VAL B 524 -39.33 -16.68 -15.50
C VAL B 524 -38.11 -16.00 -16.09
N CYS B 525 -38.18 -15.66 -17.38
CA CYS B 525 -37.08 -15.01 -18.06
C CYS B 525 -37.62 -13.81 -18.81
N GLY B 526 -36.73 -12.90 -19.17
CA GLY B 526 -37.10 -11.74 -19.94
C GLY B 526 -37.36 -12.07 -21.38
N PRO B 527 -37.88 -11.10 -22.12
CA PRO B 527 -38.18 -11.35 -23.54
C PRO B 527 -36.92 -11.35 -24.39
N LYS B 528 -36.49 -12.54 -24.82
CA LYS B 528 -35.29 -12.69 -25.61
C LYS B 528 -35.48 -13.82 -26.60
N LYS B 529 -34.69 -13.78 -27.68
CA LYS B 529 -34.77 -14.76 -28.74
C LYS B 529 -33.56 -15.69 -28.65
N SER B 530 -33.79 -16.94 -28.28
CA SER B 530 -32.72 -17.91 -28.24
C SER B 530 -32.28 -18.27 -29.65
N THR B 531 -31.04 -18.76 -29.76
CA THR B 531 -30.46 -19.08 -31.06
C THR B 531 -29.73 -20.41 -30.97
N ASN B 532 -29.34 -20.92 -32.14
CA ASN B 532 -28.58 -22.16 -32.20
C ASN B 532 -27.20 -21.96 -31.59
N LEU B 533 -26.65 -23.04 -31.03
CA LEU B 533 -25.38 -23.01 -30.34
C LEU B 533 -24.28 -23.58 -31.23
N VAL B 534 -23.05 -23.17 -30.95
CA VAL B 534 -21.89 -23.67 -31.68
C VAL B 534 -20.94 -24.33 -30.69
N LYS B 535 -19.96 -25.07 -31.21
CA LYS B 535 -19.01 -25.79 -30.37
C LYS B 535 -17.62 -25.67 -30.96
N ASN B 536 -16.62 -25.89 -30.12
CA ASN B 536 -15.21 -25.89 -30.51
C ASN B 536 -14.76 -24.55 -31.09
N LYS B 537 -15.37 -23.46 -30.62
CA LYS B 537 -14.98 -22.12 -31.01
C LYS B 537 -15.03 -21.20 -29.80
N CYS B 538 -14.01 -20.37 -29.63
CA CYS B 538 -13.98 -19.41 -28.54
C CYS B 538 -15.07 -18.36 -28.79
N VAL B 539 -16.15 -18.44 -28.01
CA VAL B 539 -17.32 -17.58 -28.20
C VAL B 539 -17.66 -16.94 -26.87
N ASN B 540 -18.57 -15.97 -26.93
CA ASN B 540 -19.20 -15.42 -25.75
C ASN B 540 -20.67 -15.84 -25.72
N PHE B 541 -21.16 -16.20 -24.54
CA PHE B 541 -22.44 -16.88 -24.41
C PHE B 541 -23.28 -16.21 -23.33
N ASN B 542 -24.60 -16.41 -23.43
CA ASN B 542 -25.56 -15.90 -22.46
C ASN B 542 -26.50 -17.06 -22.10
N PHE B 543 -26.18 -17.78 -21.02
CA PHE B 543 -26.99 -18.92 -20.58
C PHE B 543 -27.85 -18.47 -19.42
N ASN B 544 -29.15 -18.25 -19.69
CA ASN B 544 -30.12 -17.88 -18.67
C ASN B 544 -29.66 -16.66 -17.87
N GLY B 545 -29.09 -15.69 -18.57
CA GLY B 545 -28.59 -14.48 -17.94
C GLY B 545 -27.14 -14.55 -17.50
N LEU B 546 -26.50 -15.70 -17.60
CA LEU B 546 -25.09 -15.84 -17.23
C LEU B 546 -24.23 -15.54 -18.45
N THR B 547 -23.41 -14.50 -18.35
CA THR B 547 -22.58 -14.06 -19.46
C THR B 547 -21.13 -14.49 -19.22
N GLY B 548 -20.51 -15.06 -20.25
CA GLY B 548 -19.13 -15.48 -20.17
C GLY B 548 -18.55 -15.63 -21.55
N THR B 549 -17.24 -15.89 -21.60
CA THR B 549 -16.52 -16.08 -22.85
C THR B 549 -15.68 -17.34 -22.75
N GLY B 550 -15.77 -18.20 -23.76
CA GLY B 550 -15.01 -19.43 -23.76
C GLY B 550 -15.43 -20.32 -24.90
N VAL B 551 -14.90 -21.54 -24.88
CA VAL B 551 -15.15 -22.53 -25.91
C VAL B 551 -15.91 -23.70 -25.31
N LEU B 552 -16.95 -24.15 -26.01
CA LEU B 552 -17.84 -25.19 -25.49
C LEU B 552 -17.56 -26.52 -26.18
N THR B 553 -17.43 -27.57 -25.36
CA THR B 553 -17.28 -28.93 -25.88
C THR B 553 -18.27 -29.83 -25.15
N GLU B 554 -18.44 -31.03 -25.68
CA GLU B 554 -19.27 -32.01 -25.02
C GLU B 554 -18.65 -32.43 -23.70
N SER B 555 -19.51 -32.70 -22.72
CA SER B 555 -19.09 -32.98 -21.35
C SER B 555 -19.19 -34.47 -21.06
N ASN B 556 -18.12 -35.02 -20.48
CA ASN B 556 -18.10 -36.40 -20.04
C ASN B 556 -18.51 -36.55 -18.58
N LYS B 557 -18.87 -35.45 -17.92
CA LYS B 557 -19.31 -35.45 -16.54
C LYS B 557 -20.83 -35.55 -16.48
N LYS B 558 -21.34 -35.82 -15.29
CA LYS B 558 -22.76 -35.99 -15.05
C LYS B 558 -23.24 -34.98 -14.01
N PHE B 559 -24.46 -34.49 -14.22
CA PHE B 559 -25.12 -33.60 -13.26
C PHE B 559 -26.32 -34.30 -12.65
N LEU B 560 -26.54 -34.05 -11.36
CA LEU B 560 -27.75 -34.50 -10.71
C LEU B 560 -28.94 -33.69 -11.23
N PRO B 561 -30.13 -34.28 -11.22
CA PRO B 561 -31.30 -33.59 -11.83
C PRO B 561 -31.58 -32.20 -11.26
N PHE B 562 -31.40 -32.00 -9.96
CA PHE B 562 -31.76 -30.71 -9.37
C PHE B 562 -30.76 -29.63 -9.70
N GLN B 563 -29.48 -29.99 -9.85
CA GLN B 563 -28.44 -28.99 -10.03
C GLN B 563 -28.29 -28.58 -11.49
N GLN B 564 -27.88 -27.34 -11.71
CA GLN B 564 -27.89 -26.73 -13.04
C GLN B 564 -26.54 -26.13 -13.43
N PHE B 565 -25.67 -25.85 -12.46
CA PHE B 565 -24.40 -25.20 -12.76
C PHE B 565 -23.28 -26.09 -12.24
N GLY B 566 -22.04 -25.65 -12.50
CA GLY B 566 -20.88 -26.37 -12.03
C GLY B 566 -19.69 -25.45 -11.90
N ARG B 567 -18.78 -25.82 -11.00
CA ARG B 567 -17.55 -25.06 -10.79
C ARG B 567 -16.59 -25.94 -10.00
N ASP B 568 -15.31 -25.59 -10.06
CA ASP B 568 -14.26 -26.36 -9.41
C ASP B 568 -13.58 -25.59 -8.28
N ILE B 569 -12.97 -24.45 -8.59
CA ILE B 569 -12.27 -23.64 -7.59
C ILE B 569 -12.45 -22.17 -7.97
N ALA B 570 -12.68 -21.33 -6.96
CA ALA B 570 -12.64 -19.87 -7.11
C ALA B 570 -13.69 -19.36 -8.11
N ASP B 571 -14.91 -19.87 -7.98
CA ASP B 571 -16.07 -19.38 -8.72
C ASP B 571 -15.83 -19.39 -10.23
N THR B 572 -15.21 -20.46 -10.72
CA THR B 572 -14.96 -20.65 -12.14
C THR B 572 -15.98 -21.65 -12.67
N THR B 573 -16.95 -21.16 -13.44
CA THR B 573 -17.99 -22.03 -13.99
C THR B 573 -17.36 -22.93 -15.03
N ASP B 574 -17.14 -24.20 -14.65
CA ASP B 574 -16.47 -25.17 -15.50
C ASP B 574 -17.44 -26.03 -16.30
N ALA B 575 -18.74 -25.90 -16.05
CA ALA B 575 -19.73 -26.67 -16.77
C ALA B 575 -21.09 -25.99 -16.63
N VAL B 576 -22.01 -26.37 -17.51
CA VAL B 576 -23.35 -25.80 -17.51
C VAL B 576 -24.27 -26.68 -18.34
N ARG B 577 -25.55 -26.72 -18.00
CA ARG B 577 -26.56 -27.40 -18.79
C ARG B 577 -27.45 -26.37 -19.48
N ASP B 578 -27.66 -26.56 -20.78
CA ASP B 578 -28.49 -25.62 -21.53
C ASP B 578 -29.97 -25.81 -21.19
N PRO B 579 -30.75 -24.73 -21.22
CA PRO B 579 -32.14 -24.79 -20.77
C PRO B 579 -33.11 -25.41 -21.76
N GLN B 580 -32.67 -25.77 -22.96
CA GLN B 580 -33.56 -26.33 -23.98
C GLN B 580 -33.30 -27.82 -24.21
N THR B 581 -32.07 -28.18 -24.56
CA THR B 581 -31.75 -29.58 -24.80
C THR B 581 -31.56 -30.37 -23.51
N LEU B 582 -31.38 -29.68 -22.38
CA LEU B 582 -31.06 -30.31 -21.10
C LEU B 582 -29.80 -31.16 -21.21
N GLU B 583 -28.90 -30.75 -22.10
CA GLU B 583 -27.65 -31.44 -22.33
C GLU B 583 -26.58 -30.81 -21.44
N ILE B 584 -25.47 -31.53 -21.28
CA ILE B 584 -24.39 -31.12 -20.38
C ILE B 584 -23.19 -30.70 -21.20
N LEU B 585 -22.65 -29.52 -20.89
CA LEU B 585 -21.51 -28.95 -21.59
C LEU B 585 -20.49 -28.45 -20.58
N ASP B 586 -19.23 -28.40 -21.01
CA ASP B 586 -18.14 -27.89 -20.18
C ASP B 586 -17.55 -26.64 -20.82
N ILE B 587 -17.05 -25.75 -19.99
CA ILE B 587 -16.54 -24.46 -20.43
C ILE B 587 -15.06 -24.38 -20.05
N THR B 588 -14.21 -24.08 -21.04
CA THR B 588 -12.81 -23.82 -20.80
C THR B 588 -12.41 -22.58 -21.59
N PRO B 589 -11.52 -21.75 -21.04
CA PRO B 589 -11.11 -20.54 -21.76
C PRO B 589 -10.30 -20.89 -23.00
N CYS B 590 -10.37 -20.01 -24.00
CA CYS B 590 -9.64 -20.24 -25.24
C CYS B 590 -8.17 -19.82 -25.07
N SER B 591 -7.48 -19.73 -26.20
CA SER B 591 -6.04 -19.94 -26.23
C SER B 591 -5.18 -18.70 -26.00
N PHE B 592 -5.64 -17.78 -25.15
CA PHE B 592 -4.86 -16.59 -24.81
C PHE B 592 -3.43 -16.93 -24.40
N GLY B 593 -2.49 -16.02 -24.61
CA GLY B 593 -1.12 -16.25 -24.22
C GLY B 593 -0.30 -14.99 -24.37
N GLY B 594 1.01 -15.15 -24.22
CA GLY B 594 1.95 -14.06 -24.40
C GLY B 594 2.72 -14.16 -25.70
N VAL B 595 3.24 -13.02 -26.15
CA VAL B 595 3.98 -12.94 -27.41
C VAL B 595 5.34 -12.30 -27.15
N SER B 596 6.37 -12.90 -27.71
CA SER B 596 7.73 -12.39 -27.60
C SER B 596 8.35 -12.32 -28.99
N VAL B 597 9.36 -11.47 -29.12
CA VAL B 597 9.98 -11.18 -30.41
C VAL B 597 11.49 -11.40 -30.30
N ILE B 598 12.05 -12.03 -31.32
CA ILE B 598 13.47 -12.36 -31.37
C ILE B 598 14.12 -11.52 -32.46
N THR B 599 15.16 -10.77 -32.09
CA THR B 599 15.88 -9.93 -33.03
C THR B 599 17.37 -10.19 -32.89
N PRO B 600 18.11 -10.17 -33.99
CA PRO B 600 19.57 -10.32 -33.93
C PRO B 600 20.34 -9.02 -33.74
N GLY B 601 19.65 -7.90 -33.53
CA GLY B 601 20.31 -6.61 -33.39
C GLY B 601 19.81 -5.67 -34.47
N THR B 602 19.68 -4.40 -34.11
CA THR B 602 19.16 -3.40 -35.05
C THR B 602 20.08 -3.23 -36.25
N ASN B 603 21.39 -3.10 -36.00
CA ASN B 603 22.30 -2.80 -37.09
C ASN B 603 22.47 -3.99 -38.03
N THR B 604 22.47 -5.21 -37.48
CA THR B 604 22.71 -6.39 -38.29
C THR B 604 21.59 -6.61 -39.31
N SER B 605 20.34 -6.49 -38.88
CA SER B 605 19.20 -6.72 -39.75
C SER B 605 17.97 -6.09 -39.13
N ASN B 606 16.88 -6.05 -39.89
CA ASN B 606 15.60 -5.58 -39.39
C ASN B 606 14.52 -6.65 -39.41
N GLN B 607 14.84 -7.87 -39.82
CA GLN B 607 13.86 -8.96 -39.83
C GLN B 607 13.91 -9.68 -38.48
N VAL B 608 12.73 -10.05 -37.98
CA VAL B 608 12.59 -10.60 -36.64
C VAL B 608 11.75 -11.87 -36.69
N ALA B 609 11.83 -12.64 -35.61
CA ALA B 609 11.02 -13.83 -35.42
C ALA B 609 10.13 -13.63 -34.21
N VAL B 610 8.86 -13.96 -34.34
CA VAL B 610 7.88 -13.75 -33.29
C VAL B 610 7.50 -15.09 -32.68
N LEU B 611 7.50 -15.13 -31.35
CA LEU B 611 7.18 -16.35 -30.60
C LEU B 611 5.89 -16.15 -29.84
N TYR B 612 4.89 -16.98 -30.12
CA TYR B 612 3.65 -17.04 -29.36
C TYR B 612 3.81 -18.10 -28.28
N GLN B 613 3.68 -17.69 -27.02
CA GLN B 613 4.10 -18.53 -25.90
C GLN B 613 3.00 -19.48 -25.48
N GLY B 614 3.31 -20.78 -25.48
CA GLY B 614 2.42 -21.79 -24.94
C GLY B 614 1.09 -21.91 -25.66
N VAL B 615 1.10 -21.89 -26.99
CA VAL B 615 -0.11 -22.03 -27.77
C VAL B 615 0.10 -23.11 -28.83
N ASN B 616 -0.85 -24.03 -28.93
CA ASN B 616 -0.91 -24.93 -30.07
C ASN B 616 -1.43 -24.16 -31.27
N CYS B 617 -0.52 -23.49 -31.98
CA CYS B 617 -0.92 -22.45 -32.92
C CYS B 617 -1.41 -23.01 -34.24
N THR B 618 -2.57 -23.65 -34.17
CA THR B 618 -3.41 -23.92 -35.33
C THR B 618 -4.49 -22.86 -35.49
N GLU B 619 -4.99 -22.33 -34.37
CA GLU B 619 -5.99 -21.27 -34.37
C GLU B 619 -5.37 -19.89 -34.12
N VAL B 620 -4.41 -19.51 -34.96
CA VAL B 620 -3.85 -18.15 -34.92
C VAL B 620 -4.80 -17.17 -35.59
N PRO B 621 -5.33 -17.44 -36.79
CA PRO B 621 -6.28 -16.47 -37.33
C PRO B 621 -7.60 -16.41 -36.56
N PRO B 631 -3.20 -7.32 -34.53
CA PRO B 631 -4.30 -6.73 -35.31
C PRO B 631 -4.09 -6.91 -36.82
N THR B 632 -3.36 -5.99 -37.44
CA THR B 632 -3.12 -6.05 -38.88
C THR B 632 -1.86 -6.85 -39.20
N TRP B 633 -1.76 -8.05 -38.63
CA TRP B 633 -0.63 -8.95 -38.86
C TRP B 633 -1.05 -10.15 -39.70
N ARG B 634 -1.89 -9.92 -40.70
CA ARG B 634 -2.35 -11.00 -41.58
C ARG B 634 -1.21 -11.61 -42.39
N VAL B 635 -0.12 -10.88 -42.61
CA VAL B 635 1.03 -11.45 -43.29
C VAL B 635 1.63 -12.58 -42.46
N TYR B 636 1.75 -12.37 -41.16
CA TYR B 636 2.28 -13.40 -40.26
C TYR B 636 1.24 -14.43 -39.85
N SER B 637 -0.04 -14.15 -40.10
CA SER B 637 -1.08 -15.11 -39.72
C SER B 637 -0.94 -16.42 -40.48
N THR B 638 -0.67 -16.34 -41.78
CA THR B 638 -0.48 -17.53 -42.60
C THR B 638 0.60 -17.24 -43.63
N GLY B 639 1.52 -18.20 -43.78
CA GLY B 639 2.61 -18.10 -44.73
C GLY B 639 3.93 -18.36 -44.05
N SER B 640 5.00 -17.93 -44.71
CA SER B 640 6.37 -18.10 -44.23
C SER B 640 6.65 -19.55 -43.86
N ASN B 641 7.09 -19.77 -42.62
CA ASN B 641 7.37 -21.13 -42.14
C ASN B 641 7.08 -21.18 -40.65
N VAL B 642 6.05 -21.93 -40.27
CA VAL B 642 5.65 -22.04 -38.88
C VAL B 642 6.32 -23.25 -38.27
N PHE B 643 6.98 -23.06 -37.14
CA PHE B 643 7.69 -24.13 -36.44
C PHE B 643 7.07 -24.32 -35.07
N GLN B 644 6.77 -25.58 -34.73
CA GLN B 644 6.11 -25.93 -33.48
C GLN B 644 7.14 -26.40 -32.47
N THR B 645 7.21 -25.70 -31.34
CA THR B 645 8.16 -25.99 -30.28
C THR B 645 7.41 -26.21 -28.96
N ARG B 646 8.17 -26.41 -27.88
CA ARG B 646 7.56 -26.72 -26.60
C ARG B 646 7.25 -25.48 -25.78
N ALA B 647 7.88 -24.35 -26.08
CA ALA B 647 7.60 -23.10 -25.40
C ALA B 647 6.54 -22.28 -26.11
N GLY B 648 5.94 -22.81 -27.15
CA GLY B 648 5.00 -22.11 -28.00
C GLY B 648 5.21 -22.53 -29.45
N CYS B 649 5.26 -21.55 -30.33
CA CYS B 649 5.63 -21.80 -31.71
C CYS B 649 6.26 -20.57 -32.33
N LEU B 650 7.25 -20.81 -33.19
CA LEU B 650 8.08 -19.76 -33.75
C LEU B 650 7.67 -19.49 -35.19
N ILE B 651 7.33 -18.24 -35.47
CA ILE B 651 7.02 -17.79 -36.82
C ILE B 651 8.08 -16.79 -37.23
N GLY B 652 8.65 -16.98 -38.41
CA GLY B 652 9.71 -16.14 -38.90
C GLY B 652 11.10 -16.72 -38.77
N ALA B 653 11.23 -17.96 -38.31
CA ALA B 653 12.51 -18.63 -38.21
C ALA B 653 12.39 -20.04 -38.78
N GLU B 654 13.46 -20.50 -39.43
CA GLU B 654 13.48 -21.81 -40.04
C GLU B 654 14.21 -22.80 -39.14
N HIS B 655 13.71 -24.03 -39.12
CA HIS B 655 14.23 -25.07 -38.25
C HIS B 655 15.16 -25.98 -39.03
N VAL B 656 16.29 -26.34 -38.42
CA VAL B 656 17.29 -27.20 -39.04
C VAL B 656 17.63 -28.33 -38.07
N ASN B 657 18.13 -29.43 -38.63
CA ASN B 657 18.64 -30.54 -37.83
C ASN B 657 20.07 -30.35 -37.36
N ASN B 658 20.72 -29.24 -37.71
CA ASN B 658 22.04 -28.95 -37.19
C ASN B 658 21.96 -28.53 -35.73
N SER B 659 23.11 -28.28 -35.10
CA SER B 659 23.12 -27.86 -33.70
C SER B 659 24.40 -27.09 -33.39
N TYR B 660 24.25 -25.90 -32.81
CA TYR B 660 25.38 -25.03 -32.51
C TYR B 660 25.23 -24.56 -31.07
N GLU B 661 26.21 -23.78 -30.62
CA GLU B 661 26.19 -23.17 -29.28
C GLU B 661 25.50 -21.83 -29.43
N CYS B 662 24.21 -21.79 -29.07
CA CYS B 662 23.39 -20.65 -29.43
C CYS B 662 23.56 -19.48 -28.48
N ASP B 663 22.97 -18.35 -28.88
CA ASP B 663 23.07 -17.10 -28.14
C ASP B 663 21.74 -16.55 -27.67
N ILE B 664 20.66 -16.77 -28.39
CA ILE B 664 19.33 -16.29 -28.02
C ILE B 664 18.52 -17.49 -27.53
N PRO B 665 18.25 -17.57 -26.23
CA PRO B 665 17.43 -18.68 -25.73
C PRO B 665 15.98 -18.52 -26.13
N ILE B 666 15.29 -19.65 -26.27
CA ILE B 666 13.86 -19.66 -26.55
C ILE B 666 13.15 -20.39 -25.42
N GLY B 667 13.63 -21.59 -25.11
CA GLY B 667 13.08 -22.38 -24.03
C GLY B 667 12.98 -23.84 -24.44
N ALA B 668 13.02 -24.71 -23.43
CA ALA B 668 12.91 -26.16 -23.62
C ALA B 668 13.99 -26.69 -24.55
N GLY B 669 15.16 -26.07 -24.50
CA GLY B 669 16.29 -26.46 -25.33
C GLY B 669 16.41 -25.75 -26.65
N ILE B 670 15.27 -25.50 -27.31
CA ILE B 670 15.28 -24.80 -28.58
C ILE B 670 15.81 -23.38 -28.39
N CYS B 671 16.59 -22.92 -29.35
CA CYS B 671 17.17 -21.58 -29.30
C CYS B 671 17.56 -21.16 -30.70
N ALA B 672 17.70 -19.85 -30.90
CA ALA B 672 17.76 -19.26 -32.23
C ALA B 672 18.99 -18.38 -32.40
N SER B 673 19.47 -18.30 -33.63
CA SER B 673 20.58 -17.45 -34.04
C SER B 673 20.26 -16.82 -35.39
N TYR B 674 21.14 -15.92 -35.84
CA TYR B 674 20.90 -15.20 -37.08
C TYR B 674 21.49 -15.90 -38.30
N GLN B 675 22.73 -16.39 -38.18
CA GLN B 675 23.42 -17.06 -39.28
C GLN B 675 23.55 -16.14 -40.50
N SER B 691 19.06 -15.41 -42.65
CA SER B 691 17.77 -15.88 -42.14
C SER B 691 17.91 -16.46 -40.75
N ILE B 692 17.05 -16.04 -39.84
CA ILE B 692 17.08 -16.53 -38.46
C ILE B 692 16.78 -18.03 -38.46
N ILE B 693 17.62 -18.79 -37.77
CA ILE B 693 17.48 -20.24 -37.70
C ILE B 693 17.20 -20.63 -36.26
N ALA B 694 16.41 -21.69 -36.10
CA ALA B 694 16.10 -22.26 -34.79
C ALA B 694 16.55 -23.72 -34.78
N TYR B 695 17.14 -24.14 -33.66
CA TYR B 695 17.75 -25.46 -33.57
C TYR B 695 17.79 -25.89 -32.11
N THR B 696 18.20 -27.13 -31.88
CA THR B 696 18.38 -27.67 -30.55
C THR B 696 19.77 -27.31 -30.07
N MET B 697 19.86 -26.84 -28.82
CA MET B 697 21.12 -26.36 -28.28
C MET B 697 22.18 -27.47 -28.29
N SER B 698 23.40 -27.09 -28.68
CA SER B 698 24.55 -27.98 -28.64
C SER B 698 25.23 -27.77 -27.29
N LEU B 699 25.36 -28.86 -26.54
CA LEU B 699 25.73 -28.75 -25.14
C LEU B 699 27.21 -28.46 -24.95
N GLY B 700 28.03 -28.91 -25.89
CA GLY B 700 29.47 -28.67 -25.82
C GLY B 700 30.20 -29.62 -26.75
N ALA B 701 31.51 -29.43 -26.80
CA ALA B 701 32.35 -30.30 -27.61
C ALA B 701 32.47 -31.67 -26.96
N GLU B 702 32.26 -32.71 -27.76
CA GLU B 702 32.26 -34.09 -27.28
C GLU B 702 33.60 -34.74 -27.58
N ASN B 703 34.27 -35.23 -26.54
CA ASN B 703 35.53 -35.93 -26.70
C ASN B 703 35.58 -37.10 -25.73
N SER B 704 36.17 -38.20 -26.19
CA SER B 704 36.39 -39.37 -25.36
C SER B 704 37.83 -39.37 -24.90
N VAL B 705 38.02 -39.23 -23.59
CA VAL B 705 39.36 -39.14 -23.01
C VAL B 705 40.02 -40.50 -23.04
N ALA B 706 41.30 -40.52 -23.43
CA ALA B 706 42.05 -41.76 -23.62
C ALA B 706 42.53 -42.26 -22.25
N TYR B 707 41.65 -42.97 -21.56
CA TYR B 707 41.96 -43.47 -20.24
C TYR B 707 42.58 -44.86 -20.33
N SER B 708 43.50 -45.13 -19.40
CA SER B 708 44.14 -46.43 -19.30
C SER B 708 44.60 -46.61 -17.86
N ASN B 709 44.94 -47.86 -17.52
CA ASN B 709 45.28 -48.21 -16.14
C ASN B 709 46.77 -48.07 -15.86
N ASN B 710 47.58 -47.65 -16.82
CA ASN B 710 49.00 -47.52 -16.59
C ASN B 710 49.58 -46.20 -17.11
N SER B 711 48.84 -45.52 -17.99
CA SER B 711 49.36 -44.29 -18.58
C SER B 711 48.81 -43.06 -17.87
N ILE B 712 49.59 -41.97 -17.88
CA ILE B 712 49.12 -40.67 -17.42
C ILE B 712 49.52 -39.60 -18.43
N ALA B 713 49.19 -38.34 -18.13
CA ALA B 713 49.62 -37.21 -18.94
C ALA B 713 50.17 -36.16 -17.97
N ILE B 714 51.38 -35.68 -18.24
CA ILE B 714 52.07 -34.74 -17.37
C ILE B 714 52.39 -33.49 -18.21
N PRO B 715 52.10 -32.28 -17.73
CA PRO B 715 52.40 -31.08 -18.50
C PRO B 715 53.89 -30.85 -18.68
N THR B 716 54.27 -30.25 -19.80
CA THR B 716 55.69 -29.96 -20.06
C THR B 716 55.95 -28.46 -20.17
N ASN B 717 54.93 -27.63 -19.94
CA ASN B 717 55.04 -26.18 -20.08
C ASN B 717 53.90 -25.56 -19.29
N PHE B 718 53.81 -24.23 -19.34
CA PHE B 718 52.76 -23.55 -18.58
C PHE B 718 52.50 -22.15 -19.14
N THR B 719 51.23 -21.79 -19.29
CA THR B 719 50.88 -20.41 -19.56
C THR B 719 50.16 -19.83 -18.35
N ILE B 720 50.53 -18.60 -17.99
CA ILE B 720 49.87 -17.89 -16.90
C ILE B 720 48.96 -16.83 -17.50
N SER B 721 47.77 -16.70 -16.94
CA SER B 721 46.75 -15.82 -17.49
C SER B 721 46.15 -14.98 -16.37
N VAL B 722 45.68 -13.78 -16.73
CA VAL B 722 45.06 -12.86 -15.79
C VAL B 722 43.64 -12.59 -16.27
N THR B 723 42.67 -12.84 -15.39
CA THR B 723 41.26 -12.66 -15.70
C THR B 723 40.64 -11.67 -14.72
N THR B 724 39.47 -11.15 -15.09
CA THR B 724 38.80 -10.12 -14.31
C THR B 724 37.46 -10.63 -13.82
N GLU B 725 37.01 -10.07 -12.69
CA GLU B 725 35.64 -10.24 -12.24
C GLU B 725 35.20 -8.98 -11.54
N ILE B 726 33.93 -8.61 -11.75
CA ILE B 726 33.39 -7.34 -11.30
C ILE B 726 32.26 -7.62 -10.32
N LEU B 727 32.31 -6.97 -9.16
CA LEU B 727 31.32 -7.17 -8.11
C LEU B 727 30.82 -5.80 -7.65
N PRO B 728 29.51 -5.54 -7.72
CA PRO B 728 28.98 -4.31 -7.12
C PRO B 728 29.03 -4.39 -5.60
N VAL B 729 29.29 -3.25 -4.97
CA VAL B 729 29.45 -3.21 -3.52
C VAL B 729 28.49 -2.22 -2.88
N SER B 730 27.98 -1.28 -3.69
CA SER B 730 27.16 -0.21 -3.13
C SER B 730 26.31 0.40 -4.24
N MET B 731 25.26 1.13 -3.83
CA MET B 731 24.48 1.94 -4.74
C MET B 731 24.26 3.30 -4.10
N THR B 732 23.58 4.18 -4.84
CA THR B 732 23.37 5.54 -4.38
C THR B 732 22.40 5.58 -3.20
N LYS B 733 22.66 6.49 -2.28
CA LYS B 733 21.84 6.67 -1.08
C LYS B 733 20.80 7.74 -1.37
N THR B 734 19.54 7.44 -1.07
CA THR B 734 18.43 8.35 -1.33
C THR B 734 17.56 8.47 -0.10
N SER B 735 16.80 9.57 -0.05
CA SER B 735 15.85 9.81 1.01
C SER B 735 14.65 10.54 0.44
N VAL B 736 13.46 10.19 0.92
CA VAL B 736 12.21 10.72 0.38
C VAL B 736 11.36 11.22 1.54
N ASP B 737 10.82 12.43 1.39
CA ASP B 737 9.93 13.02 2.36
C ASP B 737 8.49 12.53 2.12
N CYS B 738 7.57 12.98 2.97
CA CYS B 738 6.15 12.68 2.82
C CYS B 738 5.33 13.93 2.50
N THR B 739 5.42 14.95 3.35
CA THR B 739 4.63 16.16 3.12
C THR B 739 4.95 16.78 1.78
N MET B 740 6.21 16.76 1.38
CA MET B 740 6.58 17.32 0.09
C MET B 740 6.19 16.39 -1.07
N TYR B 741 6.17 15.08 -0.83
CA TYR B 741 5.81 14.13 -1.89
C TYR B 741 4.32 13.90 -1.99
N ILE B 742 3.68 13.51 -0.89
CA ILE B 742 2.26 13.19 -0.88
C ILE B 742 1.39 14.44 -0.89
N CYS B 743 1.77 15.49 -0.19
CA CYS B 743 0.96 16.69 -0.12
C CYS B 743 1.54 17.87 -0.89
N GLY B 744 2.79 18.22 -0.66
CA GLY B 744 3.41 19.32 -1.36
C GLY B 744 2.87 20.68 -0.98
N ASP B 745 3.11 21.08 0.27
CA ASP B 745 2.73 22.40 0.78
C ASP B 745 1.21 22.61 0.67
N SER B 746 0.48 21.74 1.38
CA SER B 746 -0.96 21.89 1.51
C SER B 746 -1.34 21.59 2.96
N THR B 747 -1.78 22.62 3.68
CA THR B 747 -2.04 22.47 5.11
C THR B 747 -3.19 21.50 5.37
N GLU B 748 -4.26 21.59 4.57
CA GLU B 748 -5.37 20.66 4.73
C GLU B 748 -4.96 19.23 4.40
N CYS B 749 -4.13 19.05 3.36
CA CYS B 749 -3.65 17.72 3.04
C CYS B 749 -2.81 17.15 4.18
N SER B 750 -1.96 17.97 4.78
CA SER B 750 -1.15 17.51 5.91
C SER B 750 -2.01 17.16 7.12
N ASN B 751 -3.03 17.99 7.38
CA ASN B 751 -3.93 17.71 8.50
C ASN B 751 -4.68 16.42 8.28
N LEU B 752 -5.08 16.13 7.04
CA LEU B 752 -5.75 14.88 6.76
C LEU B 752 -4.78 13.70 6.78
N LEU B 753 -3.50 13.97 6.47
CA LEU B 753 -2.48 12.93 6.47
C LEU B 753 -2.06 12.51 7.87
N LEU B 754 -2.09 13.44 8.83
CA LEU B 754 -1.58 13.12 10.16
C LEU B 754 -2.41 12.08 10.89
N GLN B 755 -3.61 11.75 10.40
CA GLN B 755 -4.46 10.77 11.07
C GLN B 755 -4.30 9.36 10.53
N TYR B 756 -3.37 9.12 9.62
CA TYR B 756 -3.05 7.77 9.17
C TYR B 756 -2.02 7.08 10.04
N GLY B 757 -1.43 7.77 11.00
CA GLY B 757 -0.47 7.14 11.89
C GLY B 757 0.94 7.61 11.64
N SER B 758 1.90 6.68 11.71
CA SER B 758 3.32 6.97 11.63
C SER B 758 3.98 6.14 10.54
N PHE B 759 3.37 6.11 9.36
CA PHE B 759 3.98 5.41 8.23
C PHE B 759 5.26 6.11 7.81
N CYS B 760 5.27 7.43 7.81
CA CYS B 760 6.41 8.18 7.30
C CYS B 760 7.64 8.00 8.17
N THR B 761 7.45 7.93 9.49
CA THR B 761 8.59 7.71 10.38
C THR B 761 9.30 6.41 10.05
N GLN B 762 8.54 5.33 9.84
CA GLN B 762 9.17 4.06 9.56
C GLN B 762 9.73 4.00 8.14
N LEU B 763 9.10 4.68 7.18
CA LEU B 763 9.68 4.74 5.83
C LEU B 763 11.04 5.44 5.87
N ASN B 764 11.11 6.59 6.54
CA ASN B 764 12.38 7.30 6.66
C ASN B 764 13.40 6.47 7.43
N ARG B 765 12.95 5.75 8.47
CA ARG B 765 13.85 4.89 9.21
C ARG B 765 14.45 3.82 8.32
N ALA B 766 13.64 3.19 7.48
CA ALA B 766 14.14 2.16 6.58
C ALA B 766 15.14 2.72 5.58
N LEU B 767 14.83 3.89 5.01
CA LEU B 767 15.74 4.47 4.02
C LEU B 767 17.08 4.86 4.64
N THR B 768 17.05 5.47 5.83
CA THR B 768 18.29 5.80 6.50
C THR B 768 19.07 4.54 6.86
N GLY B 769 18.36 3.48 7.24
CA GLY B 769 19.03 2.22 7.52
C GLY B 769 19.78 1.68 6.32
N ILE B 770 19.15 1.71 5.15
CA ILE B 770 19.83 1.18 3.97
C ILE B 770 21.01 2.08 3.58
N ALA B 771 20.88 3.40 3.76
CA ALA B 771 21.99 4.28 3.45
C ALA B 771 23.20 4.00 4.35
N VAL B 772 22.96 3.86 5.65
CA VAL B 772 24.03 3.51 6.58
C VAL B 772 24.62 2.16 6.21
N GLU B 773 23.77 1.23 5.77
CA GLU B 773 24.25 -0.09 5.36
C GLU B 773 25.20 0.01 4.17
N GLN B 774 24.90 0.89 3.21
CA GLN B 774 25.78 1.01 2.05
C GLN B 774 27.12 1.64 2.43
N ASP B 775 27.09 2.63 3.32
CA ASP B 775 28.36 3.18 3.82
C ASP B 775 29.18 2.08 4.50
N LYS B 776 28.53 1.26 5.33
CA LYS B 776 29.24 0.15 5.99
C LYS B 776 29.77 -0.84 4.97
N ASN B 777 29.00 -1.12 3.92
CA ASN B 777 29.44 -2.04 2.87
C ASN B 777 30.74 -1.56 2.26
N THR B 778 30.78 -0.30 1.82
CA THR B 778 32.00 0.23 1.20
C THR B 778 33.16 0.19 2.17
N GLN B 779 32.92 0.62 3.42
CA GLN B 779 33.99 0.67 4.41
C GLN B 779 34.57 -0.72 4.68
N GLU B 780 33.73 -1.74 4.81
CA GLU B 780 34.24 -3.06 5.12
C GLU B 780 34.87 -3.72 3.90
N VAL B 781 34.42 -3.39 2.69
CA VAL B 781 35.05 -3.97 1.52
C VAL B 781 36.44 -3.39 1.30
N PHE B 782 36.60 -2.07 1.46
CA PHE B 782 37.84 -1.46 1.00
C PHE B 782 38.84 -1.16 2.11
N ALA B 783 38.38 -0.89 3.33
CA ALA B 783 39.29 -0.58 4.42
C ALA B 783 39.80 -1.88 5.05
N GLN B 784 40.85 -2.46 4.47
CA GLN B 784 41.43 -3.70 4.96
C GLN B 784 42.85 -3.57 5.48
N VAL B 785 43.44 -2.38 5.44
CA VAL B 785 44.81 -2.17 5.88
C VAL B 785 44.84 -1.09 6.95
N LYS B 786 45.84 -1.16 7.83
CA LYS B 786 46.04 -0.18 8.87
C LYS B 786 47.08 0.87 8.51
N GLN B 787 47.77 0.69 7.39
CA GLN B 787 48.82 1.60 6.94
C GLN B 787 48.57 1.94 5.47
N ILE B 788 49.14 3.05 5.02
CA ILE B 788 49.08 3.46 3.63
C ILE B 788 50.46 3.20 3.04
N TYR B 789 50.66 2.01 2.47
CA TYR B 789 51.96 1.63 1.97
C TYR B 789 52.26 2.34 0.65
N LYS B 790 53.56 2.45 0.34
CA LYS B 790 54.02 3.11 -0.86
C LYS B 790 55.09 2.27 -1.54
N THR B 791 55.08 2.27 -2.87
CA THR B 791 56.11 1.57 -3.62
C THR B 791 57.40 2.39 -3.64
N PRO B 792 58.55 1.74 -3.77
CA PRO B 792 59.81 2.48 -3.84
C PRO B 792 59.88 3.30 -5.10
N PRO B 793 60.66 4.39 -5.10
CA PRO B 793 60.78 5.19 -6.33
C PRO B 793 61.36 4.43 -7.50
N ILE B 794 62.29 3.51 -7.27
CA ILE B 794 62.86 2.68 -8.32
C ILE B 794 62.22 1.31 -8.23
N LYS B 795 61.78 0.79 -9.38
CA LYS B 795 61.02 -0.45 -9.44
C LYS B 795 61.79 -1.48 -10.25
N ASP B 796 62.32 -2.48 -9.57
CA ASP B 796 62.97 -3.63 -10.23
C ASP B 796 62.34 -4.87 -9.63
N PHE B 797 61.20 -5.28 -10.19
CA PHE B 797 60.48 -6.45 -9.72
C PHE B 797 60.84 -7.67 -10.56
N GLY B 798 62.14 -7.90 -10.71
CA GLY B 798 62.61 -9.04 -11.46
C GLY B 798 62.14 -9.11 -12.89
N GLY B 799 61.80 -7.98 -13.50
CA GLY B 799 61.31 -7.94 -14.86
C GLY B 799 59.82 -7.79 -14.97
N PHE B 800 59.08 -7.80 -13.86
CA PHE B 800 57.64 -7.64 -13.88
C PHE B 800 57.29 -6.17 -14.10
N ASN B 801 56.07 -5.91 -14.53
CA ASN B 801 55.69 -4.57 -14.94
C ASN B 801 54.32 -4.26 -14.36
N PHE B 802 54.25 -3.19 -13.57
CA PHE B 802 53.03 -2.81 -12.88
C PHE B 802 52.60 -1.38 -13.21
N SER B 803 53.13 -0.81 -14.29
CA SER B 803 52.85 0.60 -14.60
C SER B 803 51.37 0.81 -14.92
N GLN B 804 50.77 -0.11 -15.66
CA GLN B 804 49.37 0.05 -16.05
C GLN B 804 48.42 -0.15 -14.88
N ILE B 805 48.91 -0.62 -13.75
CA ILE B 805 48.06 -0.94 -12.61
C ILE B 805 48.36 -0.07 -11.40
N LEU B 806 49.55 0.54 -11.32
CA LEU B 806 49.88 1.42 -10.22
C LEU B 806 49.36 2.84 -10.48
N PRO B 807 49.11 3.61 -9.43
CA PRO B 807 48.59 4.97 -9.63
C PRO B 807 49.55 5.84 -10.44
N ASP B 808 48.97 6.71 -11.25
CA ASP B 808 49.73 7.60 -12.13
C ASP B 808 49.80 8.97 -11.50
N PRO B 809 50.98 9.45 -11.10
CA PRO B 809 51.06 10.79 -10.46
C PRO B 809 50.65 11.93 -11.37
N SER B 810 50.72 11.75 -12.70
CA SER B 810 50.34 12.83 -13.61
C SER B 810 48.86 13.18 -13.47
N LYS B 811 48.01 12.17 -13.35
CA LYS B 811 46.59 12.43 -13.15
C LYS B 811 46.35 12.88 -11.71
N PRO B 812 45.69 14.01 -11.48
CA PRO B 812 45.57 14.51 -10.13
C PRO B 812 44.47 13.86 -9.29
N SER B 813 43.84 12.78 -9.73
CA SER B 813 43.07 11.93 -8.82
C SER B 813 43.88 10.73 -8.33
N LYS B 814 45.08 10.52 -8.88
CA LYS B 814 45.92 9.38 -8.51
C LYS B 814 45.20 8.05 -8.76
N ARG B 815 44.69 7.88 -9.98
CA ARG B 815 44.08 6.63 -10.42
C ARG B 815 44.93 6.04 -11.54
N SER B 816 45.00 4.71 -11.57
CA SER B 816 45.79 4.04 -12.59
C SER B 816 45.07 4.08 -13.94
N PHE B 817 45.75 3.55 -14.95
CA PHE B 817 45.20 3.53 -16.30
C PHE B 817 43.93 2.69 -16.36
N ILE B 818 43.95 1.50 -15.72
CA ILE B 818 42.78 0.64 -15.71
C ILE B 818 41.63 1.29 -14.98
N GLU B 819 41.93 1.97 -13.87
CA GLU B 819 40.88 2.66 -13.11
C GLU B 819 40.25 3.78 -13.92
N ASP B 820 41.08 4.53 -14.65
CA ASP B 820 40.54 5.59 -15.52
C ASP B 820 39.66 5.00 -16.60
N LEU B 821 40.08 3.88 -17.20
CA LEU B 821 39.26 3.22 -18.21
C LEU B 821 37.92 2.79 -17.62
N LEU B 822 37.95 2.20 -16.42
CA LEU B 822 36.72 1.74 -15.78
C LEU B 822 35.79 2.90 -15.47
N PHE B 823 36.34 4.02 -15.01
CA PHE B 823 35.51 5.15 -14.63
C PHE B 823 34.91 5.83 -15.86
N ASN B 824 35.70 5.98 -16.93
CA ASN B 824 35.18 6.59 -18.14
C ASN B 824 34.24 5.67 -18.91
N LYS B 825 34.32 4.36 -18.68
CA LYS B 825 33.51 3.43 -19.46
C LYS B 825 32.04 3.53 -19.09
N VAL B 826 31.71 3.29 -17.82
CA VAL B 826 30.32 3.33 -17.39
C VAL B 826 29.90 4.77 -17.12
N THR B 827 28.65 5.07 -17.47
CA THR B 827 28.12 6.42 -17.32
C THR B 827 26.60 6.32 -17.19
N LEU B 828 26.04 7.12 -16.30
CA LEU B 828 24.60 7.15 -16.07
C LEU B 828 23.86 7.52 -17.35
N LYS B 854 15.74 15.88 -6.09
CA LYS B 854 15.34 17.27 -5.88
C LYS B 854 14.04 17.57 -6.62
N PHE B 855 13.24 16.54 -6.85
CA PHE B 855 12.00 16.71 -7.62
C PHE B 855 10.86 16.94 -6.64
N ASN B 856 10.51 15.97 -5.81
CA ASN B 856 9.45 16.12 -4.81
C ASN B 856 9.88 15.43 -3.52
N GLY B 857 10.56 16.18 -2.66
CA GLY B 857 10.99 15.65 -1.38
C GLY B 857 12.04 14.56 -1.45
N LEU B 858 12.54 14.24 -2.64
CA LEU B 858 13.55 13.20 -2.80
C LEU B 858 14.92 13.83 -2.99
N THR B 859 15.91 13.30 -2.27
CA THR B 859 17.26 13.82 -2.29
C THR B 859 18.25 12.68 -2.37
N VAL B 860 19.45 12.98 -2.86
CA VAL B 860 20.53 12.00 -2.98
C VAL B 860 21.64 12.42 -2.02
N LEU B 861 22.03 11.49 -1.14
CA LEU B 861 23.06 11.75 -0.15
C LEU B 861 24.43 11.34 -0.69
N PRO B 862 25.46 12.17 -0.48
CA PRO B 862 26.79 11.81 -0.95
C PRO B 862 27.38 10.69 -0.11
N PRO B 863 28.17 9.80 -0.72
CA PRO B 863 28.82 8.74 0.07
C PRO B 863 29.87 9.31 1.00
N LEU B 864 30.07 8.61 2.11
CA LEU B 864 31.03 9.07 3.12
C LEU B 864 32.45 9.09 2.59
N LEU B 865 32.85 8.03 1.89
CA LEU B 865 34.19 7.95 1.31
C LEU B 865 34.14 8.44 -0.13
N THR B 866 34.92 9.48 -0.42
CA THR B 866 35.03 9.97 -1.78
C THR B 866 35.85 8.98 -2.62
N ASP B 867 35.77 9.16 -3.94
CA ASP B 867 36.46 8.24 -4.85
C ASP B 867 37.97 8.30 -4.69
N GLU B 868 38.51 9.47 -4.34
CA GLU B 868 39.94 9.60 -4.12
C GLU B 868 40.40 8.72 -2.96
N MET B 869 39.62 8.67 -1.88
CA MET B 869 39.98 7.83 -0.74
C MET B 869 39.97 6.35 -1.10
N ILE B 870 38.99 5.93 -1.91
CA ILE B 870 38.94 4.53 -2.33
C ILE B 870 40.12 4.21 -3.23
N ALA B 871 40.51 5.14 -4.10
CA ALA B 871 41.71 4.95 -4.91
C ALA B 871 42.95 4.84 -4.04
N GLN B 872 43.03 5.65 -2.97
CA GLN B 872 44.15 5.55 -2.05
C GLN B 872 44.18 4.19 -1.36
N TYR B 873 43.01 3.68 -0.97
CA TYR B 873 42.96 2.36 -0.35
C TYR B 873 43.44 1.27 -1.30
N THR B 874 43.00 1.32 -2.57
CA THR B 874 43.45 0.34 -3.54
C THR B 874 44.95 0.45 -3.79
N SER B 875 45.46 1.69 -3.83
CA SER B 875 46.90 1.87 -4.00
C SER B 875 47.68 1.29 -2.84
N ALA B 876 47.19 1.48 -1.62
CA ALA B 876 47.86 0.90 -0.45
C ALA B 876 47.84 -0.62 -0.51
N LEU B 877 46.71 -1.21 -0.89
CA LEU B 877 46.64 -2.67 -1.00
C LEU B 877 47.61 -3.18 -2.06
N LEU B 878 47.68 -2.52 -3.21
CA LEU B 878 48.60 -2.93 -4.27
C LEU B 878 50.04 -2.82 -3.82
N ALA B 879 50.42 -1.72 -3.18
CA ALA B 879 51.78 -1.57 -2.71
C ALA B 879 52.13 -2.65 -1.68
N GLY B 880 51.20 -2.92 -0.77
CA GLY B 880 51.45 -3.95 0.22
C GLY B 880 51.65 -5.32 -0.38
N THR B 881 50.78 -5.70 -1.32
CA THR B 881 50.89 -7.04 -1.89
C THR B 881 52.11 -7.17 -2.80
N ILE B 882 52.48 -6.09 -3.49
CA ILE B 882 53.64 -6.15 -4.37
C ILE B 882 54.92 -6.22 -3.56
N THR B 883 55.02 -5.44 -2.49
CA THR B 883 56.28 -5.37 -1.76
C THR B 883 56.42 -6.45 -0.69
N SER B 884 55.38 -6.68 0.11
CA SER B 884 55.49 -7.55 1.27
C SER B 884 54.81 -8.90 1.12
N GLY B 885 54.29 -9.23 -0.06
CA GLY B 885 53.58 -10.48 -0.24
C GLY B 885 52.32 -10.56 0.60
N TRP B 886 52.16 -11.65 1.35
CA TRP B 886 51.03 -11.81 2.24
C TRP B 886 51.35 -11.49 3.69
N THR B 887 52.52 -10.94 3.98
CA THR B 887 52.91 -10.69 5.35
C THR B 887 52.16 -9.50 5.93
N PHE B 888 51.88 -8.48 5.11
CA PHE B 888 51.22 -7.28 5.62
C PHE B 888 49.80 -7.55 6.06
N GLY B 889 49.18 -8.61 5.54
CA GLY B 889 47.84 -8.97 5.94
C GLY B 889 47.74 -9.77 7.22
N ALA B 890 48.87 -10.25 7.73
CA ALA B 890 48.91 -11.02 8.97
C ALA B 890 49.61 -10.28 10.10
N GLY B 891 49.99 -9.02 9.88
CA GLY B 891 50.73 -8.27 10.88
C GLY B 891 51.52 -7.13 10.28
N ALA B 892 52.80 -7.06 10.60
CA ALA B 892 53.66 -6.03 10.04
C ALA B 892 54.15 -6.44 8.66
N ALA B 893 54.24 -5.45 7.76
CA ALA B 893 54.71 -5.72 6.41
C ALA B 893 56.19 -6.07 6.42
N LEU B 894 56.52 -7.19 5.79
CA LEU B 894 57.89 -7.68 5.72
C LEU B 894 58.37 -7.63 4.28
N GLN B 895 59.47 -6.94 4.04
CA GLN B 895 60.00 -6.79 2.70
C GLN B 895 60.41 -8.13 2.11
N ILE B 896 60.22 -8.29 0.81
CA ILE B 896 60.63 -9.50 0.10
C ILE B 896 60.79 -9.17 -1.38
N PRO B 897 61.88 -9.66 -1.99
CA PRO B 897 62.03 -9.51 -3.43
C PRO B 897 60.89 -10.22 -4.16
N PHE B 898 60.43 -9.60 -5.25
CA PHE B 898 59.23 -10.11 -5.91
C PHE B 898 59.45 -11.48 -6.53
N ALA B 899 60.65 -11.74 -7.04
CA ALA B 899 60.95 -13.05 -7.59
C ALA B 899 60.83 -14.13 -6.52
N MET B 900 61.32 -13.86 -5.32
CA MET B 900 61.24 -14.84 -4.25
C MET B 900 59.81 -15.01 -3.75
N GLN B 901 59.02 -13.93 -3.76
CA GLN B 901 57.61 -14.05 -3.45
C GLN B 901 56.90 -14.95 -4.46
N MET B 902 57.19 -14.76 -5.75
CA MET B 902 56.53 -15.58 -6.76
C MET B 902 57.01 -17.03 -6.69
N ALA B 903 58.26 -17.24 -6.29
CA ALA B 903 58.73 -18.61 -6.05
C ALA B 903 57.99 -19.26 -4.89
N TYR B 904 57.75 -18.51 -3.81
CA TYR B 904 56.94 -19.03 -2.72
C TYR B 904 55.54 -19.39 -3.18
N ARG B 905 54.95 -18.55 -4.04
CA ARG B 905 53.62 -18.84 -4.55
C ARG B 905 53.62 -20.08 -5.45
N PHE B 906 54.67 -20.26 -6.25
CA PHE B 906 54.81 -21.48 -7.03
C PHE B 906 54.89 -22.70 -6.13
N ASN B 907 55.65 -22.60 -5.04
CA ASN B 907 55.68 -23.68 -4.05
C ASN B 907 54.29 -23.93 -3.49
N GLY B 908 53.53 -22.87 -3.24
CA GLY B 908 52.19 -23.02 -2.71
C GLY B 908 51.27 -23.79 -3.63
N ILE B 909 51.35 -23.51 -4.94
CA ILE B 909 50.50 -24.23 -5.88
C ILE B 909 50.99 -25.64 -6.18
N GLY B 910 52.16 -26.02 -5.65
CA GLY B 910 52.66 -27.38 -5.80
C GLY B 910 53.81 -27.56 -6.75
N VAL B 911 54.40 -26.48 -7.28
CA VAL B 911 55.53 -26.54 -8.18
C VAL B 911 56.76 -26.05 -7.46
N THR B 912 57.88 -26.77 -7.63
CA THR B 912 59.12 -26.39 -6.98
C THR B 912 59.60 -25.03 -7.46
N GLN B 913 60.24 -24.28 -6.56
CA GLN B 913 60.73 -22.96 -6.90
C GLN B 913 61.86 -23.03 -7.92
N ASN B 914 62.40 -24.22 -8.15
CA ASN B 914 63.33 -24.44 -9.25
C ASN B 914 62.77 -23.93 -10.57
N VAL B 915 61.49 -24.19 -10.82
CA VAL B 915 60.90 -23.89 -12.13
C VAL B 915 60.87 -22.39 -12.38
N LEU B 916 60.49 -21.60 -11.36
CA LEU B 916 60.36 -20.16 -11.56
C LEU B 916 61.69 -19.51 -11.95
N TYR B 917 62.75 -19.80 -11.21
CA TYR B 917 64.01 -19.10 -11.42
C TYR B 917 64.59 -19.39 -12.79
N GLU B 918 64.42 -20.62 -13.28
CA GLU B 918 64.95 -20.96 -14.60
C GLU B 918 64.10 -20.39 -15.72
N ASN B 919 62.85 -20.02 -15.45
CA ASN B 919 61.94 -19.49 -16.44
C ASN B 919 61.42 -18.10 -16.08
N GLN B 920 62.24 -17.30 -15.40
CA GLN B 920 61.78 -16.01 -14.89
C GLN B 920 61.39 -15.05 -16.01
N LYS B 921 62.22 -14.96 -17.05
CA LYS B 921 61.95 -14.02 -18.13
C LYS B 921 60.67 -14.37 -18.87
N LEU B 922 60.46 -15.67 -19.15
CA LEU B 922 59.25 -16.08 -19.85
C LEU B 922 58.00 -15.77 -19.04
N ILE B 923 58.05 -16.02 -17.73
CA ILE B 923 56.90 -15.74 -16.87
C ILE B 923 56.61 -14.24 -16.82
N ALA B 924 57.67 -13.44 -16.70
CA ALA B 924 57.47 -11.98 -16.69
C ALA B 924 56.85 -11.50 -17.99
N ASN B 925 57.33 -12.02 -19.13
CA ASN B 925 56.77 -11.61 -20.41
C ASN B 925 55.31 -12.03 -20.53
N GLN B 926 54.98 -13.24 -20.09
CA GLN B 926 53.59 -13.70 -20.15
C GLN B 926 52.68 -12.83 -19.27
N PHE B 927 53.16 -12.47 -18.08
CA PHE B 927 52.37 -11.61 -17.21
C PHE B 927 52.14 -10.24 -17.85
N ASN B 928 53.19 -9.66 -18.43
CA ASN B 928 53.04 -8.36 -19.07
C ASN B 928 52.07 -8.43 -20.25
N SER B 929 52.15 -9.50 -21.04
CA SER B 929 51.24 -9.67 -22.16
C SER B 929 49.80 -9.79 -21.70
N ALA B 930 49.56 -10.54 -20.62
CA ALA B 930 48.20 -10.68 -20.10
C ALA B 930 47.67 -9.35 -19.59
N ILE B 931 48.51 -8.58 -18.89
CA ILE B 931 48.08 -7.26 -18.42
C ILE B 931 47.73 -6.36 -19.59
N GLY B 932 48.54 -6.37 -20.65
CA GLY B 932 48.21 -5.59 -21.83
C GLY B 932 46.91 -6.03 -22.49
N LYS B 933 46.68 -7.34 -22.53
CA LYS B 933 45.44 -7.85 -23.12
C LYS B 933 44.22 -7.38 -22.34
N ILE B 934 44.32 -7.34 -21.01
CA ILE B 934 43.19 -6.86 -20.20
C ILE B 934 42.86 -5.42 -20.55
N GLN B 935 43.88 -4.57 -20.66
CA GLN B 935 43.66 -3.17 -21.00
C GLN B 935 43.04 -3.03 -22.37
N ASP B 936 43.54 -3.81 -23.34
CA ASP B 936 42.97 -3.75 -24.69
C ASP B 936 41.51 -4.18 -24.69
N SER B 937 41.19 -5.25 -23.94
CA SER B 937 39.81 -5.72 -23.88
C SER B 937 38.90 -4.67 -23.26
N LEU B 938 39.35 -4.03 -22.17
CA LEU B 938 38.53 -3.00 -21.54
C LEU B 938 38.34 -1.80 -22.47
N SER B 939 39.40 -1.41 -23.17
CA SER B 939 39.31 -0.24 -24.04
C SER B 939 38.53 -0.52 -25.31
N SER B 940 38.40 -1.78 -25.71
CA SER B 940 37.72 -2.14 -26.95
C SER B 940 36.35 -2.74 -26.72
N THR B 941 36.24 -3.80 -25.92
CA THR B 941 34.96 -4.46 -25.72
C THR B 941 34.04 -3.57 -24.89
N ALA B 942 32.80 -3.44 -25.36
CA ALA B 942 31.79 -2.63 -24.70
C ALA B 942 30.84 -3.52 -23.90
N SER B 943 30.13 -2.91 -22.97
CA SER B 943 29.17 -3.56 -22.07
C SER B 943 29.80 -4.63 -21.20
N ALA B 944 31.13 -4.57 -20.97
CA ALA B 944 31.76 -5.54 -20.09
C ALA B 944 31.28 -5.39 -18.65
N LEU B 945 31.08 -4.15 -18.20
CA LEU B 945 30.63 -3.87 -16.84
C LEU B 945 29.11 -3.84 -16.75
N GLY B 946 28.46 -4.91 -17.22
CA GLY B 946 27.02 -4.97 -17.18
C GLY B 946 26.47 -5.04 -15.77
N LYS B 947 27.16 -5.77 -14.89
CA LYS B 947 26.68 -5.93 -13.52
C LYS B 947 26.63 -4.59 -12.78
N LEU B 948 27.63 -3.74 -13.00
CA LEU B 948 27.63 -2.43 -12.35
C LEU B 948 26.57 -1.52 -12.95
N GLN B 949 26.39 -1.57 -14.27
CA GLN B 949 25.42 -0.70 -14.91
C GLN B 949 23.99 -1.09 -14.56
N ASP B 950 23.75 -2.37 -14.28
CA ASP B 950 22.41 -2.83 -13.97
C ASP B 950 21.88 -2.19 -12.69
N VAL B 951 22.73 -2.03 -11.69
CA VAL B 951 22.31 -1.41 -10.43
C VAL B 951 21.87 0.02 -10.67
N VAL B 952 22.68 0.77 -11.42
CA VAL B 952 22.35 2.18 -11.70
C VAL B 952 21.04 2.27 -12.48
N ASN B 953 20.89 1.41 -13.49
CA ASN B 953 19.67 1.43 -14.30
C ASN B 953 18.45 1.08 -13.47
N GLN B 954 18.56 0.09 -12.58
CA GLN B 954 17.45 -0.30 -11.74
C GLN B 954 17.05 0.82 -10.79
N ASN B 955 18.03 1.46 -10.15
CA ASN B 955 17.72 2.55 -9.24
C ASN B 955 17.09 3.73 -9.98
N ALA B 956 17.62 4.07 -11.16
CA ALA B 956 17.04 5.16 -11.94
C ALA B 956 15.61 4.84 -12.36
N GLN B 957 15.36 3.60 -12.79
CA GLN B 957 14.01 3.22 -13.20
C GLN B 957 13.05 3.27 -12.01
N ALA B 958 13.49 2.80 -10.84
CA ALA B 958 12.61 2.84 -9.67
C ALA B 958 12.28 4.28 -9.28
N LEU B 959 13.27 5.16 -9.27
CA LEU B 959 12.99 6.55 -8.95
C LEU B 959 12.09 7.19 -9.99
N ASN B 960 12.30 6.87 -11.27
CA ASN B 960 11.48 7.44 -12.33
C ASN B 960 10.03 6.99 -12.22
N THR B 961 9.80 5.71 -11.94
CA THR B 961 8.42 5.25 -11.81
C THR B 961 7.77 5.81 -10.55
N LEU B 962 8.55 6.00 -9.49
CA LEU B 962 8.00 6.64 -8.29
C LEU B 962 7.55 8.06 -8.58
N VAL B 963 8.38 8.84 -9.28
CA VAL B 963 8.00 10.23 -9.54
C VAL B 963 6.91 10.29 -10.62
N LYS B 964 6.82 9.26 -11.46
CA LYS B 964 5.79 9.21 -12.48
C LYS B 964 4.43 8.86 -11.91
N GLN B 965 4.38 8.00 -10.89
CA GLN B 965 3.13 7.62 -10.26
C GLN B 965 2.47 8.77 -9.51
N LEU B 966 3.09 9.95 -9.49
CA LEU B 966 2.53 11.12 -8.85
C LEU B 966 1.53 11.86 -9.74
N SER B 967 1.32 11.38 -10.97
CA SER B 967 0.41 12.01 -11.92
C SER B 967 -0.76 11.12 -12.28
N SER B 968 -1.28 10.36 -11.32
CA SER B 968 -2.39 9.44 -11.54
C SER B 968 -3.58 9.87 -10.70
N ASN B 969 -4.79 9.71 -11.26
CA ASN B 969 -6.00 10.10 -10.55
C ASN B 969 -6.24 9.22 -9.33
N PHE B 970 -5.97 7.91 -9.46
CA PHE B 970 -6.28 6.92 -8.44
C PHE B 970 -7.76 6.84 -8.14
N GLY B 971 -8.62 7.23 -9.08
CA GLY B 971 -10.05 7.23 -8.90
C GLY B 971 -10.66 8.56 -8.52
N ALA B 972 -9.86 9.60 -8.36
CA ALA B 972 -10.36 10.91 -7.98
C ALA B 972 -10.68 11.74 -9.23
N ILE B 973 -11.12 12.98 -9.01
CA ILE B 973 -11.47 13.86 -10.11
C ILE B 973 -10.24 14.20 -10.94
N SER B 974 -9.14 14.54 -10.28
CA SER B 974 -7.92 14.93 -10.97
C SER B 974 -6.72 14.63 -10.10
N SER B 975 -5.55 14.62 -10.73
CA SER B 975 -4.31 14.37 -9.98
C SER B 975 -3.81 15.62 -9.28
N VAL B 976 -4.23 16.81 -9.73
CA VAL B 976 -3.76 18.06 -9.16
C VAL B 976 -4.56 18.36 -7.90
N LEU B 977 -3.85 18.64 -6.80
CA LEU B 977 -4.52 18.90 -5.54
C LEU B 977 -5.26 20.23 -5.56
N ASN B 978 -4.65 21.26 -6.14
CA ASN B 978 -5.28 22.58 -6.17
C ASN B 978 -6.52 22.56 -7.05
N ASP B 979 -6.51 21.77 -8.13
CA ASP B 979 -7.69 21.66 -8.99
C ASP B 979 -8.86 21.07 -8.22
N ILE B 980 -8.61 20.03 -7.43
CA ILE B 980 -9.67 19.46 -6.60
C ILE B 980 -10.14 20.46 -5.56
N LEU B 981 -9.19 21.16 -4.94
CA LEU B 981 -9.53 22.10 -3.87
C LEU B 981 -10.39 23.24 -4.39
N SER B 982 -10.06 23.78 -5.56
CA SER B 982 -10.76 24.96 -6.05
C SER B 982 -12.15 24.64 -6.54
N ARG B 983 -12.32 23.49 -7.20
CA ARG B 983 -13.57 23.18 -7.88
C ARG B 983 -14.56 22.40 -7.02
N LEU B 984 -14.23 22.09 -5.77
CA LEU B 984 -15.11 21.32 -4.90
C LEU B 984 -15.20 21.99 -3.53
N ASP B 985 -16.33 21.76 -2.86
CA ASP B 985 -16.49 22.24 -1.50
C ASP B 985 -15.65 21.40 -0.55
N PRO B 986 -15.20 21.98 0.56
CA PRO B 986 -14.30 21.26 1.47
C PRO B 986 -14.87 19.96 2.04
N PRO B 987 -16.20 19.83 2.24
CA PRO B 987 -16.70 18.50 2.65
C PRO B 987 -16.49 17.43 1.60
N GLU B 988 -16.90 17.68 0.35
CA GLU B 988 -16.81 16.65 -0.68
C GLU B 988 -15.40 16.55 -1.25
N ALA B 989 -14.56 17.56 -1.04
CA ALA B 989 -13.19 17.50 -1.52
C ALA B 989 -12.37 16.47 -0.77
N GLU B 990 -12.70 16.27 0.51
CA GLU B 990 -11.90 15.39 1.36
C GLU B 990 -11.90 13.94 0.86
N VAL B 991 -12.98 13.51 0.21
CA VAL B 991 -13.01 12.16 -0.34
C VAL B 991 -11.95 11.98 -1.42
N GLN B 992 -11.90 12.93 -2.36
CA GLN B 992 -10.89 12.88 -3.41
C GLN B 992 -9.49 13.01 -2.83
N ILE B 993 -9.33 13.87 -1.83
CA ILE B 993 -8.03 14.00 -1.18
C ILE B 993 -7.61 12.67 -0.57
N ASP B 994 -8.55 11.98 0.08
CA ASP B 994 -8.26 10.69 0.70
C ASP B 994 -7.86 9.66 -0.33
N ARG B 995 -8.55 9.63 -1.47
CA ARG B 995 -8.18 8.68 -2.51
C ARG B 995 -6.76 8.95 -3.02
N LEU B 996 -6.43 10.22 -3.23
CA LEU B 996 -5.06 10.56 -3.65
C LEU B 996 -4.05 10.16 -2.58
N ILE B 997 -4.36 10.41 -1.31
CA ILE B 997 -3.45 10.06 -0.23
C ILE B 997 -3.17 8.56 -0.23
N THR B 998 -4.22 7.74 -0.31
CA THR B 998 -4.02 6.30 -0.22
C THR B 998 -3.27 5.78 -1.43
N GLY B 999 -3.55 6.31 -2.63
CA GLY B 999 -2.80 5.87 -3.80
C GLY B 999 -1.33 6.21 -3.73
N ARG B 1000 -1.01 7.45 -3.37
CA ARG B 1000 0.39 7.87 -3.29
C ARG B 1000 1.13 7.12 -2.19
N LEU B 1001 0.46 6.90 -1.05
CA LEU B 1001 1.11 6.19 0.04
C LEU B 1001 1.36 4.73 -0.33
N GLN B 1002 0.44 4.10 -1.06
CA GLN B 1002 0.67 2.75 -1.54
C GLN B 1002 1.86 2.68 -2.48
N SER B 1003 1.96 3.66 -3.40
CA SER B 1003 3.10 3.68 -4.31
C SER B 1003 4.41 3.85 -3.55
N LEU B 1004 4.43 4.72 -2.54
CA LEU B 1004 5.63 4.92 -1.73
C LEU B 1004 6.02 3.64 -1.00
N GLN B 1005 5.03 2.95 -0.42
CA GLN B 1005 5.31 1.71 0.29
C GLN B 1005 5.89 0.66 -0.64
N THR B 1006 5.34 0.54 -1.85
CA THR B 1006 5.90 -0.39 -2.82
C THR B 1006 7.35 -0.05 -3.15
N TYR B 1007 7.64 1.23 -3.35
CA TYR B 1007 9.01 1.64 -3.65
C TYR B 1007 9.96 1.27 -2.52
N VAL B 1008 9.55 1.53 -1.27
CA VAL B 1008 10.43 1.25 -0.14
C VAL B 1008 10.67 -0.26 0.00
N THR B 1009 9.63 -1.07 -0.17
CA THR B 1009 9.80 -2.51 -0.07
C THR B 1009 10.75 -3.03 -1.15
N GLN B 1010 10.59 -2.54 -2.38
CA GLN B 1010 11.47 -2.97 -3.46
C GLN B 1010 12.92 -2.55 -3.17
N GLN B 1011 13.12 -1.34 -2.64
CA GLN B 1011 14.46 -0.89 -2.32
C GLN B 1011 15.10 -1.75 -1.24
N LEU B 1012 14.32 -2.14 -0.23
CA LEU B 1012 14.86 -3.03 0.81
C LEU B 1012 15.29 -4.37 0.22
N ILE B 1013 14.45 -4.94 -0.64
CA ILE B 1013 14.78 -6.24 -1.23
C ILE B 1013 16.05 -6.14 -2.07
N ARG B 1014 16.19 -5.04 -2.84
CA ARG B 1014 17.39 -4.88 -3.65
C ARG B 1014 18.63 -4.65 -2.77
N ALA B 1015 18.49 -3.90 -1.68
CA ALA B 1015 19.63 -3.62 -0.82
C ALA B 1015 20.14 -4.90 -0.15
N ALA B 1016 19.24 -5.85 0.12
CA ALA B 1016 19.69 -7.12 0.66
C ALA B 1016 20.65 -7.83 -0.29
N GLU B 1017 20.30 -7.86 -1.58
CA GLU B 1017 21.17 -8.48 -2.58
C GLU B 1017 22.49 -7.72 -2.70
N ILE B 1018 22.44 -6.39 -2.67
CA ILE B 1018 23.67 -5.61 -2.74
C ILE B 1018 24.57 -5.92 -1.54
N ARG B 1019 23.98 -6.07 -0.35
CA ARG B 1019 24.77 -6.41 0.82
C ARG B 1019 25.41 -7.79 0.67
N ALA B 1020 24.68 -8.74 0.11
CA ALA B 1020 25.28 -10.06 -0.12
C ALA B 1020 26.47 -9.97 -1.06
N SER B 1021 26.33 -9.19 -2.14
CA SER B 1021 27.44 -9.01 -3.07
C SER B 1021 28.63 -8.34 -2.41
N ALA B 1022 28.36 -7.35 -1.55
CA ALA B 1022 29.45 -6.66 -0.85
C ALA B 1022 30.18 -7.60 0.10
N ASN B 1023 29.45 -8.47 0.81
CA ASN B 1023 30.09 -9.44 1.67
C ASN B 1023 30.96 -10.39 0.86
N LEU B 1024 30.47 -10.83 -0.29
CA LEU B 1024 31.30 -11.68 -1.16
C LEU B 1024 32.56 -10.94 -1.60
N ALA B 1025 32.44 -9.66 -1.96
CA ALA B 1025 33.61 -8.91 -2.40
C ALA B 1025 34.63 -8.75 -1.27
N ALA B 1026 34.16 -8.49 -0.05
CA ALA B 1026 35.06 -8.37 1.08
C ALA B 1026 35.78 -9.68 1.36
N THR B 1027 35.06 -10.81 1.29
CA THR B 1027 35.69 -12.10 1.49
C THR B 1027 36.73 -12.38 0.42
N LYS B 1028 36.42 -12.04 -0.84
CA LYS B 1028 37.38 -12.25 -1.93
C LYS B 1028 38.62 -11.41 -1.73
N MET B 1029 38.45 -10.14 -1.33
CA MET B 1029 39.61 -9.30 -1.04
C MET B 1029 40.48 -9.92 0.04
N SER B 1030 39.87 -10.32 1.15
CA SER B 1030 40.64 -10.87 2.26
C SER B 1030 41.37 -12.14 1.87
N GLU B 1031 40.71 -13.03 1.13
CA GLU B 1031 41.26 -14.35 0.85
C GLU B 1031 42.10 -14.42 -0.42
N CYS B 1032 42.15 -13.38 -1.23
CA CYS B 1032 42.94 -13.44 -2.45
C CYS B 1032 43.92 -12.29 -2.61
N VAL B 1033 43.61 -11.11 -2.09
CA VAL B 1033 44.59 -10.03 -2.16
C VAL B 1033 45.57 -10.12 -1.00
N LEU B 1034 45.08 -10.44 0.19
CA LEU B 1034 45.93 -10.56 1.37
C LEU B 1034 46.45 -11.98 1.58
N GLY B 1035 46.23 -12.87 0.62
CA GLY B 1035 46.71 -14.24 0.77
C GLY B 1035 46.59 -15.00 -0.53
N GLN B 1036 46.90 -16.30 -0.44
CA GLN B 1036 46.77 -17.22 -1.55
C GLN B 1036 45.83 -18.34 -1.15
N SER B 1037 44.81 -18.59 -1.97
CA SER B 1037 43.71 -19.47 -1.61
C SER B 1037 43.80 -20.78 -2.37
N LYS B 1038 43.53 -21.88 -1.67
CA LYS B 1038 43.47 -23.21 -2.27
C LYS B 1038 42.06 -23.58 -2.75
N ARG B 1039 41.07 -22.74 -2.49
CA ARG B 1039 39.71 -23.04 -2.90
C ARG B 1039 39.60 -22.99 -4.42
N VAL B 1040 38.94 -23.98 -5.00
CA VAL B 1040 38.89 -24.13 -6.45
C VAL B 1040 37.90 -23.15 -7.04
N ASP B 1041 38.33 -22.43 -8.08
CA ASP B 1041 37.48 -21.51 -8.84
C ASP B 1041 36.90 -20.41 -7.95
N PHE B 1042 37.55 -20.12 -6.83
CA PHE B 1042 37.15 -18.99 -6.01
C PHE B 1042 37.75 -17.68 -6.48
N CYS B 1043 38.98 -17.71 -6.99
CA CYS B 1043 39.64 -16.54 -7.55
C CYS B 1043 40.28 -16.94 -8.88
N GLY B 1044 39.52 -16.81 -9.95
CA GLY B 1044 39.98 -17.18 -11.28
C GLY B 1044 39.84 -18.68 -11.53
N LYS B 1045 40.16 -19.06 -12.75
CA LYS B 1045 40.15 -20.46 -13.17
C LYS B 1045 41.58 -20.90 -13.40
N GLY B 1046 41.99 -21.96 -12.69
CA GLY B 1046 43.35 -22.44 -12.70
C GLY B 1046 43.87 -22.52 -11.28
N TYR B 1047 45.19 -22.53 -11.14
CA TYR B 1047 45.84 -22.53 -9.85
C TYR B 1047 46.18 -21.09 -9.47
N HIS B 1048 45.54 -20.59 -8.43
CA HIS B 1048 45.66 -19.18 -8.06
C HIS B 1048 47.09 -18.86 -7.64
N LEU B 1049 47.58 -17.71 -8.07
CA LEU B 1049 48.84 -17.16 -7.61
C LEU B 1049 48.66 -15.91 -6.76
N MET B 1050 48.02 -14.88 -7.31
CA MET B 1050 47.80 -13.64 -6.59
C MET B 1050 46.73 -12.83 -7.31
N SER B 1051 46.19 -11.84 -6.61
CA SER B 1051 45.13 -11.00 -7.16
C SER B 1051 45.44 -9.53 -6.86
N PHE B 1052 44.91 -8.66 -7.71
CA PHE B 1052 45.11 -7.22 -7.58
C PHE B 1052 43.76 -6.52 -7.62
N PRO B 1053 43.45 -5.69 -6.62
CA PRO B 1053 42.17 -4.97 -6.64
C PRO B 1053 42.25 -3.69 -7.46
N GLN B 1054 41.13 -3.34 -8.07
CA GLN B 1054 40.98 -2.08 -8.79
C GLN B 1054 39.63 -1.47 -8.46
N SER B 1055 39.60 -0.16 -8.26
CA SER B 1055 38.37 0.52 -7.88
C SER B 1055 37.47 0.72 -9.09
N ALA B 1056 36.17 0.71 -8.82
CA ALA B 1056 35.13 0.92 -9.84
C ALA B 1056 34.13 1.92 -9.28
N PRO B 1057 33.30 2.55 -10.13
CA PRO B 1057 32.40 3.60 -9.62
C PRO B 1057 31.50 3.18 -8.48
N HIS B 1058 30.97 1.95 -8.51
CA HIS B 1058 30.17 1.44 -7.41
C HIS B 1058 30.53 0.00 -7.07
N GLY B 1059 31.74 -0.41 -7.42
CA GLY B 1059 32.15 -1.78 -7.20
C GLY B 1059 33.66 -1.91 -7.16
N VAL B 1060 34.13 -3.13 -7.35
CA VAL B 1060 35.55 -3.45 -7.31
C VAL B 1060 35.83 -4.44 -8.44
N VAL B 1061 37.04 -4.35 -9.00
CA VAL B 1061 37.49 -5.26 -10.04
C VAL B 1061 38.71 -6.00 -9.52
N PHE B 1062 38.67 -7.33 -9.59
CA PHE B 1062 39.77 -8.18 -9.16
C PHE B 1062 40.47 -8.73 -10.39
N LEU B 1063 41.79 -8.57 -10.45
CA LEU B 1063 42.60 -9.17 -11.49
C LEU B 1063 43.27 -10.41 -10.93
N HIS B 1064 42.75 -11.58 -11.30
CA HIS B 1064 43.23 -12.85 -10.77
C HIS B 1064 44.34 -13.39 -11.67
N VAL B 1065 45.50 -13.67 -11.08
CA VAL B 1065 46.63 -14.25 -11.78
C VAL B 1065 46.70 -15.73 -11.43
N THR B 1066 46.65 -16.59 -12.44
CA THR B 1066 46.57 -18.02 -12.22
C THR B 1066 47.60 -18.75 -13.09
N TYR B 1067 47.94 -19.96 -12.65
CA TYR B 1067 48.87 -20.84 -13.34
C TYR B 1067 48.08 -21.93 -14.05
N VAL B 1068 48.27 -22.03 -15.37
CA VAL B 1068 47.54 -23.00 -16.19
C VAL B 1068 48.56 -23.92 -16.86
N PRO B 1069 48.52 -25.23 -16.60
CA PRO B 1069 49.43 -26.14 -17.30
C PRO B 1069 49.10 -26.23 -18.78
N ALA B 1070 50.12 -26.52 -19.57
CA ALA B 1070 49.98 -26.58 -21.02
C ALA B 1070 50.99 -27.57 -21.59
N GLN B 1071 50.73 -28.03 -22.80
CA GLN B 1071 51.61 -28.93 -23.54
C GLN B 1071 51.89 -30.20 -22.76
N GLU B 1072 50.83 -30.97 -22.53
CA GLU B 1072 50.95 -32.23 -21.84
C GLU B 1072 51.54 -33.29 -22.75
N LYS B 1073 52.05 -34.36 -22.15
CA LYS B 1073 52.67 -35.46 -22.89
C LYS B 1073 52.27 -36.78 -22.24
N ASN B 1074 52.32 -37.85 -23.03
CA ASN B 1074 51.90 -39.19 -22.63
C ASN B 1074 53.07 -39.92 -21.99
N PHE B 1075 52.78 -40.69 -20.95
CA PHE B 1075 53.81 -41.46 -20.26
C PHE B 1075 53.20 -42.77 -19.76
N THR B 1076 54.00 -43.56 -19.05
CA THR B 1076 53.56 -44.82 -18.46
C THR B 1076 53.96 -44.81 -16.98
N THR B 1077 53.07 -45.34 -16.14
CA THR B 1077 53.24 -45.22 -14.70
C THR B 1077 53.23 -46.59 -14.04
N ALA B 1078 53.66 -46.60 -12.78
CA ALA B 1078 53.60 -47.75 -11.89
C ALA B 1078 53.37 -47.23 -10.47
N PRO B 1079 52.50 -47.89 -9.70
CA PRO B 1079 52.29 -47.43 -8.32
C PRO B 1079 53.53 -47.53 -7.45
N ALA B 1080 54.40 -48.51 -7.72
CA ALA B 1080 55.59 -48.71 -6.92
C ALA B 1080 56.62 -49.45 -7.76
N ILE B 1081 57.86 -49.46 -7.26
CA ILE B 1081 58.99 -50.08 -7.93
C ILE B 1081 59.65 -51.06 -6.96
N CYS B 1082 59.97 -52.25 -7.45
CA CYS B 1082 60.56 -53.31 -6.63
C CYS B 1082 62.06 -53.36 -6.83
N HIS B 1083 62.79 -53.44 -5.72
CA HIS B 1083 64.23 -53.63 -5.71
C HIS B 1083 64.62 -54.39 -4.46
N ASP B 1084 65.36 -55.48 -4.65
CA ASP B 1084 65.79 -56.34 -3.55
C ASP B 1084 64.62 -56.84 -2.72
N GLY B 1085 63.52 -57.17 -3.41
CA GLY B 1085 62.34 -57.67 -2.73
C GLY B 1085 61.68 -56.68 -1.80
N LYS B 1086 61.68 -55.40 -2.17
CA LYS B 1086 61.05 -54.37 -1.36
C LYS B 1086 60.27 -53.43 -2.28
N ALA B 1087 59.22 -52.83 -1.72
CA ALA B 1087 58.36 -51.91 -2.46
C ALA B 1087 58.77 -50.48 -2.15
N HIS B 1088 58.91 -49.67 -3.20
CA HIS B 1088 59.39 -48.30 -3.09
C HIS B 1088 58.32 -47.35 -3.62
N PHE B 1089 58.06 -46.27 -2.89
CA PHE B 1089 57.07 -45.29 -3.28
C PHE B 1089 57.68 -43.90 -3.32
N PRO B 1090 57.22 -43.02 -4.22
CA PRO B 1090 57.81 -41.69 -4.30
C PRO B 1090 57.51 -40.87 -3.05
N ARG B 1091 58.50 -40.06 -2.64
CA ARG B 1091 58.27 -39.15 -1.52
C ARG B 1091 57.31 -38.04 -1.89
N GLU B 1092 57.55 -37.36 -3.01
CA GLU B 1092 56.71 -36.25 -3.41
C GLU B 1092 56.46 -36.20 -4.91
N GLY B 1093 56.58 -37.33 -5.61
CA GLY B 1093 56.42 -37.32 -7.05
C GLY B 1093 55.69 -38.52 -7.61
N VAL B 1094 55.90 -38.80 -8.90
CA VAL B 1094 55.25 -39.89 -9.59
C VAL B 1094 56.28 -40.59 -10.47
N PHE B 1095 56.14 -41.92 -10.56
CA PHE B 1095 57.00 -42.75 -11.39
C PHE B 1095 56.52 -42.68 -12.84
N VAL B 1096 57.43 -42.36 -13.76
CA VAL B 1096 57.11 -42.28 -15.17
C VAL B 1096 58.11 -43.09 -15.97
N SER B 1097 57.72 -43.47 -17.18
CA SER B 1097 58.56 -44.23 -18.10
C SER B 1097 58.49 -43.60 -19.48
N ASN B 1098 59.65 -43.44 -20.11
CA ASN B 1098 59.72 -42.92 -21.47
C ASN B 1098 59.84 -44.02 -22.51
N GLY B 1099 59.66 -45.28 -22.13
CA GLY B 1099 59.74 -46.38 -23.06
C GLY B 1099 60.74 -47.44 -22.65
N THR B 1100 61.88 -47.02 -22.11
CA THR B 1100 62.92 -47.97 -21.71
C THR B 1100 63.38 -47.73 -20.28
N HIS B 1101 63.31 -46.48 -19.81
CA HIS B 1101 63.84 -46.11 -18.51
C HIS B 1101 62.74 -45.56 -17.63
N TRP B 1102 62.97 -45.61 -16.32
CA TRP B 1102 62.02 -45.12 -15.33
C TRP B 1102 62.63 -43.93 -14.58
N PHE B 1103 61.78 -42.95 -14.27
CA PHE B 1103 62.21 -41.73 -13.61
C PHE B 1103 61.19 -41.32 -12.58
N VAL B 1104 61.49 -40.23 -11.85
CA VAL B 1104 60.56 -39.58 -10.96
C VAL B 1104 60.37 -38.15 -11.41
N THR B 1105 59.13 -37.67 -11.34
CA THR B 1105 58.80 -36.29 -11.70
C THR B 1105 57.83 -35.73 -10.68
N GLN B 1106 57.84 -34.41 -10.55
CA GLN B 1106 56.76 -33.73 -9.86
C GLN B 1106 55.52 -33.76 -10.73
N ARG B 1107 54.36 -33.75 -10.07
CA ARG B 1107 53.11 -34.03 -10.77
C ARG B 1107 52.75 -32.95 -11.78
N ASN B 1108 52.97 -31.68 -11.44
CA ASN B 1108 52.47 -30.58 -12.25
C ASN B 1108 53.46 -30.09 -13.31
N PHE B 1109 54.65 -30.67 -13.38
CA PHE B 1109 55.66 -30.23 -14.33
C PHE B 1109 56.62 -31.38 -14.59
N TYR B 1110 57.00 -31.58 -15.84
CA TYR B 1110 57.81 -32.73 -16.21
C TYR B 1110 59.29 -32.42 -16.02
N GLU B 1111 59.88 -32.98 -14.97
CA GLU B 1111 61.33 -32.91 -14.72
C GLU B 1111 61.82 -34.30 -14.36
N PRO B 1112 62.25 -35.09 -15.36
CA PRO B 1112 62.66 -36.47 -15.07
C PRO B 1112 63.94 -36.50 -14.24
N GLN B 1113 63.94 -37.36 -13.23
CA GLN B 1113 65.09 -37.52 -12.34
C GLN B 1113 65.30 -39.00 -12.06
N ILE B 1114 66.56 -39.36 -11.75
CA ILE B 1114 66.89 -40.75 -11.50
C ILE B 1114 66.34 -41.18 -10.14
N ILE B 1115 65.77 -42.39 -10.10
CA ILE B 1115 65.20 -42.94 -8.88
C ILE B 1115 66.34 -43.31 -7.93
N THR B 1116 66.40 -42.65 -6.78
CA THR B 1116 67.39 -42.94 -5.76
C THR B 1116 66.67 -43.26 -4.46
N THR B 1117 67.45 -43.52 -3.42
CA THR B 1117 66.88 -43.74 -2.10
C THR B 1117 66.60 -42.45 -1.35
N ASP B 1118 66.95 -41.31 -1.93
CA ASP B 1118 66.70 -40.01 -1.29
C ASP B 1118 65.35 -39.41 -1.65
N ASN B 1119 64.85 -39.67 -2.86
CA ASN B 1119 63.53 -39.22 -3.27
C ASN B 1119 62.49 -40.33 -3.18
N THR B 1120 62.81 -41.41 -2.46
CA THR B 1120 61.93 -42.57 -2.37
C THR B 1120 62.03 -43.16 -0.97
N PHE B 1121 60.90 -43.59 -0.45
CA PHE B 1121 60.85 -44.30 0.83
C PHE B 1121 60.36 -45.73 0.60
N VAL B 1122 60.91 -46.66 1.37
CA VAL B 1122 60.68 -48.09 1.20
C VAL B 1122 59.79 -48.59 2.32
N SER B 1123 58.83 -49.44 1.99
CA SER B 1123 57.92 -49.99 2.99
C SER B 1123 57.22 -51.22 2.43
N GLY B 1124 57.46 -52.37 3.06
CA GLY B 1124 56.78 -53.59 2.69
C GLY B 1124 57.53 -54.42 1.65
N ASN B 1125 56.98 -55.60 1.39
CA ASN B 1125 57.54 -56.50 0.39
C ASN B 1125 56.87 -56.26 -0.96
N CYS B 1126 57.09 -57.17 -1.90
CA CYS B 1126 56.65 -57.00 -3.28
C CYS B 1126 55.48 -57.89 -3.65
N ASP B 1127 54.60 -58.22 -2.71
CA ASP B 1127 53.51 -59.16 -2.97
C ASP B 1127 52.12 -58.57 -2.71
N VAL B 1128 52.03 -57.32 -2.29
CA VAL B 1128 50.74 -56.73 -1.95
C VAL B 1128 50.29 -55.66 -2.92
N VAL B 1129 51.21 -54.87 -3.48
CA VAL B 1129 50.82 -53.77 -4.36
C VAL B 1129 50.49 -54.30 -5.74
N ILE B 1130 49.39 -53.82 -6.31
CA ILE B 1130 48.94 -54.21 -7.64
C ILE B 1130 49.53 -53.23 -8.65
N GLY B 1131 50.38 -53.74 -9.55
CA GLY B 1131 50.99 -52.90 -10.55
C GLY B 1131 52.47 -52.63 -10.36
N ILE B 1132 53.14 -53.33 -9.45
CA ILE B 1132 54.57 -53.13 -9.25
C ILE B 1132 55.34 -53.44 -10.52
N VAL B 1133 56.53 -52.85 -10.65
CA VAL B 1133 57.43 -53.12 -11.76
C VAL B 1133 58.83 -53.36 -11.20
N ASN B 1134 59.64 -54.10 -11.95
CA ASN B 1134 61.03 -54.29 -11.61
C ASN B 1134 61.86 -53.14 -12.15
N ASN B 1135 62.66 -52.54 -11.28
CA ASN B 1135 63.58 -51.49 -11.69
C ASN B 1135 64.59 -51.27 -10.59
N THR B 1136 65.79 -50.83 -10.96
CA THR B 1136 66.84 -50.61 -9.98
C THR B 1136 66.67 -49.27 -9.29
N VAL B 1137 67.13 -49.21 -8.04
CA VAL B 1137 67.16 -47.99 -7.25
C VAL B 1137 68.60 -47.72 -6.86
N TYR B 1138 69.05 -46.49 -7.13
CA TYR B 1138 70.47 -46.14 -6.99
C TYR B 1138 70.73 -45.57 -5.61
N ASP B 1139 71.66 -46.18 -4.89
CA ASP B 1139 72.06 -45.70 -3.57
C ASP B 1139 73.27 -44.80 -3.71
N PRO B 1140 73.17 -43.51 -3.39
CA PRO B 1140 74.31 -42.60 -3.59
C PRO B 1140 75.53 -42.95 -2.76
N LEU B 1141 75.33 -43.54 -1.58
CA LEU B 1141 76.44 -43.73 -0.65
C LEU B 1141 77.44 -44.77 -1.16
N GLN B 1142 76.95 -45.84 -1.78
CA GLN B 1142 77.83 -46.93 -2.17
C GLN B 1142 78.92 -46.54 -3.16
N PRO B 1143 78.65 -45.81 -4.26
CA PRO B 1143 79.74 -45.46 -5.17
C PRO B 1143 80.85 -44.66 -4.52
N GLU B 1144 80.52 -43.74 -3.61
CA GLU B 1144 81.52 -42.93 -2.93
C GLU B 1144 82.06 -43.61 -1.68
N LEU B 1145 81.53 -44.78 -1.32
CA LEU B 1145 82.10 -45.54 -0.21
C LEU B 1145 83.53 -45.98 -0.52
N ASP B 1146 83.86 -46.13 -1.80
CA ASP B 1146 85.19 -46.55 -2.20
C ASP B 1146 86.24 -45.49 -1.88
N ALA C 27 -36.49 -44.13 24.90
CA ALA C 27 -35.23 -44.75 24.50
C ALA C 27 -34.35 -43.75 23.75
N TYR C 28 -33.03 -43.92 23.87
CA TYR C 28 -32.07 -43.06 23.23
C TYR C 28 -31.13 -43.88 22.38
N THR C 29 -30.67 -43.29 21.28
CA THR C 29 -29.76 -43.96 20.35
C THR C 29 -28.77 -42.92 19.82
N ASN C 30 -27.58 -43.39 19.47
CA ASN C 30 -26.50 -42.52 19.00
C ASN C 30 -26.47 -42.53 17.48
N SER C 31 -26.69 -41.36 16.88
CA SER C 31 -26.61 -41.21 15.43
C SER C 31 -25.13 -41.11 15.04
N PHE C 32 -24.60 -42.15 14.41
CA PHE C 32 -23.17 -42.26 14.19
C PHE C 32 -22.64 -41.13 13.31
N THR C 33 -23.03 -41.12 12.03
CA THR C 33 -22.56 -40.08 11.12
C THR C 33 -23.66 -39.63 10.14
N ARG C 34 -24.92 -39.91 10.45
CA ARG C 34 -26.00 -39.57 9.53
C ARG C 34 -26.26 -38.07 9.51
N GLY C 35 -26.94 -37.63 8.46
CA GLY C 35 -27.34 -36.23 8.35
C GLY C 35 -26.43 -35.37 7.50
N VAL C 36 -26.02 -35.89 6.34
CA VAL C 36 -25.13 -35.18 5.43
C VAL C 36 -25.80 -35.09 4.07
N TYR C 37 -25.83 -33.89 3.49
CA TYR C 37 -26.52 -33.67 2.23
C TYR C 37 -25.75 -32.67 1.38
N TYR C 38 -26.32 -32.36 0.22
CA TYR C 38 -25.77 -31.35 -0.67
C TYR C 38 -26.29 -29.97 -0.27
N PRO C 39 -25.45 -29.07 0.21
CA PRO C 39 -25.95 -27.77 0.70
C PRO C 39 -26.48 -26.88 -0.41
N ASP C 40 -25.70 -26.70 -1.47
CA ASP C 40 -26.06 -25.76 -2.52
C ASP C 40 -26.42 -26.50 -3.81
N LYS C 41 -26.88 -25.72 -4.80
CA LYS C 41 -27.28 -26.27 -6.09
C LYS C 41 -26.13 -26.40 -7.07
N VAL C 42 -24.92 -26.04 -6.66
CA VAL C 42 -23.76 -26.05 -7.56
C VAL C 42 -23.15 -27.44 -7.54
N PHE C 43 -22.54 -27.84 -8.66
CA PHE C 43 -21.87 -29.13 -8.80
C PHE C 43 -20.39 -28.97 -8.50
N ARG C 44 -19.82 -30.01 -7.89
CA ARG C 44 -18.39 -30.05 -7.60
C ARG C 44 -17.89 -31.46 -7.77
N SER C 45 -16.63 -31.62 -8.15
CA SER C 45 -16.03 -32.92 -8.38
C SER C 45 -14.60 -32.96 -7.86
N SER C 46 -14.31 -33.98 -7.07
CA SER C 46 -12.96 -34.25 -6.56
C SER C 46 -12.33 -33.02 -5.91
N VAL C 47 -13.04 -32.50 -4.91
CA VAL C 47 -12.59 -31.32 -4.19
C VAL C 47 -13.06 -31.41 -2.75
N LEU C 48 -12.24 -30.95 -1.82
CA LEU C 48 -12.58 -30.88 -0.41
C LEU C 48 -13.16 -29.50 -0.14
N HIS C 49 -14.48 -29.43 0.01
CA HIS C 49 -15.19 -28.18 0.18
C HIS C 49 -15.69 -28.06 1.61
N SER C 50 -15.49 -26.89 2.20
CA SER C 50 -15.93 -26.61 3.57
C SER C 50 -17.07 -25.60 3.53
N THR C 51 -18.17 -25.93 4.20
CA THR C 51 -19.35 -25.09 4.21
C THR C 51 -19.90 -24.98 5.62
N GLN C 52 -20.62 -23.90 5.89
CA GLN C 52 -21.28 -23.69 7.17
C GLN C 52 -22.78 -23.74 6.94
N ASP C 53 -23.42 -24.76 7.52
CA ASP C 53 -24.85 -24.95 7.33
C ASP C 53 -25.40 -25.75 8.49
N LEU C 54 -26.71 -25.64 8.71
CA LEU C 54 -27.39 -26.38 9.77
C LEU C 54 -27.31 -27.87 9.47
N PHE C 55 -26.51 -28.60 10.25
CA PHE C 55 -26.25 -30.01 10.02
C PHE C 55 -26.55 -30.79 11.28
N LEU C 56 -26.37 -32.10 11.19
CA LEU C 56 -26.48 -32.98 12.35
C LEU C 56 -25.10 -33.28 12.89
N PRO C 57 -24.76 -32.84 14.10
CA PRO C 57 -23.43 -33.14 14.66
C PRO C 57 -23.23 -34.65 14.79
N PHE C 58 -22.01 -35.09 14.54
CA PHE C 58 -21.69 -36.50 14.59
C PHE C 58 -21.79 -37.01 16.03
N PHE C 59 -22.26 -38.25 16.17
CA PHE C 59 -22.38 -38.92 17.46
C PHE C 59 -23.25 -38.10 18.42
N SER C 60 -24.50 -37.91 18.02
CA SER C 60 -25.47 -37.16 18.80
C SER C 60 -26.60 -38.10 19.22
N ASN C 61 -27.42 -37.63 20.14
CA ASN C 61 -28.51 -38.44 20.68
C ASN C 61 -29.81 -38.16 19.93
N VAL C 62 -30.48 -39.23 19.53
CA VAL C 62 -31.76 -39.14 18.84
C VAL C 62 -32.80 -39.91 19.65
N THR C 63 -33.97 -39.30 19.84
CA THR C 63 -35.00 -39.86 20.70
C THR C 63 -35.71 -40.99 19.97
N TRP C 64 -35.22 -42.22 20.16
CA TRP C 64 -35.86 -43.39 19.58
C TRP C 64 -37.24 -43.58 20.19
N PHE C 65 -38.23 -43.80 19.32
CA PHE C 65 -39.62 -43.93 19.74
C PHE C 65 -40.12 -45.35 19.50
N HIS C 66 -41.15 -45.72 20.26
CA HIS C 66 -41.64 -47.09 20.36
C HIS C 66 -43.15 -47.14 20.15
N ALA C 67 -43.62 -46.53 19.06
CA ALA C 67 -45.05 -46.41 18.82
C ALA C 67 -45.66 -47.76 18.44
N ILE C 68 -45.77 -48.65 19.42
CA ILE C 68 -46.39 -49.96 19.25
C ILE C 68 -47.21 -50.26 20.51
N HIS C 69 -47.97 -51.35 20.45
CA HIS C 69 -48.84 -51.74 21.55
C HIS C 69 -48.11 -52.63 22.55
N ASP C 80 -46.89 -43.42 19.82
CA ASP C 80 -46.80 -42.13 20.50
C ASP C 80 -46.49 -41.00 19.52
N ASN C 81 -47.27 -39.92 19.62
CA ASN C 81 -47.09 -38.73 18.78
C ASN C 81 -47.07 -37.50 19.66
N PRO C 82 -46.00 -37.32 20.45
CA PRO C 82 -45.95 -36.19 21.38
C PRO C 82 -45.80 -34.86 20.63
N VAL C 83 -45.85 -33.78 21.41
CA VAL C 83 -45.72 -32.43 20.85
C VAL C 83 -44.24 -32.13 20.78
N LEU C 84 -43.60 -32.54 19.69
CA LEU C 84 -42.17 -32.37 19.52
C LEU C 84 -41.89 -31.00 18.92
N PRO C 85 -41.15 -30.13 19.60
CA PRO C 85 -40.79 -28.84 19.00
C PRO C 85 -39.97 -29.01 17.73
N PHE C 86 -40.24 -28.14 16.76
CA PHE C 86 -39.48 -28.14 15.52
C PHE C 86 -38.06 -27.64 15.74
N ASN C 87 -37.92 -26.37 16.13
CA ASN C 87 -36.66 -25.78 16.57
C ASN C 87 -35.56 -25.94 15.54
N ASP C 88 -35.73 -25.28 14.39
CA ASP C 88 -34.67 -25.13 13.38
C ASP C 88 -34.23 -26.48 12.82
N GLY C 89 -35.16 -27.17 12.18
CA GLY C 89 -34.82 -28.37 11.45
C GLY C 89 -34.87 -29.63 12.30
N VAL C 90 -35.20 -30.76 11.68
CA VAL C 90 -35.32 -32.04 12.37
C VAL C 90 -34.75 -33.13 11.47
N TYR C 91 -34.62 -34.32 12.05
CA TYR C 91 -34.25 -35.53 11.32
C TYR C 91 -35.46 -36.45 11.26
N PHE C 92 -35.31 -37.60 10.60
CA PHE C 92 -36.35 -38.63 10.57
C PHE C 92 -35.75 -39.88 9.95
N ALA C 93 -36.41 -41.01 10.19
CA ALA C 93 -36.03 -42.29 9.61
C ALA C 93 -37.18 -43.27 9.83
N SER C 94 -36.99 -44.50 9.39
CA SER C 94 -37.96 -45.57 9.61
C SER C 94 -37.26 -46.91 9.31
N THR C 95 -37.90 -47.99 9.76
CA THR C 95 -37.31 -49.31 9.56
C THR C 95 -38.33 -50.39 9.21
N GLU C 96 -39.57 -50.03 8.90
CA GLU C 96 -40.62 -51.01 8.65
C GLU C 96 -40.98 -51.01 7.17
N LYS C 97 -41.06 -52.21 6.58
CA LYS C 97 -41.42 -52.37 5.18
C LYS C 97 -42.92 -52.64 5.00
N SER C 98 -43.75 -51.77 5.58
CA SER C 98 -45.19 -51.96 5.52
C SER C 98 -45.87 -50.59 5.53
N ASN C 99 -47.20 -50.62 5.52
CA ASN C 99 -48.00 -49.39 5.50
C ASN C 99 -48.38 -48.96 6.92
N ILE C 100 -47.35 -48.69 7.72
CA ILE C 100 -47.54 -48.27 9.10
C ILE C 100 -47.36 -46.76 9.20
N ILE C 101 -46.18 -46.26 8.86
CA ILE C 101 -45.93 -44.83 8.84
C ILE C 101 -46.52 -44.25 7.56
N ARG C 102 -47.28 -43.15 7.71
CA ARG C 102 -47.96 -42.58 6.56
C ARG C 102 -47.52 -41.17 6.23
N GLY C 103 -47.59 -40.24 7.19
CA GLY C 103 -47.31 -38.85 6.90
C GLY C 103 -47.03 -38.05 8.15
N TRP C 104 -46.76 -36.76 7.94
CA TRP C 104 -46.42 -35.84 9.01
C TRP C 104 -47.35 -34.65 8.99
N ILE C 105 -47.75 -34.20 10.18
CA ILE C 105 -48.60 -33.03 10.36
C ILE C 105 -47.83 -31.99 11.14
N PHE C 106 -47.93 -30.74 10.71
CA PHE C 106 -47.14 -29.65 11.26
C PHE C 106 -48.04 -28.60 11.87
N GLY C 107 -47.43 -27.47 12.25
CA GLY C 107 -48.21 -26.35 12.75
C GLY C 107 -47.44 -25.60 13.82
N THR C 108 -48.12 -24.56 14.34
CA THR C 108 -47.61 -23.80 15.47
C THR C 108 -48.53 -23.81 16.67
N THR C 109 -49.82 -24.05 16.47
CA THR C 109 -50.77 -24.22 17.57
C THR C 109 -51.67 -25.43 17.39
N LEU C 110 -51.56 -26.15 16.28
CA LEU C 110 -52.35 -27.35 16.00
C LEU C 110 -53.84 -27.03 16.00
N ASP C 111 -54.24 -26.15 15.08
CA ASP C 111 -55.64 -25.79 14.91
C ASP C 111 -55.83 -25.26 13.49
N SER C 112 -57.09 -25.19 13.08
CA SER C 112 -57.40 -24.74 11.73
C SER C 112 -57.17 -23.24 11.53
N LYS C 113 -56.89 -22.51 12.61
CA LYS C 113 -56.70 -21.06 12.51
C LYS C 113 -55.56 -20.71 11.55
N THR C 114 -54.43 -21.39 11.68
CA THR C 114 -53.28 -21.17 10.82
C THR C 114 -53.04 -22.38 9.92
N GLN C 115 -52.11 -22.22 8.99
CA GLN C 115 -51.80 -23.29 8.06
C GLN C 115 -51.02 -24.40 8.74
N SER C 116 -51.28 -25.63 8.32
CA SER C 116 -50.60 -26.81 8.86
C SER C 116 -50.38 -27.79 7.72
N LEU C 117 -49.11 -28.07 7.42
CA LEU C 117 -48.78 -29.00 6.36
C LEU C 117 -49.24 -30.41 6.72
N LEU C 118 -49.66 -31.16 5.70
CA LEU C 118 -50.13 -32.52 5.89
C LEU C 118 -49.81 -33.32 4.64
N ILE C 119 -49.35 -34.55 4.84
CA ILE C 119 -48.96 -35.44 3.75
C ILE C 119 -49.69 -36.77 3.90
N VAL C 120 -50.27 -37.24 2.80
CA VAL C 120 -50.89 -38.56 2.73
C VAL C 120 -50.28 -39.29 1.54
N ASN C 121 -49.83 -40.51 1.77
CA ASN C 121 -49.17 -41.31 0.74
C ASN C 121 -49.95 -42.60 0.55
N ASN C 122 -50.91 -42.60 -0.38
CA ASN C 122 -51.83 -43.72 -0.53
C ASN C 122 -51.44 -44.68 -1.64
N ALA C 123 -50.14 -44.92 -1.83
CA ALA C 123 -49.53 -46.00 -2.61
C ALA C 123 -49.68 -45.82 -4.12
N THR C 124 -50.40 -44.82 -4.59
CA THR C 124 -50.52 -44.58 -6.02
C THR C 124 -49.97 -43.22 -6.43
N ASN C 125 -50.21 -42.19 -5.63
CA ASN C 125 -49.68 -40.85 -5.89
C ASN C 125 -49.70 -40.06 -4.60
N VAL C 126 -48.52 -39.63 -4.13
CA VAL C 126 -48.44 -38.92 -2.87
C VAL C 126 -49.06 -37.54 -3.02
N VAL C 127 -49.80 -37.11 -2.00
CA VAL C 127 -50.49 -35.83 -2.00
C VAL C 127 -50.02 -35.03 -0.80
N ILE C 128 -49.71 -33.75 -1.04
CA ILE C 128 -49.24 -32.84 0.00
C ILE C 128 -50.18 -31.64 0.01
N LYS C 129 -50.79 -31.37 1.17
CA LYS C 129 -51.72 -30.26 1.32
C LYS C 129 -51.25 -29.37 2.46
N VAL C 130 -51.03 -28.08 2.14
CA VAL C 130 -50.75 -27.09 3.18
C VAL C 130 -52.02 -26.36 3.60
N CYS C 131 -53.17 -26.72 3.02
CA CYS C 131 -54.42 -26.05 3.31
C CYS C 131 -54.85 -26.26 4.75
N GLU C 132 -55.45 -25.23 5.33
CA GLU C 132 -55.84 -25.26 6.73
C GLU C 132 -56.93 -26.30 6.95
N PHE C 133 -56.65 -27.26 7.83
CA PHE C 133 -57.59 -28.32 8.16
C PHE C 133 -57.89 -28.30 9.64
N GLN C 134 -59.08 -28.79 10.00
CA GLN C 134 -59.49 -28.80 11.39
C GLN C 134 -58.65 -29.78 12.20
N PHE C 135 -58.73 -29.64 13.52
CA PHE C 135 -57.91 -30.46 14.42
C PHE C 135 -58.20 -31.94 14.21
N CYS C 136 -57.13 -32.73 14.10
CA CYS C 136 -57.22 -34.18 13.97
C CYS C 136 -56.07 -34.79 14.77
N ASN C 137 -56.38 -35.38 15.92
CA ASN C 137 -55.33 -35.84 16.83
C ASN C 137 -54.66 -37.10 16.30
N ASP C 138 -55.41 -38.20 16.18
CA ASP C 138 -54.87 -39.48 15.76
C ASP C 138 -55.80 -40.14 14.75
N PRO C 139 -55.85 -39.60 13.52
CA PRO C 139 -56.71 -40.19 12.50
C PRO C 139 -56.25 -41.58 12.09
N PHE C 140 -57.20 -42.40 11.68
CA PHE C 140 -56.91 -43.76 11.22
C PHE C 140 -56.62 -43.72 9.72
N LEU C 141 -55.38 -44.03 9.35
CA LEU C 141 -54.94 -44.01 7.97
C LEU C 141 -54.18 -45.29 7.65
N GLY C 142 -54.25 -45.70 6.38
CA GLY C 142 -53.57 -46.88 5.93
C GLY C 142 -54.05 -47.36 4.58
N VAL C 143 -53.12 -47.82 3.74
CA VAL C 143 -53.46 -48.27 2.40
C VAL C 143 -52.77 -49.59 2.08
N VAL C 159 -61.58 -37.85 8.80
CA VAL C 159 -60.29 -37.18 8.83
C VAL C 159 -60.40 -35.79 8.21
N TYR C 160 -60.81 -35.74 6.94
CA TYR C 160 -60.94 -34.49 6.21
C TYR C 160 -62.27 -33.82 6.57
N SER C 161 -62.30 -33.28 7.79
CA SER C 161 -63.49 -32.63 8.32
C SER C 161 -63.71 -31.23 7.77
N SER C 162 -62.71 -30.64 7.12
CA SER C 162 -62.85 -29.29 6.59
C SER C 162 -61.84 -29.09 5.47
N ALA C 163 -62.13 -28.12 4.60
CA ALA C 163 -61.22 -27.73 3.54
C ALA C 163 -61.20 -26.21 3.41
N ASN C 164 -61.49 -25.51 4.51
CA ASN C 164 -61.57 -24.06 4.49
C ASN C 164 -60.19 -23.44 4.37
N ASN C 165 -60.12 -22.32 3.66
CA ASN C 165 -58.92 -21.49 3.58
C ASN C 165 -57.74 -22.28 3.03
N CYS C 166 -57.96 -22.84 1.84
CA CYS C 166 -56.98 -23.72 1.21
C CYS C 166 -56.17 -22.95 0.18
N THR C 167 -54.84 -23.14 0.20
CA THR C 167 -53.94 -22.36 -0.63
C THR C 167 -53.23 -23.22 -1.68
N PHE C 168 -52.54 -24.28 -1.29
CA PHE C 168 -51.69 -25.02 -2.22
C PHE C 168 -51.88 -26.52 -2.04
N GLU C 169 -51.72 -27.25 -3.14
CA GLU C 169 -51.73 -28.70 -3.15
C GLU C 169 -50.67 -29.18 -4.13
N TYR C 170 -50.10 -30.35 -3.86
CA TYR C 170 -49.03 -30.90 -4.69
C TYR C 170 -49.20 -32.42 -4.77
N VAL C 171 -49.02 -32.95 -5.96
CA VAL C 171 -49.16 -34.39 -6.23
C VAL C 171 -47.88 -34.88 -6.89
N SER C 172 -47.34 -35.98 -6.38
CA SER C 172 -46.13 -36.59 -6.91
C SER C 172 -46.29 -38.11 -6.86
N GLN C 173 -45.19 -38.82 -7.07
CA GLN C 173 -45.18 -40.28 -7.04
C GLN C 173 -45.64 -40.81 -5.68
N PHE C 186 -33.11 -57.88 8.35
CA PHE C 186 -32.92 -56.48 8.05
C PHE C 186 -33.88 -56.03 6.96
N LYS C 187 -34.46 -54.84 7.13
CA LYS C 187 -35.49 -54.37 6.21
C LYS C 187 -35.15 -53.00 5.63
N ASN C 188 -36.10 -52.42 4.90
CA ASN C 188 -35.87 -51.14 4.24
C ASN C 188 -35.85 -50.00 5.27
N LEU C 189 -35.07 -48.96 4.96
CA LEU C 189 -34.93 -47.80 5.82
C LEU C 189 -35.37 -46.56 5.04
N ARG C 190 -36.51 -46.00 5.43
CA ARG C 190 -37.06 -44.81 4.76
C ARG C 190 -36.51 -43.55 5.43
N GLU C 191 -35.22 -43.34 5.25
CA GLU C 191 -34.53 -42.23 5.92
C GLU C 191 -34.80 -40.92 5.20
N PHE C 192 -35.36 -39.95 5.94
CA PHE C 192 -35.75 -38.65 5.40
C PHE C 192 -35.12 -37.55 6.23
N VAL C 193 -34.99 -36.36 5.63
CA VAL C 193 -34.53 -35.17 6.33
C VAL C 193 -35.43 -34.00 5.97
N PHE C 194 -35.88 -33.28 6.99
CA PHE C 194 -36.68 -32.07 6.82
C PHE C 194 -35.86 -30.86 7.24
N LYS C 195 -36.15 -29.72 6.63
CA LYS C 195 -35.41 -28.51 6.90
C LYS C 195 -36.24 -27.31 6.46
N ASN C 196 -36.07 -26.19 7.17
CA ASN C 196 -36.75 -24.94 6.86
C ASN C 196 -35.72 -23.87 6.53
N ILE C 197 -35.92 -23.18 5.40
CA ILE C 197 -35.07 -22.07 4.99
C ILE C 197 -35.99 -20.98 4.44
N ASP C 198 -36.03 -19.83 5.13
CA ASP C 198 -36.91 -18.70 4.81
C ASP C 198 -38.30 -19.14 4.40
N GLY C 199 -38.85 -20.15 5.08
CA GLY C 199 -40.15 -20.70 4.76
C GLY C 199 -40.12 -21.87 3.82
N TYR C 200 -39.03 -22.07 3.08
CA TYR C 200 -38.94 -23.17 2.13
C TYR C 200 -38.68 -24.47 2.89
N PHE C 201 -39.49 -25.49 2.59
CA PHE C 201 -39.37 -26.79 3.23
C PHE C 201 -38.73 -27.76 2.25
N LYS C 202 -37.47 -28.09 2.48
CA LYS C 202 -36.71 -28.99 1.61
C LYS C 202 -36.67 -30.37 2.23
N ILE C 203 -37.10 -31.37 1.47
CA ILE C 203 -37.21 -32.74 1.95
C ILE C 203 -36.19 -33.60 1.22
N TYR C 204 -35.30 -34.23 1.98
CA TYR C 204 -34.26 -35.09 1.44
C TYR C 204 -34.59 -36.53 1.79
N SER C 205 -34.08 -37.46 0.99
CA SER C 205 -34.42 -38.86 1.22
C SER C 205 -33.34 -39.78 0.66
N LYS C 206 -33.28 -40.97 1.23
CA LYS C 206 -32.47 -42.08 0.74
C LYS C 206 -33.13 -43.37 1.19
N HIS C 207 -33.37 -44.27 0.23
CA HIS C 207 -34.16 -45.46 0.49
C HIS C 207 -33.32 -46.71 0.72
N THR C 208 -32.42 -47.03 -0.19
CA THR C 208 -31.70 -48.30 -0.12
C THR C 208 -30.81 -48.33 1.12
N PRO C 209 -30.98 -49.29 2.02
CA PRO C 209 -30.14 -49.34 3.21
C PRO C 209 -28.93 -50.25 3.05
N ILE C 210 -28.05 -50.24 4.04
CA ILE C 210 -26.87 -51.09 4.06
C ILE C 210 -27.03 -52.08 5.21
N ASN C 211 -26.88 -53.37 4.91
CA ASN C 211 -27.03 -54.42 5.91
C ASN C 211 -25.71 -54.69 6.64
N LEU C 212 -25.10 -53.63 7.17
CA LEU C 212 -23.88 -53.79 7.95
C LEU C 212 -24.19 -54.36 9.33
N VAL C 213 -25.25 -53.86 9.97
CA VAL C 213 -25.69 -54.33 11.27
C VAL C 213 -27.20 -54.55 11.21
N ARG C 214 -27.78 -54.91 12.34
CA ARG C 214 -29.20 -55.21 12.45
C ARG C 214 -29.89 -54.19 13.33
N ASP C 215 -30.96 -53.58 12.80
CA ASP C 215 -31.83 -52.66 13.53
C ASP C 215 -31.10 -51.38 13.98
N LEU C 216 -29.91 -51.12 13.43
CA LEU C 216 -29.17 -49.90 13.76
C LEU C 216 -28.80 -49.17 12.47
N PRO C 217 -28.88 -47.82 12.48
CA PRO C 217 -28.58 -47.04 11.27
C PRO C 217 -27.08 -46.76 11.10
N GLN C 218 -26.26 -47.80 11.17
CA GLN C 218 -24.83 -47.66 10.98
C GLN C 218 -24.52 -47.41 9.51
N GLY C 219 -23.41 -46.74 9.25
CA GLY C 219 -22.95 -46.45 7.91
C GLY C 219 -23.13 -44.98 7.55
N PHE C 220 -22.61 -44.63 6.38
CA PHE C 220 -22.67 -43.27 5.87
C PHE C 220 -23.22 -43.28 4.46
N SER C 221 -24.12 -42.35 4.17
CA SER C 221 -24.65 -42.17 2.83
C SER C 221 -25.14 -40.74 2.67
N ALA C 222 -24.71 -40.09 1.59
CA ALA C 222 -25.13 -38.73 1.32
C ALA C 222 -26.60 -38.71 0.91
N LEU C 223 -27.20 -37.53 1.00
CA LEU C 223 -28.62 -37.35 0.70
C LEU C 223 -28.80 -36.27 -0.36
N GLU C 224 -29.60 -36.59 -1.38
CA GLU C 224 -29.89 -35.68 -2.47
C GLU C 224 -31.29 -35.08 -2.31
N PRO C 225 -31.48 -33.83 -2.71
CA PRO C 225 -32.81 -33.22 -2.58
C PRO C 225 -33.80 -33.83 -3.54
N LEU C 226 -35.06 -33.87 -3.12
CA LEU C 226 -36.17 -34.33 -3.96
C LEU C 226 -37.17 -33.22 -4.24
N VAL C 227 -37.71 -32.59 -3.20
CA VAL C 227 -38.74 -31.57 -3.35
C VAL C 227 -38.42 -30.41 -2.43
N ASP C 228 -38.50 -29.19 -2.95
CA ASP C 228 -38.36 -27.97 -2.17
C ASP C 228 -39.68 -27.19 -2.32
N LEU C 229 -40.53 -27.27 -1.31
CA LEU C 229 -41.87 -26.70 -1.41
C LEU C 229 -41.87 -25.26 -0.94
N PRO C 230 -42.12 -24.29 -1.83
CA PRO C 230 -42.04 -22.84 -1.48
C PRO C 230 -43.37 -22.27 -0.99
N ILE C 231 -43.67 -22.49 0.29
CA ILE C 231 -44.92 -22.02 0.88
C ILE C 231 -44.71 -20.77 1.74
N GLY C 232 -43.66 -20.72 2.55
CA GLY C 232 -43.48 -19.62 3.46
C GLY C 232 -44.36 -19.74 4.69
N ILE C 233 -44.13 -20.77 5.50
CA ILE C 233 -44.95 -21.08 6.66
C ILE C 233 -44.07 -21.08 7.91
N ASN C 234 -44.68 -20.72 9.04
CA ASN C 234 -44.03 -20.77 10.34
C ASN C 234 -44.54 -22.00 11.10
N ILE C 235 -43.62 -22.86 11.52
CA ILE C 235 -43.95 -24.10 12.20
C ILE C 235 -43.02 -24.27 13.40
N THR C 236 -43.62 -24.49 14.57
CA THR C 236 -42.86 -24.66 15.80
C THR C 236 -42.98 -26.06 16.39
N ARG C 237 -44.12 -26.73 16.22
CA ARG C 237 -44.30 -28.10 16.70
C ARG C 237 -44.84 -28.94 15.55
N PHE C 238 -44.74 -30.26 15.71
CA PHE C 238 -45.25 -31.17 14.70
C PHE C 238 -45.52 -32.53 15.33
N GLN C 239 -46.46 -33.25 14.75
CA GLN C 239 -46.80 -34.60 15.17
C GLN C 239 -46.54 -35.55 14.01
N THR C 240 -46.94 -36.81 14.20
CA THR C 240 -46.78 -37.83 13.18
C THR C 240 -48.01 -38.73 13.14
N LEU C 241 -48.32 -39.23 11.96
CA LEU C 241 -49.52 -40.03 11.72
C LEU C 241 -49.12 -41.47 11.45
N LEU C 242 -49.77 -42.40 12.14
CA LEU C 242 -49.50 -43.82 12.04
C LEU C 242 -50.78 -44.58 11.70
N ALA C 243 -50.67 -45.90 11.67
CA ALA C 243 -51.81 -46.78 11.42
C ALA C 243 -52.23 -47.40 12.74
N LEU C 244 -53.48 -47.18 13.13
CA LEU C 244 -53.98 -47.63 14.42
C LEU C 244 -54.86 -48.88 14.27
N HIS C 245 -55.05 -49.57 15.39
CA HIS C 245 -55.91 -50.74 15.44
C HIS C 245 -57.15 -50.47 16.29
N ALA C 264 -41.20 -47.65 14.04
CA ALA C 264 -40.02 -47.13 14.73
C ALA C 264 -39.36 -46.04 13.91
N TYR C 265 -39.40 -44.81 14.43
CA TYR C 265 -38.81 -43.66 13.76
C TYR C 265 -37.98 -42.84 14.72
N TYR C 266 -36.91 -42.24 14.21
CA TYR C 266 -35.97 -41.45 14.97
C TYR C 266 -36.24 -39.96 14.77
N VAL C 267 -35.80 -39.17 15.75
CA VAL C 267 -35.90 -37.71 15.64
C VAL C 267 -34.57 -37.12 16.07
N GLY C 268 -34.02 -36.23 15.21
CA GLY C 268 -32.78 -35.55 15.51
C GLY C 268 -32.98 -34.05 15.47
N TYR C 269 -31.96 -33.33 15.92
CA TYR C 269 -32.03 -31.89 16.02
C TYR C 269 -30.79 -31.27 15.36
N LEU C 270 -31.01 -30.15 14.67
CA LEU C 270 -29.98 -29.50 13.88
C LEU C 270 -29.44 -28.27 14.59
N GLN C 271 -28.13 -28.07 14.47
CA GLN C 271 -27.43 -26.92 15.02
C GLN C 271 -26.52 -26.33 13.96
N PRO C 272 -26.18 -25.04 14.08
CA PRO C 272 -25.31 -24.38 13.07
C PRO C 272 -23.84 -24.81 13.17
N ARG C 273 -23.55 -25.95 12.56
CA ARG C 273 -22.22 -26.54 12.54
C ARG C 273 -21.51 -26.21 11.23
N THR C 274 -20.20 -26.45 11.21
CA THR C 274 -19.39 -26.33 10.01
C THR C 274 -18.82 -27.70 9.67
N PHE C 275 -18.83 -28.04 8.38
CA PHE C 275 -18.43 -29.36 7.93
C PHE C 275 -17.41 -29.24 6.81
N LEU C 276 -16.64 -30.31 6.63
CA LEU C 276 -15.73 -30.46 5.50
C LEU C 276 -16.13 -31.68 4.70
N LEU C 277 -16.41 -31.48 3.42
CA LEU C 277 -17.04 -32.50 2.58
C LEU C 277 -16.09 -32.91 1.47
N LYS C 278 -16.01 -34.21 1.21
CA LYS C 278 -15.16 -34.76 0.16
C LYS C 278 -16.05 -35.28 -0.97
N TYR C 279 -15.89 -34.71 -2.16
CA TYR C 279 -16.66 -35.10 -3.32
C TYR C 279 -15.93 -36.19 -4.10
N ASN C 280 -16.70 -37.08 -4.71
CA ASN C 280 -16.14 -38.17 -5.49
C ASN C 280 -15.83 -37.72 -6.91
N GLU C 281 -15.29 -38.65 -7.71
CA GLU C 281 -15.09 -38.38 -9.13
C GLU C 281 -16.42 -38.16 -9.83
N ASN C 282 -17.45 -38.91 -9.44
CA ASN C 282 -18.79 -38.68 -9.98
C ASN C 282 -19.27 -37.27 -9.67
N GLY C 283 -19.07 -36.82 -8.44
CA GLY C 283 -19.58 -35.53 -8.01
C GLY C 283 -20.43 -35.67 -6.76
N THR C 284 -20.48 -36.89 -6.22
CA THR C 284 -21.26 -37.18 -5.03
C THR C 284 -20.38 -37.11 -3.79
N ILE C 285 -21.03 -36.94 -2.65
CA ILE C 285 -20.36 -36.87 -1.36
C ILE C 285 -20.18 -38.28 -0.82
N THR C 286 -18.94 -38.66 -0.53
CA THR C 286 -18.63 -40.00 -0.04
C THR C 286 -18.06 -40.01 1.36
N ASP C 287 -17.60 -38.87 1.87
CA ASP C 287 -17.05 -38.79 3.21
C ASP C 287 -17.05 -37.35 3.67
N ALA C 288 -17.42 -37.13 4.93
CA ALA C 288 -17.40 -35.81 5.53
C ALA C 288 -16.87 -35.92 6.95
N VAL C 289 -16.28 -34.84 7.44
CA VAL C 289 -15.73 -34.78 8.78
C VAL C 289 -16.30 -33.56 9.49
N ASP C 290 -16.78 -33.76 10.71
CA ASP C 290 -17.24 -32.64 11.51
C ASP C 290 -16.05 -31.75 11.89
N CYS C 291 -16.36 -30.51 12.25
CA CYS C 291 -15.30 -29.53 12.48
C CYS C 291 -15.27 -29.00 13.91
N ALA C 292 -16.25 -29.35 14.74
CA ALA C 292 -16.27 -28.93 16.14
C ALA C 292 -16.54 -30.11 17.06
N LEU C 293 -16.14 -31.31 16.65
CA LEU C 293 -16.38 -32.53 17.41
C LEU C 293 -15.17 -32.91 18.25
N ASP C 294 -13.99 -32.94 17.66
CA ASP C 294 -12.76 -33.39 18.33
C ASP C 294 -11.62 -32.49 17.90
N PRO C 295 -10.56 -32.35 18.72
CA PRO C 295 -9.39 -31.59 18.28
C PRO C 295 -8.78 -32.10 16.99
N LEU C 296 -8.79 -33.43 16.80
CA LEU C 296 -8.33 -33.99 15.53
C LEU C 296 -9.18 -33.51 14.37
N SER C 297 -10.49 -33.43 14.58
CA SER C 297 -11.39 -32.92 13.54
C SER C 297 -11.11 -31.47 13.20
N GLU C 298 -10.82 -30.62 14.18
CA GLU C 298 -10.43 -29.24 13.93
C GLU C 298 -9.09 -29.15 13.20
N THR C 299 -8.14 -30.01 13.55
CA THR C 299 -6.87 -30.06 12.84
C THR C 299 -7.09 -30.42 11.37
N LYS C 300 -7.99 -31.39 11.11
CA LYS C 300 -8.31 -31.74 9.73
C LYS C 300 -8.93 -30.57 8.98
N CYS C 301 -9.70 -29.73 9.69
CA CYS C 301 -10.24 -28.52 9.05
C CYS C 301 -9.13 -27.54 8.71
N THR C 302 -8.20 -27.31 9.63
CA THR C 302 -7.17 -26.32 9.40
C THR C 302 -6.26 -26.72 8.24
N LEU C 303 -5.91 -28.00 8.16
CA LEU C 303 -5.07 -28.48 7.07
C LEU C 303 -5.84 -28.74 5.78
N LYS C 304 -7.17 -28.66 5.83
CA LYS C 304 -8.02 -28.90 4.65
C LYS C 304 -7.72 -30.27 4.04
N SER C 305 -7.55 -31.27 4.89
CA SER C 305 -7.26 -32.62 4.45
C SER C 305 -7.90 -33.62 5.40
N PHE C 306 -8.12 -34.83 4.88
CA PHE C 306 -8.64 -35.92 5.68
C PHE C 306 -7.55 -36.73 6.36
N THR C 307 -6.29 -36.47 6.04
CA THR C 307 -5.16 -37.15 6.66
C THR C 307 -4.21 -36.11 7.24
N VAL C 308 -3.69 -36.40 8.43
CA VAL C 308 -2.78 -35.51 9.13
C VAL C 308 -1.49 -36.26 9.42
N GLU C 309 -0.36 -35.62 9.13
CA GLU C 309 0.96 -36.19 9.38
C GLU C 309 1.46 -35.73 10.74
N LYS C 310 2.47 -36.42 11.26
CA LYS C 310 3.01 -36.14 12.59
C LYS C 310 3.52 -34.71 12.70
N GLY C 311 3.18 -34.05 13.81
CA GLY C 311 3.64 -32.70 14.04
C GLY C 311 2.74 -31.98 15.02
N ILE C 312 3.04 -30.70 15.20
CA ILE C 312 2.23 -29.82 16.04
C ILE C 312 1.62 -28.73 15.17
N TYR C 313 0.33 -28.52 15.32
CA TYR C 313 -0.42 -27.58 14.48
C TYR C 313 -1.24 -26.65 15.34
N GLN C 314 -1.24 -25.37 14.97
CA GLN C 314 -2.06 -24.38 15.64
C GLN C 314 -3.41 -24.26 14.93
N THR C 315 -4.48 -24.46 15.69
CA THR C 315 -5.80 -24.57 15.09
C THR C 315 -6.70 -23.38 15.44
N SER C 316 -6.85 -23.08 16.73
CA SER C 316 -7.78 -22.04 17.15
C SER C 316 -7.20 -21.19 18.27
N ASN C 317 -8.05 -20.38 18.91
CA ASN C 317 -7.62 -19.53 20.00
C ASN C 317 -8.54 -19.74 21.20
N PHE C 318 -7.98 -19.50 22.38
CA PHE C 318 -8.70 -19.66 23.64
C PHE C 318 -8.86 -18.30 24.31
N ARG C 319 -10.10 -17.95 24.65
CA ARG C 319 -10.40 -16.71 25.37
C ARG C 319 -11.40 -17.02 26.47
N VAL C 320 -11.18 -16.46 27.65
CA VAL C 320 -12.16 -16.57 28.72
C VAL C 320 -13.36 -15.68 28.39
N GLN C 321 -14.54 -16.27 28.42
CA GLN C 321 -15.73 -15.52 28.04
C GLN C 321 -16.16 -14.58 29.17
N PRO C 322 -16.29 -13.29 28.89
CA PRO C 322 -16.73 -12.35 29.95
C PRO C 322 -18.13 -12.71 30.44
N THR C 323 -18.32 -12.60 31.75
CA THR C 323 -19.60 -12.86 32.39
C THR C 323 -19.85 -11.82 33.46
N GLU C 324 -21.09 -11.77 33.95
CA GLU C 324 -21.47 -10.88 35.03
C GLU C 324 -21.19 -9.42 34.68
N SER C 325 -21.89 -8.87 33.69
CA SER C 325 -21.70 -7.48 33.31
C SER C 325 -21.98 -6.55 34.49
N ILE C 326 -21.08 -5.58 34.67
CA ILE C 326 -21.14 -4.66 35.79
C ILE C 326 -21.33 -3.24 35.25
N VAL C 327 -22.29 -2.52 35.83
CA VAL C 327 -22.58 -1.14 35.45
C VAL C 327 -22.44 -0.26 36.69
N ARG C 328 -21.63 0.79 36.58
CA ARG C 328 -21.42 1.73 37.67
C ARG C 328 -21.71 3.14 37.20
N PHE C 329 -22.54 3.84 37.96
CA PHE C 329 -22.97 5.19 37.66
C PHE C 329 -22.85 6.02 38.93
N PRO C 330 -22.73 7.34 38.80
CA PRO C 330 -22.52 8.18 39.99
C PRO C 330 -23.75 8.17 40.90
N ASN C 331 -23.53 8.72 42.11
CA ASN C 331 -24.57 8.70 43.13
C ASN C 331 -25.77 9.57 42.74
N ILE C 332 -25.55 10.55 41.86
CA ILE C 332 -26.56 11.55 41.54
C ILE C 332 -27.83 10.89 41.02
N THR C 333 -28.97 11.30 41.58
CA THR C 333 -30.30 10.86 41.16
C THR C 333 -31.22 12.05 41.01
N ASN C 334 -30.64 13.19 40.63
CA ASN C 334 -31.40 14.44 40.53
C ASN C 334 -32.29 14.42 39.31
N LEU C 335 -33.06 15.50 39.14
CA LEU C 335 -33.97 15.61 38.00
C LEU C 335 -34.27 17.08 37.71
N CYS C 336 -32.07 17.14 32.41
CA CYS C 336 -33.03 17.42 33.47
C CYS C 336 -33.72 18.78 33.32
N PRO C 337 -32.97 19.87 33.10
CA PRO C 337 -33.61 21.18 32.92
C PRO C 337 -34.40 21.31 31.63
N PHE C 338 -34.57 20.23 30.86
CA PHE C 338 -35.31 20.32 29.61
C PHE C 338 -36.75 20.74 29.84
N GLY C 339 -37.27 20.50 31.05
CA GLY C 339 -38.60 20.99 31.39
C GLY C 339 -38.71 22.51 31.36
N GLU C 340 -37.67 23.22 31.76
CA GLU C 340 -37.65 24.68 31.69
C GLU C 340 -36.89 25.21 30.48
N VAL C 341 -36.30 24.33 29.68
CA VAL C 341 -35.64 24.74 28.44
C VAL C 341 -36.56 24.62 27.23
N PHE C 342 -37.40 23.59 27.19
CA PHE C 342 -38.25 23.38 26.03
C PHE C 342 -39.61 24.06 26.20
N ASN C 343 -40.11 24.12 27.43
CA ASN C 343 -41.43 24.65 27.70
C ASN C 343 -41.40 26.05 28.29
N ALA C 344 -40.26 26.74 28.23
CA ALA C 344 -40.15 28.08 28.80
C ALA C 344 -41.02 29.07 28.03
N THR C 345 -41.40 30.15 28.71
CA THR C 345 -42.36 31.09 28.13
C THR C 345 -41.79 31.82 26.92
N ARG C 346 -40.59 32.39 27.06
CA ARG C 346 -40.10 33.32 26.05
C ARG C 346 -38.64 32.98 25.75
N PHE C 347 -38.30 32.97 24.45
CA PHE C 347 -36.96 32.65 24.00
C PHE C 347 -36.34 33.86 23.32
N ALA C 348 -35.05 33.75 23.00
CA ALA C 348 -34.34 34.82 22.32
C ALA C 348 -34.67 34.83 20.83
N SER C 349 -34.17 35.86 20.14
CA SER C 349 -34.35 36.00 18.71
C SER C 349 -33.33 35.15 17.95
N VAL C 350 -33.22 35.41 16.65
CA VAL C 350 -32.29 34.66 15.82
C VAL C 350 -30.85 35.11 16.07
N TYR C 351 -30.64 36.43 16.12
CA TYR C 351 -29.27 36.95 16.25
C TYR C 351 -28.65 36.56 17.58
N ALA C 352 -29.47 36.30 18.59
CA ALA C 352 -28.99 35.88 19.90
C ALA C 352 -29.45 34.45 20.17
N TRP C 353 -28.92 33.85 21.23
CA TRP C 353 -29.40 32.57 21.73
C TRP C 353 -28.89 32.30 23.14
N ASN C 354 -29.78 31.90 24.03
CA ASN C 354 -29.45 31.67 25.43
C ASN C 354 -28.88 30.26 25.59
N ARG C 355 -27.57 30.13 25.52
CA ARG C 355 -26.92 28.85 25.74
C ARG C 355 -27.04 28.46 27.21
N LYS C 356 -27.49 27.22 27.44
CA LYS C 356 -27.77 26.73 28.77
C LYS C 356 -26.87 25.54 29.06
N ARG C 357 -26.41 25.47 30.31
CA ARG C 357 -25.49 24.42 30.75
C ARG C 357 -26.28 23.34 31.46
N ILE C 358 -26.41 22.18 30.81
CA ILE C 358 -27.04 21.02 31.44
C ILE C 358 -25.94 20.10 31.93
N SER C 359 -25.66 20.13 33.23
CA SER C 359 -24.59 19.33 33.82
C SER C 359 -24.99 18.84 35.20
N ASN C 360 -24.33 17.76 35.63
CA ASN C 360 -24.51 17.19 36.97
C ASN C 360 -25.96 16.81 37.25
N CYS C 361 -26.54 16.01 36.35
CA CYS C 361 -27.88 15.49 36.57
C CYS C 361 -28.09 14.26 35.69
N VAL C 362 -29.18 13.55 35.97
CA VAL C 362 -29.50 12.30 35.27
C VAL C 362 -30.48 12.65 34.16
N ALA C 363 -29.95 12.94 32.99
CA ALA C 363 -30.79 13.22 31.83
C ALA C 363 -31.47 11.96 31.34
N ASP C 364 -32.79 12.01 31.15
CA ASP C 364 -33.51 10.82 30.72
C ASP C 364 -33.37 10.61 29.21
N TYR C 365 -33.65 11.65 28.42
CA TYR C 365 -33.46 11.68 26.97
C TYR C 365 -34.43 10.79 26.22
N SER C 366 -35.23 9.98 26.90
CA SER C 366 -36.18 9.10 26.23
C SER C 366 -37.58 9.67 26.16
N VAL C 367 -37.95 10.55 27.09
CA VAL C 367 -39.24 11.23 26.99
C VAL C 367 -39.31 12.05 25.72
N LEU C 368 -38.20 12.70 25.35
CA LEU C 368 -38.10 13.34 24.06
C LEU C 368 -37.94 12.28 22.97
N TYR C 369 -38.24 12.66 21.74
CA TYR C 369 -38.11 11.81 20.56
C TYR C 369 -39.20 10.74 20.56
N ASN C 370 -39.96 10.64 21.65
CA ASN C 370 -41.09 9.72 21.72
C ASN C 370 -42.42 10.43 21.53
N SER C 371 -42.50 11.72 21.83
CA SER C 371 -43.69 12.50 21.56
C SER C 371 -43.65 13.05 20.14
N ALA C 372 -44.83 13.31 19.59
CA ALA C 372 -44.97 13.83 18.24
C ALA C 372 -44.99 15.35 18.19
N SER C 373 -44.78 16.03 19.32
CA SER C 373 -44.80 17.48 19.34
C SER C 373 -43.68 18.06 18.49
N PHE C 374 -42.49 17.48 18.56
CA PHE C 374 -41.36 17.96 17.79
C PHE C 374 -41.52 17.59 16.31
N SER C 375 -41.33 18.56 15.43
CA SER C 375 -41.48 18.28 14.00
C SER C 375 -40.33 17.44 13.48
N THR C 376 -39.09 17.75 13.86
CA THR C 376 -37.92 17.05 13.38
C THR C 376 -37.02 16.67 14.56
N PHE C 377 -36.46 15.45 14.50
CA PHE C 377 -35.48 14.97 15.47
C PHE C 377 -34.32 14.35 14.70
N LYS C 378 -33.35 15.19 14.33
CA LYS C 378 -32.23 14.76 13.50
C LYS C 378 -30.94 14.85 14.31
N CYS C 379 -30.24 13.72 14.40
CA CYS C 379 -28.98 13.62 15.14
C CYS C 379 -27.88 13.13 14.21
N TYR C 380 -26.67 13.62 14.42
CA TYR C 380 -25.56 13.40 13.50
C TYR C 380 -24.45 12.55 14.11
N GLY C 381 -23.90 12.97 15.24
CA GLY C 381 -22.80 12.22 15.83
C GLY C 381 -23.24 10.92 16.48
N VAL C 382 -24.51 10.85 16.88
CA VAL C 382 -25.05 9.69 17.58
C VAL C 382 -26.36 9.27 16.94
N SER C 383 -26.72 8.02 17.18
CA SER C 383 -28.00 7.50 16.69
C SER C 383 -29.09 7.77 17.71
N PRO C 384 -30.18 8.42 17.32
CA PRO C 384 -31.26 8.71 18.28
C PRO C 384 -32.08 7.46 18.56
N THR C 385 -31.90 6.89 19.76
CA THR C 385 -32.37 5.62 20.33
C THR C 385 -31.30 5.11 21.30
N LYS C 386 -30.07 5.56 21.11
CA LYS C 386 -28.95 5.20 21.98
C LYS C 386 -28.48 6.38 22.83
N LEU C 387 -29.35 7.35 23.08
CA LEU C 387 -28.98 8.52 23.88
C LEU C 387 -29.15 8.24 25.36
N ASN C 388 -29.35 6.98 25.71
CA ASN C 388 -29.57 6.59 27.09
C ASN C 388 -28.35 5.90 27.70
N ASP C 389 -27.71 5.00 26.97
CA ASP C 389 -26.56 4.30 27.51
C ASP C 389 -25.35 5.23 27.66
N LEU C 390 -25.18 6.15 26.72
CA LEU C 390 -24.02 7.04 26.76
C LEU C 390 -24.12 8.02 27.92
N CYS C 391 -22.98 8.37 28.49
CA CYS C 391 -22.86 9.46 29.45
C CYS C 391 -22.09 10.59 28.80
N PHE C 392 -22.66 11.79 28.81
CA PHE C 392 -22.16 12.89 28.01
C PHE C 392 -21.43 13.91 28.87
N THR C 393 -20.70 14.81 28.21
CA THR C 393 -19.98 15.90 28.85
C THR C 393 -20.28 17.19 28.10
N ASN C 394 -20.40 18.30 28.84
CA ASN C 394 -20.49 19.63 28.26
C ASN C 394 -21.67 19.77 27.30
N VAL C 395 -22.89 19.62 27.80
CA VAL C 395 -24.11 19.74 27.01
C VAL C 395 -24.33 21.22 26.72
N TYR C 396 -24.51 21.55 25.44
CA TYR C 396 -24.86 22.90 25.02
C TYR C 396 -26.26 22.89 24.43
N ALA C 397 -27.09 23.84 24.88
CA ALA C 397 -28.47 23.96 24.40
C ALA C 397 -28.69 25.40 23.93
N ASP C 398 -28.99 25.56 22.64
CA ASP C 398 -29.22 26.87 22.04
C ASP C 398 -30.67 26.94 21.59
N SER C 399 -31.38 27.97 22.04
CA SER C 399 -32.79 28.14 21.72
C SER C 399 -33.00 29.41 20.90
N PHE C 400 -33.79 29.29 19.83
CA PHE C 400 -34.13 30.43 19.00
C PHE C 400 -35.38 30.09 18.20
N VAL C 401 -36.00 31.12 17.62
CA VAL C 401 -37.21 30.97 16.82
C VAL C 401 -36.92 31.50 15.42
N ILE C 402 -37.18 30.67 14.40
CA ILE C 402 -36.91 31.01 13.01
C ILE C 402 -38.13 30.63 12.18
N ARG C 403 -38.03 30.92 10.88
CA ARG C 403 -39.10 30.60 9.95
C ARG C 403 -39.11 29.11 9.63
N GLY C 404 -40.17 28.69 8.94
CA GLY C 404 -40.29 27.28 8.57
C GLY C 404 -39.22 26.84 7.59
N ASP C 405 -38.94 27.66 6.59
CA ASP C 405 -37.96 27.28 5.57
C ASP C 405 -36.53 27.30 6.12
N GLU C 406 -36.27 28.20 7.06
CA GLU C 406 -34.92 28.36 7.62
C GLU C 406 -34.51 27.22 8.54
N VAL C 407 -35.36 26.22 8.78
CA VAL C 407 -34.99 25.10 9.64
C VAL C 407 -33.86 24.29 9.04
N ARG C 408 -33.86 24.08 7.73
CA ARG C 408 -32.86 23.22 7.10
C ARG C 408 -31.46 23.81 7.20
N GLN C 409 -31.37 25.14 7.31
CA GLN C 409 -30.06 25.79 7.34
C GLN C 409 -29.33 25.63 8.67
N ILE C 410 -30.03 25.17 9.72
CA ILE C 410 -29.38 25.00 11.01
C ILE C 410 -28.44 23.80 11.00
N ALA C 411 -28.69 22.86 10.09
CA ALA C 411 -27.88 21.65 10.01
C ALA C 411 -26.45 22.00 9.63
N PRO C 412 -25.47 21.20 10.05
CA PRO C 412 -24.09 21.43 9.61
C PRO C 412 -23.97 21.29 8.09
N GLY C 413 -23.18 22.17 7.50
CA GLY C 413 -23.17 22.30 6.06
C GLY C 413 -24.48 22.90 5.58
N GLN C 414 -24.64 22.90 4.25
CA GLN C 414 -25.83 23.46 3.60
C GLN C 414 -26.10 24.87 4.15
N THR C 415 -25.17 25.76 3.85
CA THR C 415 -25.18 27.12 4.38
C THR C 415 -26.27 27.93 3.69
N GLY C 416 -27.02 28.69 4.47
CA GLY C 416 -28.06 29.55 3.95
C GLY C 416 -27.87 30.96 4.47
N LYS C 417 -28.91 31.77 4.34
CA LYS C 417 -28.84 33.16 4.80
C LYS C 417 -28.67 33.23 6.31
N ILE C 418 -29.41 32.40 7.05
CA ILE C 418 -29.29 32.38 8.50
C ILE C 418 -27.92 31.88 8.92
N ALA C 419 -27.43 30.82 8.26
CA ALA C 419 -26.15 30.23 8.64
C ALA C 419 -25.00 31.21 8.40
N ASP C 420 -25.15 32.11 7.44
CA ASP C 420 -24.05 33.00 7.09
C ASP C 420 -23.81 34.05 8.17
N TYR C 421 -24.87 34.69 8.66
CA TYR C 421 -24.74 35.85 9.53
C TYR C 421 -25.43 35.71 10.88
N ASN C 422 -26.17 34.63 11.11
CA ASN C 422 -26.92 34.49 12.35
C ASN C 422 -26.43 33.35 13.22
N TYR C 423 -26.39 32.12 12.71
CA TYR C 423 -26.04 30.95 13.52
C TYR C 423 -25.28 29.96 12.65
N LYS C 424 -24.02 29.70 13.01
CA LYS C 424 -23.15 28.81 12.26
C LYS C 424 -22.84 27.57 13.08
N LEU C 425 -23.11 26.40 12.49
CA LEU C 425 -22.81 25.12 13.13
C LEU C 425 -21.68 24.44 12.38
N PRO C 426 -20.56 24.15 13.03
CA PRO C 426 -19.44 23.50 12.33
C PRO C 426 -19.80 22.07 11.94
N ASP C 427 -19.13 21.61 10.87
CA ASP C 427 -19.32 20.24 10.39
C ASP C 427 -18.61 19.30 11.34
N ASP C 428 -19.24 19.08 12.49
CA ASP C 428 -18.64 18.34 13.59
C ASP C 428 -19.75 17.61 14.34
N PHE C 429 -19.47 17.27 15.59
CA PHE C 429 -20.34 16.44 16.42
C PHE C 429 -21.55 17.19 16.96
N THR C 430 -22.39 17.72 16.06
CA THR C 430 -23.65 18.31 16.48
C THR C 430 -24.58 17.21 16.98
N GLY C 431 -24.95 17.27 18.26
CA GLY C 431 -25.73 16.21 18.85
C GLY C 431 -27.06 15.95 18.16
N CYS C 432 -28.02 16.87 18.32
CA CYS C 432 -29.34 16.69 17.72
C CYS C 432 -29.95 18.06 17.48
N VAL C 433 -30.79 18.15 16.46
CA VAL C 433 -31.51 19.37 16.11
C VAL C 433 -33.00 19.08 16.28
N ILE C 434 -33.66 19.86 17.14
CA ILE C 434 -35.06 19.66 17.48
C ILE C 434 -35.82 20.94 17.17
N ALA C 435 -36.90 20.81 16.40
CA ALA C 435 -37.72 21.96 16.02
C ALA C 435 -39.18 21.56 16.03
N TRP C 436 -40.05 22.55 16.26
CA TRP C 436 -41.49 22.38 16.22
C TRP C 436 -42.15 23.72 15.96
N ASN C 437 -43.45 23.66 15.65
CA ASN C 437 -44.21 24.86 15.29
C ASN C 437 -44.77 25.52 16.53
N SER C 438 -44.48 26.80 16.70
CA SER C 438 -45.00 27.60 17.80
C SER C 438 -45.94 28.70 17.30
N ASN C 439 -46.64 28.46 16.20
CA ASN C 439 -47.60 29.43 15.68
C ASN C 439 -48.75 29.67 16.65
N ASN C 440 -49.07 28.68 17.50
CA ASN C 440 -50.15 28.86 18.46
C ASN C 440 -49.77 29.86 19.55
N LEU C 441 -48.58 29.71 20.14
CA LEU C 441 -48.11 30.60 21.19
C LEU C 441 -47.64 31.94 20.63
N ASP C 442 -46.79 31.91 19.60
CA ASP C 442 -46.38 33.12 18.91
C ASP C 442 -47.44 33.54 17.90
N SER C 443 -47.05 34.47 17.02
CA SER C 443 -47.88 34.88 15.89
C SER C 443 -49.20 35.51 16.33
N LYS C 444 -49.12 36.66 16.97
CA LYS C 444 -50.30 37.46 17.29
C LYS C 444 -50.93 37.95 15.99
N VAL C 445 -52.23 38.27 16.06
CA VAL C 445 -52.96 38.68 14.87
C VAL C 445 -52.37 39.97 14.29
N GLY C 446 -51.93 40.89 15.16
CA GLY C 446 -51.24 42.07 14.69
C GLY C 446 -49.92 41.74 14.04
N GLY C 447 -49.23 40.71 14.54
CA GLY C 447 -47.96 40.29 14.00
C GLY C 447 -46.80 40.60 14.92
N ASN C 448 -46.17 39.55 15.45
CA ASN C 448 -45.00 39.76 16.30
C ASN C 448 -43.87 40.40 15.52
N TYR C 449 -43.30 41.47 16.08
CA TYR C 449 -42.17 42.15 15.47
C TYR C 449 -40.92 42.01 16.34
N ASN C 450 -41.04 41.49 17.55
CA ASN C 450 -39.92 41.36 18.46
C ASN C 450 -38.90 40.31 18.00
N TYR C 451 -39.27 39.46 17.05
CA TYR C 451 -38.32 38.51 16.49
C TYR C 451 -37.51 39.19 15.40
N LEU C 452 -36.18 39.16 15.54
CA LEU C 452 -35.28 39.87 14.65
C LEU C 452 -34.25 38.89 14.09
N TYR C 453 -33.71 39.25 12.92
CA TYR C 453 -32.62 38.51 12.30
C TYR C 453 -31.78 39.49 11.50
N ARG C 454 -30.47 39.27 11.51
CA ARG C 454 -29.51 40.17 10.90
C ARG C 454 -29.43 39.87 9.41
N LEU C 455 -30.03 40.73 8.59
CA LEU C 455 -30.04 40.52 7.16
C LEU C 455 -28.70 40.82 6.52
N PHE C 456 -27.98 41.83 7.02
CA PHE C 456 -26.73 42.26 6.43
C PHE C 456 -25.64 42.22 7.49
N ARG C 457 -24.47 41.70 7.13
CA ARG C 457 -23.32 41.69 8.03
C ARG C 457 -22.05 41.68 7.19
N LYS C 458 -20.97 42.20 7.77
CA LYS C 458 -19.71 42.35 7.05
C LYS C 458 -19.10 41.00 6.70
N SER C 459 -18.76 40.22 7.73
CA SER C 459 -18.13 38.93 7.54
C SER C 459 -18.89 37.86 8.31
N ASN C 460 -18.84 36.63 7.80
CA ASN C 460 -19.56 35.53 8.41
C ASN C 460 -19.04 35.28 9.83
N LEU C 461 -19.97 35.08 10.76
CA LEU C 461 -19.60 34.84 12.14
C LEU C 461 -18.99 33.46 12.30
N LYS C 462 -18.03 33.35 13.21
CA LYS C 462 -17.43 32.07 13.52
C LYS C 462 -18.44 31.19 14.26
N PRO C 463 -18.32 29.87 14.14
CA PRO C 463 -19.28 28.98 14.81
C PRO C 463 -19.29 29.19 16.32
N PHE C 464 -20.48 29.09 16.90
CA PHE C 464 -20.68 29.22 18.35
C PHE C 464 -20.16 30.57 18.86
N GLU C 465 -20.39 31.62 18.09
CA GLU C 465 -20.06 32.98 18.48
C GLU C 465 -21.30 33.84 18.34
N ARG C 466 -21.51 34.72 19.31
CA ARG C 466 -22.74 35.52 19.39
C ARG C 466 -22.41 37.00 19.16
N ASP C 467 -23.25 37.67 18.38
CA ASP C 467 -23.06 39.08 18.06
C ASP C 467 -24.32 39.83 18.49
N ILE C 468 -24.24 40.52 19.64
CA ILE C 468 -25.36 41.30 20.14
C ILE C 468 -25.32 42.75 19.69
N SER C 469 -24.16 43.25 19.32
CA SER C 469 -24.01 44.67 18.99
C SER C 469 -24.88 45.05 17.79
N THR C 470 -25.52 46.22 17.89
CA THR C 470 -26.37 46.77 16.84
C THR C 470 -25.75 48.07 16.37
N GLU C 471 -25.16 48.05 15.18
CA GLU C 471 -24.45 49.21 14.66
C GLU C 471 -24.43 49.15 13.14
N ILE C 472 -24.38 50.34 12.52
CA ILE C 472 -24.44 50.43 11.07
C ILE C 472 -23.16 49.85 10.46
N TYR C 473 -23.34 49.05 9.41
CA TYR C 473 -22.26 48.26 8.84
C TYR C 473 -21.74 48.77 7.51
N GLN C 474 -22.62 49.36 6.69
CA GLN C 474 -22.31 49.55 5.26
C GLN C 474 -21.11 50.46 5.06
N ALA C 475 -21.23 51.72 5.47
CA ALA C 475 -20.20 52.75 5.25
C ALA C 475 -19.95 52.82 3.74
N GLY C 476 -18.73 52.60 3.26
CA GLY C 476 -18.45 52.67 1.84
C GLY C 476 -18.19 54.08 1.36
N SER C 477 -19.24 54.86 1.23
CA SER C 477 -19.13 56.29 0.94
C SER C 477 -19.10 57.12 2.21
N THR C 478 -19.11 56.47 3.38
CA THR C 478 -19.16 57.12 4.68
C THR C 478 -20.28 58.16 4.81
N PRO C 479 -21.54 57.78 4.53
CA PRO C 479 -22.66 58.66 4.90
C PRO C 479 -23.28 58.24 6.21
N CYS C 480 -22.64 57.28 6.88
CA CYS C 480 -23.22 56.56 7.99
C CYS C 480 -22.89 57.29 9.31
N ASN C 481 -23.07 56.60 10.44
CA ASN C 481 -23.18 57.14 11.79
C ASN C 481 -24.59 57.67 11.99
N GLY C 482 -25.42 57.49 10.96
CA GLY C 482 -26.83 57.80 11.05
C GLY C 482 -27.62 56.89 10.15
N VAL C 483 -28.89 56.69 10.51
CA VAL C 483 -29.74 55.79 9.74
C VAL C 483 -30.00 56.33 8.34
N GLU C 484 -30.19 57.64 8.19
CA GLU C 484 -30.47 58.25 6.90
C GLU C 484 -29.24 58.15 6.02
N GLY C 485 -29.39 57.57 4.83
CA GLY C 485 -28.30 57.44 3.89
C GLY C 485 -28.61 56.48 2.75
N PHE C 486 -28.00 56.71 1.59
CA PHE C 486 -28.20 55.80 0.47
C PHE C 486 -27.67 54.40 0.77
N ASN C 487 -26.51 54.30 1.40
CA ASN C 487 -25.93 53.01 1.79
C ASN C 487 -25.50 53.07 3.25
N CYS C 488 -26.47 52.86 4.15
CA CYS C 488 -26.16 52.54 5.54
C CYS C 488 -26.81 51.21 5.92
N TYR C 489 -28.10 51.07 5.63
CA TYR C 489 -28.79 49.78 5.71
C TYR C 489 -28.71 49.17 7.10
N PHE C 490 -29.38 49.77 8.08
CA PHE C 490 -29.48 49.22 9.42
C PHE C 490 -29.66 47.71 9.36
N PRO C 491 -28.82 46.94 10.06
CA PRO C 491 -28.70 45.51 9.75
C PRO C 491 -29.96 44.69 10.00
N LEU C 492 -30.51 44.75 11.21
CA LEU C 492 -31.59 43.86 11.61
C LEU C 492 -32.89 44.22 10.89
N GLN C 493 -33.65 43.17 10.54
CA GLN C 493 -34.96 43.32 9.93
C GLN C 493 -35.93 42.42 10.69
N SER C 494 -37.14 42.91 10.90
CA SER C 494 -38.13 42.13 11.65
C SER C 494 -38.66 40.98 10.81
N TYR C 495 -39.51 40.16 11.43
CA TYR C 495 -39.97 38.94 10.77
C TYR C 495 -41.38 39.06 10.22
N GLY C 496 -42.31 39.60 11.01
CA GLY C 496 -43.68 39.68 10.54
C GLY C 496 -44.35 38.32 10.49
N PHE C 497 -44.64 37.75 11.65
CA PHE C 497 -45.10 36.37 11.76
C PHE C 497 -46.62 36.28 11.91
N GLN C 498 -47.36 37.09 11.15
CA GLN C 498 -48.81 37.10 11.27
C GLN C 498 -49.38 35.72 10.98
N PRO C 499 -50.48 35.35 11.64
CA PRO C 499 -51.03 33.99 11.46
C PRO C 499 -51.43 33.66 10.04
N THR C 500 -51.83 34.66 9.24
CA THR C 500 -52.28 34.38 7.89
C THR C 500 -51.17 33.84 7.00
N ASN C 501 -49.91 33.97 7.42
CA ASN C 501 -48.80 33.46 6.62
C ASN C 501 -48.83 31.94 6.56
N GLY C 502 -48.30 31.40 5.47
CA GLY C 502 -48.25 29.96 5.32
C GLY C 502 -47.21 29.31 6.21
N VAL C 503 -47.22 27.98 6.21
CA VAL C 503 -46.33 27.19 7.06
C VAL C 503 -44.87 27.49 6.75
N GLY C 504 -44.60 27.89 5.50
CA GLY C 504 -43.24 28.27 5.15
C GLY C 504 -42.75 29.46 5.96
N TYR C 505 -43.60 30.46 6.14
CA TYR C 505 -43.27 31.64 6.93
C TYR C 505 -43.86 31.58 8.34
N GLN C 506 -44.56 30.50 8.68
CA GLN C 506 -44.95 30.39 10.08
C GLN C 506 -43.70 30.14 10.94
N PRO C 507 -43.59 30.86 12.06
CA PRO C 507 -42.39 30.70 12.89
C PRO C 507 -42.28 29.29 13.47
N TYR C 508 -41.05 28.79 13.51
CA TYR C 508 -40.73 27.52 14.16
C TYR C 508 -39.76 27.76 15.29
N ARG C 509 -39.89 26.98 16.35
CA ARG C 509 -39.07 27.11 17.55
C ARG C 509 -38.09 25.95 17.59
N VAL C 510 -36.80 26.27 17.62
CA VAL C 510 -35.73 25.29 17.43
C VAL C 510 -34.81 25.30 18.63
N VAL C 511 -34.46 24.10 19.12
CA VAL C 511 -33.48 23.91 20.18
C VAL C 511 -32.48 22.87 19.69
N VAL C 512 -31.20 23.20 19.75
CA VAL C 512 -30.14 22.31 19.26
C VAL C 512 -29.23 21.91 20.42
N LEU C 513 -28.81 20.65 20.43
CA LEU C 513 -27.94 20.15 21.48
C LEU C 513 -26.56 19.81 20.91
N SER C 514 -25.51 20.22 21.61
CA SER C 514 -24.13 19.91 21.23
C SER C 514 -23.52 19.06 22.35
N PHE C 515 -22.97 17.92 21.97
CA PHE C 515 -22.54 16.89 22.92
C PHE C 515 -21.06 16.60 22.73
N GLU C 516 -20.26 16.88 23.75
CA GLU C 516 -18.86 16.49 23.77
C GLU C 516 -18.73 15.15 24.47
N LEU C 517 -18.15 14.18 23.76
CA LEU C 517 -18.03 12.82 24.26
C LEU C 517 -16.58 12.38 24.45
N LEU C 518 -15.73 13.27 24.95
CA LEU C 518 -14.36 12.88 25.25
C LEU C 518 -14.20 12.64 26.74
N HIS C 519 -13.50 11.56 27.11
CA HIS C 519 -13.73 10.87 28.41
C HIS C 519 -13.19 11.69 29.58
N ALA C 520 -13.89 12.79 29.85
CA ALA C 520 -13.58 13.66 30.98
C ALA C 520 -14.38 13.21 32.20
N PRO C 521 -14.25 13.89 33.33
CA PRO C 521 -15.12 13.58 34.47
C PRO C 521 -16.58 13.85 34.15
N ALA C 522 -17.19 12.94 33.39
CA ALA C 522 -18.55 13.13 32.91
C ALA C 522 -19.52 13.32 34.06
N THR C 523 -20.43 14.28 33.88
CA THR C 523 -21.38 14.63 34.93
C THR C 523 -22.83 14.39 34.57
N VAL C 524 -23.20 14.33 33.29
CA VAL C 524 -24.57 14.06 32.87
C VAL C 524 -24.61 12.69 32.19
N CYS C 525 -25.29 11.74 32.84
CA CYS C 525 -25.39 10.38 32.37
C CYS C 525 -26.85 10.04 32.10
N GLY C 526 -27.08 8.92 31.43
CA GLY C 526 -28.42 8.41 31.21
C GLY C 526 -28.94 7.68 32.43
N PRO C 527 -30.24 7.38 32.43
CA PRO C 527 -30.82 6.65 33.58
C PRO C 527 -30.40 5.19 33.60
N LYS C 528 -29.53 4.82 34.54
CA LYS C 528 -29.06 3.46 34.67
C LYS C 528 -28.92 3.10 36.13
N LYS C 529 -28.94 1.79 36.41
CA LYS C 529 -28.84 1.29 37.77
C LYS C 529 -27.41 0.82 38.02
N SER C 530 -26.78 1.36 39.07
CA SER C 530 -25.41 1.02 39.40
C SER C 530 -25.42 -0.23 40.29
N THR C 531 -25.02 -1.37 39.73
CA THR C 531 -24.96 -2.61 40.46
C THR C 531 -23.68 -2.66 41.31
N ASN C 532 -23.49 -3.78 42.00
CA ASN C 532 -22.31 -3.98 42.81
C ASN C 532 -21.18 -4.57 41.97
N LEU C 533 -19.96 -4.25 42.34
CA LEU C 533 -18.77 -4.67 41.59
C LEU C 533 -18.29 -6.03 42.10
N VAL C 534 -17.54 -6.72 41.23
CA VAL C 534 -16.93 -7.99 41.56
C VAL C 534 -15.45 -7.92 41.22
N LYS C 535 -14.67 -8.81 41.84
CA LYS C 535 -13.23 -8.79 41.70
C LYS C 535 -12.72 -10.19 41.34
N ASN C 536 -11.54 -10.22 40.74
CA ASN C 536 -10.85 -11.47 40.42
C ASN C 536 -11.64 -12.34 39.45
N LYS C 537 -12.47 -11.71 38.61
CA LYS C 537 -13.21 -12.42 37.57
C LYS C 537 -13.24 -11.56 36.31
N CYS C 538 -13.04 -12.20 35.16
CA CYS C 538 -13.08 -11.48 33.89
C CYS C 538 -14.52 -11.09 33.58
N VAL C 539 -14.82 -9.80 33.71
CA VAL C 539 -16.17 -9.28 33.51
C VAL C 539 -16.10 -8.12 32.52
N ASN C 540 -17.25 -7.78 31.96
CA ASN C 540 -17.40 -6.61 31.11
C ASN C 540 -18.04 -5.49 31.92
N PHE C 541 -17.38 -4.35 31.98
CA PHE C 541 -17.72 -3.29 32.91
C PHE C 541 -18.10 -2.02 32.15
N ASN C 542 -18.69 -1.08 32.90
CA ASN C 542 -19.07 0.22 32.34
C ASN C 542 -18.99 1.24 33.46
N PHE C 543 -17.86 1.96 33.52
CA PHE C 543 -17.62 2.99 34.52
C PHE C 543 -17.81 4.36 33.86
N ASN C 544 -19.01 4.91 33.98
CA ASN C 544 -19.32 6.24 33.45
C ASN C 544 -19.00 6.34 31.96
N GLY C 545 -19.35 5.30 31.21
CA GLY C 545 -19.11 5.27 29.79
C GLY C 545 -17.78 4.67 29.36
N LEU C 546 -16.90 4.34 30.30
CA LEU C 546 -15.62 3.70 29.98
C LEU C 546 -15.81 2.20 29.89
N THR C 547 -16.50 1.78 28.83
CA THR C 547 -16.82 0.37 28.63
C THR C 547 -15.55 -0.43 28.34
N GLY C 548 -15.59 -1.69 28.72
CA GLY C 548 -14.46 -2.57 28.49
C GLY C 548 -14.66 -3.90 29.19
N THR C 549 -13.75 -4.82 28.88
CA THR C 549 -13.78 -6.17 29.42
C THR C 549 -12.44 -6.48 30.08
N GLY C 550 -12.48 -7.06 31.26
CA GLY C 550 -11.26 -7.42 31.96
C GLY C 550 -11.57 -7.93 33.35
N VAL C 551 -10.51 -8.08 34.14
CA VAL C 551 -10.61 -8.53 35.52
C VAL C 551 -10.10 -7.43 36.44
N LEU C 552 -10.91 -7.08 37.44
CA LEU C 552 -10.60 -5.98 38.33
C LEU C 552 -9.83 -6.47 39.55
N THR C 553 -8.90 -5.65 40.01
CA THR C 553 -8.07 -5.99 41.15
C THR C 553 -7.85 -4.73 41.99
N GLU C 554 -7.61 -4.94 43.28
CA GLU C 554 -7.30 -3.83 44.19
C GLU C 554 -5.95 -3.23 43.80
N SER C 555 -5.98 -2.04 43.23
CA SER C 555 -4.75 -1.39 42.78
C SER C 555 -3.90 -0.95 43.95
N ASN C 556 -2.58 -1.00 43.75
CA ASN C 556 -1.63 -0.56 44.77
C ASN C 556 -1.10 0.84 44.53
N LYS C 557 -1.03 1.29 43.28
CA LYS C 557 -0.54 2.62 43.00
C LYS C 557 -1.53 3.68 43.50
N LYS C 558 -0.99 4.84 43.87
CA LYS C 558 -1.75 5.90 44.48
C LYS C 558 -2.05 7.00 43.46
N PHE C 559 -3.28 7.49 43.50
CA PHE C 559 -3.72 8.55 42.60
C PHE C 559 -3.69 9.88 43.33
N LEU C 560 -3.30 10.94 42.63
CA LEU C 560 -3.50 12.28 43.15
C LEU C 560 -4.99 12.60 43.15
N PRO C 561 -5.44 13.50 44.02
CA PRO C 561 -6.90 13.67 44.22
C PRO C 561 -7.67 14.18 43.02
N PHE C 562 -7.05 14.34 41.85
CA PHE C 562 -7.76 14.92 40.72
C PHE C 562 -7.83 14.03 39.47
N GLN C 563 -7.05 12.95 39.39
CA GLN C 563 -7.20 12.07 38.25
C GLN C 563 -8.48 11.24 38.36
N GLN C 564 -8.81 10.55 37.29
CA GLN C 564 -9.94 9.64 37.23
C GLN C 564 -9.54 8.23 36.83
N PHE C 565 -8.48 8.08 36.03
CA PHE C 565 -8.00 6.77 35.61
C PHE C 565 -6.54 6.91 35.19
N GLY C 566 -6.01 5.86 34.57
CA GLY C 566 -4.62 5.86 34.15
C GLY C 566 -4.40 4.97 32.95
N ARG C 567 -3.22 5.12 32.35
CA ARG C 567 -2.79 4.30 31.22
C ARG C 567 -1.28 4.28 31.18
N ASP C 568 -0.74 3.31 30.44
CA ASP C 568 0.71 3.14 30.35
C ASP C 568 1.25 3.43 28.96
N ILE C 569 0.79 2.71 27.94
CA ILE C 569 1.22 2.94 26.57
C ILE C 569 0.02 2.74 25.66
N ALA C 570 -0.21 3.70 24.75
CA ALA C 570 -1.22 3.59 23.70
C ALA C 570 -2.62 3.35 24.30
N ASP C 571 -3.08 4.34 25.06
CA ASP C 571 -4.44 4.44 25.61
C ASP C 571 -4.92 3.15 26.26
N THR C 572 -4.00 2.31 26.75
CA THR C 572 -4.36 1.08 27.45
C THR C 572 -4.69 1.44 28.88
N THR C 573 -6.00 1.56 29.15
CA THR C 573 -6.46 1.94 30.49
C THR C 573 -6.12 0.86 31.51
N ASP C 574 -5.12 1.11 32.35
CA ASP C 574 -4.67 0.15 33.33
C ASP C 574 -5.29 0.35 34.70
N ALA C 575 -5.96 1.49 34.93
CA ALA C 575 -6.55 1.79 36.21
C ALA C 575 -7.83 2.60 36.02
N VAL C 576 -8.65 2.62 37.07
CA VAL C 576 -9.87 3.42 37.08
C VAL C 576 -10.35 3.52 38.52
N ARG C 577 -11.10 4.57 38.82
CA ARG C 577 -11.74 4.73 40.12
C ARG C 577 -13.24 4.68 39.94
N ASP C 578 -13.92 3.90 40.78
CA ASP C 578 -15.36 3.78 40.68
C ASP C 578 -16.03 5.08 41.11
N PRO C 579 -17.17 5.44 40.51
CA PRO C 579 -17.79 6.74 40.81
C PRO C 579 -18.51 6.80 42.15
N GLN C 580 -18.65 5.69 42.87
CA GLN C 580 -19.41 5.67 44.12
C GLN C 580 -18.53 5.44 45.33
N THR C 581 -17.77 4.33 45.36
CA THR C 581 -16.91 4.08 46.52
C THR C 581 -15.64 4.91 46.47
N LEU C 582 -15.29 5.44 45.29
CA LEU C 582 -14.09 6.26 45.10
C LEU C 582 -12.84 5.48 45.51
N GLU C 583 -12.74 4.25 45.04
CA GLU C 583 -11.60 3.38 45.30
C GLU C 583 -10.84 3.16 43.99
N ILE C 584 -9.52 3.15 44.08
CA ILE C 584 -8.68 3.04 42.89
C ILE C 584 -8.53 1.58 42.54
N LEU C 585 -8.98 1.20 41.35
CA LEU C 585 -8.91 -0.18 40.86
C LEU C 585 -8.04 -0.22 39.61
N ASP C 586 -7.40 -1.37 39.40
CA ASP C 586 -6.58 -1.60 38.23
C ASP C 586 -7.26 -2.61 37.32
N ILE C 587 -7.08 -2.44 36.01
CA ILE C 587 -7.73 -3.26 35.00
C ILE C 587 -6.66 -3.99 34.20
N THR C 588 -6.79 -5.31 34.09
CA THR C 588 -5.94 -6.12 33.24
C THR C 588 -6.81 -7.12 32.51
N PRO C 589 -6.48 -7.43 31.25
CA PRO C 589 -7.32 -8.36 30.49
C PRO C 589 -7.22 -9.78 31.03
N CYS C 590 -8.30 -10.52 30.90
CA CYS C 590 -8.28 -11.92 31.30
C CYS C 590 -7.51 -12.75 30.27
N SER C 591 -7.02 -13.91 30.72
CA SER C 591 -6.03 -14.67 29.97
C SER C 591 -6.60 -15.15 28.63
N PHE C 592 -5.75 -15.14 27.60
CA PHE C 592 -6.07 -15.67 26.30
C PHE C 592 -4.81 -16.22 25.66
N GLY C 593 -4.98 -17.10 24.68
CA GLY C 593 -3.84 -17.66 23.99
C GLY C 593 -4.28 -18.59 22.88
N GLY C 594 -3.28 -19.13 22.18
CA GLY C 594 -3.53 -20.04 21.08
C GLY C 594 -3.66 -21.48 21.54
N VAL C 595 -4.13 -22.33 20.63
CA VAL C 595 -4.34 -23.75 20.90
C VAL C 595 -3.60 -24.55 19.83
N SER C 596 -2.88 -25.58 20.27
CA SER C 596 -2.10 -26.42 19.37
C SER C 596 -2.45 -27.89 19.60
N VAL C 597 -2.37 -28.68 18.53
CA VAL C 597 -2.64 -30.11 18.56
C VAL C 597 -1.35 -30.85 18.25
N ILE C 598 -1.08 -31.93 18.98
CA ILE C 598 0.20 -32.61 18.95
C ILE C 598 0.01 -34.06 18.51
N THR C 599 -0.91 -34.29 17.60
CA THR C 599 -1.18 -35.64 17.11
C THR C 599 0.07 -36.26 16.49
N PRO C 600 0.27 -37.56 16.66
CA PRO C 600 1.36 -38.26 15.95
C PRO C 600 0.98 -38.68 14.55
N GLY C 601 -0.09 -38.14 13.98
CA GLY C 601 -0.54 -38.54 12.65
C GLY C 601 -1.83 -39.33 12.72
N THR C 602 -2.78 -39.03 11.83
CA THR C 602 -4.03 -39.78 11.80
C THR C 602 -3.77 -41.25 11.56
N ASN C 603 -2.87 -41.55 10.63
CA ASN C 603 -2.31 -42.89 10.53
C ASN C 603 -1.51 -43.16 11.81
N THR C 604 -1.72 -44.35 12.39
CA THR C 604 -1.10 -44.91 13.60
C THR C 604 -2.08 -44.85 14.77
N SER C 605 -2.55 -43.66 15.11
CA SER C 605 -3.48 -43.49 16.22
C SER C 605 -4.30 -42.23 15.98
N ASN C 606 -5.43 -42.15 16.68
CA ASN C 606 -6.29 -40.96 16.66
C ASN C 606 -6.19 -40.18 17.96
N GLN C 607 -5.29 -40.57 18.85
CA GLN C 607 -5.07 -39.84 20.09
C GLN C 607 -4.35 -38.52 19.81
N VAL C 608 -4.73 -37.49 20.55
CA VAL C 608 -4.14 -36.16 20.40
C VAL C 608 -3.82 -35.60 21.78
N ALA C 609 -2.93 -34.60 21.78
CA ALA C 609 -2.63 -33.80 22.96
C ALA C 609 -2.83 -32.35 22.62
N VAL C 610 -3.45 -31.60 23.52
CA VAL C 610 -3.79 -30.20 23.29
C VAL C 610 -2.92 -29.33 24.18
N LEU C 611 -2.31 -28.30 23.60
CA LEU C 611 -1.46 -27.37 24.33
C LEU C 611 -2.09 -25.98 24.30
N TYR C 612 -2.32 -25.41 25.48
CA TYR C 612 -2.76 -24.04 25.61
C TYR C 612 -1.56 -23.17 25.97
N GLN C 613 -1.24 -22.22 25.10
CA GLN C 613 0.01 -21.46 25.20
C GLN C 613 -0.17 -20.27 26.13
N GLY C 614 0.70 -20.16 27.13
CA GLY C 614 0.65 -19.04 28.05
C GLY C 614 -0.58 -19.01 28.92
N VAL C 615 -1.05 -20.16 29.39
CA VAL C 615 -2.24 -20.25 30.22
C VAL C 615 -1.86 -21.06 31.47
N ASN C 616 -2.18 -20.52 32.64
CA ASN C 616 -1.93 -21.24 33.88
C ASN C 616 -2.88 -22.42 34.01
N CYS C 617 -2.37 -23.51 34.59
CA CYS C 617 -3.16 -24.72 34.75
C CYS C 617 -4.31 -24.53 35.73
N THR C 618 -4.15 -23.64 36.71
CA THR C 618 -5.13 -23.45 37.77
C THR C 618 -6.51 -23.12 37.21
N GLU C 619 -6.56 -22.28 36.19
CA GLU C 619 -7.82 -21.89 35.56
C GLU C 619 -7.77 -22.18 34.06
N VAL C 620 -8.74 -22.96 33.59
CA VAL C 620 -8.89 -23.29 32.18
C VAL C 620 -10.38 -23.27 31.81
N PRO C 621 -11.26 -23.99 32.51
CA PRO C 621 -12.65 -23.90 32.07
C PRO C 621 -13.38 -22.71 32.70
N PRO C 631 -16.19 -26.35 20.20
CA PRO C 631 -15.01 -25.98 20.98
C PRO C 631 -15.14 -26.36 22.46
N THR C 632 -15.99 -27.35 22.74
CA THR C 632 -16.20 -27.76 24.12
C THR C 632 -14.98 -28.49 24.68
N TRP C 633 -14.43 -29.44 23.92
CA TRP C 633 -13.32 -30.28 24.37
C TRP C 633 -13.64 -30.94 25.71
N ARG C 634 -14.64 -31.82 25.66
CA ARG C 634 -15.20 -32.41 26.89
C ARG C 634 -14.15 -33.20 27.65
N VAL C 635 -13.34 -33.99 26.94
CA VAL C 635 -12.45 -34.95 27.57
C VAL C 635 -11.23 -34.22 28.13
N TYR C 636 -11.08 -32.95 27.80
CA TYR C 636 -9.89 -32.19 28.12
C TYR C 636 -10.09 -31.15 29.23
N SER C 637 -11.31 -31.07 29.79
CA SER C 637 -11.55 -30.15 30.89
C SER C 637 -12.42 -30.77 31.97
N THR C 638 -12.15 -32.02 32.32
CA THR C 638 -12.94 -32.74 33.31
C THR C 638 -12.12 -33.48 34.35
N GLY C 639 -10.80 -33.51 34.23
CA GLY C 639 -9.99 -34.19 35.21
C GLY C 639 -8.87 -35.04 34.65
N SER C 640 -8.67 -34.98 33.33
CA SER C 640 -7.59 -35.73 32.70
C SER C 640 -6.23 -35.23 33.20
N ASN C 641 -5.20 -36.03 32.96
CA ASN C 641 -3.86 -35.66 33.42
C ASN C 641 -3.39 -34.39 32.74
N VAL C 642 -3.06 -33.39 33.55
CA VAL C 642 -2.68 -32.07 33.07
C VAL C 642 -1.25 -31.77 33.52
N PHE C 643 -0.41 -31.40 32.57
CA PHE C 643 0.98 -31.06 32.83
C PHE C 643 1.21 -29.59 32.50
N GLN C 644 1.87 -28.88 33.40
CA GLN C 644 2.17 -27.47 33.24
C GLN C 644 3.63 -27.30 32.88
N THR C 645 3.88 -26.65 31.75
CA THR C 645 5.22 -26.38 31.27
C THR C 645 5.47 -24.88 31.24
N ARG C 646 6.67 -24.49 30.82
CA ARG C 646 6.98 -23.07 30.69
C ARG C 646 6.40 -22.47 29.41
N ALA C 647 5.96 -23.31 28.47
CA ALA C 647 5.32 -22.84 27.25
C ALA C 647 3.80 -22.88 27.30
N GLY C 648 3.23 -23.20 28.47
CA GLY C 648 1.79 -23.31 28.61
C GLY C 648 1.40 -24.53 29.42
N CYS C 649 0.16 -24.98 29.26
CA CYS C 649 -0.31 -26.17 29.95
C CYS C 649 -0.62 -27.25 28.93
N LEU C 650 -0.24 -28.48 29.26
CA LEU C 650 -0.36 -29.62 28.38
C LEU C 650 -1.37 -30.60 28.95
N ILE C 651 -2.37 -30.96 28.15
CA ILE C 651 -3.42 -31.89 28.54
C ILE C 651 -3.47 -33.03 27.53
N GLY C 652 -3.52 -34.26 28.04
CA GLY C 652 -3.57 -35.43 27.18
C GLY C 652 -2.27 -36.17 27.01
N ALA C 653 -1.18 -35.70 27.63
CA ALA C 653 0.11 -36.35 27.55
C ALA C 653 0.67 -36.53 28.95
N GLU C 654 1.05 -37.76 29.29
CA GLU C 654 1.61 -38.03 30.60
C GLU C 654 3.08 -37.63 30.64
N HIS C 655 3.51 -37.19 31.82
CA HIS C 655 4.87 -36.73 32.04
C HIS C 655 5.71 -37.89 32.55
N VAL C 656 6.76 -38.24 31.81
CA VAL C 656 7.64 -39.35 32.15
C VAL C 656 8.93 -38.79 32.73
N ASN C 657 9.45 -39.47 33.75
CA ASN C 657 10.68 -39.03 34.40
C ASN C 657 11.91 -39.28 33.53
N ASN C 658 11.82 -40.18 32.56
CA ASN C 658 12.93 -40.45 31.67
C ASN C 658 13.08 -39.30 30.67
N SER C 659 14.17 -39.32 29.91
CA SER C 659 14.43 -38.28 28.93
C SER C 659 15.30 -38.84 27.81
N TYR C 660 14.91 -38.55 26.57
CA TYR C 660 15.69 -38.99 25.41
C TYR C 660 15.29 -38.16 24.21
N GLU C 661 15.88 -38.49 23.06
CA GLU C 661 15.62 -37.77 21.83
C GLU C 661 14.16 -37.87 21.44
N CYS C 662 13.59 -36.76 20.97
CA CYS C 662 12.16 -36.67 20.72
C CYS C 662 11.89 -36.22 19.30
N ASP C 663 10.62 -36.33 18.92
CA ASP C 663 10.14 -36.03 17.58
C ASP C 663 9.45 -34.67 17.47
N ILE C 664 8.47 -34.39 18.32
CA ILE C 664 7.61 -33.22 18.18
C ILE C 664 8.03 -32.20 19.22
N PRO C 665 8.58 -31.06 18.82
CA PRO C 665 8.92 -30.02 19.80
C PRO C 665 7.67 -29.37 20.38
N ILE C 666 7.80 -28.88 21.61
CA ILE C 666 6.72 -28.15 22.26
C ILE C 666 7.23 -26.76 22.64
N GLY C 667 8.34 -26.70 23.33
CA GLY C 667 8.96 -25.44 23.69
C GLY C 667 9.59 -25.51 25.07
N ALA C 668 10.54 -24.60 25.29
CA ALA C 668 11.24 -24.48 26.57
C ALA C 668 11.91 -25.77 27.00
N GLY C 669 12.43 -26.52 26.04
CA GLY C 669 13.10 -27.78 26.33
C GLY C 669 12.17 -28.95 26.56
N ILE C 670 10.86 -28.75 26.49
CA ILE C 670 9.88 -29.81 26.66
C ILE C 670 9.44 -30.25 25.28
N CYS C 671 9.29 -31.56 25.09
CA CYS C 671 8.89 -32.09 23.80
C CYS C 671 8.27 -33.46 23.99
N ALA C 672 7.48 -33.88 23.01
CA ALA C 672 6.58 -35.02 23.15
C ALA C 672 6.78 -36.02 22.01
N SER C 673 6.39 -37.26 22.27
CA SER C 673 6.47 -38.33 21.29
C SER C 673 5.46 -39.41 21.66
N TYR C 674 5.19 -40.29 20.70
CA TYR C 674 4.24 -41.38 20.87
C TYR C 674 4.99 -42.67 21.15
N GLN C 675 4.70 -43.28 22.30
CA GLN C 675 5.38 -44.50 22.71
C GLN C 675 4.94 -45.69 21.86
N SER C 691 0.35 -44.52 23.82
CA SER C 691 0.17 -43.33 24.63
C SER C 691 1.12 -42.23 24.20
N ILE C 692 0.84 -41.00 24.62
CA ILE C 692 1.66 -39.83 24.31
C ILE C 692 2.33 -39.37 25.59
N ILE C 693 3.64 -39.13 25.52
CA ILE C 693 4.42 -38.76 26.69
C ILE C 693 5.13 -37.43 26.42
N ALA C 694 5.42 -36.71 27.49
CA ALA C 694 6.13 -35.44 27.43
C ALA C 694 7.31 -35.50 28.39
N TYR C 695 8.45 -34.97 27.96
CA TYR C 695 9.69 -35.12 28.72
C TYR C 695 10.69 -34.07 28.30
N THR C 696 11.74 -33.93 29.10
CA THR C 696 12.81 -32.99 28.82
C THR C 696 13.68 -33.53 27.69
N MET C 697 14.04 -32.65 26.75
CA MET C 697 14.88 -33.02 25.63
C MET C 697 16.26 -33.45 26.11
N SER C 698 16.83 -34.44 25.42
CA SER C 698 18.17 -34.94 25.70
C SER C 698 19.13 -34.44 24.64
N LEU C 699 20.21 -33.79 25.08
CA LEU C 699 21.17 -33.22 24.13
C LEU C 699 22.03 -34.31 23.50
N GLY C 700 22.39 -35.33 24.26
CA GLY C 700 23.17 -36.42 23.72
C GLY C 700 23.75 -37.27 24.84
N ALA C 701 24.53 -38.26 24.43
CA ALA C 701 25.21 -39.12 25.38
C ALA C 701 26.40 -38.38 25.99
N GLU C 702 26.80 -38.82 27.18
CA GLU C 702 27.92 -38.22 27.90
C GLU C 702 29.07 -39.21 27.98
N ASN C 703 30.25 -38.77 27.57
CA ASN C 703 31.47 -39.55 27.72
C ASN C 703 32.59 -38.63 28.18
N SER C 704 33.45 -39.15 29.04
CA SER C 704 34.60 -38.42 29.57
C SER C 704 35.85 -39.00 28.94
N VAL C 705 36.46 -38.24 28.01
CA VAL C 705 37.66 -38.71 27.33
C VAL C 705 38.80 -38.80 28.32
N ALA C 706 39.57 -39.89 28.22
CA ALA C 706 40.64 -40.19 29.18
C ALA C 706 41.84 -39.31 28.88
N TYR C 707 41.72 -38.04 29.23
CA TYR C 707 42.80 -37.10 29.01
C TYR C 707 43.92 -37.29 30.03
N SER C 708 45.15 -37.25 29.54
CA SER C 708 46.34 -37.30 30.38
C SER C 708 47.46 -36.57 29.66
N ASN C 709 48.51 -36.24 30.38
CA ASN C 709 49.61 -35.48 29.81
C ASN C 709 50.64 -36.34 29.10
N ASN C 710 50.51 -37.68 29.16
CA ASN C 710 51.40 -38.54 28.40
C ASN C 710 50.64 -39.72 27.80
N SER C 711 49.45 -39.46 27.26
CA SER C 711 48.67 -40.52 26.64
C SER C 711 48.08 -40.02 25.32
N ILE C 712 48.06 -40.89 24.32
CA ILE C 712 47.59 -40.56 22.99
C ILE C 712 46.76 -41.72 22.46
N ALA C 713 45.76 -41.40 21.65
CA ALA C 713 44.96 -42.39 20.94
C ALA C 713 45.23 -42.28 19.46
N ILE C 714 45.56 -43.40 18.82
CA ILE C 714 45.91 -43.41 17.40
C ILE C 714 45.08 -44.49 16.70
N PRO C 715 44.43 -44.16 15.58
CA PRO C 715 43.63 -45.18 14.88
C PRO C 715 44.50 -46.29 14.33
N THR C 716 43.93 -47.50 14.31
CA THR C 716 44.58 -48.66 13.72
C THR C 716 43.88 -49.17 12.47
N ASN C 717 42.73 -48.59 12.12
CA ASN C 717 41.97 -49.00 10.95
C ASN C 717 41.21 -47.78 10.44
N PHE C 718 40.32 -47.99 9.48
CA PHE C 718 39.54 -46.89 8.92
C PHE C 718 38.27 -47.43 8.30
N THR C 719 37.32 -46.53 8.07
CA THR C 719 36.10 -46.81 7.32
C THR C 719 35.87 -45.69 6.33
N ILE C 720 35.16 -46.02 5.25
CA ILE C 720 34.83 -45.06 4.20
C ILE C 720 33.33 -44.86 4.19
N SER C 721 32.90 -43.60 4.30
CA SER C 721 31.50 -43.25 4.41
C SER C 721 31.08 -42.43 3.20
N VAL C 722 29.88 -42.71 2.70
CA VAL C 722 29.27 -41.95 1.62
C VAL C 722 27.97 -41.35 2.14
N THR C 723 27.84 -40.04 2.05
CA THR C 723 26.68 -39.32 2.56
C THR C 723 26.09 -38.46 1.45
N THR C 724 24.81 -38.14 1.58
CA THR C 724 24.06 -37.41 0.57
C THR C 724 23.71 -36.03 1.09
N GLU C 725 23.87 -35.02 0.24
CA GLU C 725 23.44 -33.67 0.53
C GLU C 725 22.55 -33.17 -0.60
N ILE C 726 21.36 -32.69 -0.24
CA ILE C 726 20.36 -32.22 -1.21
C ILE C 726 20.26 -30.70 -1.10
N LEU C 727 20.38 -30.02 -2.22
CA LEU C 727 20.34 -28.57 -2.27
C LEU C 727 19.45 -28.13 -3.42
N PRO C 728 18.36 -27.39 -3.15
CA PRO C 728 17.52 -26.90 -4.25
C PRO C 728 18.19 -25.74 -4.96
N VAL C 729 18.09 -25.72 -6.30
CA VAL C 729 18.75 -24.71 -7.10
C VAL C 729 17.77 -23.82 -7.85
N SER C 730 16.56 -24.28 -8.14
CA SER C 730 15.63 -23.48 -8.92
C SER C 730 14.20 -23.91 -8.61
N MET C 731 13.25 -23.03 -8.98
CA MET C 731 11.84 -23.29 -8.82
C MET C 731 11.12 -23.00 -10.12
N THR C 732 9.82 -23.31 -10.15
CA THR C 732 9.06 -23.17 -11.38
C THR C 732 8.95 -21.71 -11.81
N LYS C 733 9.01 -21.49 -13.12
CA LYS C 733 8.87 -20.15 -13.70
C LYS C 733 7.40 -19.91 -13.98
N THR C 734 6.76 -19.08 -13.16
CA THR C 734 5.35 -18.76 -13.30
C THR C 734 5.20 -17.28 -13.64
N SER C 735 4.25 -16.98 -14.52
CA SER C 735 3.96 -15.61 -14.93
C SER C 735 2.48 -15.36 -14.76
N VAL C 736 2.15 -14.23 -14.13
CA VAL C 736 0.77 -13.83 -13.86
C VAL C 736 0.51 -12.51 -14.57
N ASP C 737 -0.53 -12.49 -15.41
CA ASP C 737 -0.89 -11.27 -16.12
C ASP C 737 -1.71 -10.38 -15.20
N CYS C 738 -1.17 -9.20 -14.87
CA CYS C 738 -1.83 -8.32 -13.91
C CYS C 738 -3.19 -7.86 -14.42
N THR C 739 -3.28 -7.49 -15.69
CA THR C 739 -4.53 -6.97 -16.22
C THR C 739 -5.62 -8.03 -16.27
N MET C 740 -5.28 -9.23 -16.73
CA MET C 740 -6.30 -10.26 -16.91
C MET C 740 -6.72 -10.87 -15.57
N TYR C 741 -5.81 -10.89 -14.59
CA TYR C 741 -6.17 -11.42 -13.28
C TYR C 741 -7.21 -10.54 -12.60
N ILE C 742 -6.97 -9.23 -12.54
CA ILE C 742 -7.89 -8.33 -11.86
C ILE C 742 -9.18 -8.18 -12.65
N CYS C 743 -9.08 -8.01 -13.97
CA CYS C 743 -10.24 -7.69 -14.79
C CYS C 743 -10.82 -8.87 -15.54
N GLY C 744 -10.02 -9.62 -16.29
CA GLY C 744 -10.51 -10.77 -16.99
C GLY C 744 -11.52 -10.46 -18.08
N ASP C 745 -11.08 -9.81 -19.15
CA ASP C 745 -11.87 -9.52 -20.33
C ASP C 745 -13.04 -8.59 -20.04
N SER C 746 -12.80 -7.49 -19.32
CA SER C 746 -13.80 -6.46 -19.11
C SER C 746 -13.20 -5.10 -19.47
N THR C 747 -13.77 -4.44 -20.48
CA THR C 747 -13.23 -3.16 -20.91
C THR C 747 -13.42 -2.09 -19.85
N GLU C 748 -14.58 -2.09 -19.19
CA GLU C 748 -14.83 -1.11 -18.14
C GLU C 748 -13.85 -1.27 -16.98
N CYS C 749 -13.59 -2.52 -16.58
CA CYS C 749 -12.62 -2.77 -15.53
C CYS C 749 -11.23 -2.29 -15.93
N SER C 750 -10.84 -2.56 -17.18
CA SER C 750 -9.52 -2.12 -17.66
C SER C 750 -9.42 -0.60 -17.66
N ASN C 751 -10.47 0.08 -18.10
CA ASN C 751 -10.47 1.54 -18.09
C ASN C 751 -10.35 2.08 -16.67
N LEU C 752 -11.07 1.48 -15.73
CA LEU C 752 -10.95 1.92 -14.33
C LEU C 752 -9.56 1.64 -13.78
N LEU C 753 -8.96 0.52 -14.16
CA LEU C 753 -7.64 0.16 -13.64
C LEU C 753 -6.53 1.03 -14.23
N LEU C 754 -6.75 1.56 -15.44
CA LEU C 754 -5.74 2.40 -16.06
C LEU C 754 -5.43 3.64 -15.21
N GLN C 755 -6.38 4.08 -14.40
CA GLN C 755 -6.18 5.27 -13.58
C GLN C 755 -5.22 5.01 -12.43
N TYR C 756 -4.86 3.77 -12.16
CA TYR C 756 -4.04 3.43 -11.00
C TYR C 756 -2.55 3.54 -11.27
N GLY C 757 -2.14 3.92 -12.47
CA GLY C 757 -0.74 4.14 -12.77
C GLY C 757 -0.12 2.95 -13.50
N SER C 758 1.04 2.51 -13.02
CA SER C 758 1.79 1.42 -13.64
C SER C 758 2.13 0.30 -12.66
N PHE C 759 1.19 -0.07 -11.80
CA PHE C 759 1.43 -1.18 -10.89
C PHE C 759 1.61 -2.49 -11.66
N CYS C 760 0.79 -2.71 -12.69
CA CYS C 760 0.84 -3.94 -13.47
C CYS C 760 2.19 -4.11 -14.15
N THR C 761 2.74 -3.03 -14.70
CA THR C 761 4.03 -3.10 -15.36
C THR C 761 5.13 -3.52 -14.38
N GLN C 762 5.14 -2.94 -13.18
CA GLN C 762 6.15 -3.30 -12.19
C GLN C 762 5.99 -4.75 -11.75
N LEU C 763 4.75 -5.20 -11.54
CA LEU C 763 4.53 -6.58 -11.12
C LEU C 763 5.01 -7.57 -12.18
N ASN C 764 4.67 -7.30 -13.46
CA ASN C 764 5.13 -8.17 -14.53
C ASN C 764 6.65 -8.16 -14.65
N ARG C 765 7.27 -7.00 -14.50
CA ARG C 765 8.72 -6.91 -14.57
C ARG C 765 9.37 -7.73 -13.48
N ALA C 766 8.85 -7.64 -12.26
CA ALA C 766 9.41 -8.41 -11.15
C ALA C 766 9.28 -9.91 -11.39
N LEU C 767 8.10 -10.35 -11.87
CA LEU C 767 7.91 -11.77 -12.12
C LEU C 767 8.84 -12.27 -13.21
N THR C 768 9.02 -11.49 -14.29
CA THR C 768 9.94 -11.92 -15.34
C THR C 768 11.38 -11.94 -14.85
N GLY C 769 11.75 -11.00 -13.97
CA GLY C 769 13.08 -11.04 -13.39
C GLY C 769 13.32 -12.31 -12.59
N ILE C 770 12.34 -12.71 -11.78
CA ILE C 770 12.46 -13.98 -11.06
C ILE C 770 12.60 -15.14 -12.04
N ALA C 771 11.80 -15.13 -13.12
CA ALA C 771 11.84 -16.22 -14.08
C ALA C 771 13.20 -16.34 -14.73
N VAL C 772 13.83 -15.22 -15.08
CA VAL C 772 15.17 -15.26 -15.68
C VAL C 772 16.20 -15.72 -14.65
N GLU C 773 16.08 -15.27 -13.41
CA GLU C 773 17.01 -15.69 -12.37
C GLU C 773 16.96 -17.21 -12.18
N GLN C 774 15.79 -17.81 -12.39
CA GLN C 774 15.68 -19.27 -12.23
C GLN C 774 16.59 -20.00 -13.22
N ASP C 775 16.63 -19.57 -14.48
CA ASP C 775 17.52 -20.21 -15.44
C ASP C 775 18.98 -19.86 -15.15
N LYS C 776 19.23 -18.64 -14.69
CA LYS C 776 20.60 -18.26 -14.36
C LYS C 776 21.17 -19.13 -13.25
N ASN C 777 20.34 -19.50 -12.27
CA ASN C 777 20.80 -20.35 -11.18
C ASN C 777 21.27 -21.70 -11.70
N THR C 778 20.46 -22.35 -12.54
CA THR C 778 20.85 -23.65 -13.08
C THR C 778 22.09 -23.55 -13.93
N GLN C 779 22.20 -22.49 -14.75
CA GLN C 779 23.40 -22.32 -15.57
C GLN C 779 24.64 -22.18 -14.70
N GLU C 780 24.53 -21.42 -13.60
CA GLU C 780 25.68 -21.26 -12.71
C GLU C 780 26.04 -22.57 -12.03
N VAL C 781 25.05 -23.36 -11.62
CA VAL C 781 25.34 -24.57 -10.87
C VAL C 781 25.95 -25.64 -11.76
N PHE C 782 25.34 -25.90 -12.91
CA PHE C 782 25.71 -27.11 -13.65
C PHE C 782 26.73 -26.85 -14.77
N ALA C 783 26.58 -25.77 -15.52
CA ALA C 783 27.45 -25.50 -16.67
C ALA C 783 28.82 -25.04 -16.19
N GLN C 784 29.63 -26.03 -15.78
CA GLN C 784 30.99 -25.78 -15.30
C GLN C 784 32.01 -26.68 -16.00
N VAL C 785 31.68 -27.24 -17.15
CA VAL C 785 32.59 -28.08 -17.92
C VAL C 785 32.82 -27.43 -19.28
N LYS C 786 34.09 -27.33 -19.67
CA LYS C 786 34.42 -26.82 -20.99
C LYS C 786 33.95 -27.78 -22.08
N GLN C 787 34.17 -29.08 -21.87
CA GLN C 787 33.84 -30.10 -22.85
C GLN C 787 33.00 -31.20 -22.21
N ILE C 788 32.36 -31.99 -23.06
CA ILE C 788 31.53 -33.10 -22.60
C ILE C 788 32.45 -34.33 -22.56
N TYR C 789 33.00 -34.59 -21.37
CA TYR C 789 33.88 -35.74 -21.19
C TYR C 789 33.07 -37.03 -21.19
N LYS C 790 33.62 -38.06 -21.82
CA LYS C 790 32.94 -39.35 -21.94
C LYS C 790 33.81 -40.44 -21.35
N THR C 791 33.17 -41.36 -20.63
CA THR C 791 33.89 -42.44 -19.97
C THR C 791 34.30 -43.52 -20.97
N PRO C 792 35.43 -44.19 -20.72
CA PRO C 792 35.87 -45.24 -21.63
C PRO C 792 34.96 -46.45 -21.53
N PRO C 793 34.86 -47.26 -22.60
CA PRO C 793 33.99 -48.44 -22.53
C PRO C 793 34.51 -49.51 -21.58
N ILE C 794 35.80 -49.82 -21.63
CA ILE C 794 36.39 -50.80 -20.74
C ILE C 794 36.58 -50.14 -19.38
N LYS C 795 35.77 -50.57 -18.40
CA LYS C 795 35.73 -49.93 -17.09
C LYS C 795 36.58 -50.72 -16.12
N ASP C 796 37.83 -50.29 -15.95
CA ASP C 796 38.77 -50.92 -15.02
C ASP C 796 39.35 -49.83 -14.12
N PHE C 797 38.65 -49.53 -13.03
CA PHE C 797 39.03 -48.47 -12.11
C PHE C 797 39.64 -49.00 -10.82
N GLY C 798 40.38 -50.09 -10.88
CA GLY C 798 41.05 -50.63 -9.72
C GLY C 798 40.17 -51.37 -8.75
N GLY C 799 38.93 -51.69 -9.13
CA GLY C 799 37.99 -52.35 -8.26
C GLY C 799 36.83 -51.48 -7.83
N PHE C 800 36.95 -50.17 -7.95
CA PHE C 800 35.86 -49.28 -7.61
C PHE C 800 34.78 -49.36 -8.69
N ASN C 801 33.53 -49.52 -8.26
CA ASN C 801 32.41 -49.76 -9.15
C ASN C 801 31.51 -48.54 -9.19
N PHE C 802 31.39 -47.92 -10.36
CA PHE C 802 30.59 -46.72 -10.55
C PHE C 802 29.39 -46.99 -11.44
N SER C 803 28.93 -48.24 -11.49
CA SER C 803 27.85 -48.60 -12.41
C SER C 803 26.57 -47.85 -12.10
N GLN C 804 26.22 -47.74 -10.82
CA GLN C 804 24.97 -47.08 -10.45
C GLN C 804 25.05 -45.57 -10.67
N ILE C 805 26.21 -44.98 -10.42
CA ILE C 805 26.37 -43.53 -10.57
C ILE C 805 26.40 -43.13 -12.03
N LEU C 806 26.99 -43.97 -12.89
CA LEU C 806 27.18 -43.65 -14.29
C LEU C 806 25.87 -43.77 -15.06
N PRO C 807 25.73 -43.04 -16.16
CA PRO C 807 24.48 -43.08 -16.93
C PRO C 807 24.20 -44.47 -17.50
N ASP C 808 22.91 -44.80 -17.59
CA ASP C 808 22.48 -46.08 -18.12
C ASP C 808 21.97 -45.89 -19.54
N PRO C 809 22.64 -46.42 -20.56
CA PRO C 809 22.18 -46.20 -21.94
C PRO C 809 20.81 -46.79 -22.24
N SER C 810 20.40 -47.81 -21.48
CA SER C 810 19.10 -48.44 -21.74
C SER C 810 17.95 -47.46 -21.54
N LYS C 811 18.03 -46.64 -20.50
CA LYS C 811 16.96 -45.70 -20.23
C LYS C 811 16.88 -44.65 -21.33
N PRO C 812 15.68 -44.31 -21.82
CA PRO C 812 15.58 -43.26 -22.85
C PRO C 812 16.14 -41.92 -22.41
N SER C 813 16.00 -41.57 -21.13
CA SER C 813 16.47 -40.27 -20.66
C SER C 813 17.97 -40.28 -20.40
N LYS C 814 18.61 -41.45 -20.49
CA LYS C 814 20.04 -41.64 -20.25
C LYS C 814 20.44 -41.28 -18.82
N ARG C 815 19.49 -41.28 -17.89
CA ARG C 815 19.81 -41.02 -16.49
C ARG C 815 20.39 -42.27 -15.85
N SER C 816 21.02 -42.06 -14.69
CA SER C 816 21.58 -43.18 -13.95
C SER C 816 20.51 -43.81 -13.05
N PHE C 817 20.92 -44.85 -12.34
CA PHE C 817 20.00 -45.52 -11.42
C PHE C 817 19.61 -44.61 -10.27
N ILE C 818 20.60 -43.94 -9.65
CA ILE C 818 20.33 -43.05 -8.53
C ILE C 818 19.47 -41.88 -8.98
N GLU C 819 19.77 -41.30 -10.15
CA GLU C 819 18.97 -40.19 -10.66
C GLU C 819 17.54 -40.62 -10.95
N ASP C 820 17.37 -41.83 -11.50
CA ASP C 820 16.02 -42.34 -11.73
C ASP C 820 15.26 -42.48 -10.41
N LEU C 821 15.91 -43.00 -9.37
CA LEU C 821 15.27 -43.11 -8.07
C LEU C 821 14.90 -41.74 -7.52
N LEU C 822 15.80 -40.76 -7.66
CA LEU C 822 15.50 -39.42 -7.15
C LEU C 822 14.33 -38.79 -7.89
N PHE C 823 14.26 -38.98 -9.21
CA PHE C 823 13.16 -38.41 -9.97
C PHE C 823 11.83 -39.08 -9.64
N ASN C 824 11.87 -40.40 -9.40
CA ASN C 824 10.64 -41.10 -9.04
C ASN C 824 10.10 -40.63 -7.69
N LYS C 825 10.99 -40.37 -6.72
CA LYS C 825 10.54 -39.99 -5.39
C LYS C 825 9.78 -38.66 -5.40
N VAL C 826 10.30 -37.67 -6.10
CA VAL C 826 9.73 -36.32 -6.09
C VAL C 826 8.75 -36.20 -7.24
N THR C 827 7.51 -35.83 -6.91
CA THR C 827 6.47 -35.65 -7.92
C THR C 827 5.65 -34.39 -7.64
N LYS C 854 -3.57 -22.25 -16.41
CA LYS C 854 -3.74 -21.40 -17.58
C LYS C 854 -5.19 -20.93 -17.70
N PHE C 855 -5.76 -20.49 -16.59
CA PHE C 855 -7.17 -20.14 -16.56
C PHE C 855 -7.39 -18.64 -16.35
N ASN C 856 -6.80 -18.08 -15.30
CA ASN C 856 -7.03 -16.68 -14.93
C ASN C 856 -5.82 -15.80 -15.24
N GLY C 857 -5.08 -16.12 -16.29
CA GLY C 857 -3.90 -15.37 -16.64
C GLY C 857 -2.59 -15.96 -16.13
N LEU C 858 -2.62 -17.15 -15.54
CA LEU C 858 -1.42 -17.78 -15.02
C LEU C 858 -0.78 -18.62 -16.12
N THR C 859 0.50 -18.39 -16.36
CA THR C 859 1.27 -19.17 -17.33
C THR C 859 2.52 -19.71 -16.66
N VAL C 860 2.92 -20.91 -17.08
CA VAL C 860 4.14 -21.55 -16.61
C VAL C 860 5.09 -21.68 -17.79
N LEU C 861 6.28 -21.12 -17.65
CA LEU C 861 7.25 -21.18 -18.74
C LEU C 861 8.20 -22.36 -18.55
N PRO C 862 8.46 -23.11 -19.63
CA PRO C 862 9.38 -24.24 -19.51
C PRO C 862 10.78 -23.77 -19.21
N PRO C 863 11.56 -24.55 -18.45
CA PRO C 863 12.95 -24.18 -18.21
C PRO C 863 13.78 -24.26 -19.48
N LEU C 864 14.84 -23.46 -19.51
CA LEU C 864 15.71 -23.40 -20.69
C LEU C 864 16.43 -24.72 -20.93
N LEU C 865 16.89 -25.36 -19.86
CA LEU C 865 17.65 -26.59 -19.96
C LEU C 865 16.75 -27.79 -19.66
N THR C 866 16.58 -28.65 -20.66
CA THR C 866 15.83 -29.87 -20.46
C THR C 866 16.59 -30.80 -19.53
N ASP C 867 15.83 -31.63 -18.80
CA ASP C 867 16.44 -32.51 -17.79
C ASP C 867 17.51 -33.42 -18.40
N GLU C 868 17.37 -33.77 -19.68
CA GLU C 868 18.40 -34.58 -20.31
C GLU C 868 19.73 -33.84 -20.39
N MET C 869 19.68 -32.52 -20.63
CA MET C 869 20.94 -31.76 -20.70
C MET C 869 21.59 -31.62 -19.33
N ILE C 870 20.78 -31.47 -18.29
CA ILE C 870 21.33 -31.46 -16.92
C ILE C 870 21.96 -32.81 -16.61
N ALA C 871 21.30 -33.90 -17.03
CA ALA C 871 21.89 -35.23 -16.87
C ALA C 871 23.20 -35.36 -17.63
N GLN C 872 23.28 -34.76 -18.82
CA GLN C 872 24.53 -34.80 -19.59
C GLN C 872 25.64 -34.03 -18.89
N TYR C 873 25.33 -32.86 -18.33
CA TYR C 873 26.31 -32.15 -17.50
C TYR C 873 26.79 -33.01 -16.34
N THR C 874 25.88 -33.64 -15.62
CA THR C 874 26.30 -34.47 -14.49
C THR C 874 27.16 -35.65 -14.95
N SER C 875 26.79 -36.26 -16.07
CA SER C 875 27.57 -37.37 -16.61
C SER C 875 28.97 -36.91 -17.03
N ALA C 876 29.07 -35.73 -17.65
CA ALA C 876 30.37 -35.22 -18.04
C ALA C 876 31.23 -34.91 -16.82
N LEU C 877 30.63 -34.35 -15.77
CA LEU C 877 31.38 -34.10 -14.53
C LEU C 877 31.87 -35.40 -13.91
N LEU C 878 31.01 -36.43 -13.88
CA LEU C 878 31.42 -37.72 -13.35
C LEU C 878 32.56 -38.33 -14.15
N ALA C 879 32.46 -38.28 -15.48
CA ALA C 879 33.52 -38.84 -16.32
C ALA C 879 34.82 -38.09 -16.13
N GLY C 880 34.76 -36.76 -16.05
CA GLY C 880 35.96 -35.98 -15.84
C GLY C 880 36.63 -36.27 -14.52
N THR C 881 35.83 -36.37 -13.44
CA THR C 881 36.43 -36.59 -12.13
C THR C 881 36.93 -38.02 -11.98
N ILE C 882 36.28 -38.98 -12.64
CA ILE C 882 36.76 -40.36 -12.58
C ILE C 882 38.05 -40.53 -13.37
N THR C 883 38.11 -39.94 -14.56
CA THR C 883 39.28 -40.13 -15.43
C THR C 883 40.43 -39.21 -15.12
N SER C 884 40.18 -37.95 -14.76
CA SER C 884 41.24 -36.97 -14.59
C SER C 884 41.45 -36.52 -13.14
N GLY C 885 40.43 -36.58 -12.30
CA GLY C 885 40.56 -36.10 -10.94
C GLY C 885 40.26 -34.62 -10.82
N TRP C 886 41.24 -33.85 -10.34
CA TRP C 886 41.07 -32.41 -10.21
C TRP C 886 41.74 -31.61 -11.32
N THR C 887 42.34 -32.29 -12.30
CA THR C 887 43.09 -31.58 -13.32
C THR C 887 42.18 -30.88 -14.32
N PHE C 888 41.04 -31.50 -14.67
CA PHE C 888 40.16 -30.92 -15.67
C PHE C 888 39.49 -29.66 -15.15
N GLY C 889 39.45 -29.47 -13.83
CA GLY C 889 38.97 -28.23 -13.27
C GLY C 889 39.90 -27.07 -13.54
N ALA C 890 41.21 -27.32 -13.49
CA ALA C 890 42.19 -26.25 -13.69
C ALA C 890 42.43 -25.99 -15.17
N GLY C 891 42.77 -27.03 -15.92
CA GLY C 891 43.05 -26.87 -17.34
C GLY C 891 42.53 -28.02 -18.18
N ALA C 892 43.38 -28.55 -19.05
CA ALA C 892 43.01 -29.71 -19.85
C ALA C 892 42.93 -30.96 -18.98
N ALA C 893 42.03 -31.87 -19.36
CA ALA C 893 41.88 -33.11 -18.63
C ALA C 893 43.12 -33.97 -18.82
N LEU C 894 43.69 -34.45 -17.71
CA LEU C 894 44.92 -35.23 -17.72
C LEU C 894 44.63 -36.61 -17.15
N GLN C 895 44.90 -37.64 -17.95
CA GLN C 895 44.60 -39.01 -17.55
C GLN C 895 45.43 -39.42 -16.35
N ILE C 896 44.88 -40.31 -15.54
CA ILE C 896 45.59 -40.91 -14.41
C ILE C 896 44.81 -42.13 -13.93
N PRO C 897 45.48 -43.23 -13.59
CA PRO C 897 44.75 -44.37 -13.02
C PRO C 897 44.04 -44.00 -11.74
N PHE C 898 42.90 -44.63 -11.51
CA PHE C 898 42.05 -44.24 -10.38
C PHE C 898 42.73 -44.55 -9.04
N ALA C 899 43.48 -45.66 -8.98
CA ALA C 899 44.19 -45.97 -7.74
C ALA C 899 45.21 -44.91 -7.40
N MET C 900 45.94 -44.42 -8.41
CA MET C 900 46.93 -43.37 -8.15
C MET C 900 46.25 -42.07 -7.72
N GLN C 901 45.09 -41.76 -8.30
CA GLN C 901 44.33 -40.60 -7.87
C GLN C 901 43.91 -40.73 -6.41
N MET C 902 43.45 -41.93 -6.01
CA MET C 902 43.07 -42.12 -4.62
C MET C 902 44.28 -42.03 -3.70
N ALA C 903 45.44 -42.48 -4.17
CA ALA C 903 46.66 -42.33 -3.37
C ALA C 903 47.01 -40.86 -3.18
N TYR C 904 46.86 -40.06 -4.23
CA TYR C 904 47.08 -38.63 -4.11
C TYR C 904 46.12 -38.02 -3.10
N ARG C 905 44.86 -38.43 -3.13
CA ARG C 905 43.89 -37.88 -2.18
C ARG C 905 44.21 -38.32 -0.74
N PHE C 906 44.67 -39.55 -0.57
CA PHE C 906 45.12 -40.00 0.75
C PHE C 906 46.28 -39.15 1.25
N ASN C 907 47.24 -38.84 0.37
CA ASN C 907 48.28 -37.89 0.74
C ASN C 907 47.69 -36.55 1.12
N GLY C 908 46.65 -36.12 0.40
CA GLY C 908 46.01 -34.85 0.72
C GLY C 908 45.42 -34.79 2.11
N ILE C 909 44.78 -35.88 2.56
CA ILE C 909 44.19 -35.89 3.90
C ILE C 909 45.20 -36.19 4.99
N GLY C 910 46.49 -36.34 4.66
CA GLY C 910 47.51 -36.55 5.65
C GLY C 910 47.91 -37.99 5.91
N VAL C 911 47.47 -38.93 5.07
CA VAL C 911 47.79 -40.35 5.23
C VAL C 911 48.73 -40.74 4.11
N THR C 912 49.77 -41.50 4.45
CA THR C 912 50.74 -41.96 3.48
C THR C 912 50.06 -42.82 2.41
N GLN C 913 50.50 -42.63 1.16
CA GLN C 913 49.90 -43.35 0.04
C GLN C 913 50.19 -44.85 0.09
N ASN C 914 51.10 -45.27 0.96
CA ASN C 914 51.34 -46.69 1.17
C ASN C 914 50.06 -47.40 1.62
N VAL C 915 49.28 -46.74 2.47
CA VAL C 915 48.11 -47.36 3.09
C VAL C 915 47.09 -47.77 2.04
N LEU C 916 46.86 -46.91 1.04
CA LEU C 916 45.93 -47.26 -0.02
C LEU C 916 46.39 -48.50 -0.77
N TYR C 917 47.66 -48.53 -1.18
CA TYR C 917 48.13 -49.64 -2.00
C TYR C 917 48.15 -50.94 -1.22
N GLU C 918 48.37 -50.89 0.09
CA GLU C 918 48.33 -52.11 0.88
C GLU C 918 46.93 -52.46 1.38
N ASN C 919 45.93 -51.65 1.05
CA ASN C 919 44.55 -51.92 1.44
C ASN C 919 43.58 -51.60 0.31
N GLN C 920 44.01 -51.78 -0.94
CA GLN C 920 43.19 -51.38 -2.08
C GLN C 920 41.90 -52.18 -2.16
N LYS C 921 41.98 -53.49 -1.94
CA LYS C 921 40.79 -54.34 -2.06
C LYS C 921 39.75 -53.99 -0.99
N LEU C 922 40.20 -53.81 0.25
CA LEU C 922 39.28 -53.46 1.33
C LEU C 922 38.63 -52.11 1.08
N ILE C 923 39.40 -51.14 0.59
CA ILE C 923 38.88 -49.81 0.31
C ILE C 923 37.85 -49.87 -0.81
N ALA C 924 38.13 -50.64 -1.87
CA ALA C 924 37.16 -50.79 -2.95
C ALA C 924 35.87 -51.43 -2.45
N ASN C 925 35.99 -52.49 -1.64
CA ASN C 925 34.81 -53.15 -1.10
C ASN C 925 34.00 -52.20 -0.23
N GLN C 926 34.67 -51.41 0.61
CA GLN C 926 33.95 -50.47 1.47
C GLN C 926 33.22 -49.42 0.65
N PHE C 927 33.86 -48.90 -0.41
CA PHE C 927 33.19 -47.93 -1.26
C PHE C 927 31.97 -48.53 -1.95
N ASN C 928 32.11 -49.75 -2.46
CA ASN C 928 30.98 -50.40 -3.12
C ASN C 928 29.83 -50.63 -2.15
N SER C 929 30.15 -51.07 -0.93
CA SER C 929 29.10 -51.29 0.07
C SER C 929 28.42 -49.98 0.44
N ALA C 930 29.18 -48.90 0.56
CA ALA C 930 28.58 -47.60 0.88
C ALA C 930 27.64 -47.16 -0.23
N ILE C 931 28.03 -47.34 -1.49
CA ILE C 931 27.14 -46.98 -2.59
C ILE C 931 25.87 -47.83 -2.55
N GLY C 932 26.00 -49.12 -2.28
CA GLY C 932 24.83 -49.97 -2.16
C GLY C 932 23.89 -49.53 -1.05
N LYS C 933 24.45 -49.15 0.09
CA LYS C 933 23.62 -48.68 1.20
C LYS C 933 22.91 -47.38 0.83
N ILE C 934 23.59 -46.49 0.11
CA ILE C 934 22.93 -45.25 -0.34
C ILE C 934 21.76 -45.58 -1.25
N GLN C 935 21.97 -46.50 -2.19
CA GLN C 935 20.89 -46.88 -3.09
C GLN C 935 19.72 -47.49 -2.33
N ASP C 936 20.00 -48.36 -1.36
CA ASP C 936 18.93 -48.98 -0.57
C ASP C 936 18.16 -47.93 0.22
N SER C 937 18.87 -47.00 0.86
CA SER C 937 18.20 -45.98 1.66
C SER C 937 17.32 -45.08 0.79
N LEU C 938 17.82 -44.71 -0.40
CA LEU C 938 16.99 -43.91 -1.30
C LEU C 938 15.77 -44.69 -1.77
N SER C 939 15.94 -45.97 -2.07
CA SER C 939 14.81 -46.76 -2.59
C SER C 939 13.75 -46.98 -1.52
N SER C 940 14.15 -47.26 -0.29
CA SER C 940 13.20 -47.64 0.75
C SER C 940 12.70 -46.44 1.55
N THR C 941 13.61 -45.72 2.20
CA THR C 941 13.21 -44.62 3.07
C THR C 941 12.59 -43.49 2.27
N ALA C 942 11.46 -43.00 2.75
CA ALA C 942 10.76 -41.87 2.15
C ALA C 942 11.03 -40.60 2.93
N SER C 943 10.60 -39.48 2.37
CA SER C 943 10.74 -38.12 2.90
C SER C 943 12.21 -37.69 2.99
N ALA C 944 13.14 -38.45 2.40
CA ALA C 944 14.53 -38.02 2.39
C ALA C 944 14.72 -36.74 1.58
N LEU C 945 14.02 -36.63 0.46
CA LEU C 945 14.07 -35.43 -0.38
C LEU C 945 13.03 -34.41 0.05
N GLY C 946 13.03 -34.06 1.34
CA GLY C 946 12.03 -33.13 1.84
C GLY C 946 12.33 -31.69 1.49
N LYS C 947 13.62 -31.35 1.39
CA LYS C 947 14.00 -29.97 1.09
C LYS C 947 13.55 -29.58 -0.31
N LEU C 948 13.61 -30.51 -1.26
CA LEU C 948 13.12 -30.23 -2.60
C LEU C 948 11.60 -30.15 -2.63
N GLN C 949 10.92 -30.95 -1.80
CA GLN C 949 9.46 -30.98 -1.83
C GLN C 949 8.86 -29.74 -1.16
N ASP C 950 9.55 -29.20 -0.17
CA ASP C 950 9.01 -28.04 0.55
C ASP C 950 8.86 -26.83 -0.37
N VAL C 951 9.84 -26.61 -1.25
CA VAL C 951 9.76 -25.47 -2.16
C VAL C 951 8.56 -25.61 -3.10
N VAL C 952 8.36 -26.80 -3.65
CA VAL C 952 7.24 -27.04 -4.55
C VAL C 952 5.92 -26.84 -3.80
N ASN C 953 5.83 -27.38 -2.58
CA ASN C 953 4.61 -27.23 -1.81
C ASN C 953 4.31 -25.77 -1.50
N GLN C 954 5.34 -25.00 -1.11
CA GLN C 954 5.14 -23.60 -0.80
C GLN C 954 4.68 -22.82 -2.03
N ASN C 955 5.31 -23.05 -3.18
CA ASN C 955 4.90 -22.35 -4.39
C ASN C 955 3.48 -22.71 -4.79
N ALA C 956 3.13 -23.99 -4.73
CA ALA C 956 1.78 -24.41 -5.08
C ALA C 956 0.76 -23.82 -4.14
N GLN C 957 1.05 -23.79 -2.84
CA GLN C 957 0.13 -23.21 -1.87
C GLN C 957 -0.06 -21.73 -2.11
N ALA C 958 1.03 -21.00 -2.38
CA ALA C 958 0.91 -19.57 -2.65
C ALA C 958 0.07 -19.31 -3.89
N LEU C 959 0.30 -20.09 -4.96
CA LEU C 959 -0.48 -19.90 -6.18
C LEU C 959 -1.96 -20.24 -5.96
N ASN C 960 -2.24 -21.30 -5.19
CA ASN C 960 -3.61 -21.66 -4.89
C ASN C 960 -4.30 -20.57 -4.08
N THR C 961 -3.59 -19.99 -3.12
CA THR C 961 -4.17 -18.89 -2.35
C THR C 961 -4.45 -17.68 -3.24
N LEU C 962 -3.54 -17.37 -4.16
CA LEU C 962 -3.77 -16.28 -5.09
C LEU C 962 -5.00 -16.53 -5.95
N VAL C 963 -5.19 -17.76 -6.42
CA VAL C 963 -6.37 -18.07 -7.23
C VAL C 963 -7.63 -17.97 -6.39
N LYS C 964 -7.62 -18.52 -5.18
CA LYS C 964 -8.81 -18.52 -4.34
C LYS C 964 -9.18 -17.14 -3.82
N GLN C 965 -8.22 -16.22 -3.74
CA GLN C 965 -8.52 -14.85 -3.33
C GLN C 965 -9.33 -14.10 -4.37
N LEU C 966 -9.47 -14.66 -5.58
CA LEU C 966 -10.24 -14.06 -6.65
C LEU C 966 -11.74 -14.24 -6.46
N SER C 967 -12.15 -14.99 -5.42
CA SER C 967 -13.55 -15.26 -5.14
C SER C 967 -14.02 -14.57 -3.86
N SER C 968 -13.57 -13.35 -3.62
CA SER C 968 -13.92 -12.59 -2.42
C SER C 968 -14.72 -11.35 -2.81
N ASN C 969 -15.74 -11.05 -2.02
CA ASN C 969 -16.60 -9.91 -2.32
C ASN C 969 -15.85 -8.59 -2.17
N PHE C 970 -15.00 -8.48 -1.15
CA PHE C 970 -14.30 -7.24 -0.82
C PHE C 970 -15.25 -6.08 -0.55
N GLY C 971 -16.44 -6.38 -0.04
CA GLY C 971 -17.43 -5.36 0.23
C GLY C 971 -18.39 -5.07 -0.91
N ALA C 972 -18.19 -5.66 -2.07
CA ALA C 972 -19.08 -5.46 -3.20
C ALA C 972 -20.28 -6.41 -3.12
N ILE C 973 -21.25 -6.19 -4.00
CA ILE C 973 -22.46 -7.01 -4.00
C ILE C 973 -22.14 -8.44 -4.43
N SER C 974 -21.17 -8.60 -5.34
CA SER C 974 -20.82 -9.91 -5.85
C SER C 974 -19.34 -9.92 -6.22
N SER C 975 -18.79 -11.13 -6.32
CA SER C 975 -17.40 -11.32 -6.69
C SER C 975 -17.21 -11.57 -8.18
N VAL C 976 -18.28 -11.49 -8.98
CA VAL C 976 -18.22 -11.75 -10.40
C VAL C 976 -18.46 -10.43 -11.13
N LEU C 977 -17.52 -10.05 -11.99
CA LEU C 977 -17.66 -8.80 -12.73
C LEU C 977 -18.78 -8.89 -13.76
N ASN C 978 -18.94 -10.06 -14.38
CA ASN C 978 -19.99 -10.23 -15.37
C ASN C 978 -21.37 -10.02 -14.76
N ASP C 979 -21.58 -10.55 -13.55
CA ASP C 979 -22.87 -10.37 -12.88
C ASP C 979 -23.11 -8.90 -12.55
N ILE C 980 -22.07 -8.19 -12.10
CA ILE C 980 -22.23 -6.78 -11.74
C ILE C 980 -22.56 -5.97 -12.99
N LEU C 981 -21.86 -6.21 -14.09
CA LEU C 981 -22.10 -5.45 -15.31
C LEU C 981 -23.44 -5.82 -15.94
N SER C 982 -23.90 -7.06 -15.71
CA SER C 982 -25.12 -7.51 -16.37
C SER C 982 -26.36 -6.83 -15.80
N ARG C 983 -26.35 -6.52 -14.50
CA ARG C 983 -27.54 -6.06 -13.81
C ARG C 983 -27.42 -4.66 -13.23
N LEU C 984 -26.40 -3.89 -13.60
CA LEU C 984 -26.21 -2.56 -13.04
C LEU C 984 -25.80 -1.58 -14.12
N ASP C 985 -26.23 -0.33 -13.96
CA ASP C 985 -25.78 0.74 -14.85
C ASP C 985 -24.38 1.18 -14.48
N PRO C 986 -23.61 1.67 -15.44
CA PRO C 986 -22.20 2.02 -15.20
C PRO C 986 -22.01 3.00 -14.05
N PRO C 987 -22.85 4.03 -13.89
CA PRO C 987 -22.61 4.97 -12.78
C PRO C 987 -22.57 4.33 -11.41
N GLU C 988 -23.41 3.32 -11.16
CA GLU C 988 -23.36 2.64 -9.87
C GLU C 988 -22.54 1.37 -9.95
N ALA C 989 -22.31 0.83 -11.15
CA ALA C 989 -21.45 -0.34 -11.30
C ALA C 989 -19.99 0.00 -11.03
N GLU C 990 -19.59 1.24 -11.29
CA GLU C 990 -18.20 1.63 -11.07
C GLU C 990 -17.81 1.51 -9.61
N VAL C 991 -18.71 1.91 -8.71
CA VAL C 991 -18.44 1.82 -7.27
C VAL C 991 -18.19 0.37 -6.86
N GLN C 992 -19.00 -0.55 -7.39
CA GLN C 992 -18.82 -1.96 -7.07
C GLN C 992 -17.52 -2.50 -7.67
N ILE C 993 -17.17 -2.08 -8.88
CA ILE C 993 -15.97 -2.59 -9.54
C ILE C 993 -14.72 -2.11 -8.81
N ASP C 994 -14.77 -0.89 -8.26
CA ASP C 994 -13.57 -0.31 -7.64
C ASP C 994 -13.10 -1.14 -6.45
N ARG C 995 -14.03 -1.62 -5.62
CA ARG C 995 -13.66 -2.42 -4.45
C ARG C 995 -12.98 -3.72 -4.86
N LEU C 996 -13.54 -4.38 -5.88
CA LEU C 996 -12.92 -5.61 -6.38
C LEU C 996 -11.53 -5.33 -6.92
N ILE C 997 -11.37 -4.22 -7.66
CA ILE C 997 -10.06 -3.88 -8.20
C ILE C 997 -9.05 -3.68 -7.08
N THR C 998 -9.44 -2.94 -6.04
CA THR C 998 -8.52 -2.70 -4.94
C THR C 998 -8.13 -4.00 -4.24
N GLY C 999 -9.11 -4.87 -3.97
CA GLY C 999 -8.81 -6.11 -3.28
C GLY C 999 -7.89 -7.01 -4.09
N ARG C 1000 -8.19 -7.17 -5.38
CA ARG C 1000 -7.37 -8.03 -6.22
C ARG C 1000 -5.97 -7.48 -6.39
N LEU C 1001 -5.84 -6.16 -6.53
CA LEU C 1001 -4.52 -5.56 -6.63
C LEU C 1001 -3.71 -5.79 -5.36
N GLN C 1002 -4.34 -5.65 -4.19
CA GLN C 1002 -3.63 -5.90 -2.93
C GLN C 1002 -3.17 -7.34 -2.84
N SER C 1003 -4.04 -8.29 -3.18
CA SER C 1003 -3.66 -9.70 -3.11
C SER C 1003 -2.51 -10.01 -4.06
N LEU C 1004 -2.56 -9.48 -5.28
CA LEU C 1004 -1.48 -9.74 -6.24
C LEU C 1004 -0.17 -9.13 -5.76
N GLN C 1005 -0.21 -7.95 -5.16
CA GLN C 1005 1.00 -7.34 -4.63
C GLN C 1005 1.61 -8.18 -3.53
N THR C 1006 0.77 -8.70 -2.62
CA THR C 1006 1.28 -9.57 -1.57
C THR C 1006 1.93 -10.82 -2.15
N TYR C 1007 1.29 -11.42 -3.15
CA TYR C 1007 1.86 -12.60 -3.80
C TYR C 1007 3.23 -12.30 -4.39
N VAL C 1008 3.34 -11.16 -5.10
CA VAL C 1008 4.61 -10.84 -5.76
C VAL C 1008 5.71 -10.60 -4.74
N THR C 1009 5.39 -9.90 -3.64
CA THR C 1009 6.41 -9.66 -2.62
C THR C 1009 6.91 -10.96 -2.00
N GLN C 1010 5.99 -11.85 -1.63
CA GLN C 1010 6.41 -13.12 -1.04
C GLN C 1010 7.23 -13.95 -2.03
N GLN C 1011 6.84 -13.90 -3.32
CA GLN C 1011 7.62 -14.60 -4.33
C GLN C 1011 9.03 -14.03 -4.46
N LEU C 1012 9.17 -12.71 -4.34
CA LEU C 1012 10.51 -12.12 -4.39
C LEU C 1012 11.37 -12.60 -3.22
N ILE C 1013 10.79 -12.65 -2.02
CA ILE C 1013 11.54 -13.14 -0.87
C ILE C 1013 11.98 -14.59 -1.08
N ARG C 1014 11.05 -15.44 -1.54
CA ARG C 1014 11.39 -16.84 -1.77
C ARG C 1014 12.45 -16.99 -2.86
N ALA C 1015 12.38 -16.15 -3.89
CA ALA C 1015 13.39 -16.19 -4.95
C ALA C 1015 14.76 -15.83 -4.43
N ALA C 1016 14.83 -14.84 -3.53
CA ALA C 1016 16.11 -14.51 -2.92
C ALA C 1016 16.68 -15.68 -2.13
N GLU C 1017 15.83 -16.36 -1.37
CA GLU C 1017 16.30 -17.53 -0.62
C GLU C 1017 16.81 -18.62 -1.56
N ILE C 1018 16.07 -18.88 -2.64
CA ILE C 1018 16.48 -19.92 -3.59
C ILE C 1018 17.78 -19.54 -4.27
N ARG C 1019 17.97 -18.25 -4.58
CA ARG C 1019 19.22 -17.81 -5.18
C ARG C 1019 20.40 -18.04 -4.23
N ALA C 1020 20.21 -17.77 -2.94
CA ALA C 1020 21.28 -18.05 -1.99
C ALA C 1020 21.60 -19.54 -1.95
N SER C 1021 20.57 -20.39 -1.96
CA SER C 1021 20.80 -21.83 -1.98
C SER C 1021 21.55 -22.27 -3.23
N ALA C 1022 21.19 -21.70 -4.39
CA ALA C 1022 21.86 -22.06 -5.63
C ALA C 1022 23.31 -21.61 -5.64
N ASN C 1023 23.60 -20.44 -5.07
CA ASN C 1023 24.99 -20.01 -4.95
C ASN C 1023 25.79 -20.96 -4.07
N LEU C 1024 25.19 -21.41 -2.97
CA LEU C 1024 25.86 -22.40 -2.14
C LEU C 1024 26.12 -23.69 -2.91
N ALA C 1025 25.14 -24.14 -3.69
CA ALA C 1025 25.33 -25.36 -4.48
C ALA C 1025 26.44 -25.19 -5.51
N ALA C 1026 26.51 -24.03 -6.16
CA ALA C 1026 27.59 -23.80 -7.12
C ALA C 1026 28.96 -23.81 -6.45
N THR C 1027 29.06 -23.19 -5.26
CA THR C 1027 30.33 -23.20 -4.55
C THR C 1027 30.73 -24.62 -4.16
N LYS C 1028 29.76 -25.43 -3.72
CA LYS C 1028 30.07 -26.82 -3.38
C LYS C 1028 30.49 -27.61 -4.62
N MET C 1029 29.85 -27.34 -5.76
CA MET C 1029 30.28 -28.00 -7.00
C MET C 1029 31.71 -27.65 -7.34
N SER C 1030 32.08 -26.38 -7.17
CA SER C 1030 33.44 -25.96 -7.51
C SER C 1030 34.47 -26.56 -6.55
N GLU C 1031 34.18 -26.55 -5.26
CA GLU C 1031 35.22 -26.87 -4.27
C GLU C 1031 35.20 -28.31 -3.78
N CYS C 1032 34.10 -29.04 -3.92
CA CYS C 1032 34.04 -30.43 -3.48
C CYS C 1032 34.14 -31.44 -4.60
N VAL C 1033 33.76 -31.09 -5.82
CA VAL C 1033 33.78 -32.02 -6.94
C VAL C 1033 34.98 -31.79 -7.85
N LEU C 1034 35.27 -30.53 -8.17
CA LEU C 1034 36.38 -30.20 -9.05
C LEU C 1034 37.72 -30.19 -8.32
N GLY C 1035 37.72 -30.50 -7.02
CA GLY C 1035 38.93 -30.54 -6.25
C GLY C 1035 38.68 -31.18 -4.91
N GLN C 1036 39.68 -31.10 -4.04
CA GLN C 1036 39.61 -31.62 -2.68
C GLN C 1036 39.71 -30.46 -1.70
N SER C 1037 38.82 -30.44 -0.72
CA SER C 1037 38.69 -29.30 0.19
C SER C 1037 39.16 -29.68 1.59
N LYS C 1038 39.89 -28.75 2.22
CA LYS C 1038 40.30 -28.89 3.60
C LYS C 1038 39.34 -28.24 4.57
N ARG C 1039 38.29 -27.60 4.07
CA ARG C 1039 37.32 -26.95 4.94
C ARG C 1039 36.51 -28.00 5.70
N VAL C 1040 36.42 -27.82 7.00
CA VAL C 1040 35.82 -28.84 7.87
C VAL C 1040 34.31 -28.84 7.68
N ASP C 1041 33.74 -30.02 7.46
CA ASP C 1041 32.31 -30.26 7.32
C ASP C 1041 31.69 -29.56 6.13
N PHE C 1042 32.49 -29.02 5.22
CA PHE C 1042 31.93 -28.37 4.04
C PHE C 1042 31.48 -29.40 3.01
N CYS C 1043 32.20 -30.51 2.88
CA CYS C 1043 31.90 -31.54 1.89
C CYS C 1043 31.71 -32.87 2.61
N GLY C 1044 30.90 -32.85 3.67
CA GLY C 1044 30.60 -34.04 4.42
C GLY C 1044 31.35 -34.09 5.74
N LYS C 1045 30.98 -35.06 6.57
CA LYS C 1045 31.55 -35.23 7.90
C LYS C 1045 32.66 -36.27 7.82
N GLY C 1046 33.87 -35.87 8.23
CA GLY C 1046 35.07 -36.67 8.15
C GLY C 1046 36.13 -35.92 7.39
N TYR C 1047 37.09 -36.67 6.84
CA TYR C 1047 38.14 -36.11 6.00
C TYR C 1047 37.74 -36.31 4.55
N HIS C 1048 37.47 -35.21 3.85
CA HIS C 1048 36.94 -35.28 2.50
C HIS C 1048 37.92 -35.97 1.56
N LEU C 1049 37.39 -36.83 0.69
CA LEU C 1049 38.18 -37.49 -0.35
C LEU C 1049 37.77 -37.02 -1.73
N MET C 1050 36.49 -37.15 -2.08
CA MET C 1050 35.99 -36.74 -3.39
C MET C 1050 34.47 -36.88 -3.38
N SER C 1051 33.82 -36.12 -4.26
CA SER C 1051 32.36 -36.07 -4.31
C SER C 1051 31.87 -36.31 -5.73
N PHE C 1052 30.63 -36.78 -5.82
CA PHE C 1052 29.97 -37.08 -7.09
C PHE C 1052 28.65 -36.34 -7.18
N PRO C 1053 28.43 -35.54 -8.21
CA PRO C 1053 27.14 -34.85 -8.33
C PRO C 1053 26.09 -35.73 -8.98
N GLN C 1054 24.84 -35.53 -8.55
CA GLN C 1054 23.69 -36.20 -9.15
C GLN C 1054 22.59 -35.17 -9.36
N SER C 1055 21.89 -35.26 -10.48
CA SER C 1055 20.84 -34.30 -10.79
C SER C 1055 19.54 -34.69 -10.10
N ALA C 1056 18.78 -33.69 -9.70
CA ALA C 1056 17.50 -33.84 -9.01
C ALA C 1056 16.47 -33.01 -9.75
N PRO C 1057 15.18 -33.27 -9.53
CA PRO C 1057 14.15 -32.56 -10.31
C PRO C 1057 14.25 -31.04 -10.25
N HIS C 1058 14.58 -30.47 -9.10
CA HIS C 1058 14.79 -29.03 -9.00
C HIS C 1058 15.98 -28.73 -8.10
N GLY C 1059 17.02 -29.55 -8.20
CA GLY C 1059 18.17 -29.37 -7.33
C GLY C 1059 19.31 -30.26 -7.75
N VAL C 1060 20.28 -30.38 -6.85
CA VAL C 1060 21.46 -31.20 -7.08
C VAL C 1060 21.73 -32.02 -5.82
N VAL C 1061 22.18 -33.25 -6.00
CA VAL C 1061 22.49 -34.16 -4.90
C VAL C 1061 23.98 -34.49 -4.97
N PHE C 1062 24.68 -34.31 -3.85
CA PHE C 1062 26.11 -34.56 -3.75
C PHE C 1062 26.34 -35.81 -2.91
N LEU C 1063 27.15 -36.73 -3.41
CA LEU C 1063 27.57 -37.91 -2.66
C LEU C 1063 29.01 -37.70 -2.23
N HIS C 1064 29.21 -37.43 -0.95
CA HIS C 1064 30.52 -37.09 -0.41
C HIS C 1064 31.20 -38.35 0.13
N VAL C 1065 32.37 -38.66 -0.42
CA VAL C 1065 33.18 -39.78 0.08
C VAL C 1065 34.20 -39.24 1.06
N THR C 1066 34.21 -39.80 2.28
CA THR C 1066 35.07 -39.31 3.34
C THR C 1066 35.83 -40.45 3.99
N TYR C 1067 36.96 -40.11 4.59
CA TYR C 1067 37.79 -41.05 5.33
C TYR C 1067 37.51 -40.86 6.82
N VAL C 1068 37.10 -41.93 7.49
CA VAL C 1068 36.74 -41.90 8.90
C VAL C 1068 37.64 -42.85 9.65
N PRO C 1069 38.46 -42.37 10.59
CA PRO C 1069 39.29 -43.28 11.39
C PRO C 1069 38.46 -44.17 12.29
N ALA C 1070 39.02 -45.34 12.62
CA ALA C 1070 38.31 -46.31 13.43
C ALA C 1070 39.31 -47.20 14.16
N GLN C 1071 38.82 -47.86 15.21
CA GLN C 1071 39.60 -48.83 15.98
C GLN C 1071 40.85 -48.19 16.58
N GLU C 1072 40.64 -47.16 17.39
CA GLU C 1072 41.75 -46.46 18.03
C GLU C 1072 42.35 -47.32 19.14
N LYS C 1073 43.61 -47.04 19.47
CA LYS C 1073 44.31 -47.70 20.55
C LYS C 1073 45.04 -46.66 21.40
N ASN C 1074 45.29 -47.01 22.65
CA ASN C 1074 45.91 -46.09 23.58
C ASN C 1074 47.40 -46.39 23.70
N PHE C 1075 48.21 -45.32 23.70
CA PHE C 1075 49.67 -45.44 23.79
C PHE C 1075 50.19 -44.37 24.72
N THR C 1076 51.47 -44.51 25.08
CA THR C 1076 52.17 -43.49 25.85
C THR C 1076 53.07 -42.68 24.92
N THR C 1077 53.01 -41.36 25.04
CA THR C 1077 53.68 -40.46 24.12
C THR C 1077 54.55 -39.47 24.88
N ALA C 1078 55.56 -38.96 24.19
CA ALA C 1078 56.48 -37.95 24.70
C ALA C 1078 56.78 -36.95 23.61
N PRO C 1079 57.09 -35.70 23.96
CA PRO C 1079 57.35 -34.69 22.91
C PRO C 1079 58.69 -34.86 22.21
N ALA C 1080 59.71 -35.34 22.90
CA ALA C 1080 61.04 -35.41 22.31
C ALA C 1080 61.82 -36.57 22.89
N ILE C 1081 62.86 -36.97 22.16
CA ILE C 1081 63.75 -38.07 22.56
C ILE C 1081 65.14 -37.49 22.78
N CYS C 1082 65.77 -37.87 23.89
CA CYS C 1082 67.10 -37.39 24.22
C CYS C 1082 68.14 -38.44 23.86
N HIS C 1083 69.11 -38.06 23.04
CA HIS C 1083 70.24 -38.91 22.68
C HIS C 1083 71.51 -38.07 22.61
N ASP C 1084 72.53 -38.50 23.35
CA ASP C 1084 73.82 -37.79 23.39
C ASP C 1084 73.64 -36.33 23.81
N GLY C 1085 72.73 -36.10 24.76
CA GLY C 1085 72.47 -34.74 25.22
C GLY C 1085 71.91 -33.83 24.16
N LYS C 1086 71.06 -34.35 23.28
CA LYS C 1086 70.42 -33.56 22.23
C LYS C 1086 68.95 -33.92 22.16
N ALA C 1087 68.13 -32.95 21.77
CA ALA C 1087 66.69 -33.12 21.71
C ALA C 1087 66.29 -33.44 20.27
N HIS C 1088 65.61 -34.56 20.09
CA HIS C 1088 65.21 -35.05 18.77
C HIS C 1088 63.69 -34.93 18.64
N PHE C 1089 63.24 -34.39 17.51
CA PHE C 1089 61.82 -34.21 17.25
C PHE C 1089 61.42 -34.96 15.99
N PRO C 1090 60.16 -35.40 15.90
CA PRO C 1090 59.71 -36.11 14.70
C PRO C 1090 59.62 -35.15 13.51
N ARG C 1091 60.12 -35.60 12.36
CA ARG C 1091 59.98 -34.82 11.14
C ARG C 1091 58.51 -34.67 10.76
N GLU C 1092 57.79 -35.79 10.70
CA GLU C 1092 56.36 -35.80 10.44
C GLU C 1092 55.76 -37.04 11.13
N GLY C 1093 55.19 -36.83 12.30
CA GLY C 1093 54.66 -37.94 13.07
C GLY C 1093 54.66 -37.61 14.55
N VAL C 1094 54.55 -38.67 15.35
CA VAL C 1094 54.52 -38.55 16.80
C VAL C 1094 55.20 -39.77 17.41
N PHE C 1095 55.97 -39.53 18.47
CA PHE C 1095 56.61 -40.59 19.21
C PHE C 1095 55.58 -41.33 20.07
N VAL C 1096 55.57 -42.65 19.98
CA VAL C 1096 54.66 -43.47 20.76
C VAL C 1096 55.44 -44.62 21.40
N SER C 1097 54.87 -45.18 22.46
CA SER C 1097 55.45 -46.29 23.17
C SER C 1097 54.39 -47.36 23.42
N ASN C 1098 54.77 -48.62 23.26
CA ASN C 1098 53.90 -49.74 23.54
C ASN C 1098 54.14 -50.33 24.91
N GLY C 1099 54.84 -49.62 25.79
CA GLY C 1099 55.11 -50.10 27.12
C GLY C 1099 56.58 -50.26 27.42
N THR C 1100 57.34 -50.78 26.46
CA THR C 1100 58.76 -51.01 26.64
C THR C 1100 59.64 -50.35 25.59
N HIS C 1101 59.13 -50.15 24.37
CA HIS C 1101 59.92 -49.59 23.28
C HIS C 1101 59.24 -48.34 22.75
N TRP C 1102 59.99 -47.57 21.96
CA TRP C 1102 59.51 -46.33 21.38
C TRP C 1102 59.60 -46.41 19.87
N PHE C 1103 58.59 -45.85 19.19
CA PHE C 1103 58.50 -45.88 17.74
C PHE C 1103 58.03 -44.52 17.24
N VAL C 1104 58.01 -44.37 15.92
CA VAL C 1104 57.46 -43.19 15.26
C VAL C 1104 56.35 -43.65 14.32
N THR C 1105 55.18 -43.01 14.44
CA THR C 1105 54.05 -43.32 13.58
C THR C 1105 53.54 -42.03 12.94
N GLN C 1106 52.88 -42.18 11.81
CA GLN C 1106 52.11 -41.08 11.27
C GLN C 1106 50.89 -40.84 12.14
N ARG C 1107 50.40 -39.61 12.13
CA ARG C 1107 49.43 -39.18 13.13
C ARG C 1107 48.03 -39.76 12.92
N ASN C 1108 47.71 -40.24 11.72
CA ASN C 1108 46.37 -40.71 11.42
C ASN C 1108 46.28 -42.22 11.20
N PHE C 1109 47.40 -42.93 11.23
CA PHE C 1109 47.40 -44.37 11.03
C PHE C 1109 48.55 -44.96 11.83
N TYR C 1110 48.30 -46.09 12.48
CA TYR C 1110 49.30 -46.70 13.34
C TYR C 1110 50.26 -47.54 12.49
N GLU C 1111 51.44 -46.99 12.20
CA GLU C 1111 52.50 -47.71 11.51
C GLU C 1111 53.81 -47.47 12.26
N PRO C 1112 54.05 -48.22 13.32
CA PRO C 1112 55.26 -48.00 14.12
C PRO C 1112 56.53 -48.26 13.31
N GLN C 1113 57.53 -47.40 13.51
CA GLN C 1113 58.81 -47.51 12.86
C GLN C 1113 59.92 -47.17 13.85
N ILE C 1114 61.10 -47.72 13.60
CA ILE C 1114 62.24 -47.48 14.48
C ILE C 1114 62.68 -46.03 14.34
N ILE C 1115 63.01 -45.41 15.48
CA ILE C 1115 63.46 -44.02 15.49
C ILE C 1115 64.87 -43.96 14.93
N THR C 1116 65.05 -43.18 13.86
CA THR C 1116 66.34 -43.02 13.22
C THR C 1116 66.61 -41.53 12.99
N THR C 1117 67.82 -41.25 12.48
CA THR C 1117 68.14 -39.88 12.12
C THR C 1117 67.36 -39.41 10.90
N ASP C 1118 66.95 -40.36 10.04
CA ASP C 1118 66.26 -39.98 8.82
C ASP C 1118 64.88 -39.38 9.10
N ASN C 1119 64.15 -39.95 10.04
CA ASN C 1119 62.79 -39.51 10.32
C ASN C 1119 62.69 -38.58 11.52
N THR C 1120 63.81 -38.07 12.02
CA THR C 1120 63.83 -37.09 13.09
C THR C 1120 64.79 -35.97 12.74
N PHE C 1121 64.68 -34.86 13.47
CA PHE C 1121 65.64 -33.78 13.39
C PHE C 1121 66.01 -33.33 14.79
N VAL C 1122 67.23 -32.81 14.93
CA VAL C 1122 67.82 -32.50 16.22
C VAL C 1122 67.97 -31.00 16.36
N SER C 1123 67.62 -30.47 17.53
CA SER C 1123 67.73 -29.03 17.80
C SER C 1123 67.77 -28.79 19.31
N GLY C 1124 68.94 -28.38 19.80
CA GLY C 1124 69.07 -27.95 21.18
C GLY C 1124 69.40 -29.07 22.14
N ASN C 1125 69.57 -28.67 23.40
CA ASN C 1125 69.88 -29.61 24.47
C ASN C 1125 68.60 -30.11 25.14
N CYS C 1126 68.77 -30.98 26.13
CA CYS C 1126 67.63 -31.66 26.74
C CYS C 1126 66.98 -30.84 27.85
N ASP C 1127 67.62 -29.76 28.30
CA ASP C 1127 67.14 -29.07 29.50
C ASP C 1127 65.85 -28.30 29.24
N VAL C 1128 65.74 -27.66 28.07
CA VAL C 1128 64.65 -26.72 27.84
C VAL C 1128 63.31 -27.42 27.71
N VAL C 1129 63.27 -28.56 27.01
CA VAL C 1129 62.00 -29.18 26.67
C VAL C 1129 61.41 -29.88 27.89
N ILE C 1130 60.10 -29.73 28.06
CA ILE C 1130 59.36 -30.32 29.17
C ILE C 1130 58.75 -31.62 28.68
N GLY C 1131 59.04 -32.72 29.38
CA GLY C 1131 58.50 -34.01 29.02
C GLY C 1131 59.42 -34.93 28.26
N ILE C 1132 60.71 -34.61 28.18
CA ILE C 1132 61.65 -35.45 27.45
C ILE C 1132 61.73 -36.84 28.07
N VAL C 1133 62.05 -37.83 27.25
CA VAL C 1133 62.35 -39.17 27.71
C VAL C 1133 63.65 -39.62 27.05
N ASN C 1134 64.28 -40.63 27.65
CA ASN C 1134 65.58 -41.11 27.21
C ASN C 1134 65.41 -42.32 26.31
N ASN C 1135 66.01 -42.27 25.13
CA ASN C 1135 66.03 -43.40 24.21
C ASN C 1135 67.17 -43.20 23.22
N THR C 1136 67.51 -44.27 22.54
CA THR C 1136 68.60 -44.26 21.56
C THR C 1136 68.03 -43.99 20.16
N VAL C 1137 68.76 -43.20 19.38
CA VAL C 1137 68.38 -42.89 18.01
C VAL C 1137 69.39 -43.56 17.10
N TYR C 1138 68.95 -44.59 16.38
CA TYR C 1138 69.85 -45.39 15.57
C TYR C 1138 70.12 -44.72 14.24
N ASP C 1139 71.40 -44.66 13.85
CA ASP C 1139 71.77 -44.07 12.58
C ASP C 1139 72.21 -45.15 11.60
N PRO C 1140 71.60 -45.23 10.42
CA PRO C 1140 71.93 -46.31 9.49
C PRO C 1140 73.36 -46.25 8.94
N LEU C 1141 74.03 -45.10 9.07
CA LEU C 1141 75.35 -44.95 8.49
C LEU C 1141 76.37 -45.86 9.15
N GLN C 1142 76.31 -46.00 10.47
CA GLN C 1142 77.33 -46.76 11.19
C GLN C 1142 77.39 -48.24 10.78
N PRO C 1143 76.26 -48.98 10.71
CA PRO C 1143 76.38 -50.39 10.31
C PRO C 1143 77.02 -50.58 8.93
N GLU C 1144 76.70 -49.71 7.98
CA GLU C 1144 77.28 -49.83 6.65
C GLU C 1144 78.75 -49.40 6.66
N LEU C 1145 79.10 -48.45 7.54
CA LEU C 1145 80.49 -48.01 7.63
C LEU C 1145 81.39 -49.13 8.18
N ASP C 1146 80.85 -49.96 9.07
CA ASP C 1146 81.61 -51.05 9.64
C ASP C 1146 82.00 -52.08 8.59
N THR D 7 -71.81 60.18 -33.28
CA THR D 7 -70.39 60.44 -33.43
C THR D 7 -70.04 61.86 -32.98
N ASN D 8 -71.02 62.74 -33.03
CA ASN D 8 -70.94 64.15 -32.63
C ASN D 8 -69.67 64.79 -33.21
N MET D 9 -69.12 65.78 -32.51
CA MET D 9 -67.95 66.48 -33.03
C MET D 9 -66.65 65.85 -32.55
N LEU D 10 -66.67 65.26 -31.34
CA LEU D 10 -65.44 64.74 -30.74
C LEU D 10 -64.85 63.61 -31.57
N GLU D 11 -65.65 62.60 -31.90
CA GLU D 11 -65.15 61.44 -32.61
C GLU D 11 -64.69 61.82 -34.02
N ALA D 12 -65.42 62.74 -34.67
CA ALA D 12 -65.02 63.18 -36.00
C ALA D 12 -63.64 63.82 -35.99
N LEU D 13 -63.39 64.72 -35.04
CA LEU D 13 -62.08 65.37 -34.97
C LEU D 13 -60.99 64.38 -34.56
N GLN D 14 -61.31 63.46 -33.65
CA GLN D 14 -60.32 62.47 -33.25
C GLN D 14 -59.92 61.57 -34.41
N GLN D 15 -60.88 61.15 -35.23
CA GLN D 15 -60.56 60.37 -36.43
C GLN D 15 -59.91 61.21 -37.51
N ARG D 16 -60.22 62.50 -37.57
CA ARG D 16 -59.62 63.46 -38.49
C ARG D 16 -58.13 63.63 -38.24
N LEU D 17 -57.73 63.78 -36.99
CA LEU D 17 -56.34 64.15 -36.67
C LEU D 17 -55.36 63.01 -36.95
N GLN D 18 -55.84 61.76 -36.90
CA GLN D 18 -54.92 60.64 -37.08
C GLN D 18 -54.39 60.59 -38.51
N PHE D 19 -55.16 61.06 -39.49
CA PHE D 19 -54.65 61.15 -40.85
C PHE D 19 -53.46 62.07 -40.93
N TYR D 20 -53.52 63.21 -40.23
CA TYR D 20 -52.39 64.13 -40.20
C TYR D 20 -51.21 63.52 -39.47
N HIS D 21 -51.47 62.77 -38.39
CA HIS D 21 -50.37 62.00 -37.78
C HIS D 21 -49.72 61.06 -38.80
N GLY D 22 -50.54 60.35 -39.58
CA GLY D 22 -49.99 59.41 -40.54
C GLY D 22 -49.17 60.09 -41.62
N GLN D 23 -49.63 61.25 -42.10
CA GLN D 23 -48.88 61.93 -43.16
C GLN D 23 -47.64 62.60 -42.61
N VAL D 24 -47.65 63.01 -41.34
CA VAL D 24 -46.42 63.46 -40.69
C VAL D 24 -45.41 62.32 -40.62
N ALA D 25 -45.88 61.13 -40.25
CA ALA D 25 -44.99 59.97 -40.20
C ALA D 25 -44.44 59.67 -41.60
N ARG D 26 -45.28 59.74 -42.63
CA ARG D 26 -44.81 59.49 -43.99
C ARG D 26 -43.79 60.54 -44.43
N ALA D 27 -44.02 61.81 -44.06
CA ALA D 27 -43.05 62.85 -44.38
C ALA D 27 -41.72 62.59 -43.68
N ALA D 28 -41.76 62.17 -42.42
CA ALA D 28 -40.53 61.85 -41.71
C ALA D 28 -39.81 60.68 -42.37
N LEU D 29 -40.56 59.68 -42.84
CA LEU D 29 -39.95 58.60 -43.61
C LEU D 29 -39.30 59.13 -44.88
N GLU D 30 -39.94 60.12 -45.53
CA GLU D 30 -39.38 60.71 -46.74
C GLU D 30 -38.17 61.58 -46.46
N ASN D 31 -37.84 61.80 -45.19
CA ASN D 31 -36.76 62.61 -44.58
C ASN D 31 -36.78 64.06 -45.05
N ASN D 32 -37.87 64.53 -45.66
CA ASN D 32 -38.06 65.93 -46.00
C ASN D 32 -38.82 66.60 -44.86
N SER D 33 -38.15 67.52 -44.15
CA SER D 33 -38.72 68.13 -42.96
C SER D 33 -39.35 69.48 -43.24
N GLY D 34 -39.43 69.86 -44.51
CA GLY D 34 -40.10 71.10 -44.88
C GLY D 34 -41.60 71.00 -44.74
N LYS D 35 -42.20 70.05 -45.46
CA LYS D 35 -43.63 69.81 -45.35
C LYS D 35 -44.00 69.20 -44.00
N ALA D 36 -43.05 68.51 -43.37
CA ALA D 36 -43.31 67.88 -42.08
C ALA D 36 -43.67 68.92 -41.04
N ARG D 37 -42.99 70.06 -41.06
CA ARG D 37 -43.30 71.14 -40.13
C ARG D 37 -44.72 71.65 -40.34
N ARG D 38 -45.14 71.80 -41.60
CA ARG D 38 -46.49 72.31 -41.87
C ARG D 38 -47.55 71.34 -41.37
N PHE D 39 -47.39 70.04 -41.66
CA PHE D 39 -48.40 69.12 -41.13
C PHE D 39 -48.30 68.97 -39.62
N GLY D 40 -47.12 69.20 -39.03
CA GLY D 40 -47.04 69.24 -37.57
C GLY D 40 -47.80 70.43 -36.99
N ARG D 41 -47.71 71.59 -37.64
CA ARG D 41 -48.52 72.73 -37.22
C ARG D 41 -50.01 72.43 -37.36
N ILE D 42 -50.40 71.73 -38.43
CA ILE D 42 -51.78 71.30 -38.59
C ILE D 42 -52.20 70.38 -37.45
N VAL D 43 -51.32 69.44 -37.07
CA VAL D 43 -51.62 68.53 -35.97
C VAL D 43 -51.80 69.30 -34.67
N LYS D 44 -50.94 70.27 -34.40
CA LYS D 44 -51.09 71.04 -33.16
C LYS D 44 -52.38 71.86 -33.18
N GLN D 45 -52.74 72.40 -34.35
CA GLN D 45 -53.98 73.14 -34.48
C GLN D 45 -55.18 72.27 -34.15
N TYR D 46 -55.20 71.04 -34.69
CA TYR D 46 -56.33 70.16 -34.43
C TYR D 46 -56.32 69.63 -33.00
N GLU D 47 -55.14 69.46 -32.42
CA GLU D 47 -55.05 69.11 -31.00
C GLU D 47 -55.71 70.16 -30.13
N ASP D 48 -55.35 71.43 -30.34
CA ASP D 48 -55.97 72.49 -29.54
C ASP D 48 -57.44 72.65 -29.88
N ALA D 49 -57.83 72.34 -31.12
CA ALA D 49 -59.24 72.39 -31.49
C ALA D 49 -60.06 71.35 -30.72
N ILE D 50 -59.54 70.12 -30.64
CA ILE D 50 -60.22 69.07 -29.88
C ILE D 50 -60.28 69.44 -28.41
N LYS D 51 -59.17 69.95 -27.86
CA LYS D 51 -59.18 70.36 -26.46
C LYS D 51 -60.18 71.48 -26.21
N LEU D 52 -60.27 72.45 -27.13
CA LEU D 52 -61.21 73.55 -26.97
C LEU D 52 -62.65 73.06 -27.04
N TYR D 53 -62.94 72.14 -27.97
CA TYR D 53 -64.28 71.60 -28.06
C TYR D 53 -64.66 70.83 -26.80
N LYS D 54 -63.74 70.02 -26.28
CA LYS D 54 -64.04 69.26 -25.07
C LYS D 54 -64.13 70.18 -23.85
N ALA D 55 -63.47 71.34 -23.90
CA ALA D 55 -63.56 72.29 -22.79
C ALA D 55 -64.91 72.99 -22.74
N GLY D 56 -65.70 72.90 -23.79
CA GLY D 56 -67.00 73.56 -23.82
C GLY D 56 -66.95 74.99 -24.32
N LYS D 57 -66.27 75.23 -25.44
CA LYS D 57 -66.12 76.56 -26.00
C LYS D 57 -66.42 76.49 -27.49
N PRO D 58 -66.72 77.65 -28.12
CA PRO D 58 -66.99 77.65 -29.57
C PRO D 58 -65.93 76.93 -30.40
N VAL D 59 -66.39 76.12 -31.35
CA VAL D 59 -65.52 75.30 -32.18
C VAL D 59 -65.10 76.08 -33.41
N PRO D 60 -63.79 76.19 -33.70
CA PRO D 60 -63.36 76.90 -34.91
C PRO D 60 -63.31 76.01 -36.14
N TYR D 61 -64.44 75.39 -36.48
CA TYR D 61 -64.55 74.49 -37.62
C TYR D 61 -64.75 75.24 -38.94
N ASP D 62 -64.82 76.57 -38.88
CA ASP D 62 -65.14 77.38 -40.05
C ASP D 62 -63.93 77.58 -40.97
N GLU D 63 -62.72 77.65 -40.40
CA GLU D 63 -61.53 77.96 -41.18
C GLU D 63 -60.46 76.89 -41.13
N LEU D 64 -60.62 75.84 -40.31
CA LEU D 64 -59.64 74.78 -40.26
C LEU D 64 -59.63 73.98 -41.58
N PRO D 65 -58.46 73.46 -41.97
CA PRO D 65 -58.35 72.76 -43.26
C PRO D 65 -59.18 71.48 -43.28
N VAL D 66 -59.40 70.99 -44.49
CA VAL D 66 -60.35 69.90 -44.72
C VAL D 66 -59.67 68.71 -45.39
N PRO D 67 -59.80 67.50 -44.84
CA PRO D 67 -59.28 66.31 -45.51
C PRO D 67 -60.25 65.83 -46.57
N PRO D 68 -59.83 64.92 -47.45
CA PRO D 68 -60.75 64.41 -48.50
C PRO D 68 -61.80 63.44 -47.97
N GLY D 69 -62.88 64.01 -47.43
CA GLY D 69 -64.00 63.20 -46.98
C GLY D 69 -64.64 63.65 -45.68
N PHE D 70 -65.97 63.78 -45.69
CA PHE D 70 -66.73 64.08 -44.49
C PHE D 70 -67.33 62.78 -43.99
N GLY D 71 -68.10 62.05 -44.80
CA GLY D 71 -68.73 60.83 -44.35
C GLY D 71 -70.23 60.97 -44.20
N THR E 7 -54.84 13.54 34.47
CA THR E 7 -55.56 12.98 33.34
C THR E 7 -56.45 14.04 32.70
N ASN E 8 -57.29 14.66 33.53
CA ASN E 8 -58.24 15.72 33.17
C ASN E 8 -59.04 15.29 31.93
N MET E 9 -59.46 16.26 31.13
CA MET E 9 -60.35 15.97 30.00
C MET E 9 -59.58 15.34 28.84
N LEU E 10 -58.36 15.81 28.60
CA LEU E 10 -57.62 15.40 27.41
C LEU E 10 -57.35 13.90 27.42
N GLU E 11 -56.79 13.40 28.52
CA GLU E 11 -56.46 11.98 28.60
C GLU E 11 -57.71 11.10 28.50
N ALA E 12 -58.77 11.50 29.21
CA ALA E 12 -60.00 10.73 29.18
C ALA E 12 -60.59 10.67 27.78
N LEU E 13 -60.61 11.80 27.06
CA LEU E 13 -61.26 11.82 25.75
C LEU E 13 -60.40 11.12 24.70
N GLN E 14 -59.07 11.21 24.81
CA GLN E 14 -58.24 10.47 23.86
C GLN E 14 -58.29 8.98 24.16
N GLN E 15 -58.53 8.59 25.41
CA GLN E 15 -58.85 7.22 25.74
C GLN E 15 -60.20 6.79 25.16
N ARG E 16 -61.19 7.68 25.17
CA ARG E 16 -62.51 7.43 24.61
C ARG E 16 -62.45 7.16 23.11
N LEU E 17 -61.75 8.02 22.36
CA LEU E 17 -61.85 7.99 20.90
C LEU E 17 -61.24 6.71 20.33
N GLN E 18 -60.26 6.12 21.03
CA GLN E 18 -59.68 4.85 20.60
C GLN E 18 -60.72 3.74 20.57
N PHE E 19 -61.66 3.77 21.52
CA PHE E 19 -62.73 2.78 21.53
C PHE E 19 -63.58 2.85 20.26
N TYR E 20 -63.95 4.05 19.84
CA TYR E 20 -64.77 4.18 18.65
C TYR E 20 -63.96 3.88 17.39
N HIS E 21 -62.64 4.12 17.43
CA HIS E 21 -61.80 3.50 16.40
C HIS E 21 -61.94 1.99 16.39
N GLY E 22 -62.02 1.37 17.56
CA GLY E 22 -62.16 -0.08 17.61
C GLY E 22 -63.49 -0.56 17.04
N GLN E 23 -64.58 0.11 17.39
CA GLN E 23 -65.87 -0.26 16.80
C GLN E 23 -65.91 0.01 15.30
N VAL E 24 -65.21 1.04 14.83
CA VAL E 24 -65.06 1.23 13.39
C VAL E 24 -64.30 0.07 12.78
N ALA E 25 -63.30 -0.45 13.49
CA ALA E 25 -62.55 -1.61 13.01
C ALA E 25 -63.44 -2.84 12.89
N ARG E 26 -64.26 -3.12 13.90
CA ARG E 26 -65.20 -4.23 13.78
C ARG E 26 -66.22 -3.99 12.67
N ALA E 27 -66.67 -2.75 12.51
CA ALA E 27 -67.59 -2.45 11.41
C ALA E 27 -66.94 -2.74 10.07
N ALA E 28 -65.67 -2.38 9.92
CA ALA E 28 -64.96 -2.63 8.67
C ALA E 28 -64.80 -4.13 8.42
N LEU E 29 -64.38 -4.87 9.44
CA LEU E 29 -64.16 -6.31 9.24
C LEU E 29 -65.48 -7.04 8.99
N GLU E 30 -66.58 -6.54 9.56
CA GLU E 30 -67.89 -7.14 9.30
C GLU E 30 -68.35 -6.88 7.87
N ASN E 31 -67.74 -5.92 7.17
CA ASN E 31 -68.02 -5.53 5.79
C ASN E 31 -69.37 -4.84 5.66
N ASN E 32 -69.98 -4.38 6.75
CA ASN E 32 -71.20 -3.60 6.70
C ASN E 32 -70.83 -2.11 6.74
N SER E 33 -71.40 -1.34 5.81
CA SER E 33 -70.97 0.05 5.62
C SER E 33 -71.86 1.06 6.33
N GLY E 34 -72.88 0.60 7.05
CA GLY E 34 -73.77 1.52 7.74
C GLY E 34 -73.25 1.91 9.11
N LYS E 35 -72.90 0.89 9.90
CA LYS E 35 -72.32 1.12 11.22
C LYS E 35 -70.98 1.84 11.15
N ALA E 36 -70.18 1.53 10.13
CA ALA E 36 -68.88 2.17 9.97
C ALA E 36 -69.01 3.67 9.76
N ARG E 37 -69.94 4.09 8.89
CA ARG E 37 -70.12 5.50 8.61
C ARG E 37 -70.55 6.27 9.87
N ARG E 38 -71.51 5.73 10.61
CA ARG E 38 -71.97 6.40 11.82
C ARG E 38 -70.85 6.51 12.84
N PHE E 39 -70.20 5.40 13.17
CA PHE E 39 -69.17 5.47 14.19
C PHE E 39 -67.97 6.28 13.73
N GLY E 40 -67.73 6.39 12.42
CA GLY E 40 -66.76 7.35 11.93
C GLY E 40 -67.19 8.78 12.15
N ARG E 41 -68.49 9.06 12.00
CA ARG E 41 -69.01 10.38 12.34
C ARG E 41 -68.75 10.72 13.81
N ILE E 42 -69.05 9.80 14.71
CA ILE E 42 -68.78 10.05 16.13
C ILE E 42 -67.28 10.10 16.43
N VAL E 43 -66.46 9.35 15.67
CA VAL E 43 -65.01 9.47 15.80
C VAL E 43 -64.56 10.89 15.45
N LYS E 44 -65.06 11.43 14.35
CA LYS E 44 -64.72 12.80 13.98
C LYS E 44 -65.24 13.79 15.02
N GLN E 45 -66.38 13.47 15.64
CA GLN E 45 -66.89 14.31 16.72
C GLN E 45 -65.91 14.37 17.88
N TYR E 46 -65.40 13.22 18.31
CA TYR E 46 -64.40 13.25 19.37
C TYR E 46 -63.11 13.91 18.90
N GLU E 47 -62.76 13.77 17.62
CA GLU E 47 -61.55 14.41 17.11
C GLU E 47 -61.62 15.93 17.24
N ASP E 48 -62.71 16.52 16.72
CA ASP E 48 -62.78 17.98 16.76
C ASP E 48 -63.06 18.46 18.17
N ALA E 49 -63.70 17.63 19.01
CA ALA E 49 -63.85 17.97 20.42
C ALA E 49 -62.50 18.06 21.10
N ILE E 50 -61.61 17.08 20.85
CA ILE E 50 -60.29 17.09 21.47
C ILE E 50 -59.49 18.29 20.99
N LYS E 51 -59.52 18.59 19.68
CA LYS E 51 -58.74 19.73 19.22
C LYS E 51 -59.32 21.04 19.72
N LEU E 52 -60.65 21.12 19.87
CA LEU E 52 -61.27 22.31 20.44
C LEU E 52 -60.84 22.51 21.89
N TYR E 53 -60.83 21.43 22.68
CA TYR E 53 -60.40 21.54 24.07
C TYR E 53 -58.92 21.89 24.17
N LYS E 54 -58.11 21.34 23.26
CA LYS E 54 -56.69 21.67 23.24
C LYS E 54 -56.45 23.14 22.89
N ALA E 55 -57.23 23.69 21.96
CA ALA E 55 -57.05 25.07 21.54
C ALA E 55 -57.41 26.06 22.65
N GLY E 56 -58.07 25.60 23.72
CA GLY E 56 -58.45 26.49 24.79
C GLY E 56 -59.80 27.13 24.61
N LYS E 57 -60.82 26.34 24.28
CA LYS E 57 -62.15 26.84 23.99
C LYS E 57 -63.15 25.99 24.77
N PRO E 58 -64.38 26.48 24.97
CA PRO E 58 -65.37 25.70 25.75
C PRO E 58 -65.58 24.29 25.19
N VAL E 59 -65.59 23.31 26.08
CA VAL E 59 -65.69 21.90 25.71
C VAL E 59 -67.16 21.50 25.59
N PRO E 60 -67.55 20.86 24.48
CA PRO E 60 -68.93 20.38 24.37
C PRO E 60 -69.08 18.96 24.90
N TYR E 61 -68.83 18.79 26.20
CA TYR E 61 -68.92 17.48 26.85
C TYR E 61 -70.35 17.12 27.25
N ASP E 62 -71.32 18.01 27.01
CA ASP E 62 -72.68 17.84 27.51
C ASP E 62 -73.51 16.91 26.65
N GLU E 63 -73.45 17.07 25.32
CA GLU E 63 -74.35 16.36 24.42
C GLU E 63 -73.67 15.29 23.57
N LEU E 64 -72.34 15.17 23.61
CA LEU E 64 -71.68 14.10 22.88
C LEU E 64 -71.98 12.75 23.52
N PRO E 65 -72.01 11.69 22.70
CA PRO E 65 -72.30 10.35 23.24
C PRO E 65 -71.21 9.88 24.19
N VAL E 66 -71.60 8.97 25.08
CA VAL E 66 -70.69 8.43 26.09
C VAL E 66 -70.71 6.91 26.04
N PRO E 67 -69.58 6.26 26.26
CA PRO E 67 -69.55 4.79 26.26
C PRO E 67 -70.00 4.25 27.61
N PRO E 68 -70.12 2.93 27.75
CA PRO E 68 -70.46 2.35 29.07
C PRO E 68 -69.30 2.36 30.07
N GLY E 69 -69.12 3.50 30.73
CA GLY E 69 -68.13 3.60 31.78
C GLY E 69 -67.34 4.89 31.81
N PHE E 70 -67.32 5.56 32.96
CA PHE E 70 -66.54 6.76 33.14
C PHE E 70 -65.22 6.35 33.80
N GLY E 71 -65.25 5.73 34.97
CA GLY E 71 -64.04 5.35 35.66
C GLY E 71 -63.85 6.07 36.97
N THR F 7 -32.13 56.12 -11.75
CA THR F 7 -32.60 55.43 -10.56
C THR F 7 -34.10 55.18 -10.64
N ASN F 8 -34.77 55.93 -11.50
CA ASN F 8 -36.22 55.90 -11.74
C ASN F 8 -36.96 55.89 -10.40
N MET F 9 -38.13 55.26 -10.36
CA MET F 9 -38.93 55.24 -9.13
C MET F 9 -38.68 53.98 -8.32
N LEU F 10 -38.39 52.86 -9.00
CA LEU F 10 -38.29 51.57 -8.34
C LEU F 10 -37.20 51.57 -7.27
N GLU F 11 -35.99 52.01 -7.65
CA GLU F 11 -34.88 52.00 -6.71
C GLU F 11 -35.13 52.97 -5.56
N ALA F 12 -35.77 54.11 -5.84
CA ALA F 12 -36.07 55.06 -4.78
C ALA F 12 -36.95 54.45 -3.71
N LEU F 13 -38.06 53.81 -4.10
CA LEU F 13 -38.94 53.19 -3.11
C LEU F 13 -38.25 52.02 -2.41
N GLN F 14 -37.46 51.24 -3.16
CA GLN F 14 -36.75 50.12 -2.54
C GLN F 14 -35.77 50.60 -1.48
N GLN F 15 -35.09 51.72 -1.73
CA GLN F 15 -34.18 52.32 -0.76
C GLN F 15 -34.90 53.00 0.39
N ARG F 16 -36.10 53.53 0.17
CA ARG F 16 -36.90 54.12 1.23
C ARG F 16 -37.43 53.07 2.21
N LEU F 17 -37.84 51.91 1.68
CA LEU F 17 -38.45 50.88 2.51
C LEU F 17 -37.50 50.36 3.59
N GLN F 18 -36.19 50.42 3.33
CA GLN F 18 -35.22 49.93 4.31
C GLN F 18 -35.25 50.78 5.58
N PHE F 19 -35.42 52.09 5.43
CA PHE F 19 -35.51 52.96 6.61
C PHE F 19 -36.68 52.56 7.50
N TYR F 20 -37.81 52.24 6.89
CA TYR F 20 -39.00 51.92 7.66
C TYR F 20 -38.89 50.54 8.30
N HIS F 21 -38.26 49.59 7.60
CA HIS F 21 -37.92 48.33 8.28
C HIS F 21 -36.98 48.57 9.44
N GLY F 22 -36.04 49.52 9.30
CA GLY F 22 -35.14 49.82 10.41
C GLY F 22 -35.86 50.42 11.59
N GLN F 23 -36.82 51.32 11.35
CA GLN F 23 -37.55 51.90 12.48
C GLN F 23 -38.46 50.87 13.11
N VAL F 24 -38.97 49.91 12.31
CA VAL F 24 -39.66 48.76 12.86
C VAL F 24 -38.74 47.99 13.79
N ALA F 25 -37.48 47.80 13.36
CA ALA F 25 -36.51 47.10 14.20
C ALA F 25 -36.26 47.83 15.50
N ARG F 26 -36.08 49.16 15.44
CA ARG F 26 -35.87 49.92 16.67
C ARG F 26 -37.10 49.87 17.58
N ALA F 27 -38.30 49.92 16.99
CA ALA F 27 -39.51 49.80 17.79
C ALA F 27 -39.57 48.46 18.50
N ALA F 28 -39.19 47.39 17.79
CA ALA F 28 -39.16 46.06 18.40
C ALA F 28 -38.14 46.02 19.54
N LEU F 29 -36.96 46.60 19.33
CA LEU F 29 -35.93 46.59 20.37
C LEU F 29 -36.35 47.38 21.60
N GLU F 30 -37.02 48.52 21.40
CA GLU F 30 -37.43 49.32 22.55
C GLU F 30 -38.66 48.74 23.24
N ASN F 31 -39.26 47.69 22.67
CA ASN F 31 -40.24 46.79 23.29
C ASN F 31 -41.60 47.42 23.51
N ASN F 32 -41.91 48.55 22.89
CA ASN F 32 -43.28 49.07 22.87
C ASN F 32 -43.84 48.84 21.47
N SER F 33 -44.98 48.15 21.40
CA SER F 33 -45.55 47.75 20.11
C SER F 33 -46.52 48.79 19.58
N GLY F 34 -46.56 49.97 20.21
CA GLY F 34 -47.49 51.00 19.81
C GLY F 34 -47.18 51.56 18.43
N LYS F 35 -46.06 52.26 18.30
CA LYS F 35 -45.67 52.80 16.99
C LYS F 35 -45.21 51.70 16.05
N ALA F 36 -44.89 50.51 16.58
CA ALA F 36 -44.47 49.40 15.74
C ALA F 36 -45.57 49.00 14.77
N ARG F 37 -46.81 49.00 15.24
CA ARG F 37 -47.93 48.66 14.35
C ARG F 37 -48.08 49.66 13.21
N ARG F 38 -48.01 50.95 13.53
CA ARG F 38 -48.13 51.98 12.49
C ARG F 38 -46.99 51.87 11.48
N PHE F 39 -45.77 51.66 11.98
CA PHE F 39 -44.63 51.48 11.09
C PHE F 39 -44.83 50.27 10.18
N GLY F 40 -45.31 49.15 10.74
CA GLY F 40 -45.57 47.99 9.91
C GLY F 40 -46.65 48.22 8.87
N ARG F 41 -47.69 48.98 9.23
CA ARG F 41 -48.74 49.30 8.25
C ARG F 41 -48.17 50.11 7.08
N ILE F 42 -47.35 51.13 7.37
CA ILE F 42 -46.78 51.90 6.26
C ILE F 42 -45.76 51.06 5.50
N VAL F 43 -45.11 50.10 6.17
CA VAL F 43 -44.21 49.18 5.46
C VAL F 43 -44.98 48.32 4.47
N LYS F 44 -46.13 47.77 4.86
CA LYS F 44 -46.90 46.99 3.90
C LYS F 44 -47.44 47.89 2.80
N GLN F 45 -47.76 49.15 3.14
CA GLN F 45 -48.21 50.09 2.12
C GLN F 45 -47.13 50.29 1.05
N TYR F 46 -45.89 50.50 1.48
CA TYR F 46 -44.80 50.61 0.51
C TYR F 46 -44.58 49.30 -0.24
N GLU F 47 -44.72 48.15 0.44
CA GLU F 47 -44.57 46.89 -0.26
C GLU F 47 -45.57 46.79 -1.41
N ASP F 48 -46.83 47.16 -1.14
CA ASP F 48 -47.81 47.20 -2.21
C ASP F 48 -47.44 48.25 -3.27
N ALA F 49 -46.80 49.34 -2.84
CA ALA F 49 -46.41 50.38 -3.79
C ALA F 49 -45.39 49.87 -4.81
N ILE F 50 -44.32 49.25 -4.32
CA ILE F 50 -43.34 48.64 -5.23
C ILE F 50 -43.99 47.52 -6.05
N LYS F 51 -44.87 46.73 -5.44
CA LYS F 51 -45.51 45.66 -6.19
C LYS F 51 -46.32 46.19 -7.35
N LEU F 52 -47.11 47.25 -7.13
CA LEU F 52 -47.93 47.79 -8.20
C LEU F 52 -47.08 48.54 -9.23
N TYR F 53 -46.02 49.23 -8.78
CA TYR F 53 -45.16 49.92 -9.73
C TYR F 53 -44.45 48.95 -10.65
N LYS F 54 -43.95 47.84 -10.09
CA LYS F 54 -43.34 46.81 -10.91
C LYS F 54 -44.37 46.10 -11.79
N ALA F 55 -45.62 46.02 -11.32
CA ALA F 55 -46.67 45.44 -12.14
C ALA F 55 -47.09 46.34 -13.30
N GLY F 56 -46.76 47.63 -13.23
CA GLY F 56 -47.16 48.55 -14.29
C GLY F 56 -48.55 49.11 -14.11
N LYS F 57 -48.81 49.76 -12.99
CA LYS F 57 -50.16 50.22 -12.63
C LYS F 57 -50.07 51.67 -12.20
N PRO F 58 -51.22 52.37 -12.10
CA PRO F 58 -51.18 53.77 -11.65
C PRO F 58 -50.43 53.97 -10.34
N VAL F 59 -49.68 55.05 -10.26
CA VAL F 59 -48.72 55.27 -9.17
C VAL F 59 -49.32 56.21 -8.12
N PRO F 60 -49.54 55.72 -6.89
CA PRO F 60 -50.03 56.61 -5.82
C PRO F 60 -48.93 57.33 -5.06
N TYR F 61 -48.01 58.00 -5.76
CA TYR F 61 -46.94 58.75 -5.10
C TYR F 61 -47.38 60.13 -4.66
N ASP F 62 -48.68 60.36 -4.56
CA ASP F 62 -49.25 61.66 -4.25
C ASP F 62 -49.55 61.85 -2.75
N GLU F 63 -50.25 60.90 -2.13
CA GLU F 63 -50.56 61.00 -0.71
C GLU F 63 -49.91 59.94 0.16
N LEU F 64 -48.97 59.14 -0.36
CA LEU F 64 -48.25 58.21 0.49
C LEU F 64 -47.29 58.97 1.40
N PRO F 65 -47.00 58.43 2.59
CA PRO F 65 -46.07 59.08 3.51
C PRO F 65 -44.67 59.17 2.92
N VAL F 66 -43.94 60.19 3.36
CA VAL F 66 -42.63 60.50 2.79
C VAL F 66 -41.55 60.46 3.87
N PRO F 67 -40.36 60.00 3.53
CA PRO F 67 -39.25 59.99 4.50
C PRO F 67 -38.42 61.25 4.39
N PRO F 68 -37.53 61.50 5.36
CA PRO F 68 -36.66 62.69 5.31
C PRO F 68 -35.50 62.60 4.31
N GLY F 69 -35.80 62.94 3.06
CA GLY F 69 -34.77 62.99 2.05
C GLY F 69 -35.19 62.49 0.68
N PHE F 70 -34.97 63.31 -0.35
CA PHE F 70 -35.25 62.92 -1.73
C PHE F 70 -33.90 62.70 -2.41
N GLY F 71 -32.99 63.67 -2.37
CA GLY F 71 -31.70 63.52 -3.03
C GLY F 71 -31.72 63.98 -4.47
#